data_6VY9
#
_entry.id   6VY9
#
_cell.length_a   153.591
_cell.length_b   208.295
_cell.length_c   217.374
_cell.angle_alpha   90.000
_cell.angle_beta   90.000
_cell.angle_gamma   90.000
#
_symmetry.space_group_name_H-M   'P 2 21 21'
#
_entity_poly.entity_id   1
_entity_poly.type   'polypeptide(L)'
_entity_poly.pdbx_seq_one_letter_code
;MGSSHHHHHHSSGLVPRGSHMTAPELRVDTFRAPEDAPKEPSAQQPRLPSSPSPAQALASYHHFPTNDQERWWEETGSLF
SRFLEAGQYGLPQQYQFMFFFMHHLIPALGPYPQKWRSTISRSGLPIEFSLNFQKGSHRLLRIGFEPVSFLSGSSQDPFN
RIPITDLLNRLSKLQLSNFDTPFFQHLLSKFQLSLSEVRQLQKQGSGPDAHPLKSQAAFGFDFNPDGAILVKGYVFPYLK
AKAADVPVGTLIAEAVRTIDVERNQFTHAFGLINDYMQESTGYNEYTFLSCDFVETSEQRLKIYGAHTEVTWAKIAEMWT
LGGRLIEEPEIIAGLARLKQIWSLLQIGEGSRAFKGGFDYDKSSATDQIASPIIWNYEIHPGSRFPVPKFYLPVHGENDL
HVARALAQFWDSLGWPEHACAYPDTLQQLYPDQDISQTTRLQSWISYSYTAKRGVYMSVYYHSQSTYLWEED
;
_entity_poly.pdbx_strand_id   A,B,G,H,F,D,E,C
#
# COMPACT_ATOMS: atom_id res chain seq x y z
N SER A 51 45.63 45.28 -21.85
CA SER A 51 46.23 46.39 -21.12
C SER A 51 46.27 46.25 -19.57
N PRO A 52 45.31 45.51 -18.94
CA PRO A 52 45.41 45.33 -17.48
C PRO A 52 46.11 44.03 -17.12
N SER A 53 46.49 43.86 -15.85
CA SER A 53 47.04 42.59 -15.40
C SER A 53 45.98 41.50 -15.50
N PRO A 54 46.34 40.29 -15.98
CA PRO A 54 45.32 39.35 -16.48
C PRO A 54 44.71 38.44 -15.42
N ALA A 55 45.56 37.90 -14.55
CA ALA A 55 45.22 36.73 -13.73
C ALA A 55 44.21 37.03 -12.63
N GLN A 56 43.88 38.27 -12.42
CA GLN A 56 43.03 38.66 -11.29
C GLN A 56 41.55 38.68 -11.65
N ALA A 57 41.16 38.09 -12.77
CA ALA A 57 39.76 38.05 -13.17
C ALA A 57 38.99 36.90 -12.54
N LEU A 58 39.65 36.07 -11.72
CA LEU A 58 38.91 35.07 -10.95
C LEU A 58 38.03 35.73 -9.89
N ALA A 59 38.54 36.79 -9.26
CA ALA A 59 37.81 37.46 -8.19
C ALA A 59 36.51 38.07 -8.67
N SER A 60 36.31 38.16 -9.98
CA SER A 60 35.10 38.76 -10.52
C SER A 60 33.84 38.11 -9.95
N TYR A 61 33.83 36.78 -9.90
CA TYR A 61 32.67 36.03 -9.40
C TYR A 61 32.91 35.44 -8.03
N HIS A 62 33.63 36.14 -7.18
CA HIS A 62 33.90 35.65 -5.84
C HIS A 62 33.55 36.74 -4.86
N HIS A 63 32.89 36.35 -3.77
CA HIS A 63 32.57 37.26 -2.68
C HIS A 63 33.43 36.90 -1.50
N PHE A 64 34.27 37.83 -1.07
CA PHE A 64 35.12 37.54 0.09
C PHE A 64 34.28 37.64 1.37
N PRO A 65 34.15 36.54 2.14
CA PRO A 65 33.14 36.52 3.22
C PRO A 65 33.28 37.62 4.24
N THR A 66 34.47 38.10 4.51
CA THR A 66 34.65 39.09 5.56
C THR A 66 35.11 40.42 4.97
N ASN A 67 34.89 41.48 5.74
CA ASN A 67 35.52 42.75 5.41
C ASN A 67 37.04 42.64 5.44
N ASP A 68 37.59 41.79 6.32
CA ASP A 68 39.04 41.66 6.41
C ASP A 68 39.65 41.18 5.09
N GLN A 69 39.02 40.23 4.42
CA GLN A 69 39.64 39.63 3.25
C GLN A 69 39.52 40.54 2.03
N GLU A 70 38.30 41.00 1.72
CA GLU A 70 38.08 41.84 0.55
C GLU A 70 39.03 43.01 0.54
N ARG A 71 39.23 43.55 1.75
CA ARG A 71 40.09 44.68 2.01
C ARG A 71 41.59 44.34 1.79
N TRP A 72 42.06 43.13 2.20
CA TRP A 72 43.42 42.68 1.83
C TRP A 72 43.57 42.44 0.33
N TRP A 73 42.63 41.74 -0.29
CA TRP A 73 42.64 41.61 -1.75
C TRP A 73 42.92 42.95 -2.41
N GLU A 74 42.11 43.95 -2.03
CA GLU A 74 42.25 45.31 -2.52
C GLU A 74 43.67 45.83 -2.33
N GLU A 75 44.43 45.27 -1.38
CA GLU A 75 45.79 45.69 -1.07
C GLU A 75 46.85 44.91 -1.83
N THR A 76 46.67 43.59 -2.02
CA THR A 76 47.72 42.76 -2.62
C THR A 76 47.25 41.92 -3.80
N GLY A 77 45.95 41.82 -4.07
CA GLY A 77 45.52 40.95 -5.15
C GLY A 77 46.04 41.44 -6.49
N SER A 78 46.08 42.76 -6.69
CA SER A 78 46.58 43.32 -7.95
C SER A 78 48.06 43.00 -8.14
N LEU A 79 48.85 43.15 -7.09
CA LEU A 79 50.29 42.99 -7.21
C LEU A 79 50.66 41.55 -7.49
N PHE A 80 49.98 40.61 -6.84
CA PHE A 80 50.29 39.20 -7.06
C PHE A 80 50.01 38.80 -8.49
N SER A 81 48.93 39.33 -9.09
CA SER A 81 48.66 39.00 -10.48
C SER A 81 49.76 39.49 -11.39
N ARG A 82 50.44 40.57 -10.99
CA ARG A 82 51.53 41.10 -11.81
C ARG A 82 52.81 40.26 -11.70
N PHE A 83 53.05 39.60 -10.56
CA PHE A 83 54.24 38.76 -10.47
C PHE A 83 54.06 37.49 -11.27
N LEU A 84 52.84 36.96 -11.32
CA LEU A 84 52.61 35.80 -12.17
C LEU A 84 52.85 36.14 -13.62
N GLU A 85 52.48 37.35 -14.06
CA GLU A 85 52.83 37.76 -15.41
C GLU A 85 54.34 37.92 -15.56
N ALA A 86 55.00 38.46 -14.53
CA ALA A 86 56.45 38.61 -14.57
C ALA A 86 57.14 37.25 -14.60
N GLY A 87 56.68 36.33 -13.75
CA GLY A 87 57.25 35.00 -13.71
C GLY A 87 57.06 34.19 -14.99
N GLN A 88 56.31 34.72 -15.96
CA GLN A 88 56.14 34.07 -17.26
C GLN A 88 55.55 32.67 -17.11
N TYR A 89 54.68 32.48 -16.12
CA TYR A 89 54.01 31.20 -15.93
C TYR A 89 52.96 30.98 -17.01
N GLY A 90 52.66 29.72 -17.27
CA GLY A 90 51.58 29.41 -18.20
C GLY A 90 50.30 30.06 -17.74
N LEU A 91 49.49 30.50 -18.69
CA LEU A 91 48.21 31.11 -18.30
C LEU A 91 47.38 30.16 -17.46
N PRO A 92 47.19 28.88 -17.82
CA PRO A 92 46.48 27.97 -16.91
C PRO A 92 47.18 27.79 -15.57
N GLN A 93 48.50 27.92 -15.54
CA GLN A 93 49.23 27.83 -14.28
C GLN A 93 48.86 29.01 -13.38
N GLN A 94 48.83 30.22 -13.95
CA GLN A 94 48.61 31.43 -13.16
C GLN A 94 47.27 31.40 -12.45
N TYR A 95 46.25 30.82 -13.10
CA TYR A 95 44.94 30.77 -12.46
C TYR A 95 44.93 29.76 -11.33
N GLN A 96 45.69 28.68 -11.45
CA GLN A 96 45.81 27.72 -10.35
C GLN A 96 46.46 28.37 -9.13
N PHE A 97 47.58 29.07 -9.31
CA PHE A 97 48.23 29.73 -8.19
C PHE A 97 47.40 30.89 -7.66
N MET A 98 46.63 31.57 -8.52
CA MET A 98 45.72 32.62 -8.04
C MET A 98 44.66 32.02 -7.12
N PHE A 99 44.05 30.94 -7.60
CA PHE A 99 43.01 30.24 -6.86
C PHE A 99 43.49 29.89 -5.47
N PHE A 100 44.68 29.31 -5.40
CA PHE A 100 45.30 29.02 -4.12
C PHE A 100 45.48 30.29 -3.31
N PHE A 101 45.95 31.37 -3.95
CA PHE A 101 46.23 32.60 -3.21
C PHE A 101 44.95 33.18 -2.59
N MET A 102 43.84 33.11 -3.32
CA MET A 102 42.60 33.68 -2.81
C MET A 102 42.08 32.90 -1.62
N HIS A 103 42.18 31.56 -1.67
CA HIS A 103 41.49 30.69 -0.72
C HIS A 103 42.30 30.37 0.54
N HIS A 104 43.63 30.40 0.47
CA HIS A 104 44.41 29.96 1.61
C HIS A 104 45.26 31.04 2.24
N LEU A 105 45.68 32.04 1.48
CA LEU A 105 46.52 33.09 2.01
C LEU A 105 45.72 34.33 2.37
N ILE A 106 44.71 34.67 1.57
CA ILE A 106 43.83 35.80 1.91
C ILE A 106 43.11 35.55 3.22
N PRO A 107 42.43 34.42 3.43
CA PRO A 107 41.87 34.19 4.77
C PRO A 107 42.92 34.20 5.86
N ALA A 108 44.15 33.76 5.57
CA ALA A 108 45.21 33.68 6.56
C ALA A 108 45.82 35.02 6.95
N LEU A 109 45.58 36.09 6.19
CA LEU A 109 46.12 37.39 6.58
C LEU A 109 45.39 37.98 7.79
N GLY A 110 44.17 37.55 8.06
CA GLY A 110 43.43 38.02 9.21
C GLY A 110 42.98 39.47 9.12
N PRO A 111 43.03 40.15 10.26
CA PRO A 111 42.57 41.57 10.34
C PRO A 111 43.31 42.46 9.37
N TYR A 112 42.56 43.26 8.57
CA TYR A 112 43.27 44.10 7.61
C TYR A 112 44.07 45.19 8.30
N PRO A 113 43.50 46.04 9.10
CA PRO A 113 44.37 46.93 9.86
C PRO A 113 45.10 46.03 10.82
N GLN A 114 46.29 45.59 10.43
CA GLN A 114 46.89 44.48 11.13
C GLN A 114 47.37 44.90 12.52
N LYS A 115 47.68 43.92 13.33
CA LYS A 115 48.07 44.16 14.72
C LYS A 115 49.33 43.36 14.99
N TRP A 116 49.53 42.27 14.23
CA TRP A 116 50.73 41.46 14.38
C TRP A 116 51.87 42.07 13.59
N ARG A 117 53.02 42.18 14.23
CA ARG A 117 54.24 42.51 13.53
C ARG A 117 54.93 41.20 13.20
N SER A 118 54.97 40.87 11.93
CA SER A 118 55.55 39.62 11.54
C SER A 118 57.07 39.72 11.51
N THR A 119 57.71 38.56 11.55
CA THR A 119 59.16 38.54 11.55
C THR A 119 59.70 38.50 10.16
N ILE A 120 59.03 37.75 9.28
CA ILE A 120 59.62 37.44 7.99
C ILE A 120 59.78 38.65 7.12
N SER A 121 59.09 39.74 7.42
CA SER A 121 59.11 40.91 6.56
C SER A 121 59.83 42.06 7.25
N ARG A 122 60.62 42.78 6.45
CA ARG A 122 61.32 43.96 6.92
C ARG A 122 60.37 44.92 7.65
N SER A 123 59.26 45.28 6.98
CA SER A 123 58.31 46.25 7.55
C SER A 123 57.53 45.65 8.71
N GLY A 124 57.07 44.41 8.56
CA GLY A 124 56.28 43.76 9.58
C GLY A 124 55.03 43.10 9.02
N LEU A 125 54.62 43.50 7.84
CA LEU A 125 53.42 42.90 7.29
C LEU A 125 53.69 41.44 6.92
N PRO A 126 52.71 40.58 7.05
CA PRO A 126 53.01 39.14 7.07
C PRO A 126 53.15 38.53 5.70
N ILE A 127 53.62 39.27 4.69
CA ILE A 127 53.82 38.66 3.38
C ILE A 127 54.95 39.38 2.67
N GLU A 128 55.75 38.60 1.91
CA GLU A 128 56.74 39.15 0.99
C GLU A 128 56.82 38.25 -0.22
N PHE A 129 56.97 38.88 -1.38
CA PHE A 129 57.12 38.16 -2.64
C PHE A 129 58.56 38.24 -3.15
N SER A 130 58.98 37.20 -3.86
CA SER A 130 60.36 37.10 -4.32
C SER A 130 60.40 36.44 -5.68
N LEU A 131 61.39 36.85 -6.49
CA LEU A 131 61.63 36.28 -7.79
C LEU A 131 62.99 35.56 -7.78
N ASN A 132 62.98 34.28 -8.18
CA ASN A 132 64.21 33.48 -8.20
C ASN A 132 64.81 33.54 -9.60
N PHE A 133 65.92 34.25 -9.74
CA PHE A 133 66.61 34.33 -11.02
C PHE A 133 67.64 33.21 -11.16
N GLN A 134 67.61 32.57 -12.33
CA GLN A 134 68.35 31.34 -12.59
C GLN A 134 69.04 31.48 -13.93
N LYS A 135 70.18 30.80 -14.05
CA LYS A 135 70.98 30.89 -15.28
C LYS A 135 70.13 30.53 -16.49
N GLY A 136 70.02 31.49 -17.40
CA GLY A 136 69.38 31.31 -18.69
C GLY A 136 68.10 30.51 -18.68
N SER A 137 67.21 30.81 -17.74
CA SER A 137 65.96 30.05 -17.65
C SER A 137 64.90 30.94 -17.05
N HIS A 138 63.66 30.51 -17.24
CA HIS A 138 62.49 31.22 -16.73
C HIS A 138 62.64 31.53 -15.25
N ARG A 139 62.28 32.76 -14.90
CA ARG A 139 62.30 33.23 -13.52
C ARG A 139 61.15 32.58 -12.74
N LEU A 140 61.35 32.43 -11.43
CA LEU A 140 60.38 31.78 -10.54
C LEU A 140 59.89 32.76 -9.45
N LEU A 141 58.82 32.36 -8.76
CA LEU A 141 58.14 33.21 -7.76
C LEU A 141 58.07 32.54 -6.38
N ARG A 142 58.57 33.25 -5.37
CA ARG A 142 58.60 32.79 -3.98
C ARG A 142 57.58 33.58 -3.17
N ILE A 143 56.76 32.89 -2.36
CA ILE A 143 55.91 33.55 -1.36
C ILE A 143 56.29 33.01 0.01
N GLY A 144 56.71 33.90 0.89
CA GLY A 144 56.88 33.50 2.27
C GLY A 144 56.00 34.36 3.14
N PHE A 145 55.13 33.75 3.95
CA PHE A 145 54.22 34.57 4.73
C PHE A 145 53.87 33.79 5.99
N GLU A 146 53.37 34.54 7.00
CA GLU A 146 52.97 34.02 8.30
C GLU A 146 51.46 34.09 8.45
N PRO A 147 50.78 33.00 8.76
CA PRO A 147 49.33 33.08 9.00
C PRO A 147 49.01 33.89 10.25
N VAL A 148 47.90 34.64 10.21
CA VAL A 148 47.48 35.50 11.31
C VAL A 148 45.96 35.45 11.47
N SER A 149 45.49 35.61 12.70
CA SER A 149 44.07 35.82 13.00
C SER A 149 43.94 36.97 13.99
N PHE A 150 42.71 37.29 14.36
CA PHE A 150 42.51 38.34 15.35
C PHE A 150 42.98 37.90 16.74
N LEU A 151 43.10 36.59 16.98
CA LEU A 151 43.62 36.11 18.25
C LEU A 151 45.13 36.32 18.40
N SER A 152 45.83 36.60 17.30
CA SER A 152 47.27 36.76 17.34
C SER A 152 47.69 37.93 18.22
N GLY A 153 48.54 37.67 19.21
CA GLY A 153 48.99 38.69 20.13
C GLY A 153 48.10 38.86 21.34
N SER A 154 47.07 38.03 21.47
CA SER A 154 46.10 38.09 22.55
C SER A 154 46.56 37.30 23.76
N SER A 155 45.69 37.26 24.78
CA SER A 155 45.94 36.40 25.94
C SER A 155 45.96 34.94 25.54
N GLN A 156 45.13 34.57 24.55
CA GLN A 156 44.93 33.17 24.18
C GLN A 156 46.10 32.65 23.35
N ASP A 157 46.63 33.49 22.45
CA ASP A 157 47.72 33.12 21.55
C ASP A 157 48.62 34.33 21.34
N PRO A 158 49.47 34.64 22.33
CA PRO A 158 50.29 35.85 22.25
C PRO A 158 51.47 35.75 21.31
N PHE A 159 51.69 34.60 20.67
CA PHE A 159 52.88 34.42 19.84
C PHE A 159 52.56 33.58 18.60
N ASN A 160 51.39 33.80 18.00
CA ASN A 160 50.97 33.21 16.73
C ASN A 160 51.33 31.74 16.60
N ARG A 161 50.89 30.93 17.55
CA ARG A 161 51.00 29.50 17.32
C ARG A 161 49.76 28.91 16.67
N ILE A 162 48.58 29.46 16.95
CA ILE A 162 47.35 28.81 16.51
C ILE A 162 47.21 28.87 14.98
N PRO A 163 47.38 30.04 14.32
CA PRO A 163 47.21 30.07 12.85
C PRO A 163 48.19 29.22 12.07
N ILE A 164 49.36 28.92 12.65
CA ILE A 164 50.36 28.10 11.98
C ILE A 164 49.80 26.72 11.69
N THR A 165 49.27 26.07 12.75
CA THR A 165 48.69 24.73 12.61
C THR A 165 47.34 24.76 11.90
N ASP A 166 46.64 25.90 11.91
CA ASP A 166 45.43 26.05 11.10
C ASP A 166 45.77 25.95 9.62
N LEU A 167 46.79 26.70 9.18
CA LEU A 167 47.17 26.60 7.76
C LEU A 167 47.75 25.24 7.45
N LEU A 168 48.50 24.66 8.39
CA LEU A 168 49.14 23.39 8.10
C LEU A 168 48.11 22.28 7.92
N ASN A 169 46.95 22.36 8.60
CA ASN A 169 45.90 21.38 8.39
C ASN A 169 45.27 21.49 7.01
N ARG A 170 45.00 22.72 6.56
CA ARG A 170 44.47 22.86 5.21
C ARG A 170 45.48 22.36 4.19
N LEU A 171 46.76 22.68 4.40
CA LEU A 171 47.77 22.27 3.44
C LEU A 171 47.79 20.76 3.29
N SER A 172 47.56 20.04 4.38
CA SER A 172 47.50 18.59 4.24
C SER A 172 46.18 18.14 3.57
N LYS A 173 45.09 18.88 3.77
CA LYS A 173 43.84 18.52 3.09
C LYS A 173 43.99 18.65 1.58
N LEU A 174 44.64 19.73 1.13
CA LEU A 174 45.00 19.86 -0.27
C LEU A 174 45.86 18.66 -0.68
N GLN A 175 45.38 17.89 -1.63
CA GLN A 175 46.15 16.71 -2.02
C GLN A 175 47.33 17.20 -2.85
N LEU A 176 48.47 17.33 -2.15
CA LEU A 176 49.71 17.90 -2.67
C LEU A 176 50.70 16.79 -2.95
N SER A 177 51.37 16.88 -4.09
CA SER A 177 52.35 15.86 -4.46
C SER A 177 53.50 15.85 -3.47
N ASN A 178 53.71 14.69 -2.85
CA ASN A 178 54.84 14.45 -1.96
C ASN A 178 54.90 15.49 -0.84
N PHE A 179 53.77 15.63 -0.13
CA PHE A 179 53.68 16.57 0.99
C PHE A 179 53.66 15.76 2.29
N ASP A 180 54.77 15.82 3.02
CA ASP A 180 54.94 15.13 4.30
C ASP A 180 55.39 16.10 5.36
N THR A 181 54.65 16.14 6.46
CA THR A 181 54.87 17.01 7.60
C THR A 181 55.78 16.46 8.70
N PRO A 182 56.16 15.16 8.74
CA PRO A 182 56.88 14.67 9.93
C PRO A 182 58.11 15.48 10.31
N PHE A 183 58.82 16.05 9.34
CA PHE A 183 60.07 16.68 9.73
C PHE A 183 59.84 18.04 10.39
N PHE A 184 59.02 18.89 9.77
CA PHE A 184 58.70 20.19 10.36
C PHE A 184 58.01 20.06 11.72
N GLN A 185 57.09 19.09 11.85
CA GLN A 185 56.42 18.84 13.13
C GLN A 185 57.44 18.56 14.24
N HIS A 186 58.54 17.87 13.89
CA HIS A 186 59.61 17.63 14.85
C HIS A 186 60.21 18.93 15.36
N LEU A 187 60.43 19.90 14.47
CA LEU A 187 61.06 21.14 14.91
C LEU A 187 60.12 21.98 15.76
N LEU A 188 58.82 21.94 15.51
CA LEU A 188 57.87 22.61 16.40
C LEU A 188 57.86 22.00 17.78
N SER A 189 57.80 20.67 17.84
CA SER A 189 57.77 19.99 19.13
C SER A 189 58.98 20.39 19.96
N LYS A 190 60.14 20.55 19.32
CA LYS A 190 61.32 21.00 20.06
C LYS A 190 61.20 22.47 20.46
N PHE A 191 60.57 23.29 19.63
CA PHE A 191 60.54 24.73 19.86
C PHE A 191 59.21 25.25 20.40
N GLN A 192 58.30 24.37 20.81
CA GLN A 192 57.12 24.83 21.53
C GLN A 192 57.50 25.35 22.91
N LEU A 193 56.55 26.01 23.55
CA LEU A 193 56.76 26.59 24.87
C LEU A 193 55.50 26.46 25.71
N SER A 194 55.64 25.89 26.92
CA SER A 194 54.52 25.72 27.84
C SER A 194 54.79 26.55 29.08
N LEU A 195 53.94 27.58 29.31
CA LEU A 195 54.02 28.49 30.45
C LEU A 195 55.41 29.11 30.54
N SER A 196 56.25 28.83 29.54
CA SER A 196 57.26 29.77 29.14
C SER A 196 56.60 31.05 28.71
N GLU A 197 55.37 30.92 28.21
CA GLU A 197 54.52 32.07 27.88
C GLU A 197 54.37 33.01 29.07
N VAL A 198 54.32 32.47 30.28
CA VAL A 198 54.18 33.34 31.45
C VAL A 198 55.41 34.24 31.60
N ARG A 199 56.61 33.66 31.48
CA ARG A 199 57.81 34.48 31.47
C ARG A 199 57.88 35.36 30.25
N GLN A 200 57.40 34.88 29.10
CA GLN A 200 57.31 35.71 27.91
C GLN A 200 56.32 36.86 28.10
N LEU A 201 55.15 36.59 28.67
CA LEU A 201 54.25 37.67 29.05
C LEU A 201 54.97 38.65 29.99
N GLN A 202 55.80 38.13 30.90
CA GLN A 202 56.50 38.95 31.88
C GLN A 202 57.65 39.74 31.27
N LYS A 203 58.17 39.33 30.11
CA LYS A 203 59.34 39.98 29.55
C LYS A 203 59.03 41.38 29.03
N GLN A 204 57.75 41.73 28.88
CA GLN A 204 57.37 42.94 28.17
C GLN A 204 57.71 44.12 29.07
N GLY A 205 58.98 44.48 29.05
CA GLY A 205 59.47 45.64 29.79
C GLY A 205 59.97 46.70 28.84
N SER A 206 59.52 47.94 29.04
CA SER A 206 60.01 49.03 28.20
C SER A 206 61.47 49.35 28.52
N GLY A 207 61.84 49.28 29.79
CA GLY A 207 63.20 49.56 30.22
C GLY A 207 64.19 48.55 29.68
N PRO A 208 64.00 47.27 30.01
CA PRO A 208 64.81 46.23 29.35
C PRO A 208 64.19 45.82 28.02
N ASP A 209 64.73 46.32 26.91
CA ASP A 209 64.16 46.04 25.59
C ASP A 209 64.03 44.54 25.37
N ALA A 210 62.79 44.09 25.24
CA ALA A 210 62.50 42.67 25.08
C ALA A 210 61.30 42.51 24.14
N HIS A 211 61.39 43.13 22.98
CA HIS A 211 60.38 43.01 21.95
C HIS A 211 60.99 43.01 20.56
N PRO A 212 62.06 42.22 20.30
CA PRO A 212 62.63 42.22 18.94
C PRO A 212 61.74 41.51 17.95
N LEU A 213 61.30 40.31 18.31
CA LEU A 213 60.50 39.46 17.44
C LEU A 213 59.56 38.67 18.33
N LYS A 214 58.34 38.44 17.86
CA LYS A 214 57.39 37.67 18.63
C LYS A 214 56.87 36.44 17.91
N SER A 215 57.19 36.24 16.64
CA SER A 215 56.69 35.08 15.93
C SER A 215 57.40 33.81 16.41
N GLN A 216 56.75 32.68 16.19
CA GLN A 216 57.27 31.39 16.60
C GLN A 216 57.46 30.42 15.44
N ALA A 217 56.85 30.66 14.29
CA ALA A 217 57.01 29.87 13.08
C ALA A 217 56.36 30.65 11.95
N ALA A 218 56.68 30.27 10.71
CA ALA A 218 56.16 30.93 9.51
C ALA A 218 56.23 29.98 8.34
N PHE A 219 55.69 30.41 7.20
CA PHE A 219 55.67 29.58 5.99
C PHE A 219 56.36 30.22 4.79
N GLY A 220 56.63 29.37 3.80
CA GLY A 220 57.12 29.77 2.50
C GLY A 220 56.53 28.90 1.40
N PHE A 221 56.17 29.52 0.27
CA PHE A 221 55.49 28.83 -0.84
C PHE A 221 56.24 29.12 -2.13
N ASP A 222 56.72 28.07 -2.80
CA ASP A 222 57.44 28.19 -4.06
C ASP A 222 56.54 27.70 -5.20
N PHE A 223 56.39 28.52 -6.22
CA PHE A 223 55.54 28.20 -7.37
C PHE A 223 56.47 27.83 -8.53
N ASN A 224 56.69 26.53 -8.74
CA ASN A 224 57.56 26.18 -9.86
C ASN A 224 56.75 26.19 -11.15
N PRO A 225 57.40 26.19 -12.33
CA PRO A 225 56.63 26.37 -13.58
C PRO A 225 55.69 25.23 -13.86
N ASP A 226 55.88 24.08 -13.23
CA ASP A 226 54.90 23.01 -13.32
C ASP A 226 53.74 23.33 -12.38
N GLY A 227 52.70 22.50 -12.45
CA GLY A 227 51.56 22.66 -11.56
C GLY A 227 51.82 22.09 -10.19
N ALA A 228 52.75 22.69 -9.46
CA ALA A 228 53.12 22.18 -8.15
C ALA A 228 53.59 23.33 -7.26
N ILE A 229 53.19 23.27 -5.99
CA ILE A 229 53.81 24.08 -4.94
C ILE A 229 54.68 23.19 -4.09
N LEU A 230 55.91 23.63 -3.86
CA LEU A 230 56.74 23.12 -2.79
C LEU A 230 56.52 24.06 -1.61
N VAL A 231 56.13 23.49 -0.48
CA VAL A 231 55.86 24.29 0.70
C VAL A 231 57.09 24.25 1.58
N LYS A 232 57.47 25.40 2.11
CA LYS A 232 58.68 25.53 2.92
C LYS A 232 58.28 26.17 4.25
N GLY A 233 58.75 25.60 5.36
CA GLY A 233 58.37 26.09 6.68
C GLY A 233 59.52 26.66 7.49
N TYR A 234 59.22 27.46 8.51
CA TYR A 234 60.22 28.20 9.28
C TYR A 234 59.94 28.04 10.77
N VAL A 235 61.00 28.15 11.57
CA VAL A 235 60.91 28.04 13.03
C VAL A 235 61.80 29.13 13.63
N PHE A 236 61.33 29.78 14.69
CA PHE A 236 62.04 30.92 15.26
C PHE A 236 62.41 30.69 16.71
N PRO A 237 63.68 30.35 16.98
CA PRO A 237 64.08 29.88 18.31
C PRO A 237 64.25 30.97 19.36
N TYR A 238 64.25 32.25 18.98
CA TYR A 238 64.52 33.30 19.96
C TYR A 238 63.65 33.17 21.20
N LEU A 239 62.36 32.89 21.01
CA LEU A 239 61.44 32.90 22.14
C LEU A 239 61.66 31.71 23.06
N LYS A 240 61.83 30.52 22.47
CA LYS A 240 62.05 29.32 23.29
C LYS A 240 63.35 29.43 24.09
N ALA A 241 64.42 29.94 23.48
CA ALA A 241 65.68 30.12 24.20
C ALA A 241 65.59 31.27 25.20
N LYS A 242 64.85 32.33 24.85
CA LYS A 242 64.67 33.46 25.76
C LYS A 242 64.06 33.00 27.07
N ALA A 243 63.08 32.08 27.00
CA ALA A 243 62.46 31.59 28.23
C ALA A 243 63.38 30.65 28.98
N ALA A 244 64.02 29.71 28.27
CA ALA A 244 64.82 28.70 28.94
C ALA A 244 66.10 29.27 29.54
N ASP A 245 66.44 30.52 29.25
CA ASP A 245 67.73 31.12 29.66
C ASP A 245 68.88 30.25 29.18
N VAL A 246 68.77 29.79 27.94
CA VAL A 246 69.74 28.87 27.35
C VAL A 246 70.22 29.52 26.06
N PRO A 247 71.51 29.42 25.71
CA PRO A 247 71.99 30.04 24.48
C PRO A 247 71.22 29.57 23.25
N VAL A 248 70.96 30.52 22.35
CA VAL A 248 70.03 30.29 21.24
C VAL A 248 70.48 29.11 20.39
N GLY A 249 71.79 28.93 20.24
CA GLY A 249 72.31 27.90 19.35
C GLY A 249 72.41 26.54 19.99
N THR A 250 72.52 26.49 21.32
CA THR A 250 72.71 25.21 22.00
C THR A 250 71.53 24.28 21.77
N LEU A 251 70.32 24.81 21.74
CA LEU A 251 69.14 23.99 21.48
C LEU A 251 68.86 23.83 19.98
N ILE A 252 69.46 24.64 19.12
CA ILE A 252 69.41 24.33 17.70
C ILE A 252 70.14 23.02 17.41
N ALA A 253 71.25 22.78 18.12
CA ALA A 253 72.00 21.55 17.92
C ALA A 253 71.21 20.33 18.37
N GLU A 254 70.56 20.43 19.53
CA GLU A 254 69.71 19.33 19.99
C GLU A 254 68.55 19.10 19.04
N ALA A 255 67.99 20.18 18.48
CA ALA A 255 66.95 20.02 17.49
C ALA A 255 67.44 19.15 16.33
N VAL A 256 68.68 19.33 15.91
CA VAL A 256 69.24 18.50 14.86
C VAL A 256 69.63 17.13 15.39
N ARG A 257 70.14 17.07 16.63
CA ARG A 257 70.55 15.77 17.16
C ARG A 257 69.36 14.87 17.44
N THR A 258 68.22 15.44 17.86
CA THR A 258 67.03 14.64 18.10
C THR A 258 66.54 13.96 16.82
N ILE A 259 66.68 14.63 15.68
CA ILE A 259 66.42 13.94 14.42
C ILE A 259 67.61 13.08 13.99
N ASP A 260 68.81 13.35 14.53
CA ASP A 260 69.99 12.55 14.18
C ASP A 260 69.85 11.09 14.61
N VAL A 261 69.29 10.85 15.80
CA VAL A 261 69.05 9.47 16.20
C VAL A 261 67.97 8.85 15.31
N GLU A 262 67.04 9.66 14.81
CA GLU A 262 66.07 9.19 13.83
C GLU A 262 66.76 8.86 12.50
N ARG A 263 67.53 9.82 11.96
CA ARG A 263 68.39 9.56 10.82
C ARG A 263 69.58 10.51 10.88
N ASN A 264 70.77 9.99 10.61
CA ASN A 264 72.02 10.65 10.97
C ASN A 264 72.83 10.97 9.71
N GLN A 265 72.28 11.88 8.89
CA GLN A 265 72.96 12.37 7.69
C GLN A 265 73.19 13.87 7.71
N PHE A 266 72.73 14.56 8.74
CA PHE A 266 72.95 15.98 8.88
C PHE A 266 74.08 16.28 9.85
N THR A 267 74.59 15.26 10.54
CA THR A 267 75.55 15.46 11.62
C THR A 267 76.81 16.17 11.13
N HIS A 268 77.42 15.64 10.05
CA HIS A 268 78.69 16.18 9.55
C HIS A 268 78.54 17.60 9.04
N ALA A 269 77.60 17.81 8.13
CA ALA A 269 77.39 19.13 7.57
C ALA A 269 77.04 20.14 8.64
N PHE A 270 76.13 19.76 9.56
CA PHE A 270 75.72 20.71 10.59
C PHE A 270 76.82 20.95 11.61
N GLY A 271 77.44 19.88 12.12
CA GLY A 271 78.51 20.04 13.11
C GLY A 271 79.62 20.95 12.63
N LEU A 272 79.87 20.97 11.32
CA LEU A 272 80.82 21.92 10.74
C LEU A 272 80.30 23.37 10.83
N ILE A 273 78.99 23.58 10.76
CA ILE A 273 78.45 24.94 10.86
C ILE A 273 78.59 25.46 12.29
N ASN A 274 78.22 24.63 13.28
CA ASN A 274 78.33 25.05 14.68
C ASN A 274 79.73 25.50 15.02
N ASP A 275 80.74 24.76 14.53
CA ASP A 275 82.12 25.03 14.89
C ASP A 275 82.52 26.44 14.48
N TYR A 276 82.20 26.83 13.25
CA TYR A 276 82.50 28.21 12.84
C TYR A 276 81.73 29.21 13.68
N MET A 277 80.45 28.93 13.94
CA MET A 277 79.64 29.89 14.68
C MET A 277 80.07 29.99 16.15
N GLN A 278 80.61 28.91 16.74
CA GLN A 278 81.22 29.05 18.06
C GLN A 278 82.50 29.89 17.98
N GLU A 279 83.36 29.60 16.99
CA GLU A 279 84.58 30.39 16.81
C GLU A 279 84.24 31.86 16.57
N SER A 280 83.22 32.11 15.75
CA SER A 280 82.86 33.46 15.36
C SER A 280 82.22 34.20 16.53
N THR A 281 81.85 35.45 16.27
CA THR A 281 81.06 36.25 17.21
C THR A 281 79.83 35.50 17.69
N GLY A 282 79.39 34.51 16.95
CA GLY A 282 78.29 33.65 17.30
C GLY A 282 76.99 34.06 16.64
N TYR A 283 76.20 33.06 16.35
CA TYR A 283 74.84 33.23 15.85
C TYR A 283 73.95 33.58 17.01
N ASN A 284 73.21 34.67 16.86
CA ASN A 284 72.72 35.47 17.97
C ASN A 284 71.20 35.35 18.10
N GLU A 285 70.58 36.41 18.62
CA GLU A 285 69.14 36.43 18.87
C GLU A 285 68.37 36.26 17.57
N TYR A 286 68.89 36.84 16.48
CA TYR A 286 68.25 36.87 15.17
C TYR A 286 68.34 35.54 14.43
N THR A 287 69.19 34.61 14.87
CA THR A 287 69.32 33.34 14.17
C THR A 287 68.02 32.53 14.25
N PHE A 288 67.81 31.72 13.22
CA PHE A 288 66.59 30.92 13.12
C PHE A 288 66.78 29.88 12.02
N LEU A 289 65.74 29.09 11.81
CA LEU A 289 65.87 27.80 11.15
C LEU A 289 64.81 27.69 10.05
N SER A 290 65.03 26.78 9.13
CA SER A 290 64.16 26.59 7.97
C SER A 290 63.99 25.10 7.72
N CYS A 291 63.04 24.77 6.86
CA CYS A 291 62.65 23.37 6.68
C CYS A 291 61.87 23.25 5.38
N ASP A 292 61.87 22.04 4.82
CA ASP A 292 61.02 21.72 3.69
C ASP A 292 60.00 20.67 4.10
N PHE A 293 58.78 20.79 3.54
CA PHE A 293 57.70 19.86 3.82
C PHE A 293 57.73 18.65 2.92
N VAL A 294 58.88 18.30 2.38
CA VAL A 294 59.01 17.09 1.60
C VAL A 294 59.48 15.97 2.53
N GLU A 295 59.45 14.75 2.01
CA GLU A 295 60.03 13.58 2.67
C GLU A 295 61.45 13.85 3.12
N THR A 296 61.88 13.15 4.18
CA THR A 296 63.18 13.40 4.82
C THR A 296 64.38 13.13 3.89
N SER A 297 64.33 12.07 3.09
CA SER A 297 65.48 11.75 2.25
C SER A 297 65.80 12.88 1.27
N GLU A 298 64.78 13.49 0.67
CA GLU A 298 64.92 14.64 -0.20
C GLU A 298 64.97 15.97 0.53
N GLN A 299 65.08 15.96 1.84
CA GLN A 299 64.95 17.21 2.55
C GLN A 299 66.22 18.05 2.50
N ARG A 300 66.01 19.36 2.47
CA ARG A 300 67.07 20.37 2.36
C ARG A 300 66.81 21.36 3.48
N LEU A 301 67.44 21.16 4.64
CA LEU A 301 67.20 22.06 5.76
C LEU A 301 68.25 23.15 5.76
N LYS A 302 67.91 24.27 6.37
CA LYS A 302 68.73 25.47 6.29
C LYS A 302 68.87 26.06 7.69
N ILE A 303 69.93 26.84 7.89
CA ILE A 303 70.14 27.59 9.12
C ILE A 303 70.35 29.06 8.76
N TYR A 304 69.49 29.93 9.27
CA TYR A 304 69.64 31.35 8.98
C TYR A 304 70.22 32.07 10.20
N GLY A 305 70.56 33.33 10.01
CA GLY A 305 71.08 34.17 11.08
C GLY A 305 71.44 35.52 10.51
N ALA A 306 71.72 36.46 11.42
CA ALA A 306 71.96 37.85 11.02
C ALA A 306 73.17 38.43 11.72
N HIS A 307 73.82 39.37 11.03
CA HIS A 307 74.92 40.16 11.57
C HIS A 307 74.81 41.60 11.13
N THR A 308 75.29 42.51 11.99
CA THR A 308 75.50 43.89 11.61
C THR A 308 76.95 44.19 11.22
N GLU A 309 77.86 43.25 11.43
CA GLU A 309 79.27 43.38 11.05
C GLU A 309 79.41 43.32 9.53
N VAL A 310 79.76 44.43 8.90
CA VAL A 310 79.89 44.52 7.44
C VAL A 310 81.30 44.95 7.08
N THR A 311 82.19 43.97 6.93
CA THR A 311 83.43 44.15 6.21
C THR A 311 83.50 43.04 5.18
N TRP A 312 84.09 43.34 4.02
CA TRP A 312 84.33 42.27 3.06
C TRP A 312 85.12 41.14 3.69
N ALA A 313 86.07 41.46 4.56
CA ALA A 313 86.83 40.41 5.23
C ALA A 313 85.90 39.50 6.01
N LYS A 314 84.93 40.08 6.72
CA LYS A 314 84.00 39.26 7.48
C LYS A 314 83.09 38.47 6.55
N ILE A 315 82.67 39.08 5.44
CA ILE A 315 81.91 38.34 4.44
C ILE A 315 82.74 37.17 3.93
N ALA A 316 84.03 37.38 3.74
CA ALA A 316 84.89 36.27 3.38
C ALA A 316 85.03 35.28 4.54
N GLU A 317 85.09 35.77 5.78
CA GLU A 317 85.25 34.86 6.93
C GLU A 317 84.09 33.88 7.04
N MET A 318 82.87 34.33 6.79
CA MET A 318 81.70 33.46 6.98
C MET A 318 81.53 32.50 5.80
N TRP A 319 81.58 33.02 4.58
CA TRP A 319 81.40 32.19 3.39
C TRP A 319 82.43 31.07 3.36
N THR A 320 83.70 31.42 3.56
CA THR A 320 84.80 30.46 3.56
C THR A 320 84.87 29.68 4.87
N LEU A 321 84.99 30.41 5.98
CA LEU A 321 85.27 29.91 7.35
C LEU A 321 86.61 29.15 7.28
N GLY A 322 86.68 27.93 7.74
CA GLY A 322 87.92 27.21 7.53
C GLY A 322 87.65 26.03 6.64
N GLY A 323 86.81 25.13 7.12
CA GLY A 323 86.74 23.81 6.51
C GLY A 323 86.33 23.84 5.05
N ARG A 324 85.29 24.61 4.72
CA ARG A 324 84.71 24.45 3.38
C ARG A 324 85.53 25.14 2.28
N LEU A 325 86.51 25.97 2.65
CA LEU A 325 87.40 26.61 1.68
C LEU A 325 88.17 25.58 0.84
N ILE A 326 88.96 24.75 1.52
CA ILE A 326 89.87 23.85 0.82
C ILE A 326 89.10 22.78 0.05
N GLU A 327 88.13 22.15 0.70
CA GLU A 327 87.66 20.86 0.23
C GLU A 327 86.85 20.95 -1.07
N GLU A 328 86.23 22.10 -1.34
CA GLU A 328 85.44 22.26 -2.56
C GLU A 328 85.72 23.59 -3.25
N PRO A 329 85.67 23.61 -4.59
CA PRO A 329 85.93 24.85 -5.34
C PRO A 329 84.75 25.78 -5.49
N GLU A 330 83.51 25.28 -5.36
CA GLU A 330 82.33 26.12 -5.55
C GLU A 330 82.38 27.33 -4.62
N ILE A 331 82.60 27.09 -3.34
CA ILE A 331 82.75 28.17 -2.36
C ILE A 331 83.74 29.21 -2.87
N ILE A 332 84.88 28.76 -3.40
CA ILE A 332 85.86 29.72 -3.91
C ILE A 332 85.36 30.36 -5.19
N ALA A 333 84.80 29.56 -6.09
CA ALA A 333 84.26 30.08 -7.33
C ALA A 333 83.13 31.07 -7.06
N GLY A 334 82.18 30.67 -6.22
CA GLY A 334 81.06 31.53 -5.93
C GLY A 334 81.47 32.81 -5.23
N LEU A 335 82.46 32.75 -4.35
CA LEU A 335 82.83 33.95 -3.61
C LEU A 335 83.35 35.03 -4.54
N ALA A 336 84.07 34.63 -5.58
CA ALA A 336 84.61 35.60 -6.53
C ALA A 336 83.48 36.39 -7.19
N ARG A 337 82.49 35.68 -7.75
CA ARG A 337 81.34 36.35 -8.34
C ARG A 337 80.59 37.18 -7.28
N LEU A 338 80.69 36.77 -6.01
CA LEU A 338 80.05 37.54 -4.94
C LEU A 338 80.77 38.86 -4.69
N LYS A 339 82.07 38.93 -4.98
CA LYS A 339 82.80 40.17 -4.76
C LYS A 339 82.34 41.29 -5.69
N GLN A 340 81.93 40.98 -6.91
CA GLN A 340 81.65 42.06 -7.86
C GLN A 340 80.29 42.71 -7.60
N ILE A 341 79.28 41.93 -7.18
CA ILE A 341 78.00 42.52 -6.78
C ILE A 341 78.14 43.35 -5.51
N TRP A 342 79.07 42.97 -4.62
CA TRP A 342 79.34 43.79 -3.44
C TRP A 342 79.81 45.19 -3.85
N SER A 343 80.69 45.25 -4.87
CA SER A 343 81.22 46.51 -5.39
C SER A 343 80.27 47.20 -6.37
N LEU A 344 79.49 46.45 -7.15
CA LEU A 344 78.45 47.05 -7.98
C LEU A 344 77.44 47.81 -7.13
N LEU A 345 77.11 47.25 -5.97
CA LEU A 345 76.11 47.85 -5.09
C LEU A 345 76.82 48.61 -3.97
N GLN A 346 77.36 49.76 -4.35
CA GLN A 346 77.99 50.65 -3.38
C GLN A 346 76.93 51.04 -2.35
N ILE A 347 77.10 50.59 -1.11
CA ILE A 347 76.06 50.76 -0.09
C ILE A 347 76.04 52.20 0.42
N GLY A 348 76.83 53.08 -0.20
CA GLY A 348 76.76 54.49 0.06
C GLY A 348 77.46 54.97 1.32
N GLU A 349 78.10 54.07 2.07
CA GLU A 349 78.89 54.44 3.23
C GLU A 349 80.39 54.49 2.95
N GLY A 350 80.80 54.26 1.71
CA GLY A 350 82.21 54.32 1.33
C GLY A 350 82.49 54.78 -0.09
N SER A 371 75.92 48.11 6.94
CA SER A 371 75.25 47.25 5.97
C SER A 371 74.96 45.87 6.59
N PRO A 372 74.00 45.80 7.52
CA PRO A 372 73.71 44.52 8.18
C PRO A 372 73.16 43.48 7.21
N ILE A 373 73.63 42.24 7.34
CA ILE A 373 73.31 41.17 6.39
C ILE A 373 72.80 39.93 7.10
N ILE A 374 72.03 39.13 6.36
CA ILE A 374 71.52 37.83 6.80
C ILE A 374 72.27 36.74 6.06
N TRP A 375 72.45 35.60 6.72
CA TRP A 375 73.18 34.47 6.15
C TRP A 375 72.37 33.18 6.24
N ASN A 376 72.85 32.17 5.49
CA ASN A 376 72.13 30.93 5.25
C ASN A 376 73.11 29.84 4.83
N TYR A 377 72.97 28.65 5.43
CA TYR A 377 73.77 27.49 5.03
C TYR A 377 72.82 26.33 4.82
N GLU A 378 72.80 25.80 3.61
CA GLU A 378 71.81 24.83 3.18
C GLU A 378 72.38 23.42 3.28
N ILE A 379 71.91 22.65 4.25
CA ILE A 379 72.45 21.32 4.53
C ILE A 379 71.64 20.28 3.77
N HIS A 380 72.32 19.53 2.92
CA HIS A 380 71.61 18.51 2.18
C HIS A 380 72.16 17.13 2.55
N PRO A 381 71.29 16.13 2.77
CA PRO A 381 71.81 14.83 3.24
C PRO A 381 72.66 14.13 2.19
N GLY A 382 72.31 14.25 0.90
CA GLY A 382 73.09 13.64 -0.17
C GLY A 382 74.50 14.20 -0.34
N SER A 383 74.92 15.16 0.50
CA SER A 383 76.26 15.71 0.47
C SER A 383 76.71 16.00 1.90
N ARG A 384 77.99 16.38 2.04
CA ARG A 384 78.52 16.85 3.32
C ARG A 384 79.06 18.26 3.22
N PHE A 385 78.59 19.00 2.22
CA PHE A 385 78.99 20.38 1.96
C PHE A 385 77.75 21.26 1.90
N PRO A 386 77.47 21.99 2.96
CA PRO A 386 76.35 22.96 2.94
C PRO A 386 76.58 24.14 1.97
N VAL A 387 75.57 24.48 1.15
CA VAL A 387 75.69 25.54 0.15
C VAL A 387 75.38 26.86 0.83
N PRO A 388 76.31 27.82 0.89
CA PRO A 388 76.01 29.09 1.55
C PRO A 388 75.15 30.00 0.68
N LYS A 389 74.46 30.92 1.36
CA LYS A 389 73.59 31.90 0.73
C LYS A 389 73.53 33.14 1.61
N PHE A 390 73.80 34.32 1.03
CA PHE A 390 73.74 35.55 1.80
C PHE A 390 72.64 36.46 1.26
N TYR A 391 72.11 37.33 2.14
CA TYR A 391 71.05 38.27 1.83
C TYR A 391 71.57 39.70 1.99
N LEU A 392 71.25 40.58 1.02
CA LEU A 392 71.94 41.86 0.94
C LEU A 392 71.00 43.06 0.99
N PRO A 393 71.34 44.11 1.76
CA PRO A 393 70.45 45.27 1.87
C PRO A 393 70.30 46.04 0.57
N VAL A 394 69.05 46.25 0.17
CA VAL A 394 68.71 47.14 -0.92
C VAL A 394 67.69 48.20 -0.50
N HIS A 395 66.92 47.97 0.56
CA HIS A 395 66.21 49.04 1.23
C HIS A 395 67.22 50.07 1.70
N GLY A 396 67.06 51.33 1.26
CA GLY A 396 68.07 52.35 1.45
C GLY A 396 68.92 52.65 0.23
N GLU A 397 69.05 51.69 -0.69
CA GLU A 397 69.73 51.88 -1.96
C GLU A 397 68.70 52.19 -3.06
N ASN A 398 69.06 53.10 -3.96
CA ASN A 398 68.17 53.43 -5.07
C ASN A 398 67.81 52.17 -5.84
N ASP A 399 66.51 51.97 -6.02
CA ASP A 399 66.05 50.78 -6.75
C ASP A 399 66.49 50.83 -8.21
N LEU A 400 66.67 52.03 -8.78
CA LEU A 400 67.24 52.13 -10.13
C LEU A 400 68.73 51.82 -10.11
N HIS A 401 69.49 52.46 -9.21
CA HIS A 401 70.90 52.11 -9.01
C HIS A 401 71.07 50.60 -8.86
N VAL A 402 70.18 49.97 -8.11
CA VAL A 402 70.26 48.52 -7.96
C VAL A 402 69.77 47.83 -9.24
N ALA A 403 68.67 48.31 -9.83
CA ALA A 403 68.21 47.72 -11.08
C ALA A 403 69.27 47.83 -12.17
N ARG A 404 69.89 49.00 -12.29
CA ARG A 404 70.98 49.17 -13.26
C ARG A 404 72.16 48.27 -12.90
N ALA A 405 72.65 48.38 -11.66
CA ALA A 405 73.83 47.61 -11.26
C ALA A 405 73.53 46.13 -11.25
N LEU A 406 72.31 45.73 -10.87
CA LEU A 406 71.97 44.31 -10.91
C LEU A 406 71.85 43.81 -12.35
N ALA A 407 71.54 44.71 -13.30
CA ALA A 407 71.45 44.30 -14.70
C ALA A 407 72.83 44.06 -15.31
N GLN A 408 73.82 44.87 -14.91
CA GLN A 408 75.18 44.65 -15.39
C GLN A 408 75.71 43.28 -14.97
N PHE A 409 75.46 42.89 -13.72
CA PHE A 409 75.98 41.62 -13.22
C PHE A 409 75.48 40.44 -14.02
N TRP A 410 74.36 40.59 -14.73
CA TRP A 410 73.92 39.49 -15.57
C TRP A 410 74.70 39.43 -16.87
N ASP A 411 75.11 40.58 -17.41
CA ASP A 411 76.01 40.57 -18.55
C ASP A 411 77.38 40.01 -18.18
N SER A 412 77.84 40.28 -16.94
CA SER A 412 79.10 39.71 -16.47
C SER A 412 79.02 38.19 -16.43
N LEU A 413 77.86 37.65 -16.09
CA LEU A 413 77.64 36.20 -16.14
C LEU A 413 77.18 35.71 -17.49
N GLY A 414 76.89 36.62 -18.42
CA GLY A 414 76.35 36.20 -19.69
C GLY A 414 74.97 35.60 -19.56
N TRP A 415 74.01 36.38 -19.08
CA TRP A 415 72.64 35.95 -19.08
C TRP A 415 71.90 36.66 -20.18
N PRO A 416 71.27 35.93 -21.08
CA PRO A 416 70.76 36.51 -22.32
C PRO A 416 69.66 37.57 -22.19
N GLU A 417 68.53 37.27 -21.56
CA GLU A 417 67.41 38.21 -21.61
C GLU A 417 67.13 38.93 -20.30
N HIS A 418 67.30 38.24 -19.17
CA HIS A 418 67.05 38.82 -17.85
C HIS A 418 67.75 40.16 -17.67
N ALA A 419 68.94 40.32 -18.25
CA ALA A 419 69.71 41.56 -18.08
C ALA A 419 68.99 42.73 -18.72
N CYS A 420 68.50 42.55 -19.95
CA CYS A 420 67.91 43.65 -20.70
C CYS A 420 66.50 43.99 -20.21
N ALA A 421 65.70 42.98 -19.86
CA ALA A 421 64.29 43.19 -19.56
C ALA A 421 63.99 43.33 -18.08
N TYR A 422 65.00 43.28 -17.20
CA TYR A 422 64.71 43.41 -15.76
C TYR A 422 64.23 44.80 -15.41
N PRO A 423 64.96 45.88 -15.70
CA PRO A 423 64.45 47.21 -15.33
C PRO A 423 63.15 47.56 -16.03
N ASP A 424 62.88 46.97 -17.19
CA ASP A 424 61.55 47.11 -17.78
C ASP A 424 60.53 46.14 -17.19
N THR A 425 60.98 45.07 -16.53
CA THR A 425 60.09 44.22 -15.76
C THR A 425 59.97 44.73 -14.32
N LEU A 426 60.67 45.80 -13.98
CA LEU A 426 60.56 46.39 -12.66
C LEU A 426 59.62 47.59 -12.64
N GLN A 427 59.68 48.45 -13.67
CA GLN A 427 58.67 49.49 -13.80
C GLN A 427 57.30 48.88 -14.11
N GLN A 428 57.27 47.73 -14.79
CA GLN A 428 56.00 47.05 -15.07
C GLN A 428 55.33 46.55 -13.79
N LEU A 429 56.12 46.07 -12.82
CA LEU A 429 55.57 45.57 -11.56
C LEU A 429 55.06 46.69 -10.67
N TYR A 430 55.63 47.88 -10.77
CA TYR A 430 55.19 49.05 -9.99
C TYR A 430 54.99 50.24 -10.90
N PRO A 431 54.03 50.16 -11.84
CA PRO A 431 53.82 51.33 -12.73
C PRO A 431 53.30 52.54 -11.99
N ASP A 432 52.59 52.35 -10.88
CA ASP A 432 52.14 53.47 -10.04
C ASP A 432 53.31 54.30 -9.52
N GLN A 433 54.36 53.64 -9.03
CA GLN A 433 55.51 54.32 -8.45
C GLN A 433 56.57 54.70 -9.49
N ASP A 434 57.53 55.51 -9.04
CA ASP A 434 58.56 56.12 -9.86
C ASP A 434 59.90 55.48 -9.52
N ILE A 435 60.47 54.70 -10.45
CA ILE A 435 61.78 54.08 -10.19
C ILE A 435 62.85 55.13 -9.96
N SER A 436 62.64 56.35 -10.46
CA SER A 436 63.61 57.42 -10.28
C SER A 436 63.92 57.65 -8.81
N GLN A 437 62.90 57.63 -7.95
CA GLN A 437 63.03 58.08 -6.56
C GLN A 437 62.82 56.99 -5.52
N THR A 438 62.43 55.78 -5.92
CA THR A 438 62.08 54.74 -4.97
C THR A 438 63.32 54.03 -4.41
N THR A 439 63.28 53.72 -3.12
CA THR A 439 64.31 52.92 -2.48
C THR A 439 63.80 51.63 -1.87
N ARG A 440 62.57 51.64 -1.34
CA ARG A 440 62.00 50.53 -0.60
C ARG A 440 61.30 49.49 -1.47
N LEU A 441 61.17 49.71 -2.79
CA LEU A 441 60.55 48.68 -3.64
C LEU A 441 61.39 47.41 -3.73
N GLN A 442 62.69 47.49 -3.41
CA GLN A 442 63.56 46.34 -3.39
C GLN A 442 64.27 46.33 -2.05
N SER A 443 64.12 45.24 -1.29
CA SER A 443 64.52 45.12 0.11
C SER A 443 65.79 44.30 0.33
N TRP A 444 65.87 43.09 -0.24
CA TRP A 444 67.01 42.19 -0.02
C TRP A 444 67.38 41.49 -1.34
N ILE A 445 68.62 40.99 -1.42
CA ILE A 445 69.07 40.17 -2.56
C ILE A 445 69.88 39.00 -2.01
N SER A 446 69.58 37.79 -2.50
CA SER A 446 70.23 36.56 -2.07
C SER A 446 71.20 36.07 -3.14
N TYR A 447 72.31 35.47 -2.69
CA TYR A 447 73.32 34.90 -3.58
C TYR A 447 73.64 33.48 -3.14
N SER A 448 73.67 32.56 -4.09
CA SER A 448 74.05 31.17 -3.83
C SER A 448 74.79 30.66 -5.06
N TYR A 449 75.74 29.72 -4.85
CA TYR A 449 76.45 29.14 -5.98
C TYR A 449 76.57 27.63 -5.81
N THR A 450 76.16 26.90 -6.86
CA THR A 450 76.31 25.46 -6.91
C THR A 450 77.04 25.09 -8.19
N ALA A 451 77.74 23.96 -8.16
CA ALA A 451 78.36 23.42 -9.37
C ALA A 451 77.32 23.11 -10.42
N LYS A 452 76.28 22.35 -10.04
CA LYS A 452 75.25 21.96 -11.00
C LYS A 452 74.39 23.15 -11.41
N ARG A 453 73.91 23.92 -10.42
CA ARG A 453 72.95 25.00 -10.66
C ARG A 453 73.58 26.28 -11.21
N GLY A 454 74.87 26.48 -11.00
CA GLY A 454 75.46 27.78 -11.34
C GLY A 454 75.13 28.80 -10.28
N VAL A 455 74.62 29.96 -10.71
CA VAL A 455 74.39 31.07 -9.80
C VAL A 455 72.89 31.16 -9.49
N TYR A 456 72.54 30.94 -8.22
CA TYR A 456 71.23 31.28 -7.66
C TYR A 456 71.21 32.72 -7.21
N MET A 457 70.12 33.41 -7.51
CA MET A 457 69.98 34.76 -6.97
C MET A 457 68.52 35.15 -6.99
N SER A 458 68.00 35.60 -5.83
CA SER A 458 66.60 35.96 -5.70
C SER A 458 66.45 37.35 -5.10
N VAL A 459 65.40 38.06 -5.53
CA VAL A 459 65.17 39.45 -5.14
C VAL A 459 63.86 39.54 -4.39
N TYR A 460 63.91 40.15 -3.20
CA TYR A 460 62.74 40.29 -2.34
C TYR A 460 62.19 41.71 -2.48
N TYR A 461 60.89 41.84 -2.65
CA TYR A 461 60.26 43.10 -3.04
C TYR A 461 59.31 43.64 -1.97
N HIS A 462 58.90 44.89 -2.17
CA HIS A 462 57.88 45.54 -1.34
C HIS A 462 56.52 44.97 -1.69
N SER A 463 55.88 44.30 -0.72
CA SER A 463 54.83 43.34 -1.03
C SER A 463 53.41 43.83 -0.75
N GLN A 464 53.22 45.11 -0.41
CA GLN A 464 51.90 45.71 -0.20
C GLN A 464 51.77 46.89 -1.15
N SER A 465 50.54 47.22 -1.52
CA SER A 465 50.41 48.31 -2.49
C SER A 465 50.61 49.66 -1.84
N THR A 466 50.11 49.86 -0.63
CA THR A 466 50.21 51.16 0.03
C THR A 466 51.62 51.49 0.51
N SER B 51 -54.13 -40.49 18.68
CA SER B 51 -54.16 -41.89 18.24
C SER B 51 -53.12 -42.27 17.14
N PRO B 52 -52.69 -41.32 16.27
CA PRO B 52 -51.64 -41.68 15.29
C PRO B 52 -50.24 -41.32 15.76
N SER B 53 -49.22 -41.81 15.07
CA SER B 53 -47.85 -41.39 15.37
C SER B 53 -47.68 -39.91 15.05
N PRO B 54 -47.02 -39.15 15.92
CA PRO B 54 -47.14 -37.69 15.87
C PRO B 54 -46.16 -36.97 14.97
N ALA B 55 -44.89 -37.40 14.97
CA ALA B 55 -43.80 -36.58 14.45
C ALA B 55 -43.79 -36.45 12.93
N GLN B 56 -44.63 -37.21 12.23
CA GLN B 56 -44.61 -37.25 10.78
C GLN B 56 -45.54 -36.19 10.19
N ALA B 57 -45.98 -35.24 11.00
CA ALA B 57 -46.87 -34.19 10.54
C ALA B 57 -46.13 -33.04 9.89
N LEU B 58 -44.80 -33.08 9.83
CA LEU B 58 -44.05 -32.12 9.03
C LEU B 58 -44.29 -32.35 7.55
N ALA B 59 -44.46 -33.61 7.15
CA ALA B 59 -44.58 -33.96 5.74
C ALA B 59 -45.80 -33.34 5.05
N SER B 60 -46.77 -32.85 5.84
CA SER B 60 -48.00 -32.32 5.25
C SER B 60 -47.71 -31.20 4.26
N TYR B 61 -46.83 -30.28 4.63
CA TYR B 61 -46.50 -29.15 3.78
C TYR B 61 -45.14 -29.32 3.14
N HIS B 62 -44.81 -30.53 2.77
CA HIS B 62 -43.56 -30.76 2.09
C HIS B 62 -43.91 -31.57 0.85
N HIS B 63 -43.32 -31.18 -0.26
CA HIS B 63 -43.47 -31.89 -1.52
C HIS B 63 -42.16 -32.58 -1.83
N PHE B 64 -42.19 -33.90 -1.85
CA PHE B 64 -40.95 -34.63 -2.11
C PHE B 64 -40.61 -34.55 -3.58
N PRO B 65 -39.47 -33.98 -3.95
CA PRO B 65 -39.25 -33.62 -5.35
C PRO B 65 -39.34 -34.76 -6.33
N THR B 66 -38.87 -35.95 -5.97
CA THR B 66 -38.80 -37.04 -6.93
C THR B 66 -39.76 -38.15 -6.54
N ASN B 67 -40.15 -38.94 -7.54
CA ASN B 67 -40.91 -40.14 -7.25
C ASN B 67 -40.14 -41.06 -6.32
N ASP B 68 -38.81 -41.09 -6.46
CA ASP B 68 -38.00 -41.95 -5.59
C ASP B 68 -38.16 -41.58 -4.13
N GLN B 69 -38.20 -40.28 -3.83
CA GLN B 69 -38.22 -39.90 -2.42
C GLN B 69 -39.59 -40.11 -1.81
N GLU B 70 -40.63 -39.56 -2.45
CA GLU B 70 -42.00 -39.70 -1.91
C GLU B 70 -42.29 -41.15 -1.63
N ARG B 71 -41.88 -41.98 -2.59
CA ARG B 71 -42.08 -43.42 -2.54
C ARG B 71 -41.30 -44.10 -1.39
N TRP B 72 -40.08 -43.62 -1.05
CA TRP B 72 -39.38 -44.11 0.16
C TRP B 72 -40.04 -43.64 1.47
N TRP B 73 -40.36 -42.34 1.59
CA TRP B 73 -41.11 -41.86 2.75
C TRP B 73 -42.28 -42.78 3.06
N GLU B 74 -43.07 -43.05 2.03
CA GLU B 74 -44.19 -43.97 2.15
C GLU B 74 -43.74 -45.32 2.71
N GLU B 75 -42.46 -45.67 2.57
CA GLU B 75 -41.95 -46.94 3.05
C GLU B 75 -41.41 -46.88 4.49
N THR B 76 -40.74 -45.77 4.88
CA THR B 76 -40.10 -45.71 6.18
C THR B 76 -40.46 -44.50 7.03
N GLY B 77 -41.13 -43.49 6.48
CA GLY B 77 -41.40 -42.29 7.25
C GLY B 77 -42.32 -42.55 8.44
N SER B 78 -43.31 -43.42 8.26
CA SER B 78 -44.19 -43.77 9.37
C SER B 78 -43.41 -44.45 10.49
N LEU B 79 -42.51 -45.36 10.12
CA LEU B 79 -41.80 -46.18 11.10
C LEU B 79 -40.78 -45.37 11.88
N PHE B 80 -40.06 -44.48 11.22
CA PHE B 80 -39.09 -43.66 11.94
C PHE B 80 -39.76 -42.79 12.98
N SER B 81 -40.95 -42.25 12.65
CA SER B 81 -41.69 -41.42 13.59
C SER B 81 -42.14 -42.19 14.81
N ARG B 82 -42.40 -43.50 14.65
CA ARG B 82 -42.79 -44.30 15.80
C ARG B 82 -41.60 -44.59 16.72
N PHE B 83 -40.38 -44.64 16.17
CA PHE B 83 -39.23 -44.88 17.03
C PHE B 83 -38.90 -43.64 17.85
N LEU B 84 -39.09 -42.46 17.27
CA LEU B 84 -38.88 -41.25 18.04
C LEU B 84 -39.82 -41.21 19.23
N GLU B 85 -41.06 -41.68 19.03
CA GLU B 85 -41.99 -41.83 20.14
C GLU B 85 -41.50 -42.91 21.10
N ALA B 86 -40.91 -43.98 20.56
CA ALA B 86 -40.37 -45.04 21.41
C ALA B 86 -39.19 -44.52 22.24
N GLY B 87 -38.26 -43.81 21.61
CA GLY B 87 -37.11 -43.27 22.32
C GLY B 87 -37.44 -42.21 23.35
N GLN B 88 -38.70 -41.78 23.42
CA GLN B 88 -39.16 -40.81 24.42
C GLN B 88 -38.40 -39.49 24.31
N TYR B 89 -38.04 -39.09 23.09
CA TYR B 89 -37.43 -37.78 22.88
C TYR B 89 -38.46 -36.69 23.08
N GLY B 90 -37.97 -35.50 23.46
CA GLY B 90 -38.85 -34.35 23.56
C GLY B 90 -39.56 -34.05 22.24
N LEU B 91 -40.78 -33.54 22.35
CA LEU B 91 -41.54 -33.21 21.14
C LEU B 91 -40.80 -32.22 20.24
N PRO B 92 -40.21 -31.13 20.73
CA PRO B 92 -39.40 -30.31 19.83
C PRO B 92 -38.20 -31.03 19.26
N GLN B 93 -37.62 -31.97 20.02
CA GLN B 93 -36.47 -32.72 19.52
C GLN B 93 -36.87 -33.57 18.33
N GLN B 94 -37.99 -34.30 18.46
CA GLN B 94 -38.40 -35.25 17.44
C GLN B 94 -38.60 -34.55 16.10
N TYR B 95 -39.07 -33.30 16.11
CA TYR B 95 -39.25 -32.57 14.86
C TYR B 95 -37.91 -32.17 14.26
N GLN B 96 -36.91 -31.86 15.09
CA GLN B 96 -35.57 -31.61 14.58
C GLN B 96 -35.02 -32.85 13.90
N PHE B 97 -35.11 -34.00 14.58
CA PHE B 97 -34.58 -35.24 14.04
C PHE B 97 -35.38 -35.70 12.83
N MET B 98 -36.69 -35.45 12.81
CA MET B 98 -37.46 -35.74 11.61
C MET B 98 -36.99 -34.88 10.46
N PHE B 99 -36.80 -33.59 10.73
CA PHE B 99 -36.37 -32.64 9.72
C PHE B 99 -35.08 -33.12 9.05
N PHE B 100 -34.10 -33.53 9.87
CA PHE B 100 -32.86 -34.08 9.35
C PHE B 100 -33.13 -35.33 8.54
N PHE B 101 -33.98 -36.23 9.04
CA PHE B 101 -34.25 -37.47 8.34
C PHE B 101 -34.87 -37.21 6.98
N MET B 102 -35.78 -36.23 6.90
CA MET B 102 -36.45 -35.96 5.63
C MET B 102 -35.49 -35.41 4.58
N HIS B 103 -34.62 -34.46 4.97
CA HIS B 103 -33.83 -33.74 3.98
C HIS B 103 -32.52 -34.40 3.64
N HIS B 104 -32.02 -35.23 4.50
CA HIS B 104 -30.71 -35.77 4.24
C HIS B 104 -30.72 -37.27 4.02
N LEU B 105 -31.61 -38.00 4.70
CA LEU B 105 -31.56 -39.44 4.56
C LEU B 105 -32.54 -39.92 3.50
N ILE B 106 -33.69 -39.28 3.37
CA ILE B 106 -34.63 -39.66 2.33
C ILE B 106 -34.06 -39.44 0.93
N PRO B 107 -33.50 -38.29 0.57
CA PRO B 107 -32.86 -38.19 -0.74
C PRO B 107 -31.69 -39.15 -0.92
N ALA B 108 -30.96 -39.47 0.14
CA ALA B 108 -29.77 -40.31 0.01
C ALA B 108 -30.09 -41.77 -0.28
N LEU B 109 -31.32 -42.24 -0.08
CA LEU B 109 -31.65 -43.64 -0.38
C LEU B 109 -31.72 -43.93 -1.88
N GLY B 110 -31.86 -42.92 -2.72
CA GLY B 110 -31.88 -43.11 -4.15
C GLY B 110 -33.13 -43.78 -4.66
N PRO B 111 -32.98 -44.57 -5.71
CA PRO B 111 -34.12 -45.22 -6.38
C PRO B 111 -34.94 -46.10 -5.46
N TYR B 112 -36.29 -45.96 -5.51
CA TYR B 112 -37.08 -46.77 -4.59
C TYR B 112 -37.05 -48.25 -4.93
N PRO B 113 -37.47 -48.68 -6.09
CA PRO B 113 -37.24 -50.11 -6.36
C PRO B 113 -35.74 -50.20 -6.39
N GLN B 114 -35.12 -50.52 -5.25
CA GLN B 114 -33.69 -50.31 -5.12
C GLN B 114 -32.93 -51.34 -5.94
N LYS B 115 -31.64 -51.09 -6.09
CA LYS B 115 -30.80 -51.94 -6.91
C LYS B 115 -29.53 -52.28 -6.14
N TRP B 116 -29.11 -51.39 -5.24
CA TRP B 116 -27.94 -51.63 -4.43
C TRP B 116 -28.30 -52.51 -3.26
N ARG B 117 -27.54 -53.57 -3.07
CA ARG B 117 -27.69 -54.38 -1.88
C ARG B 117 -26.68 -53.86 -0.88
N SER B 118 -27.17 -53.29 0.20
CA SER B 118 -26.25 -52.73 1.14
C SER B 118 -25.67 -53.80 2.05
N THR B 119 -24.57 -53.45 2.70
CA THR B 119 -23.88 -54.39 3.56
C THR B 119 -24.39 -54.32 4.99
N ILE B 120 -24.67 -53.11 5.49
CA ILE B 120 -24.98 -52.92 6.89
C ILE B 120 -26.28 -53.58 7.29
N SER B 121 -27.10 -53.96 6.32
CA SER B 121 -28.38 -54.55 6.62
C SER B 121 -28.40 -56.02 6.24
N ARG B 122 -28.98 -56.82 7.13
CA ARG B 122 -29.19 -58.24 6.91
C ARG B 122 -29.88 -58.47 5.56
N SER B 123 -31.02 -57.82 5.35
CA SER B 123 -31.81 -58.01 4.14
C SER B 123 -31.10 -57.43 2.92
N GLY B 124 -30.50 -56.26 3.07
CA GLY B 124 -29.84 -55.62 1.95
C GLY B 124 -30.23 -54.16 1.78
N LEU B 125 -31.36 -53.75 2.34
CA LEU B 125 -31.78 -52.37 2.17
C LEU B 125 -30.86 -51.44 2.98
N PRO B 126 -30.61 -50.23 2.49
CA PRO B 126 -29.49 -49.46 3.01
C PRO B 126 -29.77 -48.71 4.30
N ILE B 127 -30.63 -49.22 5.18
CA ILE B 127 -30.87 -48.56 6.46
C ILE B 127 -31.36 -49.59 7.48
N GLU B 128 -30.99 -49.36 8.74
CA GLU B 128 -31.53 -50.11 9.86
C GLU B 128 -31.65 -49.17 11.04
N PHE B 129 -32.73 -49.35 11.81
CA PHE B 129 -32.95 -48.57 13.01
C PHE B 129 -32.66 -49.43 14.24
N SER B 130 -32.15 -48.79 15.29
CA SER B 130 -31.72 -49.51 16.49
C SER B 130 -32.02 -48.67 17.71
N LEU B 131 -32.33 -49.35 18.81
CA LEU B 131 -32.61 -48.73 20.10
C LEU B 131 -31.53 -49.09 21.09
N ASN B 132 -30.95 -48.08 21.75
CA ASN B 132 -29.90 -48.28 22.73
C ASN B 132 -30.50 -48.32 24.13
N PHE B 133 -30.57 -49.50 24.72
CA PHE B 133 -31.06 -49.66 26.08
C PHE B 133 -29.92 -49.52 27.08
N GLN B 134 -30.15 -48.73 28.12
CA GLN B 134 -29.13 -48.34 29.08
C GLN B 134 -29.73 -48.45 30.47
N LYS B 135 -28.87 -48.71 31.46
CA LYS B 135 -29.31 -48.90 32.84
C LYS B 135 -30.16 -47.73 33.32
N GLY B 136 -31.41 -48.05 33.68
CA GLY B 136 -32.35 -47.13 34.29
C GLY B 136 -32.39 -45.73 33.72
N SER B 137 -32.42 -45.61 32.40
CA SER B 137 -32.41 -44.30 31.78
C SER B 137 -33.10 -44.38 30.43
N HIS B 138 -33.46 -43.21 29.92
CA HIS B 138 -34.13 -43.10 28.64
C HIS B 138 -33.39 -43.87 27.55
N ARG B 139 -34.15 -44.61 26.77
CA ARG B 139 -33.63 -45.36 25.64
C ARG B 139 -33.28 -44.40 24.50
N LEU B 140 -32.28 -44.78 23.69
CA LEU B 140 -31.78 -43.96 22.58
C LEU B 140 -32.00 -44.65 21.23
N LEU B 141 -31.82 -43.87 20.16
CA LEU B 141 -32.11 -44.31 18.80
C LEU B 141 -30.87 -44.27 17.92
N ARG B 142 -30.57 -45.38 17.26
CA ARG B 142 -29.44 -45.49 16.35
C ARG B 142 -29.96 -45.62 14.92
N ILE B 143 -29.36 -44.85 13.99
CA ILE B 143 -29.59 -45.02 12.55
C ILE B 143 -28.26 -45.35 11.90
N GLY B 144 -28.20 -46.48 11.22
CA GLY B 144 -27.05 -46.72 10.39
C GLY B 144 -27.49 -46.88 8.96
N PHE B 145 -26.94 -46.11 8.02
CA PHE B 145 -27.43 -46.28 6.66
C PHE B 145 -26.33 -45.94 5.68
N GLU B 146 -26.45 -46.47 4.46
CA GLU B 146 -25.49 -46.25 3.39
C GLU B 146 -26.14 -45.42 2.31
N PRO B 147 -25.58 -44.27 1.95
CA PRO B 147 -26.14 -43.48 0.84
C PRO B 147 -26.06 -44.23 -0.46
N VAL B 148 -27.04 -44.02 -1.33
CA VAL B 148 -27.12 -44.67 -2.63
C VAL B 148 -27.64 -43.67 -3.66
N SER B 149 -27.24 -43.83 -4.92
CA SER B 149 -27.86 -43.11 -6.04
C SER B 149 -28.12 -44.12 -7.16
N PHE B 150 -28.68 -43.63 -8.25
CA PHE B 150 -28.89 -44.51 -9.40
C PHE B 150 -27.56 -44.88 -10.05
N LEU B 151 -26.49 -44.13 -9.79
CA LEU B 151 -25.18 -44.49 -10.30
C LEU B 151 -24.57 -45.67 -9.56
N SER B 152 -25.07 -45.98 -8.38
CA SER B 152 -24.49 -47.03 -7.56
C SER B 152 -24.62 -48.38 -8.25
N GLY B 153 -23.48 -49.05 -8.46
CA GLY B 153 -23.42 -50.31 -9.16
C GLY B 153 -23.29 -50.21 -10.66
N SER B 154 -23.18 -49.01 -11.22
CA SER B 154 -23.04 -48.83 -12.65
C SER B 154 -21.58 -48.89 -13.05
N SER B 155 -21.34 -48.64 -14.33
CA SER B 155 -19.96 -48.49 -14.77
C SER B 155 -19.30 -47.31 -14.06
N GLN B 156 -20.06 -46.26 -13.78
CA GLN B 156 -19.44 -45.04 -13.26
C GLN B 156 -19.03 -45.20 -11.80
N ASP B 157 -19.86 -45.87 -10.99
CA ASP B 157 -19.58 -46.09 -9.57
C ASP B 157 -20.04 -47.48 -9.17
N PRO B 158 -19.23 -48.50 -9.47
CA PRO B 158 -19.64 -49.88 -9.19
C PRO B 158 -19.56 -50.30 -7.73
N PHE B 159 -19.05 -49.44 -6.84
CA PHE B 159 -18.82 -49.81 -5.44
C PHE B 159 -19.12 -48.65 -4.51
N ASN B 160 -20.17 -47.88 -4.83
CA ASN B 160 -20.72 -46.81 -3.97
C ASN B 160 -19.67 -45.93 -3.30
N ARG B 161 -18.77 -45.37 -4.07
CA ARG B 161 -17.96 -44.36 -3.40
C ARG B 161 -18.54 -42.96 -3.56
N ILE B 162 -19.24 -42.64 -4.64
CA ILE B 162 -19.66 -41.27 -4.86
C ILE B 162 -20.68 -40.82 -3.82
N PRO B 163 -21.74 -41.58 -3.54
CA PRO B 163 -22.74 -41.09 -2.58
C PRO B 163 -22.19 -40.89 -1.19
N ILE B 164 -21.12 -41.62 -0.83
CA ILE B 164 -20.52 -41.47 0.49
C ILE B 164 -19.95 -40.07 0.67
N THR B 165 -19.21 -39.60 -0.33
CA THR B 165 -18.65 -38.26 -0.27
C THR B 165 -19.71 -37.19 -0.50
N ASP B 166 -20.80 -37.51 -1.21
CA ASP B 166 -21.91 -36.54 -1.34
C ASP B 166 -22.53 -36.26 0.02
N LEU B 167 -22.89 -37.32 0.75
CA LEU B 167 -23.52 -37.10 2.05
C LEU B 167 -22.56 -36.45 3.03
N LEU B 168 -21.28 -36.77 2.93
CA LEU B 168 -20.32 -36.24 3.88
C LEU B 168 -20.15 -34.73 3.71
N ASN B 169 -20.30 -34.20 2.49
CA ASN B 169 -20.20 -32.76 2.34
C ASN B 169 -21.37 -32.04 2.97
N ARG B 170 -22.59 -32.55 2.76
CA ARG B 170 -23.77 -31.89 3.36
C ARG B 170 -23.66 -31.91 4.88
N LEU B 171 -23.20 -33.03 5.44
CA LEU B 171 -23.06 -33.13 6.89
C LEU B 171 -22.13 -32.04 7.42
N SER B 172 -21.07 -31.74 6.67
CA SER B 172 -20.19 -30.67 7.10
C SER B 172 -20.83 -29.30 6.89
N LYS B 173 -21.67 -29.13 5.85
CA LYS B 173 -22.35 -27.85 5.66
C LYS B 173 -23.26 -27.56 6.85
N LEU B 174 -24.02 -28.57 7.28
CA LEU B 174 -24.78 -28.49 8.53
C LEU B 174 -23.81 -28.24 9.67
N GLN B 175 -23.99 -27.11 10.34
CA GLN B 175 -23.09 -26.72 11.42
C GLN B 175 -23.38 -27.62 12.63
N LEU B 176 -22.58 -28.66 12.77
CA LEU B 176 -22.73 -29.67 13.81
C LEU B 176 -21.65 -29.48 14.86
N SER B 177 -22.06 -29.58 16.12
CA SER B 177 -21.11 -29.41 17.22
C SER B 177 -20.04 -30.48 17.16
N ASN B 178 -18.77 -30.03 17.10
CA ASN B 178 -17.60 -30.90 17.19
C ASN B 178 -17.64 -31.99 16.12
N PHE B 179 -17.77 -31.54 14.88
CA PHE B 179 -17.80 -32.43 13.71
C PHE B 179 -16.48 -32.27 12.97
N ASP B 180 -15.61 -33.26 13.09
CA ASP B 180 -14.32 -33.26 12.41
C ASP B 180 -14.14 -34.55 11.63
N THR B 181 -13.91 -34.40 10.32
CA THR B 181 -13.75 -35.50 9.38
C THR B 181 -12.31 -36.00 9.16
N PRO B 182 -11.23 -35.32 9.62
CA PRO B 182 -9.88 -35.79 9.24
C PRO B 182 -9.60 -37.25 9.54
N PHE B 183 -10.16 -37.79 10.60
CA PHE B 183 -9.80 -39.15 10.95
C PHE B 183 -10.47 -40.14 9.99
N PHE B 184 -11.77 -39.94 9.74
CA PHE B 184 -12.48 -40.76 8.76
C PHE B 184 -11.89 -40.64 7.36
N GLN B 185 -11.54 -39.42 6.92
CA GLN B 185 -10.92 -39.23 5.62
C GLN B 185 -9.65 -40.05 5.50
N HIS B 186 -8.90 -40.16 6.59
CA HIS B 186 -7.70 -40.97 6.60
C HIS B 186 -8.01 -42.42 6.25
N LEU B 187 -9.07 -42.97 6.86
CA LEU B 187 -9.37 -44.38 6.62
C LEU B 187 -9.90 -44.60 5.22
N LEU B 188 -10.57 -43.62 4.63
CA LEU B 188 -10.95 -43.76 3.21
C LEU B 188 -9.73 -43.79 2.32
N SER B 189 -8.78 -42.88 2.55
CA SER B 189 -7.60 -42.80 1.69
C SER B 189 -6.83 -44.12 1.66
N LYS B 190 -6.77 -44.81 2.80
CA LYS B 190 -6.07 -46.09 2.86
C LYS B 190 -6.80 -47.18 2.08
N PHE B 191 -8.12 -47.15 2.08
CA PHE B 191 -8.90 -48.21 1.48
C PHE B 191 -9.50 -47.86 0.13
N GLN B 192 -9.11 -46.72 -0.45
CA GLN B 192 -9.59 -46.43 -1.80
C GLN B 192 -9.00 -47.40 -2.80
N LEU B 193 -9.58 -47.38 -3.99
CA LEU B 193 -9.14 -48.29 -5.04
C LEU B 193 -9.19 -47.61 -6.40
N SER B 194 -8.05 -47.63 -7.10
CA SER B 194 -7.89 -47.07 -8.44
C SER B 194 -7.57 -48.21 -9.40
N LEU B 195 -8.48 -48.47 -10.33
CA LEU B 195 -8.36 -49.51 -11.37
C LEU B 195 -8.04 -50.86 -10.76
N SER B 196 -8.04 -50.92 -9.43
CA SER B 196 -8.38 -52.15 -8.76
C SER B 196 -9.80 -52.53 -9.12
N GLU B 197 -10.62 -51.50 -9.41
CA GLU B 197 -11.95 -51.68 -9.94
C GLU B 197 -11.96 -52.57 -11.17
N VAL B 198 -10.90 -52.51 -11.99
CA VAL B 198 -10.85 -53.33 -13.19
C VAL B 198 -10.82 -54.81 -12.82
N ARG B 199 -9.95 -55.18 -11.89
CA ARG B 199 -9.93 -56.56 -11.40
C ARG B 199 -11.21 -56.89 -10.63
N GLN B 200 -11.75 -55.90 -9.91
CA GLN B 200 -13.02 -56.08 -9.23
C GLN B 200 -14.15 -56.30 -10.23
N LEU B 201 -14.20 -55.48 -11.29
CA LEU B 201 -15.11 -55.76 -12.39
C LEU B 201 -14.89 -57.17 -12.92
N GLN B 202 -13.62 -57.61 -12.96
CA GLN B 202 -13.27 -58.92 -13.48
C GLN B 202 -13.66 -60.04 -12.52
N LYS B 203 -13.84 -59.76 -11.23
CA LYS B 203 -14.08 -60.83 -10.26
C LYS B 203 -15.45 -61.46 -10.42
N GLN B 204 -16.38 -60.81 -11.14
CA GLN B 204 -17.79 -61.19 -11.12
C GLN B 204 -17.91 -62.49 -11.91
N GLY B 205 -17.60 -63.59 -11.24
CA GLY B 205 -17.73 -64.93 -11.79
C GLY B 205 -18.77 -65.71 -11.02
N SER B 206 -19.69 -66.33 -11.75
CA SER B 206 -20.69 -67.18 -11.12
C SER B 206 -20.05 -68.45 -10.57
N GLY B 207 -19.07 -69.00 -11.29
CA GLY B 207 -18.36 -70.19 -10.87
C GLY B 207 -17.56 -69.99 -9.60
N PRO B 208 -16.59 -69.06 -9.63
CA PRO B 208 -15.92 -68.68 -8.38
C PRO B 208 -16.69 -67.58 -7.66
N ASP B 209 -17.44 -67.95 -6.63
CA ASP B 209 -18.28 -66.99 -5.91
C ASP B 209 -17.47 -65.78 -5.45
N ALA B 210 -17.82 -64.61 -5.98
CA ALA B 210 -17.09 -63.39 -5.69
C ALA B 210 -18.08 -62.23 -5.65
N HIS B 211 -19.12 -62.38 -4.85
CA HIS B 211 -20.10 -61.32 -4.64
C HIS B 211 -20.65 -61.31 -3.22
N PRO B 212 -19.79 -61.39 -2.17
CA PRO B 212 -20.33 -61.38 -0.80
C PRO B 212 -20.83 -60.01 -0.40
N LEU B 213 -20.01 -58.98 -0.63
CA LEU B 213 -20.31 -57.62 -0.25
C LEU B 213 -19.66 -56.73 -1.30
N LYS B 214 -20.36 -55.64 -1.64
CA LYS B 214 -19.84 -54.70 -2.62
C LYS B 214 -19.74 -53.29 -2.07
N SER B 215 -20.20 -53.02 -0.86
CA SER B 215 -20.11 -51.68 -0.32
C SER B 215 -18.67 -51.35 0.04
N GLN B 216 -18.38 -50.06 0.09
CA GLN B 216 -17.06 -49.60 0.43
C GLN B 216 -17.04 -48.73 1.67
N ALA B 217 -18.17 -48.17 2.08
CA ALA B 217 -18.26 -47.39 3.31
C ALA B 217 -19.74 -47.10 3.58
N ALA B 218 -20.03 -46.72 4.82
CA ALA B 218 -21.39 -46.42 5.24
C ALA B 218 -21.32 -45.51 6.46
N PHE B 219 -22.49 -45.02 6.86
CA PHE B 219 -22.60 -44.08 7.95
C PHE B 219 -23.48 -44.62 9.06
N GLY B 220 -23.37 -43.96 10.20
CA GLY B 220 -24.23 -44.21 11.33
C GLY B 220 -24.58 -42.91 12.03
N PHE B 221 -25.82 -42.81 12.49
CA PHE B 221 -26.33 -41.60 13.11
C PHE B 221 -26.91 -41.94 14.46
N ASP B 222 -26.37 -41.30 15.49
CA ASP B 222 -26.83 -41.48 16.85
C ASP B 222 -27.53 -40.21 17.29
N PHE B 223 -28.77 -40.36 17.77
CA PHE B 223 -29.63 -39.27 18.20
C PHE B 223 -29.65 -39.29 19.73
N ASN B 224 -28.81 -38.48 20.35
CA ASN B 224 -28.84 -38.44 21.81
C ASN B 224 -29.98 -37.52 22.25
N PRO B 225 -30.39 -37.57 23.53
CA PRO B 225 -31.62 -36.84 23.92
C PRO B 225 -31.50 -35.34 23.81
N ASP B 226 -30.29 -34.81 23.73
CA ASP B 226 -30.09 -33.39 23.45
C ASP B 226 -30.28 -33.10 21.96
N GLY B 227 -30.25 -31.83 21.61
CA GLY B 227 -30.34 -31.46 20.21
C GLY B 227 -29.01 -31.60 19.50
N ALA B 228 -28.52 -32.83 19.37
CA ALA B 228 -27.22 -33.10 18.76
C ALA B 228 -27.25 -34.47 18.11
N ILE B 229 -26.62 -34.59 16.95
CA ILE B 229 -26.31 -35.87 16.34
C ILE B 229 -24.82 -36.15 16.47
N LEU B 230 -24.49 -37.35 16.95
CA LEU B 230 -23.15 -37.88 16.78
C LEU B 230 -23.13 -38.73 15.51
N VAL B 231 -22.25 -38.41 14.59
CA VAL B 231 -22.18 -39.10 13.31
C VAL B 231 -21.09 -40.16 13.39
N LYS B 232 -21.37 -41.33 12.86
CA LYS B 232 -20.45 -42.46 12.92
C LYS B 232 -20.21 -43.00 11.53
N GLY B 233 -18.94 -43.31 11.21
CA GLY B 233 -18.61 -43.80 9.88
C GLY B 233 -18.05 -45.21 9.82
N TYR B 234 -18.14 -45.84 8.65
CA TYR B 234 -17.76 -47.23 8.47
C TYR B 234 -16.95 -47.35 7.20
N VAL B 235 -16.05 -48.33 7.18
CA VAL B 235 -15.20 -48.61 6.04
C VAL B 235 -15.17 -50.12 5.84
N PHE B 236 -15.20 -50.57 4.59
CA PHE B 236 -15.32 -51.99 4.29
C PHE B 236 -14.14 -52.50 3.49
N PRO B 237 -13.19 -53.18 4.14
CA PRO B 237 -11.91 -53.51 3.52
C PRO B 237 -11.92 -54.70 2.61
N TYR B 238 -12.98 -55.52 2.62
CA TYR B 238 -12.98 -56.74 1.82
C TYR B 238 -12.56 -56.47 0.39
N LEU B 239 -13.02 -55.37 -0.17
CA LEU B 239 -12.76 -55.12 -1.58
C LEU B 239 -11.31 -54.71 -1.79
N LYS B 240 -10.78 -53.82 -0.94
CA LYS B 240 -9.40 -53.39 -1.09
C LYS B 240 -8.42 -54.55 -0.92
N ALA B 241 -8.67 -55.43 0.05
CA ALA B 241 -7.81 -56.59 0.26
C ALA B 241 -8.01 -57.64 -0.84
N LYS B 242 -9.24 -57.81 -1.31
CA LYS B 242 -9.48 -58.75 -2.41
C LYS B 242 -8.67 -58.39 -3.63
N ALA B 243 -8.56 -57.10 -3.95
CA ALA B 243 -7.85 -56.66 -5.15
C ALA B 243 -6.34 -56.77 -4.99
N ALA B 244 -5.82 -56.29 -3.87
CA ALA B 244 -4.38 -56.33 -3.69
C ALA B 244 -3.86 -57.75 -3.45
N ASP B 245 -4.76 -58.72 -3.31
CA ASP B 245 -4.44 -60.11 -2.97
C ASP B 245 -3.64 -60.18 -1.67
N VAL B 246 -4.06 -59.39 -0.69
CA VAL B 246 -3.35 -59.23 0.57
C VAL B 246 -4.34 -59.60 1.67
N PRO B 247 -3.92 -60.28 2.75
CA PRO B 247 -4.86 -60.66 3.81
C PRO B 247 -5.63 -59.46 4.36
N VAL B 248 -6.92 -59.70 4.64
CA VAL B 248 -7.86 -58.63 4.97
C VAL B 248 -7.38 -57.84 6.19
N GLY B 249 -6.71 -58.49 7.12
CA GLY B 249 -6.28 -57.83 8.34
C GLY B 249 -4.96 -57.11 8.26
N THR B 250 -4.06 -57.57 7.39
CA THR B 250 -2.71 -57.00 7.39
C THR B 250 -2.74 -55.51 7.07
N LEU B 251 -3.61 -55.08 6.15
CA LEU B 251 -3.71 -53.68 5.80
C LEU B 251 -4.59 -52.90 6.76
N ILE B 252 -5.38 -53.59 7.59
CA ILE B 252 -6.04 -52.90 8.70
C ILE B 252 -4.99 -52.36 9.66
N ALA B 253 -3.92 -53.13 9.85
CA ALA B 253 -2.87 -52.72 10.77
C ALA B 253 -2.12 -51.51 10.25
N GLU B 254 -1.77 -51.50 8.96
CA GLU B 254 -1.12 -50.32 8.41
C GLU B 254 -2.05 -49.13 8.49
N ALA B 255 -3.35 -49.35 8.30
CA ALA B 255 -4.30 -48.27 8.48
C ALA B 255 -4.19 -47.69 9.88
N VAL B 256 -4.02 -48.54 10.89
CA VAL B 256 -3.85 -48.02 12.24
C VAL B 256 -2.46 -47.45 12.42
N ARG B 257 -1.44 -48.07 11.81
CA ARG B 257 -0.09 -47.58 11.99
C ARG B 257 0.12 -46.23 11.30
N THR B 258 -0.54 -46.02 10.16
CA THR B 258 -0.39 -44.76 9.44
C THR B 258 -0.89 -43.58 10.27
N ILE B 259 -1.94 -43.78 11.06
CA ILE B 259 -2.32 -42.73 12.01
C ILE B 259 -1.46 -42.79 13.27
N ASP B 260 -0.80 -43.93 13.54
CA ASP B 260 0.05 -44.06 14.71
C ASP B 260 1.23 -43.09 14.66
N VAL B 261 1.84 -42.92 13.49
CA VAL B 261 2.89 -41.92 13.39
C VAL B 261 2.29 -40.53 13.55
N GLU B 262 1.01 -40.35 13.16
CA GLU B 262 0.31 -39.10 13.43
C GLU B 262 0.03 -38.95 14.92
N ARG B 263 -0.61 -39.96 15.54
CA ARG B 263 -0.73 -39.99 16.99
C ARG B 263 -0.81 -41.45 17.42
N ASN B 264 -0.09 -41.79 18.48
CA ASN B 264 0.26 -43.17 18.82
C ASN B 264 -0.33 -43.55 20.17
N GLN B 265 -1.66 -43.58 20.26
CA GLN B 265 -2.35 -44.00 21.47
C GLN B 265 -3.26 -45.20 21.26
N PHE B 266 -3.37 -45.68 20.03
CA PHE B 266 -4.15 -46.87 19.74
C PHE B 266 -3.26 -48.10 19.62
N THR B 267 -1.94 -47.90 19.61
CA THR B 267 -1.01 -48.99 19.33
C THR B 267 -1.17 -50.14 20.32
N HIS B 268 -1.17 -49.83 21.61
CA HIS B 268 -1.24 -50.88 22.63
C HIS B 268 -2.55 -51.64 22.53
N ALA B 269 -3.66 -50.92 22.55
CA ALA B 269 -4.96 -51.55 22.50
C ALA B 269 -5.14 -52.37 21.22
N PHE B 270 -4.77 -51.79 20.07
CA PHE B 270 -5.03 -52.46 18.81
C PHE B 270 -4.14 -53.68 18.64
N GLY B 271 -2.85 -53.54 18.90
CA GLY B 271 -1.94 -54.68 18.80
C GLY B 271 -2.40 -55.86 19.62
N LEU B 272 -3.10 -55.58 20.73
CA LEU B 272 -3.66 -56.65 21.53
C LEU B 272 -4.78 -57.36 20.78
N ILE B 273 -5.53 -56.65 19.93
CA ILE B 273 -6.59 -57.30 19.16
C ILE B 273 -5.98 -58.16 18.05
N ASN B 274 -5.00 -57.63 17.31
CA ASN B 274 -4.39 -58.40 16.22
C ASN B 274 -3.83 -59.71 16.70
N ASP B 275 -3.13 -59.69 17.84
CA ASP B 275 -2.46 -60.89 18.31
C ASP B 275 -3.45 -62.02 18.53
N TYR B 276 -4.60 -61.71 19.16
CA TYR B 276 -5.63 -62.74 19.28
C TYR B 276 -6.15 -63.17 17.91
N MET B 277 -6.38 -62.22 17.00
CA MET B 277 -6.98 -62.59 15.73
C MET B 277 -6.02 -63.38 14.85
N GLN B 278 -4.71 -63.15 14.96
CA GLN B 278 -3.76 -64.01 14.26
C GLN B 278 -3.73 -65.41 14.86
N GLU B 279 -3.67 -65.51 16.19
CA GLU B 279 -3.70 -66.82 16.84
C GLU B 279 -4.98 -67.58 16.47
N SER B 280 -6.11 -66.86 16.42
CA SER B 280 -7.42 -67.45 16.19
C SER B 280 -7.57 -67.89 14.74
N THR B 281 -8.76 -68.44 14.46
CA THR B 281 -9.14 -68.70 13.08
C THR B 281 -8.95 -67.45 12.22
N GLY B 282 -8.93 -66.30 12.86
CA GLY B 282 -8.65 -65.07 12.17
C GLY B 282 -9.89 -64.30 11.77
N TYR B 283 -9.73 -62.99 11.69
CA TYR B 283 -10.71 -62.10 11.13
C TYR B 283 -10.61 -62.15 9.61
N ASN B 284 -11.75 -62.41 8.96
CA ASN B 284 -11.88 -62.96 7.64
C ASN B 284 -12.45 -61.91 6.68
N GLU B 285 -13.19 -62.36 5.69
CA GLU B 285 -13.75 -61.48 4.68
C GLU B 285 -14.73 -60.48 5.29
N TYR B 286 -15.51 -60.94 6.28
CA TYR B 286 -16.57 -60.16 6.92
C TYR B 286 -16.04 -59.11 7.90
N THR B 287 -14.78 -59.17 8.30
CA THR B 287 -14.24 -58.16 9.21
C THR B 287 -14.20 -56.81 8.50
N PHE B 288 -14.33 -55.75 9.29
CA PHE B 288 -14.42 -54.39 8.78
C PHE B 288 -14.24 -53.46 9.97
N LEU B 289 -14.32 -52.17 9.72
CA LEU B 289 -13.77 -51.19 10.65
C LEU B 289 -14.79 -50.09 10.93
N SER B 290 -14.62 -49.39 12.04
CA SER B 290 -15.57 -48.37 12.48
C SER B 290 -14.81 -47.15 13.04
N CYS B 291 -15.51 -46.03 13.13
CA CYS B 291 -14.86 -44.74 13.38
C CYS B 291 -15.89 -43.73 13.84
N ASP B 292 -15.43 -42.70 14.55
CA ASP B 292 -16.29 -41.58 14.92
C ASP B 292 -15.80 -40.28 14.25
N PHE B 293 -16.78 -39.43 13.87
CA PHE B 293 -16.52 -38.13 13.22
C PHE B 293 -16.21 -37.03 14.20
N VAL B 294 -15.78 -37.41 15.39
CA VAL B 294 -15.33 -36.44 16.38
C VAL B 294 -13.82 -36.27 16.26
N GLU B 295 -13.30 -35.28 16.98
CA GLU B 295 -11.87 -35.03 17.14
C GLU B 295 -11.11 -36.29 17.57
N THR B 296 -9.81 -36.35 17.19
CA THR B 296 -8.99 -37.56 17.43
C THR B 296 -8.85 -37.91 18.91
N SER B 297 -8.65 -36.93 19.78
CA SER B 297 -8.42 -37.21 21.20
C SER B 297 -9.62 -37.90 21.84
N GLU B 298 -10.85 -37.47 21.53
CA GLU B 298 -12.06 -38.14 21.99
C GLU B 298 -12.50 -39.28 21.10
N GLN B 299 -11.69 -39.67 20.12
CA GLN B 299 -12.20 -40.63 19.15
C GLN B 299 -12.23 -42.04 19.72
N ARG B 300 -13.22 -42.79 19.26
CA ARG B 300 -13.52 -44.14 19.70
C ARG B 300 -13.59 -45.02 18.46
N LEU B 301 -12.47 -45.63 18.07
CA LEU B 301 -12.51 -46.44 16.86
C LEU B 301 -12.78 -47.90 17.21
N LYS B 302 -13.38 -48.61 16.26
CA LYS B 302 -13.89 -49.95 16.52
C LYS B 302 -13.46 -50.88 15.40
N ILE B 303 -13.33 -52.16 15.71
CA ILE B 303 -13.04 -53.22 14.73
C ILE B 303 -14.12 -54.27 14.86
N TYR B 304 -14.86 -54.49 13.79
CA TYR B 304 -15.91 -55.49 13.84
C TYR B 304 -15.44 -56.74 13.08
N GLY B 305 -16.27 -57.77 13.12
CA GLY B 305 -15.96 -59.00 12.40
C GLY B 305 -17.07 -59.99 12.64
N ALA B 306 -17.01 -61.09 11.89
CA ALA B 306 -18.07 -62.09 11.93
C ALA B 306 -17.47 -63.48 12.04
N HIS B 307 -18.23 -64.36 12.68
CA HIS B 307 -17.92 -65.78 12.74
C HIS B 307 -19.20 -66.58 12.62
N THR B 308 -19.09 -67.77 12.03
CA THR B 308 -20.17 -68.73 12.09
C THR B 308 -19.97 -69.76 13.20
N GLU B 309 -18.79 -69.76 13.82
CA GLU B 309 -18.47 -70.65 14.93
C GLU B 309 -19.27 -70.25 16.17
N VAL B 310 -20.21 -71.09 16.57
CA VAL B 310 -21.06 -70.81 17.73
C VAL B 310 -20.93 -71.95 18.72
N THR B 311 -20.00 -71.81 19.65
CA THR B 311 -20.05 -72.54 20.90
C THR B 311 -19.90 -71.50 21.99
N TRP B 312 -20.53 -71.76 23.14
CA TRP B 312 -20.32 -70.87 24.26
C TRP B 312 -18.84 -70.71 24.58
N ALA B 313 -18.06 -71.79 24.41
CA ALA B 313 -16.63 -71.74 24.66
C ALA B 313 -15.92 -70.75 23.73
N LYS B 314 -16.28 -70.78 22.44
CA LYS B 314 -15.61 -69.87 21.50
C LYS B 314 -16.01 -68.43 21.78
N ILE B 315 -17.26 -68.20 22.18
CA ILE B 315 -17.66 -66.87 22.62
C ILE B 315 -16.81 -66.44 23.80
N ALA B 316 -16.55 -67.39 24.70
CA ALA B 316 -15.63 -67.10 25.80
C ALA B 316 -14.20 -66.88 25.28
N GLU B 317 -13.76 -67.65 24.28
CA GLU B 317 -12.41 -67.41 23.76
C GLU B 317 -12.30 -66.00 23.23
N MET B 318 -13.36 -65.50 22.60
CA MET B 318 -13.30 -64.20 21.95
C MET B 318 -13.39 -63.06 22.96
N TRP B 319 -14.38 -63.12 23.85
CA TRP B 319 -14.54 -62.04 24.83
C TRP B 319 -13.27 -61.91 25.67
N THR B 320 -12.79 -63.02 26.21
CA THR B 320 -11.62 -63.06 27.08
C THR B 320 -10.31 -62.96 26.33
N LEU B 321 -10.10 -63.87 25.38
CA LEU B 321 -8.82 -64.13 24.69
C LEU B 321 -7.80 -64.48 25.77
N GLY B 322 -6.67 -63.82 25.85
CA GLY B 322 -5.83 -64.08 27.00
C GLY B 322 -5.68 -62.85 27.85
N GLY B 323 -5.08 -61.81 27.26
CA GLY B 323 -4.58 -60.70 28.05
C GLY B 323 -5.67 -59.98 28.84
N ARG B 324 -6.80 -59.69 28.21
CA ARG B 324 -7.74 -58.80 28.86
C ARG B 324 -8.51 -59.49 29.99
N LEU B 325 -8.40 -60.82 30.10
CA LEU B 325 -8.99 -61.56 31.21
C LEU B 325 -8.42 -61.11 32.55
N ILE B 326 -7.10 -61.25 32.70
CA ILE B 326 -6.45 -61.04 33.99
C ILE B 326 -6.54 -59.57 34.39
N GLU B 327 -6.16 -58.69 33.47
CA GLU B 327 -5.76 -57.35 33.86
C GLU B 327 -6.95 -56.52 34.32
N GLU B 328 -8.15 -56.85 33.87
CA GLU B 328 -9.34 -56.11 34.27
C GLU B 328 -10.47 -57.07 34.61
N PRO B 329 -11.29 -56.70 35.60
CA PRO B 329 -12.45 -57.55 35.97
C PRO B 329 -13.69 -57.33 35.13
N GLU B 330 -13.83 -56.18 34.46
CA GLU B 330 -15.04 -55.91 33.68
C GLU B 330 -15.31 -57.03 32.70
N ILE B 331 -14.30 -57.40 31.93
CA ILE B 331 -14.41 -58.54 31.01
C ILE B 331 -15.00 -59.74 31.71
N ILE B 332 -14.54 -60.01 32.93
CA ILE B 332 -15.02 -61.16 33.70
C ILE B 332 -16.45 -60.94 34.16
N ALA B 333 -16.72 -59.75 34.72
CA ALA B 333 -18.08 -59.47 35.18
C ALA B 333 -19.05 -59.47 34.01
N GLY B 334 -18.70 -58.74 32.95
CA GLY B 334 -19.58 -58.63 31.80
C GLY B 334 -19.83 -59.96 31.11
N LEU B 335 -18.81 -60.83 31.08
CA LEU B 335 -19.02 -62.11 30.43
C LEU B 335 -20.03 -62.94 31.21
N ALA B 336 -20.05 -62.81 32.53
CA ALA B 336 -21.00 -63.57 33.33
C ALA B 336 -22.43 -63.22 32.93
N ARG B 337 -22.78 -61.94 32.94
CA ARG B 337 -24.11 -61.52 32.52
C ARG B 337 -24.42 -61.92 31.07
N LEU B 338 -23.40 -62.01 30.22
CA LEU B 338 -23.64 -62.41 28.85
C LEU B 338 -24.06 -63.87 28.76
N LYS B 339 -23.67 -64.69 29.73
CA LYS B 339 -23.99 -66.11 29.69
C LYS B 339 -25.49 -66.35 29.84
N GLN B 340 -26.17 -65.52 30.63
CA GLN B 340 -27.57 -65.80 30.88
C GLN B 340 -28.45 -65.39 29.69
N ILE B 341 -28.12 -64.29 29.02
CA ILE B 341 -28.85 -63.97 27.81
C ILE B 341 -28.58 -64.99 26.72
N TRP B 342 -27.39 -65.59 26.69
CA TRP B 342 -27.18 -66.65 25.71
C TRP B 342 -28.15 -67.79 25.96
N SER B 343 -28.36 -68.15 27.23
CA SER B 343 -29.23 -69.26 27.60
C SER B 343 -30.72 -68.88 27.62
N LEU B 344 -31.04 -67.63 27.95
CA LEU B 344 -32.43 -67.19 27.79
C LEU B 344 -32.88 -67.34 26.36
N LEU B 345 -31.98 -67.05 25.41
CA LEU B 345 -32.31 -67.05 24.00
C LEU B 345 -31.84 -68.38 23.40
N GLN B 346 -32.59 -69.43 23.72
CA GLN B 346 -32.32 -70.73 23.13
C GLN B 346 -32.52 -70.61 21.63
N ILE B 347 -31.43 -70.72 20.86
CA ILE B 347 -31.49 -70.45 19.43
C ILE B 347 -32.13 -71.63 18.70
N GLY B 348 -32.67 -72.59 19.47
CA GLY B 348 -33.50 -73.64 18.92
C GLY B 348 -32.77 -74.77 18.24
N GLU B 349 -31.44 -74.76 18.20
CA GLU B 349 -30.67 -75.87 17.64
C GLU B 349 -30.15 -76.81 18.73
N GLY B 350 -30.49 -76.54 19.99
CA GLY B 350 -30.10 -77.40 21.10
C GLY B 350 -31.17 -77.39 22.17
N SER B 371 -25.40 -70.69 14.83
CA SER B 371 -25.72 -69.39 15.42
C SER B 371 -24.58 -68.41 15.19
N PRO B 372 -24.43 -67.98 13.94
CA PRO B 372 -23.31 -67.08 13.61
C PRO B 372 -23.45 -65.76 14.33
N ILE B 373 -22.33 -65.22 14.82
CA ILE B 373 -22.38 -64.00 15.61
C ILE B 373 -21.39 -62.98 15.06
N ILE B 374 -21.66 -61.71 15.37
CA ILE B 374 -20.77 -60.60 15.04
C ILE B 374 -20.11 -60.14 16.33
N TRP B 375 -18.87 -59.65 16.20
CA TRP B 375 -18.09 -59.16 17.32
C TRP B 375 -17.55 -57.77 17.03
N ASN B 376 -17.04 -57.14 18.10
CA ASN B 376 -16.65 -55.74 18.12
C ASN B 376 -15.69 -55.52 19.29
N TYR B 377 -14.63 -54.76 19.05
CA TYR B 377 -13.72 -54.34 20.11
C TYR B 377 -13.49 -52.84 19.99
N GLU B 378 -13.81 -52.10 21.06
CA GLU B 378 -13.82 -50.64 21.06
C GLU B 378 -12.53 -50.08 21.66
N ILE B 379 -11.68 -49.50 20.82
CA ILE B 379 -10.37 -48.97 21.25
C ILE B 379 -10.51 -47.49 21.56
N HIS B 380 -10.17 -47.12 22.79
CA HIS B 380 -10.24 -45.75 23.23
C HIS B 380 -8.83 -45.29 23.57
N PRO B 381 -8.41 -44.10 23.14
CA PRO B 381 -7.02 -43.69 23.43
C PRO B 381 -6.79 -43.45 24.90
N GLY B 382 -7.79 -42.92 25.62
CA GLY B 382 -7.72 -42.69 27.05
C GLY B 382 -7.62 -43.95 27.91
N SER B 383 -7.54 -45.12 27.26
CA SER B 383 -7.34 -46.38 27.96
C SER B 383 -6.46 -47.30 27.11
N ARG B 384 -6.09 -48.44 27.69
CA ARG B 384 -5.40 -49.50 26.97
C ARG B 384 -6.17 -50.81 27.05
N PHE B 385 -7.47 -50.71 27.32
CA PHE B 385 -8.37 -51.87 27.41
C PHE B 385 -9.54 -51.66 26.45
N PRO B 386 -9.52 -52.32 25.30
CA PRO B 386 -10.69 -52.27 24.39
C PRO B 386 -11.97 -52.97 24.95
N VAL B 387 -13.14 -52.32 24.87
CA VAL B 387 -14.38 -52.85 25.44
C VAL B 387 -15.03 -53.74 24.39
N PRO B 388 -15.22 -55.04 24.64
CA PRO B 388 -15.86 -55.88 23.63
C PRO B 388 -17.37 -55.71 23.56
N LYS B 389 -17.91 -56.10 22.41
CA LYS B 389 -19.33 -56.03 22.14
C LYS B 389 -19.69 -57.09 21.11
N PHE B 390 -20.68 -57.93 21.42
CA PHE B 390 -21.10 -58.98 20.50
C PHE B 390 -22.53 -58.77 20.03
N TYR B 391 -22.85 -59.28 18.84
CA TYR B 391 -24.16 -59.16 18.25
C TYR B 391 -24.77 -60.56 18.09
N LEU B 392 -26.06 -60.69 18.41
CA LEU B 392 -26.63 -62.01 18.53
C LEU B 392 -27.82 -62.20 17.61
N PRO B 393 -27.90 -63.34 16.91
CA PRO B 393 -29.00 -63.55 15.95
C PRO B 393 -30.36 -63.63 16.62
N VAL B 394 -31.29 -62.84 16.12
CA VAL B 394 -32.66 -62.89 16.59
C VAL B 394 -33.63 -63.15 15.43
N HIS B 395 -33.24 -62.75 14.21
CA HIS B 395 -33.95 -63.21 13.01
C HIS B 395 -33.89 -64.73 12.98
N GLY B 396 -35.04 -65.38 12.88
CA GLY B 396 -35.12 -66.81 13.09
C GLY B 396 -35.62 -67.19 14.48
N GLU B 397 -35.44 -66.31 15.45
CA GLU B 397 -36.00 -66.51 16.78
C GLU B 397 -37.31 -65.75 16.88
N ASN B 398 -38.30 -66.39 17.53
CA ASN B 398 -39.59 -65.75 17.71
C ASN B 398 -39.41 -64.42 18.42
N ASP B 399 -39.93 -63.36 17.81
CA ASP B 399 -39.78 -62.03 18.37
C ASP B 399 -40.49 -61.91 19.71
N LEU B 400 -41.56 -62.68 19.92
CA LEU B 400 -42.18 -62.69 21.24
C LEU B 400 -41.29 -63.44 22.22
N HIS B 401 -40.88 -64.67 21.85
CA HIS B 401 -39.88 -65.38 22.66
C HIS B 401 -38.70 -64.49 22.98
N VAL B 402 -38.27 -63.69 22.01
CA VAL B 402 -37.18 -62.75 22.26
C VAL B 402 -37.67 -61.58 23.11
N ALA B 403 -38.85 -61.05 22.81
CA ALA B 403 -39.37 -59.97 23.64
C ALA B 403 -39.51 -60.40 25.08
N ARG B 404 -40.08 -61.60 25.31
CA ARG B 404 -40.24 -62.14 26.66
C ARG B 404 -38.89 -62.36 27.33
N ALA B 405 -38.01 -63.13 26.67
CA ALA B 405 -36.73 -63.49 27.28
C ALA B 405 -35.83 -62.27 27.50
N LEU B 406 -35.92 -61.28 26.60
CA LEU B 406 -35.16 -60.05 26.78
C LEU B 406 -35.72 -59.22 27.94
N ALA B 407 -37.01 -59.39 28.26
CA ALA B 407 -37.59 -58.67 29.38
C ALA B 407 -37.17 -59.28 30.72
N GLN B 408 -37.06 -60.60 30.79
CA GLN B 408 -36.59 -61.24 32.03
C GLN B 408 -35.20 -60.76 32.40
N PHE B 409 -34.31 -60.67 31.40
CA PHE B 409 -32.92 -60.27 31.65
C PHE B 409 -32.83 -58.85 32.20
N TRP B 410 -33.86 -58.03 32.00
CA TRP B 410 -33.80 -56.71 32.62
C TRP B 410 -34.16 -56.79 34.10
N ASP B 411 -35.09 -57.67 34.46
CA ASP B 411 -35.36 -57.91 35.88
C ASP B 411 -34.16 -58.53 36.57
N SER B 412 -33.41 -59.39 35.86
CA SER B 412 -32.20 -59.97 36.45
C SER B 412 -31.20 -58.90 36.83
N LEU B 413 -31.07 -57.86 36.00
CA LEU B 413 -30.20 -56.74 36.33
C LEU B 413 -30.90 -55.71 37.18
N GLY B 414 -32.22 -55.83 37.34
CA GLY B 414 -33.04 -54.84 38.02
C GLY B 414 -33.23 -53.53 37.29
N TRP B 415 -33.84 -53.57 36.10
CA TRP B 415 -34.17 -52.34 35.38
C TRP B 415 -35.64 -52.02 35.59
N PRO B 416 -35.95 -50.81 36.05
CA PRO B 416 -37.29 -50.54 36.58
C PRO B 416 -38.42 -50.64 35.55
N GLU B 417 -38.35 -49.91 34.44
CA GLU B 417 -39.47 -49.84 33.51
C GLU B 417 -39.22 -50.54 32.19
N HIS B 418 -37.99 -50.50 31.69
CA HIS B 418 -37.64 -51.13 30.41
C HIS B 418 -38.12 -52.58 30.34
N ALA B 419 -38.08 -53.29 31.46
CA ALA B 419 -38.50 -54.69 31.46
C ALA B 419 -39.99 -54.82 31.20
N CYS B 420 -40.80 -54.01 31.89
CA CYS B 420 -42.25 -54.16 31.85
C CYS B 420 -42.86 -53.64 30.55
N ALA B 421 -42.34 -52.52 30.03
CA ALA B 421 -42.95 -51.86 28.89
C ALA B 421 -42.32 -52.22 27.56
N TYR B 422 -41.34 -53.13 27.53
CA TYR B 422 -40.70 -53.43 26.24
C TYR B 422 -41.63 -54.13 25.27
N PRO B 423 -42.21 -55.30 25.59
CA PRO B 423 -43.07 -55.96 24.59
C PRO B 423 -44.28 -55.16 24.21
N ASP B 424 -44.74 -54.25 25.08
CA ASP B 424 -45.79 -53.33 24.68
C ASP B 424 -45.22 -52.16 23.88
N THR B 425 -43.92 -51.88 23.99
CA THR B 425 -43.30 -50.92 23.09
C THR B 425 -42.88 -51.60 21.81
N LEU B 426 -43.07 -52.90 21.72
CA LEU B 426 -42.75 -53.65 20.52
C LEU B 426 -43.97 -53.85 19.64
N GLN B 427 -45.11 -54.17 20.24
CA GLN B 427 -46.34 -54.18 19.45
C GLN B 427 -46.71 -52.78 18.99
N GLN B 428 -46.34 -51.75 19.78
CA GLN B 428 -46.63 -50.38 19.39
C GLN B 428 -45.84 -49.96 18.16
N LEU B 429 -44.60 -50.44 18.03
CA LEU B 429 -43.78 -50.09 16.88
C LEU B 429 -44.27 -50.79 15.62
N TYR B 430 -44.87 -51.96 15.75
CA TYR B 430 -45.37 -52.71 14.60
C TYR B 430 -46.83 -53.11 14.81
N PRO B 431 -47.73 -52.14 14.90
CA PRO B 431 -49.15 -52.50 15.12
C PRO B 431 -49.76 -53.25 13.96
N ASP B 432 -49.27 -53.04 12.75
CA ASP B 432 -49.73 -53.81 11.59
C ASP B 432 -49.47 -55.31 11.76
N GLN B 433 -48.26 -55.67 12.21
CA GLN B 433 -47.85 -57.07 12.32
C GLN B 433 -48.21 -57.70 13.67
N ASP B 434 -48.08 -59.03 13.71
CA ASP B 434 -48.52 -59.85 14.84
C ASP B 434 -47.28 -60.41 15.55
N ILE B 435 -47.03 -59.94 16.78
CA ILE B 435 -45.89 -60.49 17.53
C ILE B 435 -46.03 -61.98 17.75
N SER B 436 -47.26 -62.50 17.69
CA SER B 436 -47.48 -63.93 17.87
C SER B 436 -46.63 -64.75 16.92
N GLN B 437 -46.54 -64.32 15.66
CA GLN B 437 -45.93 -65.14 14.62
C GLN B 437 -44.68 -64.54 14.02
N THR B 438 -44.30 -63.33 14.38
CA THR B 438 -43.20 -62.65 13.72
C THR B 438 -41.85 -63.13 14.25
N THR B 439 -40.91 -63.28 13.33
CA THR B 439 -39.53 -63.58 13.65
C THR B 439 -38.56 -62.53 13.16
N ARG B 440 -38.85 -61.90 12.03
CA ARG B 440 -37.94 -60.98 11.38
C ARG B 440 -38.06 -59.54 11.88
N LEU B 441 -38.99 -59.21 12.77
CA LEU B 441 -39.03 -57.83 13.26
C LEU B 441 -37.84 -57.48 14.13
N GLN B 442 -37.17 -58.47 14.73
CA GLN B 442 -36.00 -58.24 15.56
C GLN B 442 -34.87 -59.10 15.02
N SER B 443 -33.78 -58.45 14.64
CA SER B 443 -32.70 -59.07 13.89
C SER B 443 -31.45 -59.36 14.72
N TRP B 444 -30.95 -58.38 15.45
CA TRP B 444 -29.71 -58.56 16.18
C TRP B 444 -29.84 -57.91 17.55
N ILE B 445 -29.02 -58.38 18.49
CA ILE B 445 -28.94 -57.79 19.83
C ILE B 445 -27.47 -57.69 20.22
N SER B 446 -27.06 -56.52 20.68
CA SER B 446 -25.68 -56.25 21.05
C SER B 446 -25.51 -56.18 22.56
N TYR B 447 -24.35 -56.62 23.04
CA TYR B 447 -24.02 -56.61 24.47
C TYR B 447 -22.67 -55.96 24.70
N SER B 448 -22.62 -55.05 25.68
CA SER B 448 -21.37 -54.42 26.07
C SER B 448 -21.41 -54.21 27.58
N TYR B 449 -20.24 -54.24 28.21
CA TYR B 449 -20.15 -53.99 29.65
C TYR B 449 -18.95 -53.10 29.96
N THR B 450 -19.20 -52.02 30.70
CA THR B 450 -18.17 -51.10 31.16
C THR B 450 -18.32 -50.95 32.67
N ALA B 451 -17.23 -50.58 33.33
CA ALA B 451 -17.30 -50.26 34.75
C ALA B 451 -18.21 -49.06 34.99
N LYS B 452 -17.96 -47.97 34.26
CA LYS B 452 -18.74 -46.75 34.47
C LYS B 452 -20.16 -46.91 33.96
N ARG B 453 -20.32 -47.43 32.74
CA ARG B 453 -21.63 -47.47 32.08
C ARG B 453 -22.55 -48.59 32.58
N GLY B 454 -22.01 -49.65 33.15
CA GLY B 454 -22.83 -50.81 33.45
C GLY B 454 -23.05 -51.62 32.20
N VAL B 455 -24.31 -51.94 31.89
CA VAL B 455 -24.62 -52.79 30.74
C VAL B 455 -25.16 -51.94 29.61
N TYR B 456 -24.44 -51.94 28.49
CA TYR B 456 -24.94 -51.49 27.21
C TYR B 456 -25.69 -52.63 26.55
N MET B 457 -26.77 -52.30 25.85
CA MET B 457 -27.42 -53.33 25.05
C MET B 457 -28.33 -52.65 24.03
N SER B 458 -28.21 -53.04 22.76
CA SER B 458 -28.99 -52.43 21.70
C SER B 458 -29.67 -53.50 20.85
N VAL B 459 -30.87 -53.19 20.35
CA VAL B 459 -31.67 -54.11 19.57
C VAL B 459 -31.89 -53.53 18.18
N TYR B 460 -31.58 -54.32 17.16
CA TYR B 460 -31.70 -53.87 15.78
C TYR B 460 -32.98 -54.45 15.17
N TYR B 461 -33.76 -53.59 14.51
CA TYR B 461 -35.12 -53.94 14.12
C TYR B 461 -35.28 -53.98 12.61
N HIS B 462 -36.44 -54.51 12.21
CA HIS B 462 -36.86 -54.53 10.82
C HIS B 462 -37.23 -53.13 10.40
N SER B 463 -36.46 -52.57 9.46
CA SER B 463 -36.43 -51.13 9.28
C SER B 463 -37.21 -50.64 8.05
N GLN B 464 -38.01 -51.50 7.43
CA GLN B 464 -38.90 -51.14 6.34
C GLN B 464 -40.32 -51.60 6.66
N SER B 465 -41.31 -50.96 6.02
CA SER B 465 -42.69 -51.33 6.27
C SER B 465 -43.11 -52.60 5.54
N THR B 466 -42.74 -52.75 4.28
CA THR B 466 -43.22 -53.90 3.52
C THR B 466 -42.53 -55.20 3.99
N SER C 51 9.37 15.02 33.50
CA SER C 51 9.34 13.65 32.99
C SER C 51 10.37 13.30 31.88
N PRO C 52 10.82 14.28 31.02
CA PRO C 52 11.86 13.94 30.03
C PRO C 52 13.26 14.30 30.50
N SER C 53 14.30 13.83 29.80
CA SER C 53 15.67 14.23 30.12
C SER C 53 15.85 15.72 29.83
N PRO C 54 16.52 16.45 30.71
CA PRO C 54 16.40 17.91 30.71
C PRO C 54 17.37 18.65 29.82
N ALA C 55 18.64 18.25 29.84
CA ALA C 55 19.72 19.09 29.33
C ALA C 55 19.72 19.22 27.81
N GLN C 56 18.87 18.50 27.12
CA GLN C 56 18.88 18.47 25.67
C GLN C 56 17.98 19.52 25.06
N ALA C 57 17.54 20.49 25.85
CA ALA C 57 16.65 21.52 25.33
C ALA C 57 17.39 22.68 24.66
N LEU C 58 18.72 22.65 24.62
CA LEU C 58 19.45 23.65 23.84
C LEU C 58 19.18 23.49 22.34
N ALA C 59 19.10 22.24 21.88
CA ALA C 59 18.96 21.91 20.47
C ALA C 59 17.70 22.45 19.83
N SER C 60 16.73 22.88 20.62
CA SER C 60 15.48 23.38 20.06
C SER C 60 15.74 24.53 19.08
N TYR C 61 16.62 25.45 19.46
CA TYR C 61 16.94 26.60 18.61
C TYR C 61 18.29 26.47 17.95
N HIS C 62 18.66 25.26 17.60
CA HIS C 62 19.91 25.05 16.90
C HIS C 62 19.59 24.24 15.68
N HIS C 63 20.15 24.65 14.57
CA HIS C 63 20.02 23.94 13.32
C HIS C 63 21.36 23.29 13.01
N PHE C 64 21.39 21.97 12.98
CA PHE C 64 22.64 21.28 12.71
C PHE C 64 22.94 21.37 11.22
N PRO C 65 24.05 21.99 10.83
CA PRO C 65 24.21 22.38 9.41
C PRO C 65 24.18 21.23 8.45
N THR C 66 24.69 20.07 8.84
CA THR C 66 24.86 18.95 7.92
C THR C 66 23.90 17.82 8.27
N ASN C 67 23.60 17.00 7.26
CA ASN C 67 22.85 15.79 7.53
C ASN C 67 23.61 14.90 8.52
N ASP C 68 24.94 14.87 8.41
CA ASP C 68 25.76 14.04 9.27
C ASP C 68 25.58 14.42 10.73
N GLN C 69 25.49 15.70 11.04
CA GLN C 69 25.43 16.05 12.46
C GLN C 69 24.04 15.82 13.02
N GLU C 70 23.00 16.37 12.37
CA GLU C 70 21.64 16.22 12.86
C GLU C 70 21.34 14.77 13.12
N ARG C 71 21.79 13.95 12.17
CA ARG C 71 21.63 12.52 12.21
C ARG C 71 22.43 11.85 13.34
N TRP C 72 23.64 12.34 13.66
CA TRP C 72 24.32 11.86 14.88
C TRP C 72 23.61 12.31 16.17
N TRP C 73 23.23 13.60 16.28
CA TRP C 73 22.44 14.07 17.43
C TRP C 73 21.29 13.13 17.77
N GLU C 74 20.49 12.81 16.75
CA GLU C 74 19.39 11.87 16.91
C GLU C 74 19.84 10.55 17.51
N GLU C 75 21.12 10.19 17.36
CA GLU C 75 21.72 8.94 17.80
C GLU C 75 22.30 9.01 19.22
N THR C 76 22.92 10.13 19.60
CA THR C 76 23.61 10.21 20.90
C THR C 76 23.21 11.39 21.78
N GLY C 77 22.47 12.37 21.26
CA GLY C 77 22.15 13.54 22.07
C GLY C 77 21.26 13.22 23.25
N SER C 78 20.28 12.32 23.06
CA SER C 78 19.42 11.93 24.16
C SER C 78 20.24 11.27 25.26
N LEU C 79 21.15 10.38 24.85
CA LEU C 79 21.90 9.56 25.79
C LEU C 79 22.89 10.40 26.58
N PHE C 80 23.54 11.35 25.92
CA PHE C 80 24.47 12.21 26.64
C PHE C 80 23.75 13.06 27.67
N SER C 81 22.55 13.56 27.34
CA SER C 81 21.79 14.38 28.29
C SER C 81 21.39 13.58 29.51
N ARG C 82 21.15 12.27 29.34
CA ARG C 82 20.79 11.44 30.48
C ARG C 82 21.98 11.17 31.38
N PHE C 83 23.20 11.17 30.84
CA PHE C 83 24.37 10.96 31.71
C PHE C 83 24.65 12.20 32.55
N LEU C 84 24.41 13.38 32.01
CA LEU C 84 24.59 14.59 32.81
C LEU C 84 23.63 14.62 34.00
N GLU C 85 22.39 14.15 33.81
CA GLU C 85 21.47 14.02 34.93
C GLU C 85 21.98 12.95 35.91
N ALA C 86 22.54 11.87 35.39
CA ALA C 86 23.09 10.82 36.25
C ALA C 86 24.27 11.34 37.07
N GLY C 87 25.19 12.04 36.42
CA GLY C 87 26.34 12.59 37.11
C GLY C 87 26.00 13.64 38.14
N GLN C 88 24.74 14.04 38.27
CA GLN C 88 24.30 14.98 39.29
C GLN C 88 25.05 16.30 39.21
N TYR C 89 25.42 16.72 37.99
CA TYR C 89 26.06 18.02 37.79
C TYR C 89 25.05 19.14 37.97
N GLY C 90 25.55 20.32 38.32
CA GLY C 90 24.69 21.49 38.40
C GLY C 90 23.96 21.72 37.09
N LEU C 91 22.71 22.20 37.18
CA LEU C 91 21.95 22.46 35.97
C LEU C 91 22.63 23.48 35.06
N PRO C 92 23.15 24.61 35.55
CA PRO C 92 23.95 25.46 34.66
C PRO C 92 25.20 24.76 34.15
N GLN C 93 25.77 23.83 34.92
CA GLN C 93 26.92 23.09 34.45
C GLN C 93 26.56 22.24 33.25
N GLN C 94 25.46 21.49 33.36
CA GLN C 94 25.07 20.53 32.32
C GLN C 94 24.89 21.23 30.98
N TYR C 95 24.37 22.46 31.01
CA TYR C 95 24.17 23.18 29.76
C TYR C 95 25.50 23.65 29.19
N GLN C 96 26.47 24.01 30.04
CA GLN C 96 27.79 24.31 29.53
C GLN C 96 28.36 23.10 28.82
N PHE C 97 28.29 21.93 29.46
CA PHE C 97 28.84 20.72 28.87
C PHE C 97 28.03 20.28 27.66
N MET C 98 26.71 20.49 27.67
CA MET C 98 25.94 20.17 26.47
C MET C 98 26.40 21.04 25.31
N PHE C 99 26.57 22.32 25.58
CA PHE C 99 27.01 23.27 24.56
C PHE C 99 28.31 22.80 23.92
N PHE C 100 29.29 22.40 24.76
CA PHE C 100 30.54 21.86 24.25
C PHE C 100 30.32 20.61 23.44
N PHE C 101 29.50 19.69 23.93
CA PHE C 101 29.27 18.46 23.19
C PHE C 101 28.60 18.74 21.85
N MET C 102 27.69 19.71 21.81
CA MET C 102 26.99 19.99 20.56
C MET C 102 27.93 20.54 19.50
N HIS C 103 28.84 21.44 19.87
CA HIS C 103 29.64 22.16 18.88
C HIS C 103 30.96 21.49 18.53
N HIS C 104 31.50 20.67 19.40
CA HIS C 104 32.84 20.18 19.18
C HIS C 104 32.95 18.68 18.96
N LEU C 105 32.08 17.88 19.59
CA LEU C 105 32.17 16.43 19.44
C LEU C 105 31.20 15.90 18.38
N ILE C 106 30.01 16.51 18.27
CA ILE C 106 29.07 16.10 17.20
C ILE C 106 29.66 16.35 15.83
N PRO C 107 30.17 17.54 15.49
CA PRO C 107 30.79 17.72 14.17
C PRO C 107 31.99 16.82 13.97
N ALA C 108 32.71 16.51 15.04
CA ALA C 108 33.90 15.68 14.92
C ALA C 108 33.57 14.22 14.63
N LEU C 109 32.31 13.80 14.80
CA LEU C 109 31.95 12.42 14.49
C LEU C 109 31.94 12.13 12.99
N GLY C 110 31.82 13.17 12.15
CA GLY C 110 31.84 13.01 10.70
C GLY C 110 30.59 12.35 10.14
N PRO C 111 30.79 11.53 9.09
CA PRO C 111 29.67 10.85 8.41
C PRO C 111 28.88 9.96 9.37
N TYR C 112 27.53 10.07 9.32
CA TYR C 112 26.78 9.25 10.27
C TYR C 112 26.83 7.76 9.94
N PRO C 113 26.39 7.30 8.79
CA PRO C 113 26.60 5.88 8.52
C PRO C 113 28.10 5.78 8.42
N GLN C 114 28.74 5.44 9.53
CA GLN C 114 30.17 5.66 9.64
C GLN C 114 30.93 4.64 8.78
N LYS C 115 32.22 4.91 8.64
CA LYS C 115 33.07 4.08 7.81
C LYS C 115 34.32 3.77 8.63
N TRP C 116 34.68 4.69 9.53
CA TRP C 116 35.85 4.48 10.36
C TRP C 116 35.50 3.55 11.51
N ARG C 117 36.31 2.53 11.70
CA ARG C 117 36.21 1.70 12.87
C ARG C 117 37.19 2.23 13.89
N SER C 118 36.69 2.77 14.98
CA SER C 118 37.61 3.35 15.92
C SER C 118 38.22 2.27 16.82
N THR C 119 39.29 2.66 17.50
CA THR C 119 40.02 1.75 18.37
C THR C 119 39.48 1.79 19.78
N ILE C 120 39.12 2.97 20.27
CA ILE C 120 38.79 3.13 21.67
C ILE C 120 37.50 2.42 22.04
N SER C 121 36.68 2.05 21.05
CA SER C 121 35.40 1.43 21.34
C SER C 121 35.37 -0.02 20.92
N ARG C 122 34.80 -0.84 21.81
CA ARG C 122 34.58 -2.25 21.57
C ARG C 122 33.90 -2.50 20.23
N SER C 123 32.75 -1.86 20.02
CA SER C 123 32.00 -2.08 18.79
C SER C 123 32.74 -1.46 17.61
N GLY C 124 33.29 -0.27 17.79
CA GLY C 124 33.97 0.42 16.73
C GLY C 124 33.55 1.87 16.58
N LEU C 125 32.39 2.23 17.13
CA LEU C 125 31.95 3.60 16.97
C LEU C 125 32.83 4.55 17.78
N PRO C 126 33.08 5.74 17.29
CA PRO C 126 34.20 6.52 17.83
C PRO C 126 33.90 7.27 19.12
N ILE C 127 33.02 6.75 19.98
CA ILE C 127 32.73 7.43 21.24
C ILE C 127 32.25 6.42 22.26
N GLU C 128 32.62 6.66 23.51
CA GLU C 128 32.10 5.91 24.65
C GLU C 128 31.97 6.84 25.84
N PHE C 129 30.94 6.61 26.65
CA PHE C 129 30.73 7.36 27.87
C PHE C 129 31.05 6.49 29.09
N SER C 130 31.55 7.12 30.15
CA SER C 130 31.99 6.41 31.34
C SER C 130 31.68 7.22 32.58
N LEU C 131 31.37 6.52 33.66
CA LEU C 131 31.06 7.13 34.95
C LEU C 131 32.12 6.76 35.97
N ASN C 132 32.69 7.78 36.62
CA ASN C 132 33.75 7.57 37.61
C ASN C 132 33.15 7.51 38.99
N PHE C 133 33.08 6.32 39.56
CA PHE C 133 32.58 6.14 40.91
C PHE C 133 33.71 6.27 41.93
N GLN C 134 33.49 7.07 42.96
CA GLN C 134 34.50 7.47 43.93
C GLN C 134 33.90 7.35 45.32
N LYS C 135 34.75 7.05 46.31
CA LYS C 135 34.31 6.87 47.67
C LYS C 135 33.48 8.04 48.17
N GLY C 136 32.22 7.72 48.54
CA GLY C 136 31.28 8.64 49.17
C GLY C 136 31.21 10.04 48.61
N SER C 137 31.19 10.15 47.29
CA SER C 137 31.18 11.46 46.66
C SER C 137 30.51 11.34 45.30
N HIS C 138 30.14 12.49 44.76
CA HIS C 138 29.49 12.57 43.47
C HIS C 138 30.26 11.83 42.39
N ARG C 139 29.53 11.07 41.59
CA ARG C 139 30.06 10.36 40.45
C ARG C 139 30.35 11.35 39.32
N LEU C 140 31.35 11.03 38.48
CA LEU C 140 31.78 11.89 37.38
C LEU C 140 31.57 11.22 36.04
N LEU C 141 31.72 12.02 34.97
CA LEU C 141 31.46 11.57 33.61
C LEU C 141 32.72 11.68 32.76
N ARG C 142 33.09 10.57 32.12
CA ARG C 142 34.25 10.48 31.23
C ARG C 142 33.77 10.30 29.79
N ILE C 143 34.34 11.08 28.87
CA ILE C 143 34.12 10.88 27.43
C ILE C 143 35.45 10.61 26.75
N GLY C 144 35.55 9.47 26.09
CA GLY C 144 36.69 9.27 25.22
C GLY C 144 36.17 9.10 23.80
N PHE C 145 36.66 9.91 22.86
CA PHE C 145 36.14 9.74 21.51
C PHE C 145 37.23 10.16 20.53
N GLU C 146 37.12 9.65 19.30
CA GLU C 146 38.09 9.88 18.23
C GLU C 146 37.49 10.71 17.12
N PRO C 147 38.10 11.84 16.76
CA PRO C 147 37.58 12.64 15.65
C PRO C 147 37.67 11.87 14.33
N VAL C 148 36.68 12.07 13.47
CA VAL C 148 36.61 11.41 12.17
C VAL C 148 36.04 12.38 11.15
N SER C 149 36.46 12.25 9.89
CA SER C 149 35.79 12.93 8.79
C SER C 149 35.61 11.94 7.65
N PHE C 150 35.00 12.41 6.56
CA PHE C 150 34.82 11.56 5.40
C PHE C 150 36.14 11.22 4.75
N LEU C 151 37.19 12.01 5.03
CA LEU C 151 38.54 11.73 4.53
C LEU C 151 39.22 10.61 5.31
N SER C 152 38.73 10.29 6.50
CA SER C 152 39.32 9.25 7.33
C SER C 152 39.18 7.88 6.69
N GLY C 153 40.32 7.20 6.48
CA GLY C 153 40.34 5.94 5.78
C GLY C 153 40.48 6.09 4.28
N SER C 154 40.67 7.31 3.79
CA SER C 154 40.80 7.59 2.36
C SER C 154 42.25 7.49 1.92
N SER C 155 42.48 7.76 0.64
CA SER C 155 43.84 7.87 0.16
C SER C 155 44.55 9.03 0.85
N GLN C 156 43.80 10.09 1.16
CA GLN C 156 44.45 11.30 1.67
C GLN C 156 44.88 11.12 3.12
N ASP C 157 44.05 10.46 3.93
CA ASP C 157 44.35 10.23 5.35
C ASP C 157 43.86 8.83 5.74
N PRO C 158 44.63 7.79 5.41
CA PRO C 158 44.17 6.41 5.64
C PRO C 158 44.22 5.98 7.09
N PHE C 159 44.74 6.81 7.99
CA PHE C 159 44.94 6.42 9.39
C PHE C 159 44.63 7.58 10.34
N ASN C 160 43.61 8.37 10.00
CA ASN C 160 43.04 9.42 10.86
C ASN C 160 44.07 10.29 11.59
N ARG C 161 44.96 10.91 10.84
CA ARG C 161 45.72 11.94 11.54
C ARG C 161 45.11 13.33 11.39
N ILE C 162 44.46 13.63 10.27
CA ILE C 162 44.02 15.00 10.00
C ILE C 162 42.94 15.42 11.00
N PRO C 163 41.90 14.59 11.28
CA PRO C 163 40.88 15.04 12.24
C PRO C 163 41.41 15.25 13.64
N ILE C 164 42.50 14.58 14.03
CA ILE C 164 43.04 14.76 15.38
C ILE C 164 43.53 16.18 15.55
N THR C 165 44.33 16.66 14.60
CA THR C 165 44.87 18.01 14.72
C THR C 165 43.81 19.08 14.51
N ASP C 166 42.75 18.77 13.75
CA ASP C 166 41.66 19.73 13.62
C ASP C 166 41.00 20.00 14.97
N LEU C 167 40.62 18.93 15.68
CA LEU C 167 39.99 19.11 16.98
C LEU C 167 40.94 19.73 17.97
N LEU C 168 42.23 19.42 17.87
CA LEU C 168 43.18 19.95 18.82
C LEU C 168 43.33 21.46 18.67
N ASN C 169 43.18 21.99 17.46
CA ASN C 169 43.27 23.44 17.29
C ASN C 169 42.10 24.14 17.97
N ARG C 170 40.90 23.60 17.77
CA ARG C 170 39.72 24.22 18.40
C ARG C 170 39.81 24.17 19.91
N LEU C 171 40.27 23.05 20.45
CA LEU C 171 40.41 22.96 21.90
C LEU C 171 41.34 24.06 22.40
N SER C 172 42.37 24.41 21.62
CA SER C 172 43.24 25.50 21.99
C SER C 172 42.55 26.86 21.83
N LYS C 173 41.65 27.01 20.84
CA LYS C 173 40.95 28.28 20.67
C LYS C 173 40.04 28.57 21.86
N LEU C 174 39.27 27.56 22.30
CA LEU C 174 38.53 27.65 23.55
C LEU C 174 39.50 27.88 24.70
N GLN C 175 39.34 28.99 25.40
CA GLN C 175 40.25 29.32 26.49
C GLN C 175 39.93 28.43 27.69
N LEU C 176 40.72 27.37 27.85
CA LEU C 176 40.57 26.35 28.89
C LEU C 176 41.65 26.55 29.94
N SER C 177 41.28 26.44 31.21
CA SER C 177 42.23 26.64 32.30
C SER C 177 43.35 25.59 32.26
N ASN C 178 44.59 26.06 32.17
CA ASN C 178 45.79 25.22 32.26
C ASN C 178 45.79 24.12 31.20
N PHE C 179 45.69 24.55 29.95
CA PHE C 179 45.67 23.66 28.78
C PHE C 179 47.00 23.84 28.01
N ASP C 180 47.90 22.87 28.15
CA ASP C 180 49.20 22.87 27.47
C ASP C 180 49.42 21.57 26.70
N THR C 181 49.62 21.71 25.38
CA THR C 181 49.82 20.63 24.43
C THR C 181 51.28 20.18 24.22
N PRO C 182 52.33 20.91 24.67
CA PRO C 182 53.69 20.47 24.31
C PRO C 182 53.97 19.02 24.61
N PHE C 183 53.36 18.46 25.63
CA PHE C 183 53.67 17.09 26.00
C PHE C 183 53.01 16.10 25.06
N PHE C 184 51.72 16.32 24.77
CA PHE C 184 51.03 15.48 23.78
C PHE C 184 51.65 15.59 22.40
N GLN C 185 52.00 16.83 21.98
CA GLN C 185 52.64 17.04 20.67
C GLN C 185 53.91 16.22 20.55
N HIS C 186 54.66 16.13 21.64
CA HIS C 186 55.89 15.35 21.63
C HIS C 186 55.62 13.89 21.27
N LEU C 187 54.57 13.30 21.82
CA LEU C 187 54.29 11.89 21.55
C LEU C 187 53.80 11.68 20.13
N LEU C 188 53.08 12.65 19.55
CA LEU C 188 52.70 12.53 18.14
C LEU C 188 53.91 12.57 17.21
N SER C 189 54.82 13.52 17.43
CA SER C 189 55.98 13.64 16.54
C SER C 189 56.78 12.34 16.52
N LYS C 190 56.88 11.65 17.66
CA LYS C 190 57.62 10.40 17.71
C LYS C 190 56.90 9.28 16.96
N PHE C 191 55.58 9.26 16.98
CA PHE C 191 54.82 8.17 16.39
C PHE C 191 54.23 8.53 15.04
N GLN C 192 54.62 9.66 14.45
CA GLN C 192 54.17 9.95 13.11
C GLN C 192 54.76 8.98 12.11
N LEU C 193 54.20 8.99 10.92
CA LEU C 193 54.61 8.11 9.85
C LEU C 193 54.50 8.84 8.52
N SER C 194 55.60 8.89 7.78
CA SER C 194 55.69 9.48 6.45
C SER C 194 56.02 8.35 5.51
N LEU C 195 55.10 8.03 4.61
CA LEU C 195 55.23 7.00 3.59
C LEU C 195 55.62 5.66 4.18
N SER C 196 55.66 5.57 5.51
CA SER C 196 55.37 4.32 6.15
C SER C 196 53.96 3.93 5.78
N GLU C 197 53.15 4.95 5.50
CA GLU C 197 51.81 4.76 4.95
C GLU C 197 51.84 3.88 3.72
N VAL C 198 52.88 4.00 2.90
CA VAL C 198 52.96 3.19 1.69
C VAL C 198 53.03 1.72 2.06
N ARG C 199 53.93 1.36 3.00
CA ARG C 199 53.97 0.00 3.49
C ARG C 199 52.70 -0.36 4.23
N GLN C 200 52.12 0.60 4.94
CA GLN C 200 50.84 0.38 5.59
C GLN C 200 49.74 0.16 4.56
N LEU C 201 49.70 0.98 3.51
CA LEU C 201 48.81 0.71 2.39
C LEU C 201 49.04 -0.70 1.87
N GLN C 202 50.30 -1.14 1.86
CA GLN C 202 50.65 -2.46 1.36
C GLN C 202 50.25 -3.59 2.30
N LYS C 203 50.03 -3.30 3.59
CA LYS C 203 49.80 -4.38 4.56
C LYS C 203 48.43 -5.04 4.39
N GLN C 204 47.50 -4.40 3.67
CA GLN C 204 46.10 -4.82 3.68
C GLN C 204 46.00 -6.11 2.87
N GLY C 205 46.34 -7.21 3.52
CA GLY C 205 46.24 -8.54 2.94
C GLY C 205 45.22 -9.36 3.71
N SER C 206 44.30 -9.99 2.96
CA SER C 206 43.32 -10.87 3.59
C SER C 206 43.98 -12.12 4.13
N GLY C 207 44.99 -12.64 3.43
CA GLY C 207 45.71 -13.84 3.85
C GLY C 207 46.48 -13.65 5.14
N PRO C 208 47.44 -12.71 5.15
CA PRO C 208 48.08 -12.34 6.42
C PRO C 208 47.30 -11.25 7.14
N ASP C 209 46.53 -11.63 8.16
CA ASP C 209 45.68 -10.69 8.87
C ASP C 209 46.46 -9.47 9.36
N ALA C 210 46.11 -8.31 8.82
CA ALA C 210 46.81 -7.08 9.15
C ALA C 210 45.82 -5.92 9.18
N HIS C 211 44.77 -6.09 9.96
CA HIS C 211 43.77 -5.05 10.17
C HIS C 211 43.23 -5.06 11.59
N PRO C 212 44.09 -5.13 12.63
CA PRO C 212 43.55 -5.14 14.00
C PRO C 212 43.02 -3.77 14.40
N LEU C 213 43.83 -2.75 14.17
CA LEU C 213 43.51 -1.39 14.55
C LEU C 213 44.14 -0.49 13.52
N LYS C 214 43.45 0.59 13.16
CA LYS C 214 43.96 1.54 12.18
C LYS C 214 44.09 2.94 12.76
N SER C 215 43.63 3.16 13.98
CA SER C 215 43.73 4.48 14.56
C SER C 215 45.16 4.77 14.97
N GLN C 216 45.46 6.06 15.05
CA GLN C 216 46.79 6.54 15.38
C GLN C 216 46.79 7.42 16.63
N ALA C 217 45.63 7.93 17.05
CA ALA C 217 45.47 8.71 18.28
C ALA C 217 43.99 8.91 18.52
N ALA C 218 43.67 9.31 19.75
CA ALA C 218 42.29 9.54 20.18
C ALA C 218 42.31 10.51 21.36
N PHE C 219 41.11 10.96 21.76
CA PHE C 219 40.97 11.95 22.80
C PHE C 219 40.15 11.42 23.97
N GLY C 220 40.27 12.11 25.09
CA GLY C 220 39.47 11.82 26.25
C GLY C 220 39.10 13.11 26.92
N PHE C 221 37.86 13.19 27.40
CA PHE C 221 37.30 14.39 28.00
C PHE C 221 36.75 14.04 29.37
N ASP C 222 37.23 14.73 30.39
CA ASP C 222 36.75 14.54 31.76
C ASP C 222 35.99 15.78 32.18
N PHE C 223 34.77 15.56 32.66
CA PHE C 223 33.86 16.62 33.07
C PHE C 223 33.82 16.62 34.60
N ASN C 224 34.61 17.48 35.23
CA ASN C 224 34.59 17.52 36.68
C ASN C 224 33.41 18.39 37.16
N PRO C 225 33.02 18.31 38.44
CA PRO C 225 31.79 19.01 38.87
C PRO C 225 31.88 20.52 38.81
N ASP C 226 33.08 21.07 38.74
CA ASP C 226 33.27 22.49 38.50
C ASP C 226 33.07 22.78 37.02
N GLY C 227 33.10 24.05 36.66
CA GLY C 227 33.00 24.38 35.25
C GLY C 227 34.32 24.24 34.51
N ALA C 228 34.84 23.01 34.36
CA ALA C 228 36.12 22.80 33.71
C ALA C 228 36.16 21.43 33.06
N ILE C 229 36.76 21.34 31.87
CA ILE C 229 37.10 20.07 31.27
C ILE C 229 38.60 19.85 31.37
N LEU C 230 38.97 18.68 31.86
CA LEU C 230 40.31 18.17 31.71
C LEU C 230 40.34 17.32 30.45
N VAL C 231 41.27 17.62 29.55
CA VAL C 231 41.38 16.89 28.31
C VAL C 231 42.50 15.88 28.43
N LYS C 232 42.24 14.68 27.93
CA LYS C 232 43.18 13.57 27.96
C LYS C 232 43.37 13.05 26.54
N GLY C 233 44.63 12.78 26.18
CA GLY C 233 44.97 12.31 24.84
C GLY C 233 45.59 10.93 24.78
N TYR C 234 45.50 10.29 23.62
CA TYR C 234 45.90 8.91 23.46
C TYR C 234 46.74 8.81 22.20
N VAL C 235 47.59 7.79 22.17
CA VAL C 235 48.48 7.54 21.04
C VAL C 235 48.45 6.04 20.80
N PHE C 236 48.54 5.65 19.53
CA PHE C 236 48.46 4.23 19.17
C PHE C 236 49.70 3.77 18.43
N PRO C 237 50.63 3.08 19.12
CA PRO C 237 51.93 2.76 18.52
C PRO C 237 51.92 1.60 17.55
N TYR C 238 50.84 0.81 17.50
CA TYR C 238 50.83 -0.38 16.66
C TYR C 238 51.24 -0.07 15.23
N LEU C 239 50.76 1.05 14.70
CA LEU C 239 50.99 1.30 13.28
C LEU C 239 52.45 1.71 13.03
N LYS C 240 53.00 2.59 13.86
CA LYS C 240 54.39 3.02 13.66
C LYS C 240 55.39 1.86 13.79
N ALA C 241 55.19 1.00 14.79
CA ALA C 241 56.08 -0.15 14.97
C ALA C 241 55.84 -1.21 13.89
N LYS C 242 54.60 -1.37 13.45
CA LYS C 242 54.34 -2.29 12.35
C LYS C 242 55.13 -1.88 11.11
N ALA C 243 55.24 -0.57 10.87
CA ALA C 243 55.94 -0.09 9.70
C ALA C 243 57.44 -0.23 9.86
N ALA C 244 57.97 0.15 11.03
CA ALA C 244 59.41 0.10 11.24
C ALA C 244 59.94 -1.33 11.44
N ASP C 245 59.07 -2.33 11.55
CA ASP C 245 59.49 -3.70 11.86
C ASP C 245 60.31 -3.72 13.14
N VAL C 246 59.85 -2.96 14.13
CA VAL C 246 60.52 -2.77 15.40
C VAL C 246 59.53 -3.15 16.50
N PRO C 247 59.95 -3.83 17.57
CA PRO C 247 59.00 -4.20 18.63
C PRO C 247 58.25 -2.99 19.18
N VAL C 248 56.96 -3.21 19.45
CA VAL C 248 56.06 -2.11 19.81
C VAL C 248 56.59 -1.37 21.04
N GLY C 249 57.27 -2.08 21.95
CA GLY C 249 57.70 -1.47 23.21
C GLY C 249 59.01 -0.72 23.16
N THR C 250 59.91 -1.14 22.26
CA THR C 250 61.22 -0.52 22.22
C THR C 250 61.13 0.96 21.88
N LEU C 251 60.19 1.33 21.00
CA LEU C 251 60.01 2.73 20.66
C LEU C 251 59.09 3.47 21.63
N ILE C 252 58.34 2.76 22.47
CA ILE C 252 57.69 3.45 23.59
C ILE C 252 58.74 3.97 24.56
N ALA C 253 59.82 3.19 24.74
CA ALA C 253 60.88 3.57 25.67
C ALA C 253 61.62 4.80 25.19
N GLU C 254 61.94 4.86 23.90
CA GLU C 254 62.56 6.06 23.36
C GLU C 254 61.60 7.25 23.47
N ALA C 255 60.30 7.02 23.28
CA ALA C 255 59.32 8.08 23.48
C ALA C 255 59.41 8.65 24.89
N VAL C 256 59.61 7.80 25.88
CA VAL C 256 59.78 8.29 27.24
C VAL C 256 61.18 8.88 27.44
N ARG C 257 62.20 8.27 26.83
CA ARG C 257 63.56 8.78 27.04
C ARG C 257 63.77 10.12 26.36
N THR C 258 63.14 10.34 25.20
CA THR C 258 63.26 11.62 24.51
C THR C 258 62.71 12.78 25.34
N ILE C 259 61.64 12.54 26.11
CA ILE C 259 61.21 13.57 27.06
C ILE C 259 62.06 13.52 28.33
N ASP C 260 62.73 12.38 28.59
CA ASP C 260 63.58 12.27 29.78
C ASP C 260 64.74 13.27 29.72
N VAL C 261 65.35 13.45 28.55
CA VAL C 261 66.39 14.47 28.46
C VAL C 261 65.78 15.86 28.64
N GLU C 262 64.51 16.04 28.24
CA GLU C 262 63.80 17.28 28.52
C GLU C 262 63.51 17.41 30.02
N ARG C 263 62.89 16.38 30.61
CA ARG C 263 62.76 16.32 32.07
C ARG C 263 62.70 14.86 32.50
N ASN C 264 63.43 14.53 33.56
CA ASN C 264 63.78 13.15 33.88
C ASN C 264 63.19 12.75 35.23
N GLN C 265 61.85 12.69 35.29
CA GLN C 265 61.14 12.23 36.48
C GLN C 265 60.25 11.03 36.20
N PHE C 266 60.20 10.56 34.95
CA PHE C 266 59.46 9.38 34.59
C PHE C 266 60.37 8.17 34.43
N THR C 267 61.70 8.37 34.52
CA THR C 267 62.65 7.30 34.26
C THR C 267 62.47 6.13 35.22
N HIS C 268 62.47 6.41 36.54
CA HIS C 268 62.41 5.34 37.53
C HIS C 268 61.13 4.55 37.44
N ALA C 269 60.00 5.25 37.47
CA ALA C 269 58.72 4.56 37.42
C ALA C 269 58.58 3.77 36.13
N PHE C 270 58.92 4.38 34.99
CA PHE C 270 58.68 3.73 33.70
C PHE C 270 59.60 2.54 33.48
N GLY C 271 60.90 2.71 33.73
CA GLY C 271 61.80 1.57 33.62
C GLY C 271 61.35 0.40 34.47
N LEU C 272 60.67 0.68 35.58
CA LEU C 272 60.09 -0.38 36.39
C LEU C 272 58.96 -1.11 35.66
N ILE C 273 58.22 -0.41 34.79
CA ILE C 273 57.18 -1.07 34.01
C ILE C 273 57.79 -1.92 32.91
N ASN C 274 58.77 -1.36 32.16
CA ASN C 274 59.40 -2.11 31.07
C ASN C 274 59.98 -3.41 31.53
N ASP C 275 60.68 -3.39 32.66
CA ASP C 275 61.37 -4.59 33.12
C ASP C 275 60.37 -5.71 33.36
N TYR C 276 59.22 -5.41 33.99
CA TYR C 276 58.18 -6.43 34.11
C TYR C 276 57.66 -6.86 32.75
N MET C 277 57.44 -5.91 31.85
CA MET C 277 56.87 -6.28 30.55
C MET C 277 57.84 -7.09 29.70
N GLN C 278 59.16 -6.86 29.82
CA GLN C 278 60.12 -7.71 29.12
C GLN C 278 60.16 -9.12 29.70
N GLU C 279 60.21 -9.25 31.03
CA GLU C 279 60.17 -10.57 31.66
C GLU C 279 58.92 -11.33 31.28
N SER C 280 57.79 -10.62 31.23
CA SER C 280 56.49 -11.21 30.99
C SER C 280 56.35 -11.64 29.54
N THR C 281 55.17 -12.21 29.24
CA THR C 281 54.83 -12.48 27.85
C THR C 281 55.05 -11.24 27.00
N GLY C 282 55.04 -10.07 27.62
CA GLY C 282 55.36 -8.85 26.92
C GLY C 282 54.11 -8.09 26.50
N TYR C 283 54.26 -6.78 26.43
CA TYR C 283 53.25 -5.89 25.88
C TYR C 283 53.31 -5.94 24.35
N ASN C 284 52.15 -6.17 23.75
CA ASN C 284 51.94 -6.70 22.42
C ASN C 284 51.37 -5.65 21.49
N GLU C 285 50.61 -6.10 20.48
CA GLU C 285 50.05 -5.21 19.46
C GLU C 285 49.06 -4.24 20.08
N TYR C 286 48.29 -4.69 21.06
CA TYR C 286 47.23 -3.93 21.70
C TYR C 286 47.75 -2.87 22.68
N THR C 287 49.03 -2.92 23.08
CA THR C 287 49.54 -1.91 23.99
C THR C 287 49.53 -0.54 23.33
N PHE C 288 49.36 0.50 24.15
CA PHE C 288 49.23 1.86 23.64
C PHE C 288 49.41 2.80 24.82
N LEU C 289 49.33 4.10 24.55
CA LEU C 289 49.87 5.08 25.45
C LEU C 289 48.85 6.19 25.67
N SER C 290 48.97 6.87 26.81
CA SER C 290 47.99 7.87 27.26
C SER C 290 48.72 9.07 27.84
N CYS C 291 48.01 10.19 27.92
CA CYS C 291 48.68 11.44 28.24
C CYS C 291 47.66 12.47 28.69
N ASP C 292 48.10 13.45 29.50
CA ASP C 292 47.21 14.55 29.89
C ASP C 292 47.68 15.87 29.29
N PHE C 293 46.70 16.72 28.92
CA PHE C 293 46.95 18.03 28.30
C PHE C 293 47.22 19.11 29.30
N VAL C 294 47.66 18.75 30.49
CA VAL C 294 48.09 19.74 31.46
C VAL C 294 49.60 19.90 31.33
N GLU C 295 50.13 20.92 32.01
CA GLU C 295 51.56 21.17 32.15
C GLU C 295 52.33 19.93 32.60
N THR C 296 53.62 19.87 32.23
CA THR C 296 54.44 18.66 32.50
C THR C 296 54.56 18.35 33.99
N SER C 297 54.74 19.35 34.84
CA SER C 297 54.96 19.09 36.26
C SER C 297 53.79 18.34 36.91
N GLU C 298 52.56 18.75 36.59
CA GLU C 298 51.36 18.06 37.07
C GLU C 298 50.94 16.89 36.19
N GLN C 299 51.77 16.50 35.24
CA GLN C 299 51.30 15.54 34.26
C GLN C 299 51.28 14.12 34.83
N ARG C 300 50.32 13.35 34.34
CA ARG C 300 50.05 12.00 34.78
C ARG C 300 49.99 11.13 33.53
N LEU C 301 51.12 10.53 33.14
CA LEU C 301 51.09 9.74 31.93
C LEU C 301 50.84 8.27 32.26
N LYS C 302 50.29 7.55 31.30
CA LYS C 302 49.79 6.20 31.54
C LYS C 302 50.28 5.29 30.41
N ILE C 303 50.38 3.99 30.70
CA ILE C 303 50.66 2.97 29.70
C ILE C 303 49.59 1.91 29.81
N TYR C 304 48.87 1.67 28.72
CA TYR C 304 47.79 0.70 28.72
C TYR C 304 48.26 -0.57 28.02
N GLY C 305 47.42 -1.60 28.03
CA GLY C 305 47.72 -2.84 27.33
C GLY C 305 46.62 -3.85 27.54
N ALA C 306 46.70 -4.92 26.77
CA ALA C 306 45.67 -5.94 26.78
C ALA C 306 46.29 -7.33 26.85
N HIS C 307 45.57 -8.25 27.47
CA HIS C 307 45.95 -9.67 27.51
C HIS C 307 44.71 -10.52 27.34
N THR C 308 44.88 -11.70 26.77
CA THR C 308 43.83 -12.71 26.81
C THR C 308 44.03 -13.73 27.92
N GLU C 309 45.20 -13.72 28.58
CA GLU C 309 45.50 -14.62 29.69
C GLU C 309 44.66 -14.23 30.90
N VAL C 310 43.71 -15.08 31.28
CA VAL C 310 42.84 -14.83 32.43
C VAL C 310 43.00 -15.98 33.41
N THR C 311 43.93 -15.81 34.35
CA THR C 311 43.90 -16.55 35.60
C THR C 311 44.02 -15.52 36.70
N TRP C 312 43.39 -15.79 37.83
CA TRP C 312 43.58 -14.89 38.96
C TRP C 312 45.06 -14.72 39.27
N ALA C 313 45.82 -15.82 39.15
CA ALA C 313 47.25 -15.75 39.43
C ALA C 313 47.96 -14.78 38.51
N LYS C 314 47.63 -14.78 37.22
CA LYS C 314 48.27 -13.85 36.30
C LYS C 314 47.86 -12.42 36.60
N ILE C 315 46.61 -12.22 37.01
CA ILE C 315 46.18 -10.91 37.47
C ILE C 315 47.02 -10.47 38.65
N ALA C 316 47.34 -11.41 39.53
CA ALA C 316 48.26 -11.12 40.62
C ALA C 316 49.66 -10.84 40.11
N GLU C 317 50.12 -11.57 39.08
CA GLU C 317 51.45 -11.32 38.55
C GLU C 317 51.57 -9.91 38.02
N MET C 318 50.53 -9.42 37.35
CA MET C 318 50.66 -8.12 36.70
C MET C 318 50.55 -6.99 37.71
N TRP C 319 49.53 -7.05 38.57
CA TRP C 319 49.34 -5.99 39.56
C TRP C 319 50.56 -5.86 40.44
N THR C 320 51.04 -6.98 40.98
CA THR C 320 52.18 -6.99 41.87
C THR C 320 53.49 -6.85 41.12
N LEU C 321 53.72 -7.75 40.16
CA LEU C 321 55.01 -7.96 39.44
C LEU C 321 56.06 -8.32 40.51
N GLY C 322 57.16 -7.62 40.58
CA GLY C 322 58.03 -7.89 41.71
C GLY C 322 58.16 -6.65 42.57
N GLY C 323 58.72 -5.60 41.98
CA GLY C 323 59.21 -4.48 42.77
C GLY C 323 58.13 -3.79 43.59
N ARG C 324 56.98 -3.51 42.97
CA ARG C 324 56.02 -2.64 43.65
C ARG C 324 55.26 -3.35 44.78
N LEU C 325 55.40 -4.68 44.88
CA LEU C 325 54.81 -5.43 45.99
C LEU C 325 55.37 -4.98 47.33
N ILE C 326 56.70 -5.11 47.48
CA ILE C 326 57.32 -4.88 48.77
C ILE C 326 57.19 -3.43 49.20
N GLU C 327 57.54 -2.51 48.30
CA GLU C 327 57.91 -1.17 48.71
C GLU C 327 56.70 -0.37 49.19
N GLU C 328 55.51 -0.69 48.71
CA GLU C 328 54.31 0.02 49.10
C GLU C 328 53.16 -0.93 49.39
N PRO C 329 52.30 -0.58 50.36
CA PRO C 329 51.17 -1.46 50.71
C PRO C 329 49.91 -1.26 49.86
N GLU C 330 49.71 -0.11 49.20
CA GLU C 330 48.49 0.13 48.43
C GLU C 330 48.25 -1.00 47.43
N ILE C 331 49.30 -1.34 46.67
CA ILE C 331 49.25 -2.48 45.76
C ILE C 331 48.72 -3.72 46.46
N ILE C 332 49.18 -3.97 47.68
CA ILE C 332 48.72 -5.14 48.44
C ILE C 332 47.28 -4.94 48.91
N ALA C 333 46.97 -3.76 49.46
CA ALA C 333 45.61 -3.48 49.89
C ALA C 333 44.66 -3.46 48.71
N GLY C 334 45.03 -2.73 47.66
CA GLY C 334 44.16 -2.62 46.51
C GLY C 334 43.91 -3.96 45.84
N LEU C 335 44.92 -4.83 45.82
CA LEU C 335 44.71 -6.13 45.19
C LEU C 335 43.69 -6.95 45.96
N ALA C 336 43.66 -6.81 47.28
CA ALA C 336 42.70 -7.56 48.08
C ALA C 336 41.28 -7.23 47.66
N ARG C 337 40.96 -5.93 47.64
CA ARG C 337 39.63 -5.48 47.22
C ARG C 337 39.31 -5.88 45.79
N LEU C 338 40.32 -5.99 44.94
CA LEU C 338 40.10 -6.40 43.55
C LEU C 338 39.70 -7.86 43.45
N LYS C 339 40.11 -8.69 44.42
CA LYS C 339 39.82 -10.12 44.36
C LYS C 339 38.32 -10.38 44.47
N GLN C 340 37.61 -9.59 45.27
CA GLN C 340 36.21 -9.91 45.51
C GLN C 340 35.33 -9.50 44.34
N ILE C 341 35.65 -8.39 43.67
CA ILE C 341 34.92 -8.08 42.45
C ILE C 341 35.21 -9.10 41.36
N TRP C 342 36.41 -9.69 41.35
CA TRP C 342 36.66 -10.75 40.38
C TRP C 342 35.69 -11.91 40.63
N SER C 343 35.48 -12.27 41.90
CA SER C 343 34.60 -13.38 42.26
C SER C 343 33.12 -13.01 42.28
N LEU C 344 32.78 -11.75 42.61
CA LEU C 344 31.39 -11.32 42.44
C LEU C 344 30.95 -11.46 41.00
N LEU C 345 31.85 -11.15 40.07
CA LEU C 345 31.54 -11.18 38.65
C LEU C 345 32.04 -12.48 38.04
N GLN C 346 31.31 -13.55 38.34
CA GLN C 346 31.62 -14.85 37.76
C GLN C 346 31.48 -14.75 36.25
N ILE C 347 32.58 -14.87 35.52
CA ILE C 347 32.60 -14.64 34.07
C ILE C 347 31.97 -15.83 33.34
N GLY C 348 31.40 -16.77 34.10
CA GLY C 348 30.58 -17.81 33.52
C GLY C 348 31.33 -18.95 32.86
N GLU C 349 32.65 -18.93 32.84
CA GLU C 349 33.44 -20.02 32.28
C GLU C 349 33.94 -20.99 33.36
N GLY C 350 33.58 -20.75 34.62
CA GLY C 350 33.96 -21.64 35.71
C GLY C 350 32.89 -21.68 36.79
N SER C 371 38.49 -14.68 29.62
CA SER C 371 38.15 -13.39 30.20
C SER C 371 39.29 -12.41 29.98
N PRO C 372 39.48 -11.99 28.73
CA PRO C 372 40.61 -11.11 28.42
C PRO C 372 40.44 -9.76 29.09
N ILE C 373 41.54 -9.19 29.58
CA ILE C 373 41.47 -7.96 30.35
C ILE C 373 42.41 -6.92 29.79
N ILE C 374 42.12 -5.66 30.10
CA ILE C 374 42.98 -4.53 29.76
C ILE C 374 43.62 -4.04 31.04
N TRP C 375 44.83 -3.52 30.93
CA TRP C 375 45.59 -3.03 32.06
C TRP C 375 46.11 -1.62 31.80
N ASN C 376 46.59 -1.00 32.87
CA ASN C 376 46.97 0.41 32.88
C ASN C 376 47.92 0.66 34.03
N TYR C 377 48.99 1.43 33.77
CA TYR C 377 49.90 1.85 34.83
C TYR C 377 50.11 3.35 34.71
N GLU C 378 49.79 4.07 35.77
CA GLU C 378 49.77 5.53 35.79
C GLU C 378 51.03 6.08 36.43
N ILE C 379 51.87 6.74 35.63
CA ILE C 379 53.14 7.28 36.11
C ILE C 379 52.98 8.75 36.45
N HIS C 380 53.31 9.10 37.68
CA HIS C 380 53.27 10.46 38.13
C HIS C 380 54.69 10.89 38.46
N PRO C 381 55.13 12.09 38.06
CA PRO C 381 56.50 12.49 38.35
C PRO C 381 56.74 12.72 39.83
N GLY C 382 55.73 13.25 40.55
CA GLY C 382 55.79 13.47 41.99
C GLY C 382 55.89 12.22 42.86
N SER C 383 56.00 11.03 42.26
CA SER C 383 56.21 9.77 42.98
C SER C 383 57.11 8.86 42.13
N ARG C 384 57.48 7.72 42.71
CA ARG C 384 58.20 6.67 41.98
C ARG C 384 57.45 5.35 42.01
N PHE C 385 56.14 5.42 42.23
CA PHE C 385 55.27 4.25 42.29
C PHE C 385 54.10 4.46 41.32
N PRO C 386 54.13 3.81 40.17
CA PRO C 386 52.99 3.86 39.24
C PRO C 386 51.70 3.17 39.77
N VAL C 387 50.53 3.83 39.65
CA VAL C 387 49.27 3.34 40.21
C VAL C 387 48.62 2.43 39.16
N PRO C 388 48.41 1.14 39.44
CA PRO C 388 47.80 0.27 38.44
C PRO C 388 46.28 0.45 38.31
N LYS C 389 45.78 0.03 37.14
CA LYS C 389 44.35 0.08 36.85
C LYS C 389 44.02 -1.00 35.83
N PHE C 390 43.05 -1.86 36.14
CA PHE C 390 42.65 -2.92 35.23
C PHE C 390 41.22 -2.74 34.75
N TYR C 391 40.93 -3.27 33.57
CA TYR C 391 39.60 -3.18 32.99
C TYR C 391 39.04 -4.58 32.80
N LEU C 392 37.76 -4.77 33.11
CA LEU C 392 37.23 -6.12 33.18
C LEU C 392 36.05 -6.32 32.24
N PRO C 393 35.98 -7.44 31.53
CA PRO C 393 34.88 -7.65 30.57
C PRO C 393 33.54 -7.74 31.26
N VAL C 394 32.59 -6.95 30.78
CA VAL C 394 31.21 -7.03 31.24
C VAL C 394 30.26 -7.31 30.09
N HIS C 395 30.64 -6.89 28.88
CA HIS C 395 29.97 -7.37 27.68
C HIS C 395 30.09 -8.88 27.64
N GLY C 396 28.96 -9.57 27.53
CA GLY C 396 28.92 -11.00 27.75
C GLY C 396 28.37 -11.39 29.11
N GLU C 397 28.48 -10.50 30.09
CA GLU C 397 27.88 -10.68 31.41
C GLU C 397 26.56 -9.91 31.51
N ASN C 398 25.57 -10.54 32.14
CA ASN C 398 24.27 -9.91 32.33
C ASN C 398 24.41 -8.57 33.05
N ASP C 399 23.86 -7.53 32.44
CA ASP C 399 24.00 -6.20 33.02
C ASP C 399 23.31 -6.12 34.37
N LEU C 400 22.26 -6.91 34.59
CA LEU C 400 21.63 -6.97 35.90
C LEU C 400 22.51 -7.73 36.90
N HIS C 401 22.95 -8.93 36.52
CA HIS C 401 23.95 -9.64 37.31
C HIS C 401 25.10 -8.71 37.66
N VAL C 402 25.51 -7.88 36.70
CA VAL C 402 26.57 -6.91 36.97
C VAL C 402 26.06 -5.77 37.83
N ALA C 403 24.86 -5.26 37.54
CA ALA C 403 24.32 -4.18 38.37
C ALA C 403 24.16 -4.63 39.81
N ARG C 404 23.63 -5.83 40.03
CA ARG C 404 23.48 -6.36 41.38
C ARG C 404 24.84 -6.58 42.04
N ALA C 405 25.71 -7.34 41.38
CA ALA C 405 27.00 -7.70 41.97
C ALA C 405 27.89 -6.47 42.18
N LEU C 406 27.81 -5.50 41.29
CA LEU C 406 28.55 -4.26 41.49
C LEU C 406 28.00 -3.46 42.66
N ALA C 407 26.71 -3.62 42.94
CA ALA C 407 26.11 -2.91 44.06
C ALA C 407 26.51 -3.51 45.40
N GLN C 408 26.63 -4.85 45.48
CA GLN C 408 27.08 -5.46 46.72
C GLN C 408 28.47 -4.96 47.11
N PHE C 409 29.37 -4.87 46.12
CA PHE C 409 30.75 -4.43 46.35
C PHE C 409 30.81 -3.01 46.87
N TRP C 410 29.77 -2.21 46.67
CA TRP C 410 29.82 -0.90 47.29
C TRP C 410 29.48 -0.99 48.77
N ASP C 411 28.55 -1.88 49.14
CA ASP C 411 28.29 -2.12 50.55
C ASP C 411 29.52 -2.71 51.23
N SER C 412 30.29 -3.54 50.51
CA SER C 412 31.51 -4.09 51.08
C SER C 412 32.51 -3.00 51.42
N LEU C 413 32.60 -1.96 50.60
CA LEU C 413 33.47 -0.83 50.92
C LEU C 413 32.79 0.18 51.81
N GLY C 414 31.49 0.02 52.04
CA GLY C 414 30.72 1.00 52.77
C GLY C 414 30.52 2.29 52.01
N TRP C 415 29.85 2.20 50.86
CA TRP C 415 29.48 3.39 50.12
C TRP C 415 28.00 3.68 50.30
N PRO C 416 27.65 4.86 50.78
CA PRO C 416 26.30 5.13 51.29
C PRO C 416 25.18 5.04 50.27
N GLU C 417 25.27 5.79 49.17
CA GLU C 417 24.13 5.86 48.26
C GLU C 417 24.36 5.16 46.94
N HIS C 418 25.60 5.20 46.42
CA HIS C 418 25.93 4.57 45.15
C HIS C 418 25.44 3.13 45.08
N ALA C 419 25.48 2.41 46.21
CA ALA C 419 25.07 1.02 46.22
C ALA C 419 23.57 0.88 45.95
N CYS C 420 22.75 1.68 46.63
CA CYS C 420 21.30 1.53 46.59
C CYS C 420 20.70 2.07 45.28
N ALA C 421 21.20 3.18 44.79
CA ALA C 421 20.59 3.86 43.64
C ALA C 421 21.24 3.51 42.32
N TYR C 422 22.24 2.60 42.29
CA TYR C 422 22.88 2.29 41.00
C TYR C 422 21.95 1.58 40.03
N PRO C 423 21.39 0.40 40.35
CA PRO C 423 20.55 -0.27 39.35
C PRO C 423 19.32 0.53 38.98
N ASP C 424 18.87 1.40 39.87
CA ASP C 424 17.81 2.32 39.50
C ASP C 424 18.32 3.52 38.71
N THR C 425 19.62 3.80 38.77
CA THR C 425 20.21 4.78 37.88
C THR C 425 20.65 4.14 36.58
N LEU C 426 20.51 2.83 36.46
CA LEU C 426 20.88 2.13 35.23
C LEU C 426 19.69 1.91 34.32
N GLN C 427 18.55 1.52 34.86
CA GLN C 427 17.35 1.47 34.03
C GLN C 427 16.96 2.88 33.58
N GLN C 428 17.27 3.90 34.38
CA GLN C 428 16.94 5.28 34.02
C GLN C 428 17.73 5.73 32.79
N LEU C 429 18.98 5.31 32.67
CA LEU C 429 19.79 5.68 31.52
C LEU C 429 19.32 4.96 30.26
N TYR C 430 18.76 3.77 30.40
CA TYR C 430 18.27 2.99 29.27
C TYR C 430 16.83 2.57 29.51
N PRO C 431 15.90 3.54 29.62
CA PRO C 431 14.51 3.16 29.87
C PRO C 431 13.91 2.40 28.71
N ASP C 432 14.39 2.66 27.51
CA ASP C 432 13.97 1.90 26.34
C ASP C 432 14.26 0.41 26.49
N GLN C 433 15.47 0.07 26.93
CA GLN C 433 15.89 -1.31 27.03
C GLN C 433 15.50 -1.96 28.36
N ASP C 434 15.63 -3.28 28.39
CA ASP C 434 15.19 -4.12 29.50
C ASP C 434 16.43 -4.67 30.20
N ILE C 435 16.68 -4.23 31.44
CA ILE C 435 17.84 -4.74 32.16
C ILE C 435 17.75 -6.26 32.36
N SER C 436 16.54 -6.81 32.29
CA SER C 436 16.37 -8.25 32.46
C SER C 436 17.24 -9.02 31.47
N GLN C 437 17.30 -8.58 30.21
CA GLN C 437 17.90 -9.37 29.15
C GLN C 437 19.17 -8.77 28.54
N THR C 438 19.53 -7.54 28.91
CA THR C 438 20.65 -6.87 28.28
C THR C 438 21.99 -7.32 28.83
N THR C 439 22.96 -7.46 27.96
CA THR C 439 24.32 -7.73 28.35
C THR C 439 25.29 -6.65 27.90
N ARG C 440 25.02 -6.02 26.77
CA ARG C 440 25.93 -5.08 26.14
C ARG C 440 25.78 -3.64 26.66
N LEU C 441 24.82 -3.36 27.53
CA LEU C 441 24.73 -2.00 28.05
C LEU C 441 25.92 -1.64 28.94
N GLN C 442 26.61 -2.63 29.48
CA GLN C 442 27.78 -2.40 30.32
C GLN C 442 28.93 -3.24 29.78
N SER C 443 30.03 -2.57 29.41
CA SER C 443 31.12 -3.21 28.67
C SER C 443 32.37 -3.47 29.51
N TRP C 444 32.88 -2.48 30.23
CA TRP C 444 34.13 -2.65 30.96
C TRP C 444 34.02 -1.98 32.34
N ILE C 445 34.84 -2.44 33.28
CA ILE C 445 34.92 -1.84 34.61
C ILE C 445 36.39 -1.71 34.98
N SER C 446 36.81 -0.51 35.41
CA SER C 446 38.20 -0.24 35.77
C SER C 446 38.33 -0.16 37.29
N TYR C 447 39.47 -0.61 37.80
CA TYR C 447 39.75 -0.59 39.23
C TYR C 447 41.10 0.07 39.50
N SER C 448 41.12 0.95 40.48
CA SER C 448 42.34 1.61 40.91
C SER C 448 42.27 1.78 42.42
N TYR C 449 43.43 1.79 43.07
CA TYR C 449 43.48 2.00 44.51
C TYR C 449 44.63 2.93 44.86
N THR C 450 44.33 3.98 45.61
CA THR C 450 45.33 4.91 46.10
C THR C 450 45.19 5.04 47.60
N ALA C 451 46.28 5.40 48.27
CA ALA C 451 46.19 5.71 49.69
C ALA C 451 45.30 6.92 49.92
N LYS C 452 45.56 8.01 49.19
CA LYS C 452 44.79 9.23 49.38
C LYS C 452 43.37 9.07 48.84
N ARG C 453 43.22 8.52 47.63
CA ARG C 453 41.92 8.47 46.97
C ARG C 453 41.02 7.33 47.45
N GLY C 454 41.57 6.28 48.01
CA GLY C 454 40.77 5.10 48.30
C GLY C 454 40.55 4.29 47.04
N VAL C 455 39.30 3.96 46.75
CA VAL C 455 38.99 3.10 45.61
C VAL C 455 38.45 3.95 44.47
N TYR C 456 39.19 3.95 43.36
CA TYR C 456 38.72 4.40 42.06
C TYR C 456 37.99 3.27 41.37
N MET C 457 36.91 3.59 40.66
CA MET C 457 36.29 2.58 39.81
C MET C 457 35.40 3.28 38.79
N SER C 458 35.54 2.92 37.51
CA SER C 458 34.73 3.52 36.46
C SER C 458 34.10 2.45 35.59
N VAL C 459 32.90 2.73 35.09
CA VAL C 459 32.11 1.78 34.31
C VAL C 459 31.90 2.36 32.92
N TYR C 460 32.23 1.58 31.90
CA TYR C 460 32.11 2.03 30.52
C TYR C 460 30.84 1.44 29.92
N TYR C 461 30.04 2.27 29.25
CA TYR C 461 28.68 1.91 28.87
C TYR C 461 28.50 1.85 27.35
N HIS C 462 27.36 1.32 26.94
CA HIS C 462 26.95 1.30 25.54
C HIS C 462 26.53 2.69 25.09
N SER C 463 27.26 3.27 24.14
CA SER C 463 27.25 4.71 23.95
C SER C 463 26.46 5.22 22.74
N GLN C 464 25.68 4.37 22.05
CA GLN C 464 24.81 4.77 20.95
C GLN C 464 23.38 4.28 21.22
N SER C 465 22.41 4.96 20.61
CA SER C 465 21.00 4.63 20.87
C SER C 465 20.58 3.33 20.21
N THR C 466 20.95 3.12 18.96
CA THR C 466 20.49 1.95 18.22
C THR C 466 21.16 0.64 18.67
N SER D 51 -17.69 -11.26 -36.87
CA SER D 51 -17.04 -10.17 -36.14
C SER D 51 -16.99 -10.34 -34.60
N PRO D 52 -17.94 -11.09 -33.95
CA PRO D 52 -17.81 -11.29 -32.49
C PRO D 52 -17.10 -12.59 -32.11
N SER D 53 -16.73 -12.74 -30.83
CA SER D 53 -16.19 -14.02 -30.37
C SER D 53 -17.30 -15.08 -30.45
N PRO D 54 -16.97 -16.29 -30.92
CA PRO D 54 -18.01 -17.19 -31.42
C PRO D 54 -18.64 -18.10 -30.37
N ALA D 55 -17.80 -18.63 -29.48
CA ALA D 55 -18.15 -19.76 -28.64
C ALA D 55 -19.13 -19.43 -27.53
N GLN D 56 -19.45 -18.16 -27.34
CA GLN D 56 -20.26 -17.72 -26.22
C GLN D 56 -21.74 -17.64 -26.56
N ALA D 57 -22.15 -18.23 -27.68
CA ALA D 57 -23.55 -18.26 -28.10
C ALA D 57 -24.33 -19.43 -27.51
N LEU D 58 -23.71 -20.27 -26.68
CA LEU D 58 -24.50 -21.27 -25.95
C LEU D 58 -25.39 -20.62 -24.90
N ALA D 59 -24.86 -19.61 -24.21
CA ALA D 59 -25.57 -18.98 -23.10
C ALA D 59 -26.87 -18.32 -23.51
N SER D 60 -27.12 -18.15 -24.81
CA SER D 60 -28.34 -17.50 -25.25
C SER D 60 -29.57 -18.19 -24.66
N TYR D 61 -29.57 -19.52 -24.67
CA TYR D 61 -30.71 -20.30 -24.19
C TYR D 61 -30.45 -20.92 -22.84
N HIS D 62 -29.71 -20.21 -22.01
CA HIS D 62 -29.40 -20.66 -20.67
C HIS D 62 -29.74 -19.52 -19.75
N HIS D 63 -30.34 -19.87 -18.65
CA HIS D 63 -30.61 -18.94 -17.59
C HIS D 63 -29.70 -19.29 -16.44
N PHE D 64 -28.83 -18.38 -16.06
CA PHE D 64 -27.95 -18.67 -14.94
C PHE D 64 -28.75 -18.57 -13.65
N PRO D 65 -28.84 -19.64 -12.86
CA PRO D 65 -29.83 -19.67 -11.78
C PRO D 65 -29.69 -18.56 -10.75
N THR D 66 -28.48 -18.12 -10.43
CA THR D 66 -28.31 -17.13 -9.37
C THR D 66 -27.80 -15.82 -9.96
N ASN D 67 -28.07 -14.73 -9.24
CA ASN D 67 -27.45 -13.46 -9.56
C ASN D 67 -25.94 -13.60 -9.51
N ASP D 68 -25.41 -14.44 -8.61
CA ASP D 68 -23.97 -14.61 -8.55
C ASP D 68 -23.42 -15.12 -9.88
N GLN D 69 -24.12 -16.07 -10.51
CA GLN D 69 -23.51 -16.72 -11.66
C GLN D 69 -23.57 -15.86 -12.91
N GLU D 70 -24.77 -15.38 -13.26
CA GLU D 70 -24.94 -14.55 -14.45
C GLU D 70 -23.98 -13.40 -14.43
N ARG D 71 -23.84 -12.84 -13.22
CA ARG D 71 -22.97 -11.71 -12.97
C ARG D 71 -21.48 -12.09 -13.15
N TRP D 72 -21.05 -13.31 -12.74
CA TRP D 72 -19.70 -13.78 -13.11
C TRP D 72 -19.58 -14.04 -14.62
N TRP D 73 -20.56 -14.71 -15.22
CA TRP D 73 -20.60 -14.86 -16.67
C TRP D 73 -20.28 -13.54 -17.36
N GLU D 74 -21.01 -12.49 -16.98
CA GLU D 74 -20.81 -11.15 -17.49
C GLU D 74 -19.36 -10.67 -17.33
N GLU D 75 -18.61 -11.25 -16.39
CA GLU D 75 -17.23 -10.86 -16.10
C GLU D 75 -16.20 -11.65 -16.92
N THR D 76 -16.40 -12.96 -17.12
CA THR D 76 -15.36 -13.79 -17.75
C THR D 76 -15.84 -14.63 -18.92
N GLY D 77 -17.12 -14.71 -19.20
CA GLY D 77 -17.56 -15.55 -20.30
C GLY D 77 -17.07 -15.06 -21.65
N SER D 78 -17.03 -13.73 -21.83
CA SER D 78 -16.50 -13.18 -23.07
C SER D 78 -15.03 -13.52 -23.23
N LEU D 79 -14.26 -13.38 -22.16
CA LEU D 79 -12.82 -13.60 -22.26
C LEU D 79 -12.53 -15.07 -22.53
N PHE D 80 -13.24 -15.95 -21.84
CA PHE D 80 -13.01 -17.38 -22.02
C PHE D 80 -13.34 -17.81 -23.44
N SER D 81 -14.41 -17.26 -24.02
CA SER D 81 -14.70 -17.62 -25.40
C SER D 81 -13.58 -17.18 -26.33
N ARG D 82 -12.90 -16.08 -25.97
CA ARG D 82 -11.80 -15.59 -26.81
C ARG D 82 -10.56 -16.47 -26.69
N PHE D 83 -10.32 -17.10 -25.53
CA PHE D 83 -9.15 -17.96 -25.45
C PHE D 83 -9.33 -19.24 -26.24
N LEU D 84 -10.57 -19.73 -26.33
CA LEU D 84 -10.81 -20.89 -27.19
C LEU D 84 -10.51 -20.56 -28.65
N GLU D 85 -10.86 -19.35 -29.08
CA GLU D 85 -10.51 -18.92 -30.44
C GLU D 85 -9.00 -18.81 -30.60
N ALA D 86 -8.31 -18.32 -29.57
CA ALA D 86 -6.85 -18.23 -29.61
C ALA D 86 -6.20 -19.60 -29.65
N GLY D 87 -6.64 -20.50 -28.78
CA GLY D 87 -6.11 -21.84 -28.72
C GLY D 87 -6.35 -22.67 -29.97
N GLN D 88 -7.10 -22.12 -30.92
CA GLN D 88 -7.32 -22.77 -32.21
C GLN D 88 -7.94 -24.17 -32.04
N TYR D 89 -8.80 -24.31 -31.03
CA TYR D 89 -9.53 -25.56 -30.85
C TYR D 89 -10.59 -25.74 -31.92
N GLY D 90 -10.90 -27.00 -32.21
CA GLY D 90 -11.97 -27.29 -33.14
C GLY D 90 -13.25 -26.63 -32.68
N LEU D 91 -14.06 -26.21 -33.64
CA LEU D 91 -15.33 -25.57 -33.27
C LEU D 91 -16.17 -26.51 -32.41
N PRO D 92 -16.35 -27.79 -32.75
CA PRO D 92 -17.06 -28.69 -31.83
C PRO D 92 -16.38 -28.82 -30.48
N GLN D 93 -15.05 -28.72 -30.46
CA GLN D 93 -14.35 -28.78 -29.19
C GLN D 93 -14.70 -27.59 -28.33
N GLN D 94 -14.70 -26.39 -28.92
CA GLN D 94 -14.90 -25.16 -28.15
C GLN D 94 -16.23 -25.16 -27.41
N TYR D 95 -17.27 -25.72 -28.02
CA TYR D 95 -18.56 -25.72 -27.34
C TYR D 95 -18.59 -26.70 -26.18
N GLN D 96 -17.88 -27.84 -26.31
CA GLN D 96 -17.78 -28.79 -25.21
C GLN D 96 -17.09 -28.15 -24.00
N PHE D 97 -15.94 -27.51 -24.23
CA PHE D 97 -15.22 -26.84 -23.15
C PHE D 97 -15.98 -25.63 -22.64
N MET D 98 -16.73 -24.95 -23.51
CA MET D 98 -17.61 -23.91 -23.02
C MET D 98 -18.64 -24.53 -22.10
N PHE D 99 -19.28 -25.60 -22.57
CA PHE D 99 -20.33 -26.28 -21.83
C PHE D 99 -19.83 -26.66 -20.44
N PHE D 100 -18.66 -27.26 -20.37
CA PHE D 100 -18.06 -27.57 -19.08
C PHE D 100 -17.84 -26.30 -18.27
N PHE D 101 -17.34 -25.24 -18.91
CA PHE D 101 -17.04 -24.02 -18.18
C PHE D 101 -18.29 -23.42 -17.55
N MET D 102 -19.43 -23.45 -18.28
CA MET D 102 -20.66 -22.85 -17.76
C MET D 102 -21.19 -23.61 -16.56
N HIS D 103 -21.17 -24.93 -16.60
CA HIS D 103 -21.90 -25.74 -15.64
C HIS D 103 -21.09 -26.09 -14.40
N HIS D 104 -19.76 -26.08 -14.49
CA HIS D 104 -18.96 -26.51 -13.36
C HIS D 104 -18.10 -25.42 -12.77
N LEU D 105 -17.68 -24.45 -13.57
CA LEU D 105 -16.79 -23.41 -13.08
C LEU D 105 -17.53 -22.12 -12.71
N ILE D 106 -18.57 -21.72 -13.46
CA ILE D 106 -19.34 -20.54 -13.07
C ILE D 106 -20.05 -20.73 -11.73
N PRO D 107 -20.82 -21.80 -11.50
CA PRO D 107 -21.38 -22.00 -10.15
C PRO D 107 -20.31 -22.10 -9.06
N ALA D 108 -19.11 -22.58 -9.42
CA ALA D 108 -18.00 -22.75 -8.49
C ALA D 108 -17.32 -21.44 -8.10
N LEU D 109 -17.56 -20.35 -8.82
CA LEU D 109 -16.94 -19.08 -8.43
C LEU D 109 -17.58 -18.47 -7.19
N GLY D 110 -18.83 -18.83 -6.87
CA GLY D 110 -19.55 -18.36 -5.71
C GLY D 110 -20.00 -16.91 -5.81
N PRO D 111 -19.99 -16.21 -4.67
CA PRO D 111 -20.47 -14.81 -4.62
C PRO D 111 -19.73 -13.89 -5.59
N TYR D 112 -20.48 -13.09 -6.38
CA TYR D 112 -19.78 -12.25 -7.35
C TYR D 112 -18.96 -11.16 -6.70
N PRO D 113 -19.49 -10.28 -5.89
CA PRO D 113 -18.57 -9.41 -5.16
C PRO D 113 -17.81 -10.32 -4.21
N GLN D 114 -16.62 -10.74 -4.61
CA GLN D 114 -16.01 -11.86 -3.93
C GLN D 114 -15.50 -11.44 -2.55
N LYS D 115 -15.16 -12.44 -1.75
CA LYS D 115 -14.71 -12.19 -0.40
C LYS D 115 -13.45 -13.00 -0.15
N TRP D 116 -13.34 -14.11 -0.88
CA TRP D 116 -12.19 -15.00 -0.74
C TRP D 116 -11.04 -14.46 -1.56
N ARG D 117 -9.87 -14.38 -0.95
CA ARG D 117 -8.65 -14.10 -1.67
C ARG D 117 -8.01 -15.43 -1.98
N SER D 118 -7.99 -15.77 -3.26
CA SER D 118 -7.43 -17.05 -3.62
C SER D 118 -5.90 -16.95 -3.67
N THR D 119 -5.28 -18.12 -3.61
CA THR D 119 -3.83 -18.12 -3.60
C THR D 119 -3.28 -18.17 -5.01
N ILE D 120 -3.96 -18.91 -5.87
CA ILE D 120 -3.40 -19.25 -7.15
C ILE D 120 -3.23 -18.05 -8.06
N SER D 121 -3.86 -16.94 -7.75
CA SER D 121 -3.80 -15.78 -8.64
C SER D 121 -3.02 -14.65 -7.97
N ARG D 122 -2.27 -13.92 -8.80
CA ARG D 122 -1.59 -12.71 -8.34
C ARG D 122 -2.55 -11.77 -7.64
N SER D 123 -3.66 -11.40 -8.31
CA SER D 123 -4.59 -10.44 -7.75
C SER D 123 -5.37 -11.02 -6.58
N GLY D 124 -5.82 -12.28 -6.70
CA GLY D 124 -6.59 -12.90 -5.65
C GLY D 124 -7.86 -13.55 -6.14
N LEU D 125 -8.31 -13.16 -7.32
CA LEU D 125 -9.53 -13.74 -7.83
C LEU D 125 -9.27 -15.22 -8.16
N PRO D 126 -10.27 -16.05 -8.04
CA PRO D 126 -10.02 -17.50 -8.01
C PRO D 126 -9.95 -18.14 -9.38
N ILE D 127 -9.46 -17.46 -10.41
CA ILE D 127 -9.30 -18.07 -11.73
C ILE D 127 -8.14 -17.38 -12.45
N GLU D 128 -7.41 -18.17 -13.24
CA GLU D 128 -6.44 -17.58 -14.16
C GLU D 128 -6.39 -18.44 -15.41
N PHE D 129 -6.26 -17.80 -16.56
CA PHE D 129 -6.13 -18.53 -17.80
C PHE D 129 -4.70 -18.48 -18.31
N SER D 130 -4.27 -19.55 -19.00
CA SER D 130 -2.91 -19.67 -19.46
C SER D 130 -2.86 -20.37 -20.80
N LEU D 131 -1.87 -19.99 -21.62
CA LEU D 131 -1.62 -20.59 -22.92
C LEU D 131 -0.28 -21.34 -22.90
N ASN D 132 -0.32 -22.62 -23.31
CA ASN D 132 0.86 -23.46 -23.38
C ASN D 132 1.41 -23.43 -24.80
N PHE D 133 2.52 -22.73 -24.99
CA PHE D 133 3.18 -22.68 -26.28
C PHE D 133 4.22 -23.81 -26.39
N GLN D 134 4.19 -24.49 -27.53
CA GLN D 134 4.93 -25.72 -27.78
C GLN D 134 5.54 -25.61 -29.17
N LYS D 135 6.70 -26.26 -29.36
CA LYS D 135 7.45 -26.19 -30.61
C LYS D 135 6.60 -26.56 -31.82
N GLY D 136 6.50 -25.62 -32.76
CA GLY D 136 5.85 -25.80 -34.05
C GLY D 136 4.54 -26.57 -34.04
N SER D 137 3.67 -26.25 -33.08
CA SER D 137 2.42 -26.99 -32.93
C SER D 137 1.39 -26.09 -32.28
N HIS D 138 0.12 -26.51 -32.40
CA HIS D 138 -1.03 -25.80 -31.84
C HIS D 138 -0.88 -25.49 -30.35
N ARG D 139 -1.21 -24.26 -30.00
CA ARG D 139 -1.17 -23.79 -28.63
C ARG D 139 -2.33 -24.37 -27.83
N LEU D 140 -2.13 -24.52 -26.52
CA LEU D 140 -3.14 -25.08 -25.62
C LEU D 140 -3.56 -24.05 -24.58
N LEU D 141 -4.65 -24.38 -23.87
CA LEU D 141 -5.27 -23.49 -22.91
C LEU D 141 -5.34 -24.13 -21.53
N ARG D 142 -4.82 -23.42 -20.53
CA ARG D 142 -4.79 -23.87 -19.14
C ARG D 142 -5.79 -23.07 -18.31
N ILE D 143 -6.55 -23.76 -17.46
CA ILE D 143 -7.40 -23.12 -16.43
C ILE D 143 -6.99 -23.64 -15.07
N GLY D 144 -6.58 -22.74 -14.19
CA GLY D 144 -6.41 -23.10 -12.80
C GLY D 144 -7.31 -22.23 -11.94
N PHE D 145 -8.15 -22.84 -11.12
CA PHE D 145 -9.05 -22.00 -10.35
C PHE D 145 -9.38 -22.73 -9.05
N GLU D 146 -9.84 -21.95 -8.08
CA GLU D 146 -10.19 -22.44 -6.77
C GLU D 146 -11.69 -22.32 -6.56
N PRO D 147 -12.39 -23.39 -6.23
CA PRO D 147 -13.84 -23.29 -5.94
C PRO D 147 -14.14 -22.45 -4.69
N VAL D 148 -15.25 -21.71 -4.75
CA VAL D 148 -15.69 -20.82 -3.66
C VAL D 148 -17.22 -20.85 -3.54
N SER D 149 -17.71 -20.66 -2.31
CA SER D 149 -19.13 -20.41 -2.02
C SER D 149 -19.21 -19.25 -1.02
N PHE D 150 -20.44 -18.88 -0.64
CA PHE D 150 -20.59 -17.84 0.37
C PHE D 150 -20.12 -18.30 1.76
N LEU D 151 -20.01 -19.60 1.98
CA LEU D 151 -19.48 -20.11 3.24
C LEU D 151 -17.97 -19.92 3.35
N SER D 152 -17.30 -19.65 2.24
CA SER D 152 -15.83 -19.55 2.21
C SER D 152 -15.35 -18.41 3.11
N GLY D 153 -14.55 -18.74 4.13
CA GLY D 153 -14.06 -17.75 5.08
C GLY D 153 -14.95 -17.48 6.28
N SER D 154 -16.04 -18.24 6.46
CA SER D 154 -16.97 -18.10 7.57
C SER D 154 -16.51 -18.93 8.77
N SER D 155 -17.33 -18.97 9.83
CA SER D 155 -17.01 -19.83 10.96
C SER D 155 -16.95 -21.29 10.54
N GLN D 156 -17.79 -21.68 9.57
CA GLN D 156 -17.99 -23.08 9.22
C GLN D 156 -16.84 -23.63 8.38
N ASP D 157 -16.34 -22.83 7.45
CA ASP D 157 -15.26 -23.23 6.55
C ASP D 157 -14.35 -22.03 6.35
N PRO D 158 -13.52 -21.71 7.33
CA PRO D 158 -12.68 -20.51 7.24
C PRO D 158 -11.51 -20.66 6.27
N PHE D 159 -11.35 -21.83 5.65
CA PHE D 159 -10.19 -22.07 4.79
C PHE D 159 -10.55 -22.94 3.60
N ASN D 160 -11.72 -22.71 2.99
CA ASN D 160 -12.13 -23.34 1.71
C ASN D 160 -11.83 -24.83 1.62
N ARG D 161 -12.31 -25.59 2.58
CA ARG D 161 -12.20 -27.03 2.34
C ARG D 161 -13.44 -27.59 1.67
N ILE D 162 -14.62 -27.04 1.96
CA ILE D 162 -15.88 -27.64 1.52
C ILE D 162 -16.06 -27.53 0.00
N PRO D 163 -15.83 -26.37 -0.63
CA PRO D 163 -15.99 -26.32 -2.09
C PRO D 163 -15.03 -27.23 -2.85
N ILE D 164 -13.88 -27.57 -2.25
CA ILE D 164 -12.91 -28.44 -2.90
C ILE D 164 -13.52 -29.82 -3.13
N THR D 165 -14.06 -30.41 -2.07
CA THR D 165 -14.67 -31.73 -2.18
C THR D 165 -16.02 -31.65 -2.90
N ASP D 166 -16.69 -30.49 -2.84
CA ASP D 166 -17.89 -30.30 -3.66
C ASP D 166 -17.56 -30.37 -5.14
N LEU D 167 -16.50 -29.67 -5.56
CA LEU D 167 -16.17 -29.76 -6.97
C LEU D 167 -15.68 -31.14 -7.34
N LEU D 168 -14.96 -31.80 -6.43
CA LEU D 168 -14.40 -33.10 -6.76
C LEU D 168 -15.47 -34.16 -6.96
N ASN D 169 -16.61 -34.04 -6.27
CA ASN D 169 -17.69 -34.99 -6.50
C ASN D 169 -18.24 -34.87 -7.90
N ARG D 170 -18.49 -33.64 -8.34
CA ARG D 170 -19.04 -33.46 -9.68
C ARG D 170 -18.09 -33.98 -10.73
N LEU D 171 -16.78 -33.74 -10.56
CA LEU D 171 -15.82 -34.22 -11.53
C LEU D 171 -15.87 -35.75 -11.64
N SER D 172 -16.07 -36.43 -10.52
CA SER D 172 -16.18 -37.88 -10.58
C SER D 172 -17.50 -38.32 -11.21
N LYS D 173 -18.57 -37.53 -11.03
CA LYS D 173 -19.84 -37.86 -11.68
C LYS D 173 -19.70 -37.77 -13.19
N LEU D 174 -19.04 -36.73 -13.69
CA LEU D 174 -18.66 -36.64 -15.10
C LEU D 174 -17.77 -37.82 -15.47
N GLN D 175 -18.23 -38.63 -16.41
CA GLN D 175 -17.44 -39.80 -16.80
C GLN D 175 -16.27 -39.31 -17.65
N LEU D 176 -15.14 -39.17 -16.98
CA LEU D 176 -13.91 -38.59 -17.51
C LEU D 176 -12.92 -39.70 -17.80
N SER D 177 -12.25 -39.61 -18.95
CA SER D 177 -11.28 -40.62 -19.32
C SER D 177 -10.13 -40.66 -18.32
N ASN D 178 -9.92 -41.85 -17.75
CA ASN D 178 -8.78 -42.16 -16.86
C ASN D 178 -8.70 -41.17 -15.69
N PHE D 179 -9.81 -41.02 -14.98
CA PHE D 179 -9.92 -40.10 -13.87
C PHE D 179 -9.92 -40.87 -12.56
N ASP D 180 -8.79 -40.83 -11.85
CA ASP D 180 -8.63 -41.48 -10.55
C ASP D 180 -8.15 -40.47 -9.52
N THR D 181 -8.90 -40.38 -8.43
CA THR D 181 -8.68 -39.49 -7.31
C THR D 181 -7.84 -40.05 -6.16
N PRO D 182 -7.49 -41.35 -6.08
CA PRO D 182 -6.83 -41.84 -4.84
C PRO D 182 -5.58 -41.08 -4.46
N PHE D 183 -4.80 -40.58 -5.41
CA PHE D 183 -3.53 -39.98 -5.04
C PHE D 183 -3.73 -38.61 -4.40
N PHE D 184 -4.53 -37.75 -5.06
CA PHE D 184 -4.85 -36.44 -4.48
C PHE D 184 -5.53 -36.55 -3.12
N GLN D 185 -6.47 -37.50 -2.96
CA GLN D 185 -7.11 -37.74 -1.66
C GLN D 185 -6.07 -38.03 -0.58
N HIS D 186 -5.00 -38.74 -0.96
CA HIS D 186 -3.92 -39.01 -0.01
C HIS D 186 -3.29 -37.71 0.48
N LEU D 187 -3.03 -36.77 -0.42
CA LEU D 187 -2.38 -35.53 0.00
C LEU D 187 -3.28 -34.67 0.87
N LEU D 188 -4.59 -34.69 0.60
CA LEU D 188 -5.50 -33.96 1.47
C LEU D 188 -5.52 -34.55 2.86
N SER D 189 -5.63 -35.88 2.95
CA SER D 189 -5.69 -36.50 4.27
C SER D 189 -4.47 -36.14 5.10
N LYS D 190 -3.29 -36.05 4.45
CA LYS D 190 -2.08 -35.65 5.15
C LYS D 190 -2.11 -34.17 5.53
N PHE D 191 -2.71 -33.33 4.70
CA PHE D 191 -2.69 -31.89 4.93
C PHE D 191 -4.00 -31.35 5.49
N GLN D 192 -4.93 -32.21 5.91
CA GLN D 192 -6.11 -31.73 6.61
C GLN D 192 -5.73 -31.20 7.99
N LEU D 193 -6.69 -30.50 8.59
CA LEU D 193 -6.51 -29.86 9.89
C LEU D 193 -7.79 -29.94 10.72
N SER D 194 -7.70 -30.52 11.92
CA SER D 194 -8.83 -30.64 12.85
C SER D 194 -8.50 -29.83 14.10
N LEU D 195 -9.25 -28.76 14.34
CA LEU D 195 -9.11 -27.87 15.49
C LEU D 195 -7.69 -27.32 15.63
N SER D 196 -6.84 -27.64 14.66
CA SER D 196 -5.79 -26.72 14.30
C SER D 196 -6.42 -25.42 13.85
N GLU D 197 -7.65 -25.54 13.31
CA GLU D 197 -8.45 -24.38 12.94
C GLU D 197 -8.59 -23.40 14.09
N VAL D 198 -8.64 -23.92 15.32
CA VAL D 198 -8.75 -23.04 16.49
C VAL D 198 -7.50 -22.16 16.59
N ARG D 199 -6.33 -22.77 16.48
CA ARG D 199 -5.11 -21.98 16.45
C ARG D 199 -5.04 -21.11 15.20
N GLN D 200 -5.56 -21.60 14.07
CA GLN D 200 -5.64 -20.79 12.86
C GLN D 200 -6.59 -19.61 13.06
N LEU D 201 -7.76 -19.87 13.65
CA LEU D 201 -8.61 -18.77 14.06
C LEU D 201 -7.87 -17.81 14.98
N GLN D 202 -7.02 -18.36 15.86
CA GLN D 202 -6.27 -17.56 16.82
C GLN D 202 -5.13 -16.77 16.17
N LYS D 203 -4.66 -17.17 14.98
CA LYS D 203 -3.49 -16.54 14.39
C LYS D 203 -3.76 -15.15 13.85
N GLN D 204 -5.03 -14.77 13.65
CA GLN D 204 -5.36 -13.55 12.92
C GLN D 204 -4.99 -12.37 13.78
N GLY D 205 -3.69 -12.04 13.77
CA GLY D 205 -3.18 -10.90 14.49
C GLY D 205 -2.66 -9.86 13.52
N SER D 206 -3.10 -8.62 13.71
CA SER D 206 -2.60 -7.53 12.89
C SER D 206 -1.14 -7.23 13.23
N GLY D 207 -0.78 -7.32 14.51
CA GLY D 207 0.58 -7.08 14.95
C GLY D 207 1.57 -8.11 14.43
N PRO D 208 1.36 -9.38 14.77
CA PRO D 208 2.15 -10.44 14.13
C PRO D 208 1.50 -10.88 12.83
N ASP D 209 2.03 -10.39 11.70
CA ASP D 209 1.45 -10.69 10.41
C ASP D 209 1.28 -12.19 10.19
N ALA D 210 0.03 -12.62 10.06
CA ALA D 210 -0.29 -14.03 9.91
C ALA D 210 -1.47 -14.16 8.97
N HIS D 211 -1.35 -13.56 7.81
CA HIS D 211 -2.35 -13.65 6.77
C HIS D 211 -1.73 -13.66 5.37
N PRO D 212 -0.70 -14.48 5.12
CA PRO D 212 -0.13 -14.50 3.75
C PRO D 212 -1.07 -15.19 2.77
N LEU D 213 -1.54 -16.38 3.15
CA LEU D 213 -2.39 -17.20 2.29
C LEU D 213 -3.35 -17.96 3.17
N LYS D 214 -4.58 -18.13 2.70
CA LYS D 214 -5.59 -18.85 3.47
C LYS D 214 -6.19 -20.07 2.75
N SER D 215 -5.89 -20.28 1.48
CA SER D 215 -6.46 -21.43 0.78
C SER D 215 -5.81 -22.72 1.24
N GLN D 216 -6.52 -23.83 1.05
CA GLN D 216 -6.02 -25.12 1.49
C GLN D 216 -5.79 -26.11 0.35
N ALA D 217 -6.38 -25.89 -0.82
CA ALA D 217 -6.19 -26.69 -2.02
C ALA D 217 -6.85 -25.94 -3.16
N ALA D 218 -6.54 -26.32 -4.39
CA ALA D 218 -7.09 -25.67 -5.57
C ALA D 218 -7.04 -26.65 -6.73
N PHE D 219 -7.62 -26.26 -7.85
CA PHE D 219 -7.67 -27.12 -9.02
C PHE D 219 -7.01 -26.46 -10.23
N GLY D 220 -6.74 -27.31 -11.22
CA GLY D 220 -6.27 -26.93 -12.54
C GLY D 220 -6.85 -27.80 -13.63
N PHE D 221 -7.20 -27.20 -14.77
CA PHE D 221 -7.87 -27.89 -15.86
C PHE D 221 -7.09 -27.64 -17.14
N ASP D 222 -6.64 -28.71 -17.78
CA ASP D 222 -5.92 -28.61 -19.06
C ASP D 222 -6.81 -29.13 -20.18
N PHE D 223 -7.01 -28.30 -21.21
CA PHE D 223 -7.90 -28.59 -22.33
C PHE D 223 -7.05 -29.00 -23.53
N ASN D 224 -6.85 -30.29 -23.73
CA ASN D 224 -6.00 -30.71 -24.84
C ASN D 224 -6.82 -30.66 -26.13
N PRO D 225 -6.17 -30.71 -27.29
CA PRO D 225 -6.93 -30.53 -28.54
C PRO D 225 -7.90 -31.65 -28.80
N ASP D 226 -7.73 -32.79 -28.15
CA ASP D 226 -8.72 -33.86 -28.21
C ASP D 226 -9.88 -33.50 -27.29
N GLY D 227 -10.95 -34.30 -27.34
CA GLY D 227 -12.06 -34.05 -26.46
C GLY D 227 -11.85 -34.59 -25.06
N ALA D 228 -10.88 -34.03 -24.33
CA ALA D 228 -10.54 -34.54 -23.01
C ALA D 228 -10.00 -33.43 -22.13
N ILE D 229 -10.38 -33.46 -20.87
CA ILE D 229 -9.75 -32.66 -19.83
C ILE D 229 -8.88 -33.57 -18.99
N LEU D 230 -7.66 -33.14 -18.77
CA LEU D 230 -6.82 -33.66 -17.72
C LEU D 230 -6.99 -32.73 -16.54
N VAL D 231 -7.36 -33.29 -15.39
CA VAL D 231 -7.58 -32.48 -14.19
C VAL D 231 -6.32 -32.53 -13.35
N LYS D 232 -5.94 -31.36 -12.83
CA LYS D 232 -4.73 -31.20 -12.03
C LYS D 232 -5.14 -30.58 -10.71
N GLY D 233 -4.61 -31.12 -9.60
CA GLY D 233 -4.97 -30.64 -8.28
C GLY D 233 -3.81 -30.03 -7.53
N TYR D 234 -4.08 -29.23 -6.51
CA TYR D 234 -3.04 -28.48 -5.80
C TYR D 234 -3.24 -28.64 -4.31
N VAL D 235 -2.16 -28.49 -3.56
CA VAL D 235 -2.17 -28.63 -2.12
C VAL D 235 -1.34 -27.52 -1.52
N PHE D 236 -1.80 -26.92 -0.42
CA PHE D 236 -1.11 -25.78 0.17
C PHE D 236 -0.72 -26.00 1.62
N PRO D 237 0.54 -26.35 1.88
CA PRO D 237 0.96 -26.83 3.20
C PRO D 237 1.17 -25.74 4.24
N TYR D 238 1.23 -24.46 3.83
CA TYR D 238 1.56 -23.41 4.78
C TYR D 238 0.70 -23.51 6.04
N LEU D 239 -0.59 -23.77 5.86
CA LEU D 239 -1.52 -23.72 6.99
C LEU D 239 -1.35 -24.93 7.91
N LYS D 240 -1.23 -26.13 7.33
CA LYS D 240 -1.04 -27.32 8.15
C LYS D 240 0.27 -27.23 8.94
N ALA D 241 1.32 -26.71 8.30
CA ALA D 241 2.59 -26.55 8.99
C ALA D 241 2.52 -25.40 9.99
N LYS D 242 1.80 -24.32 9.66
CA LYS D 242 1.69 -23.20 10.58
C LYS D 242 1.10 -23.62 11.92
N ALA D 243 0.09 -24.50 11.88
CA ALA D 243 -0.54 -24.97 13.11
C ALA D 243 0.35 -25.97 13.83
N ALA D 244 0.93 -26.90 13.08
CA ALA D 244 1.73 -27.92 13.72
C ALA D 244 3.03 -27.37 14.26
N ASP D 245 3.38 -26.12 13.96
CA ASP D 245 4.65 -25.52 14.36
C ASP D 245 5.81 -26.39 13.91
N VAL D 246 5.69 -26.91 12.69
CA VAL D 246 6.63 -27.86 12.12
C VAL D 246 7.13 -27.24 10.82
N PRO D 247 8.42 -27.35 10.47
CA PRO D 247 8.91 -26.74 9.23
C PRO D 247 8.14 -27.23 8.01
N VAL D 248 7.82 -26.27 7.12
CA VAL D 248 6.85 -26.50 6.05
C VAL D 248 7.21 -27.70 5.19
N GLY D 249 8.51 -27.92 4.97
CA GLY D 249 8.93 -28.98 4.07
C GLY D 249 9.01 -30.34 4.74
N THR D 250 9.20 -30.37 6.06
CA THR D 250 9.42 -31.65 6.74
C THR D 250 8.23 -32.59 6.56
N LEU D 251 7.02 -32.05 6.60
CA LEU D 251 5.83 -32.87 6.36
C LEU D 251 5.53 -33.04 4.87
N ILE D 252 6.16 -32.25 4.01
CA ILE D 252 6.14 -32.55 2.58
C ILE D 252 6.87 -33.86 2.32
N ALA D 253 7.94 -34.12 3.08
CA ALA D 253 8.67 -35.37 2.92
C ALA D 253 7.83 -36.56 3.37
N GLU D 254 7.15 -36.41 4.52
CA GLU D 254 6.28 -37.48 5.02
C GLU D 254 5.12 -37.73 4.06
N ALA D 255 4.57 -36.67 3.48
CA ALA D 255 3.54 -36.85 2.47
C ALA D 255 4.05 -37.72 1.33
N VAL D 256 5.29 -37.51 0.91
CA VAL D 256 5.87 -38.31 -0.15
C VAL D 256 6.26 -39.69 0.35
N ARG D 257 6.78 -39.78 1.57
CA ARG D 257 7.17 -41.09 2.09
C ARG D 257 5.96 -41.97 2.36
N THR D 258 4.84 -41.38 2.79
CA THR D 258 3.64 -42.16 3.06
C THR D 258 3.10 -42.84 1.81
N ILE D 259 3.23 -42.20 0.65
CA ILE D 259 2.91 -42.91 -0.58
C ILE D 259 4.08 -43.80 -1.01
N ASP D 260 5.30 -43.54 -0.51
CA ASP D 260 6.46 -44.36 -0.86
C ASP D 260 6.29 -45.81 -0.39
N VAL D 261 5.74 -46.01 0.80
CA VAL D 261 5.45 -47.38 1.23
C VAL D 261 4.34 -47.98 0.36
N GLU D 262 3.43 -47.13 -0.14
CA GLU D 262 2.44 -47.60 -1.10
C GLU D 262 3.10 -47.94 -2.43
N ARG D 263 3.88 -47.00 -2.98
CA ARG D 263 4.73 -47.30 -4.13
C ARG D 263 5.93 -46.38 -4.10
N ASN D 264 7.11 -46.92 -4.37
CA ASN D 264 8.38 -46.29 -4.05
C ASN D 264 9.16 -45.98 -5.32
N GLN D 265 8.63 -45.08 -6.13
CA GLN D 265 9.32 -44.60 -7.33
C GLN D 265 9.56 -43.11 -7.33
N PHE D 266 9.12 -42.39 -6.30
CA PHE D 266 9.38 -40.97 -6.19
C PHE D 266 10.51 -40.65 -5.23
N THR D 267 11.04 -41.66 -4.53
CA THR D 267 12.02 -41.45 -3.47
C THR D 267 13.29 -40.79 -3.98
N HIS D 268 13.89 -41.36 -5.03
CA HIS D 268 15.20 -40.91 -5.52
C HIS D 268 15.15 -39.48 -6.03
N ALA D 269 14.24 -39.21 -6.95
CA ALA D 269 14.11 -37.88 -7.52
C ALA D 269 13.76 -36.85 -6.45
N PHE D 270 12.82 -37.18 -5.56
CA PHE D 270 12.40 -36.23 -4.53
C PHE D 270 13.49 -35.99 -3.50
N GLY D 271 14.09 -37.08 -2.98
CA GLY D 271 15.18 -36.92 -2.02
C GLY D 271 16.30 -36.06 -2.56
N LEU D 272 16.51 -36.09 -3.88
CA LEU D 272 17.44 -35.19 -4.51
C LEU D 272 16.96 -33.73 -4.45
N ILE D 273 15.63 -33.52 -4.48
CA ILE D 273 15.11 -32.15 -4.36
C ILE D 273 15.24 -31.64 -2.93
N ASN D 274 14.88 -32.46 -1.94
CA ASN D 274 15.01 -32.03 -0.54
C ASN D 274 16.44 -31.61 -0.23
N ASP D 275 17.40 -32.40 -0.70
CA ASP D 275 18.80 -32.19 -0.37
C ASP D 275 19.25 -30.80 -0.80
N TYR D 276 18.91 -30.40 -2.02
CA TYR D 276 19.22 -29.03 -2.43
C TYR D 276 18.49 -28.00 -1.57
N MET D 277 17.20 -28.23 -1.29
CA MET D 277 16.42 -27.25 -0.54
C MET D 277 16.86 -27.15 0.92
N GLN D 278 17.36 -28.24 1.50
CA GLN D 278 18.00 -28.12 2.81
C GLN D 278 19.29 -27.32 2.71
N GLU D 279 20.12 -27.61 1.70
CA GLU D 279 21.34 -26.82 1.50
C GLU D 279 21.02 -25.35 1.26
N SER D 280 19.98 -25.08 0.47
CA SER D 280 19.61 -23.74 0.05
C SER D 280 19.04 -22.93 1.20
N THR D 281 18.71 -21.67 0.89
CA THR D 281 17.96 -20.85 1.82
C THR D 281 16.72 -21.58 2.32
N GLY D 282 16.27 -22.57 1.58
CA GLY D 282 15.17 -23.43 1.93
C GLY D 282 13.87 -23.01 1.26
N TYR D 283 13.03 -24.00 1.03
CA TYR D 283 11.66 -23.81 0.61
C TYR D 283 10.83 -23.39 1.82
N ASN D 284 10.14 -22.28 1.66
CA ASN D 284 9.68 -21.46 2.76
C ASN D 284 8.16 -21.51 2.88
N GLU D 285 7.57 -20.43 3.39
CA GLU D 285 6.14 -20.38 3.61
C GLU D 285 5.38 -20.57 2.32
N TYR D 286 5.91 -19.99 1.25
CA TYR D 286 5.30 -19.99 -0.07
C TYR D 286 5.40 -21.32 -0.80
N THR D 287 6.22 -22.27 -0.33
CA THR D 287 6.33 -23.55 -1.03
C THR D 287 5.02 -24.32 -0.95
N PHE D 288 4.76 -25.12 -1.99
CA PHE D 288 3.53 -25.89 -2.12
C PHE D 288 3.71 -26.94 -3.21
N LEU D 289 2.66 -27.71 -3.43
CA LEU D 289 2.74 -29.01 -4.10
C LEU D 289 1.64 -29.12 -5.15
N SER D 290 1.83 -30.05 -6.09
CA SER D 290 0.91 -30.23 -7.20
C SER D 290 0.71 -31.72 -7.44
N CYS D 291 -0.29 -32.04 -8.26
CA CYS D 291 -0.73 -33.42 -8.43
C CYS D 291 -1.55 -33.53 -9.71
N ASP D 292 -1.59 -34.74 -10.26
CA ASP D 292 -2.48 -35.04 -11.39
C ASP D 292 -3.51 -36.05 -10.94
N PHE D 293 -4.73 -35.91 -11.47
CA PHE D 293 -5.80 -36.84 -11.15
C PHE D 293 -5.80 -38.07 -11.99
N VAL D 294 -4.66 -38.41 -12.57
CA VAL D 294 -4.55 -39.65 -13.32
C VAL D 294 -4.03 -40.75 -12.40
N GLU D 295 -4.12 -41.99 -12.87
CA GLU D 295 -3.60 -43.17 -12.20
C GLU D 295 -2.15 -42.97 -11.78
N THR D 296 -1.74 -43.70 -10.72
CA THR D 296 -0.42 -43.51 -10.10
C THR D 296 0.74 -43.81 -11.06
N SER D 297 0.63 -44.84 -11.88
CA SER D 297 1.74 -45.18 -12.77
C SER D 297 2.07 -44.04 -13.73
N GLU D 298 1.04 -43.42 -14.31
CA GLU D 298 1.23 -42.26 -15.17
C GLU D 298 1.29 -40.94 -14.42
N GLN D 299 1.37 -40.96 -13.10
CA GLN D 299 1.27 -39.71 -12.37
C GLN D 299 2.56 -38.90 -12.41
N ARG D 300 2.40 -37.58 -12.48
CA ARG D 300 3.48 -36.62 -12.64
C ARG D 300 3.32 -35.58 -11.52
N LEU D 301 4.00 -35.80 -10.40
CA LEU D 301 3.83 -34.86 -9.30
C LEU D 301 4.93 -33.82 -9.32
N LYS D 302 4.64 -32.67 -8.72
CA LYS D 302 5.47 -31.49 -8.85
C LYS D 302 5.63 -30.86 -7.47
N ILE D 303 6.72 -30.11 -7.27
CA ILE D 303 6.93 -29.33 -6.05
C ILE D 303 7.18 -27.87 -6.43
N TYR D 304 6.32 -26.97 -5.96
CA TYR D 304 6.50 -25.55 -6.26
C TYR D 304 7.02 -24.82 -5.02
N GLY D 305 7.39 -23.55 -5.23
CA GLY D 305 7.91 -22.69 -4.18
C GLY D 305 8.27 -21.35 -4.77
N ALA D 306 8.59 -20.40 -3.89
CA ALA D 306 8.88 -19.03 -4.30
C ALA D 306 10.14 -18.50 -3.62
N HIS D 307 10.84 -17.60 -4.32
CA HIS D 307 11.97 -16.85 -3.80
C HIS D 307 11.91 -15.41 -4.28
N THR D 308 12.38 -14.50 -3.44
CA THR D 308 12.61 -13.12 -3.85
C THR D 308 14.07 -12.87 -4.21
N GLU D 309 14.94 -13.83 -3.95
CA GLU D 309 16.34 -13.74 -4.35
C GLU D 309 16.41 -13.83 -5.87
N VAL D 310 16.74 -12.72 -6.51
CA VAL D 310 16.82 -12.64 -7.96
C VAL D 310 18.24 -12.24 -8.31
N THR D 311 19.10 -13.24 -8.47
CA THR D 311 20.37 -13.12 -9.16
C THR D 311 20.43 -14.24 -10.20
N TRP D 312 21.07 -13.94 -11.35
CA TRP D 312 21.29 -15.01 -12.31
C TRP D 312 22.04 -16.18 -11.70
N ALA D 313 22.97 -15.89 -10.79
CA ALA D 313 23.70 -16.98 -10.13
C ALA D 313 22.76 -17.89 -9.34
N LYS D 314 21.79 -17.31 -8.62
CA LYS D 314 20.86 -18.12 -7.84
C LYS D 314 19.89 -18.89 -8.74
N ILE D 315 19.44 -18.28 -9.84
CA ILE D 315 18.63 -19.00 -10.81
C ILE D 315 19.39 -20.21 -11.34
N ALA D 316 20.69 -20.01 -11.62
CA ALA D 316 21.52 -21.14 -11.99
C ALA D 316 21.70 -22.10 -10.82
N GLU D 317 21.81 -21.57 -9.60
CA GLU D 317 21.97 -22.45 -8.45
C GLU D 317 20.78 -23.38 -8.32
N MET D 318 19.57 -22.88 -8.58
CA MET D 318 18.39 -23.70 -8.38
C MET D 318 18.19 -24.67 -9.54
N TRP D 319 18.26 -24.14 -10.76
CA TRP D 319 18.05 -24.99 -11.93
C TRP D 319 19.06 -26.12 -11.95
N THR D 320 20.34 -25.80 -11.76
CA THR D 320 21.40 -26.80 -11.75
C THR D 320 21.44 -27.55 -10.42
N LEU D 321 21.57 -26.81 -9.32
CA LEU D 321 21.86 -27.31 -7.97
C LEU D 321 23.19 -28.07 -8.08
N GLY D 322 23.27 -29.31 -7.64
CA GLY D 322 24.48 -30.05 -7.89
C GLY D 322 24.21 -31.25 -8.75
N GLY D 323 23.38 -32.17 -8.25
CA GLY D 323 23.32 -33.50 -8.84
C GLY D 323 22.92 -33.49 -10.30
N ARG D 324 21.89 -32.73 -10.66
CA ARG D 324 21.31 -32.88 -11.99
C ARG D 324 22.14 -32.20 -13.08
N LEU D 325 23.15 -31.39 -12.70
CA LEU D 325 24.06 -30.77 -13.66
C LEU D 325 24.80 -31.81 -14.49
N ILE D 326 25.61 -32.63 -13.82
CA ILE D 326 26.49 -33.55 -14.52
C ILE D 326 25.68 -34.62 -15.25
N GLU D 327 24.69 -35.19 -14.56
CA GLU D 327 24.15 -36.48 -14.96
C GLU D 327 23.33 -36.38 -16.25
N GLU D 328 22.78 -35.22 -16.56
CA GLU D 328 22.01 -35.07 -17.78
C GLU D 328 22.36 -33.78 -18.50
N PRO D 329 22.30 -33.77 -19.84
CA PRO D 329 22.62 -32.55 -20.59
C PRO D 329 21.45 -31.59 -20.74
N GLU D 330 20.19 -32.07 -20.61
CA GLU D 330 19.03 -31.21 -20.81
C GLU D 330 19.06 -30.00 -19.89
N ILE D 331 19.32 -30.24 -18.60
CA ILE D 331 19.50 -29.16 -17.64
C ILE D 331 20.46 -28.12 -18.18
N ILE D 332 21.56 -28.58 -18.77
CA ILE D 332 22.56 -27.68 -19.33
C ILE D 332 22.04 -27.02 -20.60
N ALA D 333 21.43 -27.82 -21.49
CA ALA D 333 20.90 -27.30 -22.74
C ALA D 333 19.79 -26.29 -22.49
N GLY D 334 18.84 -26.67 -21.64
CA GLY D 334 17.72 -25.80 -21.34
C GLY D 334 18.14 -24.53 -20.64
N LEU D 335 19.15 -24.61 -19.76
CA LEU D 335 19.56 -23.41 -19.03
C LEU D 335 20.06 -22.34 -19.99
N ALA D 336 20.73 -22.74 -21.06
CA ALA D 336 21.25 -21.78 -22.04
C ALA D 336 20.11 -20.98 -22.66
N ARG D 337 19.11 -21.66 -23.22
CA ARG D 337 17.98 -20.95 -23.80
C ARG D 337 17.27 -20.09 -22.76
N LEU D 338 17.35 -20.48 -21.48
CA LEU D 338 16.75 -19.69 -20.42
C LEU D 338 17.52 -18.40 -20.18
N LYS D 339 18.83 -18.37 -20.49
CA LYS D 339 19.61 -17.16 -20.27
C LYS D 339 19.18 -16.04 -21.21
N GLN D 340 18.76 -16.37 -22.44
CA GLN D 340 18.45 -15.31 -23.38
C GLN D 340 17.08 -14.67 -23.11
N ILE D 341 16.10 -15.46 -22.67
CA ILE D 341 14.84 -14.83 -22.26
C ILE D 341 15.01 -13.98 -21.01
N TRP D 342 15.93 -14.36 -20.10
CA TRP D 342 16.20 -13.52 -18.94
C TRP D 342 16.71 -12.15 -19.36
N SER D 343 17.60 -12.12 -20.36
CA SER D 343 18.14 -10.85 -20.84
C SER D 343 17.19 -10.15 -21.82
N LEU D 344 16.41 -10.90 -22.61
CA LEU D 344 15.37 -10.26 -23.41
C LEU D 344 14.39 -9.51 -22.52
N LEU D 345 14.09 -10.06 -21.35
CA LEU D 345 13.12 -9.46 -20.45
C LEU D 345 13.84 -8.70 -19.33
N GLN D 346 14.37 -7.55 -19.72
CA GLN D 346 15.00 -6.63 -18.77
C GLN D 346 13.95 -6.18 -17.77
N ILE D 347 14.09 -6.60 -16.51
CA ILE D 347 13.07 -6.38 -15.50
C ILE D 347 13.11 -4.93 -15.02
N GLY D 348 13.97 -4.12 -15.67
CA GLY D 348 13.97 -2.68 -15.45
C GLY D 348 14.69 -2.20 -14.21
N GLU D 349 15.30 -3.09 -13.41
CA GLU D 349 16.07 -2.70 -12.24
C GLU D 349 17.58 -2.65 -12.52
N GLY D 350 18.00 -2.91 -13.76
CA GLY D 350 19.41 -2.85 -14.10
C GLY D 350 19.71 -2.41 -15.52
N SER D 371 13.06 -8.94 -8.42
CA SER D 371 12.37 -9.79 -9.39
C SER D 371 12.08 -11.17 -8.80
N PRO D 372 11.13 -11.26 -7.87
CA PRO D 372 10.82 -12.56 -7.24
C PRO D 372 10.26 -13.55 -8.25
N ILE D 373 10.72 -14.80 -8.16
CA ILE D 373 10.38 -15.82 -9.14
C ILE D 373 9.82 -17.05 -8.43
N ILE D 374 9.05 -17.84 -9.18
CA ILE D 374 8.53 -19.12 -8.71
C ILE D 374 9.29 -20.24 -9.43
N TRP D 375 9.45 -21.35 -8.71
CA TRP D 375 10.13 -22.53 -9.23
C TRP D 375 9.24 -23.76 -9.07
N ASN D 376 9.64 -24.81 -9.76
CA ASN D 376 8.84 -26.01 -9.93
C ASN D 376 9.75 -27.15 -10.33
N TYR D 377 9.57 -28.31 -9.71
CA TYR D 377 10.32 -29.51 -10.08
C TYR D 377 9.33 -30.63 -10.30
N GLU D 378 9.32 -31.18 -11.51
CA GLU D 378 8.34 -32.16 -11.96
C GLU D 378 8.94 -33.57 -11.85
N ILE D 379 8.45 -34.35 -10.89
CA ILE D 379 8.97 -35.69 -10.64
C ILE D 379 8.10 -36.70 -11.37
N HIS D 380 8.73 -37.50 -12.22
CA HIS D 380 8.02 -38.53 -12.94
C HIS D 380 8.58 -39.89 -12.54
N PRO D 381 7.73 -40.89 -12.26
CA PRO D 381 8.26 -42.18 -11.77
C PRO D 381 9.10 -42.92 -12.80
N GLY D 382 8.72 -42.85 -14.08
CA GLY D 382 9.48 -43.49 -15.13
C GLY D 382 10.87 -42.94 -15.33
N SER D 383 11.27 -41.96 -14.51
CA SER D 383 12.62 -41.39 -14.56
C SER D 383 13.10 -41.08 -13.14
N ARG D 384 14.39 -40.71 -13.04
CA ARG D 384 14.99 -40.21 -11.80
C ARG D 384 15.59 -38.83 -11.98
N PHE D 385 15.10 -38.10 -12.98
CA PHE D 385 15.54 -36.72 -13.26
C PHE D 385 14.31 -35.82 -13.31
N PRO D 386 14.06 -35.07 -12.24
CA PRO D 386 12.95 -34.09 -12.25
C PRO D 386 13.17 -32.90 -13.25
N VAL D 387 12.17 -32.57 -14.08
CA VAL D 387 12.30 -31.54 -15.10
C VAL D 387 12.00 -30.19 -14.45
N PRO D 388 12.94 -29.26 -14.38
CA PRO D 388 12.66 -27.98 -13.73
C PRO D 388 11.84 -27.03 -14.59
N LYS D 389 11.18 -26.10 -13.90
CA LYS D 389 10.34 -25.10 -14.54
C LYS D 389 10.32 -23.87 -13.66
N PHE D 390 10.60 -22.71 -14.22
CA PHE D 390 10.57 -21.47 -13.46
C PHE D 390 9.47 -20.55 -13.98
N TYR D 391 9.03 -19.66 -13.11
CA TYR D 391 7.99 -18.70 -13.46
C TYR D 391 8.58 -17.29 -13.33
N LEU D 392 8.21 -16.42 -14.27
CA LEU D 392 8.90 -15.14 -14.36
C LEU D 392 7.93 -13.97 -14.31
N PRO D 393 8.26 -12.94 -13.53
CA PRO D 393 7.37 -11.76 -13.42
C PRO D 393 7.25 -11.02 -14.74
N VAL D 394 6.01 -10.75 -15.16
CA VAL D 394 5.74 -9.90 -16.30
C VAL D 394 4.82 -8.76 -15.87
N HIS D 395 4.04 -8.98 -14.81
CA HIS D 395 3.35 -7.87 -14.16
C HIS D 395 4.40 -6.88 -13.65
N GLY D 396 4.24 -5.61 -14.06
CA GLY D 396 5.25 -4.60 -13.91
C GLY D 396 6.01 -4.32 -15.20
N GLU D 397 6.11 -5.32 -16.08
CA GLU D 397 6.75 -5.14 -17.36
C GLU D 397 5.71 -4.83 -18.42
N ASN D 398 6.05 -3.92 -19.33
CA ASN D 398 5.17 -3.56 -20.43
C ASN D 398 4.78 -4.82 -21.19
N ASP D 399 3.47 -5.01 -21.35
CA ASP D 399 2.97 -6.20 -22.04
C ASP D 399 3.41 -6.18 -23.50
N LEU D 400 3.59 -4.99 -24.06
CA LEU D 400 4.12 -4.89 -25.42
C LEU D 400 5.61 -5.24 -25.46
N HIS D 401 6.42 -4.62 -24.56
CA HIS D 401 7.82 -5.03 -24.40
C HIS D 401 7.94 -6.53 -24.27
N VAL D 402 7.05 -7.15 -23.49
CA VAL D 402 7.07 -8.59 -23.32
C VAL D 402 6.55 -9.28 -24.57
N ALA D 403 5.47 -8.76 -25.17
CA ALA D 403 4.97 -9.36 -26.41
C ALA D 403 6.05 -9.33 -27.48
N ARG D 404 6.73 -8.18 -27.62
CA ARG D 404 7.82 -8.05 -28.57
C ARG D 404 8.99 -8.97 -28.21
N ALA D 405 9.47 -8.86 -26.97
CA ALA D 405 10.67 -9.61 -26.57
C ALA D 405 10.40 -11.11 -26.55
N LEU D 406 9.19 -11.52 -26.17
CA LEU D 406 8.84 -12.94 -26.21
C LEU D 406 8.73 -13.43 -27.65
N ALA D 407 8.40 -12.54 -28.58
CA ALA D 407 8.29 -12.93 -29.98
C ALA D 407 9.66 -13.17 -30.61
N GLN D 408 10.67 -12.38 -30.21
CA GLN D 408 12.02 -12.59 -30.71
C GLN D 408 12.54 -13.97 -30.32
N PHE D 409 12.35 -14.36 -29.06
CA PHE D 409 12.85 -15.64 -28.56
C PHE D 409 12.28 -16.83 -29.30
N TRP D 410 11.14 -16.64 -30.01
CA TRP D 410 10.64 -17.74 -30.82
C TRP D 410 11.42 -17.86 -32.12
N ASP D 411 11.90 -16.73 -32.67
CA ASP D 411 12.78 -16.78 -33.84
C ASP D 411 14.13 -17.40 -33.49
N SER D 412 14.65 -17.16 -32.29
CA SER D 412 15.91 -17.77 -31.85
C SER D 412 15.80 -19.29 -31.78
N LEU D 413 14.62 -19.81 -31.43
CA LEU D 413 14.35 -21.24 -31.43
C LEU D 413 13.85 -21.73 -32.78
N GLY D 414 13.52 -20.82 -33.70
CA GLY D 414 12.92 -21.17 -34.97
C GLY D 414 11.51 -21.70 -34.88
N TRP D 415 10.58 -20.91 -34.34
CA TRP D 415 9.19 -21.33 -34.31
C TRP D 415 8.43 -20.64 -35.42
N PRO D 416 7.73 -21.40 -36.25
CA PRO D 416 7.24 -20.85 -37.52
C PRO D 416 6.19 -19.74 -37.39
N GLU D 417 5.09 -19.95 -36.70
CA GLU D 417 4.01 -18.97 -36.74
C GLU D 417 3.80 -18.23 -35.43
N HIS D 418 3.98 -18.92 -34.31
CA HIS D 418 3.76 -18.33 -32.99
C HIS D 418 4.45 -16.98 -32.84
N ALA D 419 5.65 -16.84 -33.43
CA ALA D 419 6.41 -15.61 -33.28
C ALA D 419 5.71 -14.44 -33.95
N CYS D 420 5.23 -14.63 -35.19
CA CYS D 420 4.65 -13.54 -35.96
C CYS D 420 3.26 -13.16 -35.46
N ALA D 421 2.45 -14.14 -35.08
CA ALA D 421 1.06 -13.91 -34.75
C ALA D 421 0.80 -13.74 -33.26
N TYR D 422 1.83 -13.81 -32.42
CA TYR D 422 1.58 -13.67 -30.99
C TYR D 422 1.12 -12.27 -30.61
N PRO D 423 1.86 -11.19 -30.89
CA PRO D 423 1.36 -9.87 -30.50
C PRO D 423 0.06 -9.49 -31.20
N ASP D 424 -0.25 -10.08 -32.37
CA ASP D 424 -1.56 -9.90 -32.98
C ASP D 424 -2.62 -10.83 -32.37
N THR D 425 -2.23 -11.90 -31.69
CA THR D 425 -3.15 -12.70 -30.90
C THR D 425 -3.26 -12.19 -29.46
N LEU D 426 -2.53 -11.14 -29.13
CA LEU D 426 -2.60 -10.52 -27.82
C LEU D 426 -3.55 -9.33 -27.79
N GLN D 427 -3.50 -8.47 -28.82
CA GLN D 427 -4.52 -7.43 -28.95
C GLN D 427 -5.87 -8.05 -29.27
N GLN D 428 -5.89 -9.22 -29.92
CA GLN D 428 -7.16 -9.88 -30.19
C GLN D 428 -7.81 -10.34 -28.89
N LEU D 429 -7.01 -10.81 -27.94
CA LEU D 429 -7.55 -11.26 -26.67
C LEU D 429 -8.01 -10.12 -25.79
N TYR D 430 -7.42 -8.95 -25.92
CA TYR D 430 -7.82 -7.79 -25.13
C TYR D 430 -8.05 -6.58 -26.03
N PRO D 431 -9.03 -6.65 -26.93
CA PRO D 431 -9.26 -5.51 -27.83
C PRO D 431 -9.75 -4.25 -27.11
N ASP D 432 -10.44 -4.39 -25.99
CA ASP D 432 -10.87 -3.23 -25.22
C ASP D 432 -9.69 -2.39 -24.74
N GLN D 433 -8.65 -3.04 -24.21
CA GLN D 433 -7.49 -2.38 -23.63
C GLN D 433 -6.43 -2.05 -24.69
N ASP D 434 -5.44 -1.25 -24.27
CA ASP D 434 -4.40 -0.69 -25.14
C ASP D 434 -3.06 -1.35 -24.81
N ILE D 435 -2.53 -2.18 -25.71
CA ILE D 435 -1.23 -2.83 -25.44
C ILE D 435 -0.13 -1.79 -25.26
N SER D 436 -0.31 -0.59 -25.80
CA SER D 436 0.68 0.45 -25.68
C SER D 436 1.06 0.70 -24.22
N GLN D 437 0.07 0.69 -23.32
CA GLN D 437 0.28 1.12 -21.96
C GLN D 437 0.11 0.03 -20.90
N THR D 438 -0.32 -1.17 -21.27
CA THR D 438 -0.67 -2.20 -20.29
C THR D 438 0.54 -2.93 -19.74
N THR D 439 0.49 -3.22 -18.44
CA THR D 439 1.47 -4.07 -17.79
C THR D 439 0.88 -5.32 -17.16
N ARG D 440 -0.35 -5.26 -16.67
CA ARG D 440 -0.97 -6.36 -15.93
C ARG D 440 -1.70 -7.38 -16.81
N LEU D 441 -1.80 -7.17 -18.13
CA LEU D 441 -2.43 -8.20 -18.95
C LEU D 441 -1.59 -9.48 -19.03
N GLN D 442 -0.29 -9.39 -18.76
CA GLN D 442 0.60 -10.55 -18.76
C GLN D 442 1.35 -10.56 -17.44
N SER D 443 1.16 -11.60 -16.65
CA SER D 443 1.60 -11.67 -15.26
C SER D 443 2.82 -12.57 -15.05
N TRP D 444 2.81 -13.78 -15.59
CA TRP D 444 3.90 -14.72 -15.38
C TRP D 444 4.21 -15.41 -16.70
N ILE D 445 5.43 -15.95 -16.79
CA ILE D 445 5.88 -16.77 -17.90
C ILE D 445 6.68 -17.94 -17.36
N SER D 446 6.38 -19.15 -17.83
CA SER D 446 7.00 -20.38 -17.37
C SER D 446 7.98 -20.93 -18.40
N TYR D 447 9.06 -21.57 -17.93
CA TYR D 447 10.04 -22.18 -18.81
C TYR D 447 10.33 -23.61 -18.37
N SER D 448 10.30 -24.53 -19.32
CA SER D 448 10.64 -25.92 -19.08
C SER D 448 11.32 -26.46 -20.33
N TYR D 449 12.25 -27.39 -20.15
CA TYR D 449 12.97 -27.98 -21.27
C TYR D 449 13.06 -29.49 -21.11
N THR D 450 12.66 -30.21 -22.15
CA THR D 450 12.76 -31.65 -22.19
C THR D 450 13.50 -32.06 -23.45
N ALA D 451 14.16 -33.22 -23.38
CA ALA D 451 14.76 -33.80 -24.58
C ALA D 451 13.71 -34.10 -25.63
N LYS D 452 12.68 -34.85 -25.25
CA LYS D 452 11.66 -35.24 -26.21
C LYS D 452 10.81 -34.03 -26.63
N ARG D 453 10.37 -33.23 -25.65
CA ARG D 453 9.43 -32.13 -25.91
C ARG D 453 10.07 -30.87 -26.50
N GLY D 454 11.35 -30.67 -26.28
CA GLY D 454 11.96 -29.39 -26.63
C GLY D 454 11.68 -28.34 -25.58
N VAL D 455 11.14 -27.20 -26.01
CA VAL D 455 10.94 -26.06 -25.10
C VAL D 455 9.47 -26.00 -24.74
N TYR D 456 9.19 -26.21 -23.45
CA TYR D 456 7.91 -25.90 -22.85
C TYR D 456 7.90 -24.44 -22.43
N MET D 457 6.81 -23.74 -22.69
CA MET D 457 6.71 -22.38 -22.17
C MET D 457 5.26 -21.92 -22.17
N SER D 458 4.79 -21.40 -21.01
CA SER D 458 3.41 -20.95 -20.84
C SER D 458 3.34 -19.53 -20.28
N VAL D 459 2.29 -18.80 -20.67
CA VAL D 459 2.07 -17.41 -20.30
C VAL D 459 0.75 -17.31 -19.54
N TYR D 460 0.79 -16.71 -18.35
CA TYR D 460 -0.42 -16.57 -17.53
C TYR D 460 -0.95 -15.14 -17.65
N TYR D 461 -2.27 -15.01 -17.81
CA TYR D 461 -2.88 -13.75 -18.22
C TYR D 461 -3.78 -13.14 -17.16
N HIS D 462 -4.14 -11.88 -17.43
CA HIS D 462 -5.15 -11.18 -16.66
C HIS D 462 -6.50 -11.76 -17.03
N SER D 463 -7.14 -12.38 -16.06
CA SER D 463 -8.19 -13.34 -16.35
C SER D 463 -9.61 -12.80 -16.11
N GLN D 464 -9.75 -11.51 -15.81
CA GLN D 464 -11.06 -10.87 -15.63
C GLN D 464 -11.16 -9.66 -16.55
N SER D 465 -12.38 -9.30 -16.92
CA SER D 465 -12.56 -8.21 -17.86
C SER D 465 -12.33 -6.84 -17.21
N THR D 466 -12.81 -6.63 -15.99
CA THR D 466 -12.71 -5.31 -15.37
C THR D 466 -11.28 -4.95 -14.90
N SER E 51 -18.04 -39.83 -39.27
CA SER E 51 -18.91 -41.00 -39.37
C SER E 51 -20.10 -41.07 -38.37
N PRO E 52 -20.00 -40.46 -37.15
CA PRO E 52 -21.16 -40.48 -36.24
C PRO E 52 -21.99 -39.21 -36.34
N SER E 53 -23.18 -39.22 -35.74
CA SER E 53 -23.98 -38.00 -35.63
C SER E 53 -23.28 -36.99 -34.74
N PRO E 54 -23.29 -35.70 -35.12
CA PRO E 54 -22.32 -34.76 -34.56
C PRO E 54 -22.77 -33.98 -33.32
N ALA E 55 -24.02 -33.53 -33.31
CA ALA E 55 -24.46 -32.50 -32.38
C ALA E 55 -24.61 -32.98 -30.94
N GLN E 56 -24.51 -34.28 -30.69
CA GLN E 56 -24.75 -34.87 -29.39
C GLN E 56 -23.50 -34.95 -28.55
N ALA E 57 -22.44 -34.29 -28.96
CA ALA E 57 -21.19 -34.33 -28.23
C ALA E 57 -21.13 -33.30 -27.11
N LEU E 58 -22.19 -32.52 -26.92
CA LEU E 58 -22.25 -31.65 -25.75
C LEU E 58 -22.35 -32.48 -24.48
N ALA E 59 -23.14 -33.56 -24.53
CA ALA E 59 -23.44 -34.39 -23.38
C ALA E 59 -22.20 -35.07 -22.80
N SER E 60 -21.08 -35.04 -23.51
CA SER E 60 -19.87 -35.67 -23.01
C SER E 60 -19.51 -35.16 -21.64
N TYR E 61 -19.62 -33.85 -21.43
CA TYR E 61 -19.29 -33.25 -20.15
C TYR E 61 -20.52 -32.81 -19.38
N HIS E 62 -21.59 -33.59 -19.49
CA HIS E 62 -22.79 -33.28 -18.74
C HIS E 62 -23.22 -34.54 -18.03
N HIS E 63 -23.61 -34.35 -16.79
CA HIS E 63 -24.18 -35.41 -15.99
C HIS E 63 -25.66 -35.11 -15.78
N PHE E 64 -26.52 -35.96 -16.32
CA PHE E 64 -27.96 -35.76 -16.16
C PHE E 64 -28.34 -36.14 -14.73
N PRO E 65 -28.91 -35.22 -13.94
CA PRO E 65 -29.02 -35.47 -12.49
C PRO E 65 -29.78 -36.72 -12.11
N THR E 66 -30.81 -37.09 -12.83
CA THR E 66 -31.65 -38.22 -12.41
C THR E 66 -31.49 -39.39 -13.36
N ASN E 67 -31.78 -40.57 -12.84
CA ASN E 67 -31.90 -41.73 -13.70
C ASN E 67 -32.92 -41.49 -14.78
N ASP E 68 -33.97 -40.74 -14.48
CA ASP E 68 -35.00 -40.51 -15.48
C ASP E 68 -34.45 -39.79 -16.69
N GLN E 69 -33.59 -38.78 -16.50
CA GLN E 69 -33.19 -38.01 -17.66
C GLN E 69 -32.16 -38.77 -18.49
N GLU E 70 -31.08 -39.25 -17.85
CA GLU E 70 -30.01 -39.97 -18.56
C GLU E 70 -30.59 -41.07 -19.41
N ARG E 71 -31.52 -41.78 -18.81
CA ARG E 71 -32.23 -42.87 -19.44
C ARG E 71 -33.13 -42.38 -20.59
N TRP E 72 -33.75 -41.18 -20.50
CA TRP E 72 -34.43 -40.56 -21.67
C TRP E 72 -33.46 -40.14 -22.78
N TRP E 73 -32.35 -39.46 -22.44
CA TRP E 73 -31.29 -39.15 -23.40
C TRP E 73 -30.93 -40.36 -24.26
N GLU E 74 -30.61 -41.46 -23.61
CA GLU E 74 -30.31 -42.72 -24.27
C GLU E 74 -31.39 -43.12 -25.27
N GLU E 75 -32.62 -42.63 -25.07
CA GLU E 75 -33.77 -42.97 -25.89
C GLU E 75 -33.97 -42.01 -27.06
N THR E 76 -33.67 -40.73 -26.86
CA THR E 76 -33.94 -39.72 -27.89
C THR E 76 -32.79 -38.81 -28.26
N GLY E 77 -31.73 -38.74 -27.46
CA GLY E 77 -30.64 -37.80 -27.76
C GLY E 77 -29.94 -38.10 -29.07
N SER E 78 -29.78 -39.39 -29.40
CA SER E 78 -29.18 -39.76 -30.67
C SER E 78 -30.03 -39.29 -31.84
N LEU E 79 -31.35 -39.48 -31.75
CA LEU E 79 -32.25 -39.19 -32.87
C LEU E 79 -32.37 -37.69 -33.13
N PHE E 80 -32.45 -36.89 -32.07
CA PHE E 80 -32.59 -35.45 -32.26
C PHE E 80 -31.36 -34.86 -32.94
N SER E 81 -30.17 -35.34 -32.58
CA SER E 81 -28.96 -34.85 -33.25
C SER E 81 -28.95 -35.24 -34.72
N ARG E 82 -29.59 -36.34 -35.09
CA ARG E 82 -29.66 -36.71 -36.50
C ARG E 82 -30.64 -35.84 -37.27
N PHE E 83 -31.70 -35.33 -36.63
CA PHE E 83 -32.59 -34.41 -37.37
C PHE E 83 -31.95 -33.05 -37.54
N LEU E 84 -31.17 -32.60 -36.55
CA LEU E 84 -30.45 -31.34 -36.73
C LEU E 84 -29.49 -31.43 -37.92
N GLU E 85 -28.85 -32.59 -38.11
CA GLU E 85 -28.04 -32.77 -39.31
C GLU E 85 -28.90 -32.77 -40.57
N ALA E 86 -30.07 -33.43 -40.51
CA ALA E 86 -30.93 -33.48 -41.67
C ALA E 86 -31.41 -32.10 -42.05
N GLY E 87 -31.84 -31.32 -41.05
CA GLY E 87 -32.33 -29.98 -41.28
C GLY E 87 -31.28 -29.02 -41.80
N GLN E 88 -30.03 -29.46 -41.90
CA GLN E 88 -28.97 -28.64 -42.48
C GLN E 88 -28.83 -27.31 -41.76
N TYR E 89 -29.03 -27.31 -40.46
CA TYR E 89 -28.82 -26.11 -39.66
C TYR E 89 -27.33 -25.81 -39.57
N GLY E 90 -27.02 -24.54 -39.31
CA GLY E 90 -25.64 -24.18 -39.00
C GLY E 90 -25.16 -24.98 -37.80
N LEU E 91 -23.90 -25.34 -37.82
CA LEU E 91 -23.33 -26.09 -36.70
C LEU E 91 -23.47 -25.34 -35.38
N PRO E 92 -23.14 -24.05 -35.28
CA PRO E 92 -23.39 -23.35 -34.02
C PRO E 92 -24.86 -23.31 -33.67
N GLN E 93 -25.75 -23.30 -34.66
CA GLN E 93 -27.18 -23.34 -34.37
C GLN E 93 -27.51 -24.67 -33.71
N GLN E 94 -27.03 -25.78 -34.30
CA GLN E 94 -27.38 -27.10 -33.79
C GLN E 94 -26.98 -27.28 -32.35
N TYR E 95 -25.85 -26.69 -31.95
CA TYR E 95 -25.46 -26.82 -30.56
C TYR E 95 -26.35 -25.98 -29.67
N GLN E 96 -26.82 -24.84 -30.17
CA GLN E 96 -27.80 -24.03 -29.43
C GLN E 96 -29.09 -24.78 -29.20
N PHE E 97 -29.64 -25.39 -30.26
CA PHE E 97 -30.87 -26.14 -30.12
C PHE E 97 -30.67 -27.41 -29.29
N MET E 98 -29.50 -28.04 -29.39
CA MET E 98 -29.20 -29.18 -28.52
C MET E 98 -29.14 -28.76 -27.07
N PHE E 99 -28.41 -27.68 -26.81
CA PHE E 99 -28.26 -27.16 -25.46
C PHE E 99 -29.62 -26.95 -24.81
N PHE E 100 -30.54 -26.33 -25.54
CA PHE E 100 -31.91 -26.15 -25.08
C PHE E 100 -32.59 -27.50 -24.85
N PHE E 101 -32.41 -28.43 -25.78
CA PHE E 101 -33.07 -29.72 -25.70
C PHE E 101 -32.64 -30.49 -24.46
N MET E 102 -31.36 -30.40 -24.10
CA MET E 102 -30.87 -31.12 -22.94
C MET E 102 -31.48 -30.58 -21.66
N HIS E 103 -31.57 -29.25 -21.54
CA HIS E 103 -31.87 -28.58 -20.28
C HIS E 103 -33.35 -28.34 -20.03
N HIS E 104 -34.17 -28.33 -21.05
CA HIS E 104 -35.57 -28.00 -20.84
C HIS E 104 -36.52 -29.10 -21.24
N LEU E 105 -36.19 -29.91 -22.24
CA LEU E 105 -37.15 -30.92 -22.68
C LEU E 105 -36.87 -32.28 -22.07
N ILE E 106 -35.59 -32.62 -21.89
CA ILE E 106 -35.23 -33.89 -21.25
C ILE E 106 -35.71 -33.94 -19.81
N PRO E 107 -35.45 -32.91 -18.98
CA PRO E 107 -36.06 -32.93 -17.64
C PRO E 107 -37.59 -32.94 -17.69
N ALA E 108 -38.18 -32.35 -18.73
CA ALA E 108 -39.63 -32.25 -18.86
C ALA E 108 -40.31 -33.55 -19.25
N LEU E 109 -39.58 -34.56 -19.74
CA LEU E 109 -40.23 -35.82 -20.07
C LEU E 109 -40.64 -36.62 -18.83
N GLY E 110 -40.02 -36.36 -17.69
CA GLY E 110 -40.33 -37.05 -16.45
C GLY E 110 -39.85 -38.49 -16.41
N PRO E 111 -40.64 -39.34 -15.76
CA PRO E 111 -40.25 -40.75 -15.54
C PRO E 111 -40.02 -41.50 -16.84
N TYR E 112 -38.87 -42.23 -16.94
CA TYR E 112 -38.61 -42.89 -18.21
C TYR E 112 -39.57 -44.04 -18.49
N PRO E 113 -39.68 -45.05 -17.68
CA PRO E 113 -40.74 -46.00 -17.99
C PRO E 113 -41.99 -45.20 -17.76
N GLN E 114 -42.53 -44.60 -18.84
CA GLN E 114 -43.51 -43.55 -18.67
C GLN E 114 -44.85 -44.14 -18.20
N LYS E 115 -45.72 -43.26 -17.76
CA LYS E 115 -47.01 -43.66 -17.23
C LYS E 115 -48.10 -42.83 -17.90
N TRP E 116 -47.74 -41.62 -18.30
CA TRP E 116 -48.69 -40.75 -18.97
C TRP E 116 -48.78 -41.11 -20.44
N ARG E 117 -49.98 -41.28 -20.94
CA ARG E 117 -50.20 -41.43 -22.36
C ARG E 117 -50.57 -40.06 -22.89
N SER E 118 -49.68 -39.48 -23.67
CA SER E 118 -49.98 -38.16 -24.14
C SER E 118 -50.89 -38.21 -25.38
N THR E 119 -51.44 -37.04 -25.69
CA THR E 119 -52.38 -36.92 -26.80
C THR E 119 -51.69 -36.62 -28.12
N ILE E 120 -50.64 -35.79 -28.07
CA ILE E 120 -50.03 -35.27 -29.29
C ILE E 120 -49.38 -36.35 -30.12
N SER E 121 -49.17 -37.52 -29.56
CA SER E 121 -48.50 -38.58 -30.25
C SER E 121 -49.48 -39.71 -30.54
N ARG E 122 -49.38 -40.25 -31.75
CA ARG E 122 -50.14 -41.42 -32.12
C ARG E 122 -50.02 -42.52 -31.06
N SER E 123 -48.78 -42.87 -30.70
CA SER E 123 -48.52 -43.94 -29.73
C SER E 123 -48.87 -43.51 -28.32
N GLY E 124 -48.48 -42.29 -27.93
CA GLY E 124 -48.70 -41.84 -26.58
C GLY E 124 -47.47 -41.22 -25.96
N LEU E 125 -46.29 -41.49 -26.49
CA LEU E 125 -45.10 -40.92 -25.87
C LEU E 125 -45.11 -39.40 -26.07
N PRO E 126 -44.61 -38.64 -25.13
CA PRO E 126 -44.93 -37.21 -25.10
C PRO E 126 -44.06 -36.33 -25.98
N ILE E 127 -43.56 -36.83 -27.11
CA ILE E 127 -42.76 -36.00 -28.02
C ILE E 127 -42.89 -36.56 -29.42
N GLU E 128 -42.87 -35.66 -30.40
CA GLU E 128 -42.77 -36.08 -31.80
C GLU E 128 -41.96 -35.06 -32.57
N PHE E 129 -41.15 -35.55 -33.50
CA PHE E 129 -40.33 -34.69 -34.33
C PHE E 129 -40.88 -34.64 -35.76
N SER E 130 -40.74 -33.47 -36.37
CA SER E 130 -41.32 -33.21 -37.67
C SER E 130 -40.40 -32.32 -38.48
N LEU E 131 -40.42 -32.54 -39.78
CA LEU E 131 -39.65 -31.77 -40.73
C LEU E 131 -40.59 -30.98 -41.62
N ASN E 132 -40.36 -29.68 -41.72
CA ASN E 132 -41.17 -28.79 -42.55
C ASN E 132 -40.49 -28.62 -43.90
N PHE E 133 -41.05 -29.24 -44.94
CA PHE E 133 -40.53 -29.08 -46.30
C PHE E 133 -41.21 -27.91 -46.99
N GLN E 134 -40.41 -27.09 -47.64
CA GLN E 134 -40.84 -25.82 -48.20
C GLN E 134 -40.26 -25.69 -49.62
N LYS E 135 -40.98 -24.96 -50.47
CA LYS E 135 -40.58 -24.80 -51.87
C LYS E 135 -39.14 -24.31 -51.99
N GLY E 136 -38.33 -25.11 -52.69
CA GLY E 136 -36.95 -24.79 -53.04
C GLY E 136 -36.12 -24.13 -51.96
N SER E 137 -36.20 -24.65 -50.74
CA SER E 137 -35.50 -24.04 -49.62
C SER E 137 -35.22 -25.08 -48.54
N HIS E 138 -34.32 -24.69 -47.64
CA HIS E 138 -33.95 -25.52 -46.50
C HIS E 138 -35.16 -26.00 -45.71
N ARG E 139 -35.14 -27.28 -45.37
CA ARG E 139 -36.14 -27.91 -44.53
C ARG E 139 -35.96 -27.47 -43.08
N LEU E 140 -37.06 -27.45 -42.32
CA LEU E 140 -37.06 -27.01 -40.93
C LEU E 140 -37.47 -28.14 -39.98
N LEU E 141 -37.27 -27.93 -38.69
CA LEU E 141 -37.48 -28.97 -37.69
C LEU E 141 -38.55 -28.53 -36.70
N ARG E 142 -39.56 -29.38 -36.53
CA ARG E 142 -40.65 -29.14 -35.60
C ARG E 142 -40.55 -30.10 -34.41
N ILE E 143 -40.67 -29.58 -33.20
CA ILE E 143 -40.82 -30.41 -32.01
C ILE E 143 -42.13 -30.05 -31.33
N GLY E 144 -42.99 -31.05 -31.15
CA GLY E 144 -44.14 -30.86 -30.32
C GLY E 144 -44.11 -31.85 -29.18
N PHE E 145 -44.21 -31.40 -27.92
CA PHE E 145 -44.12 -32.36 -26.84
C PHE E 145 -44.90 -31.82 -25.64
N GLU E 146 -45.31 -32.74 -24.75
CA GLU E 146 -46.08 -32.39 -23.56
C GLU E 146 -45.25 -32.62 -22.31
N PRO E 147 -45.03 -31.60 -21.46
CA PRO E 147 -44.29 -31.82 -20.22
C PRO E 147 -45.05 -32.77 -19.30
N VAL E 148 -44.30 -33.59 -18.56
CA VAL E 148 -44.85 -34.60 -17.67
C VAL E 148 -43.96 -34.67 -16.44
N SER E 149 -44.53 -35.08 -15.31
CA SER E 149 -43.77 -35.45 -14.12
C SER E 149 -44.33 -36.76 -13.57
N PHE E 150 -43.75 -37.22 -12.47
CA PHE E 150 -44.26 -38.39 -11.77
C PHE E 150 -45.61 -38.15 -11.10
N LEU E 151 -45.98 -36.87 -10.86
CA LEU E 151 -47.30 -36.53 -10.35
C LEU E 151 -48.38 -36.62 -11.42
N SER E 152 -47.98 -36.68 -12.69
CA SER E 152 -48.94 -36.70 -13.79
C SER E 152 -49.82 -37.95 -13.74
N GLY E 153 -51.13 -37.74 -13.69
CA GLY E 153 -52.09 -38.82 -13.56
C GLY E 153 -52.38 -39.24 -12.13
N SER E 154 -51.78 -38.59 -11.15
CA SER E 154 -51.97 -38.95 -9.76
C SER E 154 -53.17 -38.25 -9.16
N SER E 155 -53.36 -38.47 -7.87
CA SER E 155 -54.39 -37.75 -7.13
C SER E 155 -54.11 -36.26 -7.16
N GLN E 156 -52.84 -35.88 -7.18
CA GLN E 156 -52.55 -34.46 -7.08
C GLN E 156 -52.79 -33.74 -8.40
N ASP E 157 -52.42 -34.35 -9.52
CA ASP E 157 -52.56 -33.74 -10.84
C ASP E 157 -52.98 -34.80 -11.85
N PRO E 158 -54.25 -35.19 -11.85
CA PRO E 158 -54.70 -36.30 -12.72
C PRO E 158 -54.80 -35.93 -14.18
N PHE E 159 -54.56 -34.68 -14.57
CA PHE E 159 -54.73 -34.27 -15.95
C PHE E 159 -53.66 -33.27 -16.37
N ASN E 160 -52.44 -33.49 -15.88
CA ASN E 160 -51.22 -32.77 -16.32
C ASN E 160 -51.40 -31.27 -16.48
N ARG E 161 -51.85 -30.61 -15.43
CA ARG E 161 -51.76 -29.16 -15.52
C ARG E 161 -50.48 -28.61 -14.90
N ILE E 162 -49.92 -29.25 -13.88
CA ILE E 162 -48.79 -28.69 -13.16
C ILE E 162 -47.55 -28.64 -14.05
N PRO E 163 -47.22 -29.70 -14.82
CA PRO E 163 -46.02 -29.62 -15.68
C PRO E 163 -46.10 -28.58 -16.79
N ILE E 164 -47.31 -28.25 -17.28
CA ILE E 164 -47.47 -27.25 -18.31
C ILE E 164 -47.03 -25.88 -17.80
N THR E 165 -47.50 -25.50 -16.63
CA THR E 165 -47.09 -24.21 -16.07
C THR E 165 -45.64 -24.25 -15.59
N ASP E 166 -45.12 -25.44 -15.26
CA ASP E 166 -43.70 -25.54 -14.91
C ASP E 166 -42.84 -25.12 -16.09
N LEU E 167 -43.13 -25.68 -17.28
CA LEU E 167 -42.33 -25.37 -18.46
C LEU E 167 -42.51 -23.95 -18.93
N LEU E 168 -43.73 -23.42 -18.80
CA LEU E 168 -44.02 -22.08 -19.27
C LEU E 168 -43.26 -21.04 -18.47
N ASN E 169 -43.00 -21.31 -17.19
CA ASN E 169 -42.19 -20.38 -16.40
C ASN E 169 -40.74 -20.38 -16.85
N ARG E 170 -40.16 -21.55 -17.12
CA ARG E 170 -38.77 -21.56 -17.58
C ARG E 170 -38.64 -20.88 -18.93
N LEU E 171 -39.58 -21.12 -19.84
CA LEU E 171 -39.49 -20.50 -21.17
C LEU E 171 -39.47 -18.99 -21.07
N SER E 172 -40.25 -18.42 -20.16
CA SER E 172 -40.22 -16.97 -20.00
C SER E 172 -38.92 -16.51 -19.32
N LYS E 173 -38.31 -17.36 -18.48
CA LYS E 173 -37.03 -17.00 -17.90
C LYS E 173 -35.96 -16.86 -18.98
N LEU E 174 -35.93 -17.83 -19.90
CA LEU E 174 -35.10 -17.74 -21.10
C LEU E 174 -35.52 -16.52 -21.90
N GLN E 175 -34.59 -15.60 -22.11
CA GLN E 175 -34.93 -14.39 -22.85
C GLN E 175 -35.08 -14.75 -24.32
N LEU E 176 -36.34 -14.91 -24.74
CA LEU E 176 -36.72 -15.29 -26.10
C LEU E 176 -37.26 -14.08 -26.84
N SER E 177 -36.84 -13.91 -28.08
CA SER E 177 -37.30 -12.76 -28.84
C SER E 177 -38.81 -12.82 -29.04
N ASN E 178 -39.50 -11.76 -28.58
CA ASN E 178 -40.94 -11.55 -28.79
C ASN E 178 -41.77 -12.71 -28.25
N PHE E 179 -41.55 -13.02 -26.97
CA PHE E 179 -42.25 -14.10 -26.29
C PHE E 179 -43.28 -13.48 -25.37
N ASP E 180 -44.54 -13.57 -25.77
CA ASP E 180 -45.66 -13.05 -24.99
C ASP E 180 -46.69 -14.14 -24.77
N THR E 181 -46.94 -14.42 -23.50
CA THR E 181 -47.84 -15.46 -23.05
C THR E 181 -49.31 -15.02 -22.85
N PRO E 182 -49.68 -13.71 -22.85
CA PRO E 182 -51.07 -13.37 -22.49
C PRO E 182 -52.14 -14.10 -23.28
N PHE E 183 -51.90 -14.41 -24.54
CA PHE E 183 -52.96 -14.99 -25.35
C PHE E 183 -53.17 -16.46 -24.98
N PHE E 184 -52.08 -17.22 -24.88
CA PHE E 184 -52.18 -18.60 -24.42
C PHE E 184 -52.75 -18.68 -23.01
N GLN E 185 -52.33 -17.76 -22.13
CA GLN E 185 -52.86 -17.72 -20.77
C GLN E 185 -54.38 -17.57 -20.76
N HIS E 186 -54.91 -16.79 -21.70
CA HIS E 186 -56.36 -16.64 -21.81
C HIS E 186 -57.04 -17.97 -22.09
N LEU E 187 -56.50 -18.76 -23.03
CA LEU E 187 -57.15 -20.02 -23.38
C LEU E 187 -57.06 -21.05 -22.27
N LEU E 188 -55.98 -21.05 -21.49
CA LEU E 188 -55.96 -21.94 -20.33
C LEU E 188 -57.04 -21.54 -19.34
N SER E 189 -57.12 -20.26 -19.04
CA SER E 189 -58.09 -19.79 -18.07
C SER E 189 -59.51 -20.19 -18.49
N LYS E 190 -59.79 -20.16 -19.79
CA LYS E 190 -61.12 -20.57 -20.25
C LYS E 190 -61.33 -22.06 -20.09
N PHE E 191 -60.28 -22.87 -20.27
CA PHE E 191 -60.47 -24.31 -20.27
C PHE E 191 -60.00 -24.99 -19.00
N GLN E 192 -59.69 -24.23 -17.96
CA GLN E 192 -59.38 -24.88 -16.68
C GLN E 192 -60.62 -25.54 -16.10
N LEU E 193 -60.37 -26.37 -15.12
CA LEU E 193 -61.42 -27.12 -14.45
C LEU E 193 -61.08 -27.26 -12.98
N SER E 194 -62.03 -26.88 -12.12
CA SER E 194 -61.91 -26.97 -10.66
C SER E 194 -62.98 -27.96 -10.22
N LEU E 195 -62.55 -29.09 -9.67
CA LEU E 195 -63.42 -30.14 -9.14
C LEU E 195 -64.44 -30.61 -10.16
N SER E 196 -64.33 -30.11 -11.38
CA SER E 196 -64.72 -30.90 -12.52
C SER E 196 -63.89 -32.16 -12.52
N GLU E 197 -62.68 -32.04 -11.95
CA GLU E 197 -61.82 -33.19 -11.70
C GLU E 197 -62.55 -34.29 -10.96
N VAL E 198 -63.42 -33.93 -10.02
CA VAL E 198 -64.12 -34.97 -9.27
C VAL E 198 -64.99 -35.77 -10.22
N ARG E 199 -65.76 -35.08 -11.06
CA ARG E 199 -66.53 -35.79 -12.09
C ARG E 199 -65.61 -36.47 -13.07
N GLN E 200 -64.47 -35.84 -13.37
CA GLN E 200 -63.47 -36.48 -14.20
C GLN E 200 -62.89 -37.71 -13.51
N LEU E 201 -62.56 -37.60 -12.23
CA LEU E 201 -62.19 -38.80 -11.48
C LEU E 201 -63.29 -39.84 -11.56
N GLN E 202 -64.56 -39.40 -11.52
CA GLN E 202 -65.71 -40.29 -11.54
C GLN E 202 -65.96 -40.92 -12.91
N LYS E 203 -65.43 -40.35 -13.99
CA LYS E 203 -65.75 -40.85 -15.32
C LYS E 203 -65.09 -42.19 -15.61
N GLN E 204 -64.08 -42.60 -14.84
CA GLN E 204 -63.23 -43.72 -15.22
C GLN E 204 -64.03 -45.01 -15.08
N GLY E 205 -64.86 -45.28 -16.08
CA GLY E 205 -65.64 -46.49 -16.10
C GLY E 205 -65.27 -47.42 -17.24
N SER E 206 -65.05 -48.70 -16.94
CA SER E 206 -64.72 -49.64 -18.00
C SER E 206 -65.93 -49.91 -18.90
N GLY E 207 -67.12 -49.96 -18.32
CA GLY E 207 -68.34 -50.19 -19.08
C GLY E 207 -68.65 -49.07 -20.06
N PRO E 208 -68.83 -47.85 -19.54
CA PRO E 208 -68.93 -46.68 -20.42
C PRO E 208 -67.56 -46.11 -20.74
N ASP E 209 -67.03 -46.41 -21.92
CA ASP E 209 -65.70 -45.98 -22.30
C ASP E 209 -65.53 -44.48 -22.15
N ALA E 210 -64.61 -44.08 -21.27
CA ALA E 210 -64.39 -42.67 -20.99
C ALA E 210 -62.90 -42.44 -20.72
N HIS E 211 -62.07 -42.87 -21.64
CA HIS E 211 -60.64 -42.66 -21.55
C HIS E 211 -60.01 -42.43 -22.92
N PRO E 212 -60.58 -41.54 -23.78
CA PRO E 212 -59.96 -41.33 -25.08
C PRO E 212 -58.67 -40.54 -24.94
N LEU E 213 -58.74 -39.44 -24.21
CA LEU E 213 -57.63 -38.52 -24.02
C LEU E 213 -57.75 -37.92 -22.64
N LYS E 214 -56.62 -37.72 -21.99
CA LYS E 214 -56.60 -37.13 -20.66
C LYS E 214 -55.78 -35.85 -20.58
N SER E 215 -55.10 -35.47 -21.65
CA SER E 215 -54.27 -34.28 -21.63
C SER E 215 -55.15 -33.03 -21.62
N GLN E 216 -54.60 -31.94 -21.08
CA GLN E 216 -55.30 -30.68 -20.97
C GLN E 216 -54.61 -29.53 -21.71
N ALA E 217 -53.33 -29.67 -22.06
CA ALA E 217 -52.60 -28.68 -22.86
C ALA E 217 -51.25 -29.27 -23.27
N ALA E 218 -50.63 -28.66 -24.27
CA ALA E 218 -49.34 -29.13 -24.77
C ALA E 218 -48.60 -27.98 -25.45
N PHE E 219 -47.34 -28.24 -25.81
CA PHE E 219 -46.47 -27.24 -26.41
C PHE E 219 -45.97 -27.71 -27.78
N GLY E 220 -45.41 -26.75 -28.51
CA GLY E 220 -44.72 -26.96 -29.77
C GLY E 220 -43.51 -26.05 -29.90
N PHE E 221 -42.42 -26.56 -30.45
CA PHE E 221 -41.17 -25.81 -30.57
C PHE E 221 -40.72 -25.84 -32.01
N ASP E 222 -40.57 -24.66 -32.61
CA ASP E 222 -40.14 -24.52 -34.00
C ASP E 222 -38.72 -23.97 -34.03
N PHE E 223 -37.85 -24.65 -34.76
CA PHE E 223 -36.44 -24.31 -34.88
C PHE E 223 -36.19 -23.72 -36.27
N ASN E 224 -36.23 -22.40 -36.37
CA ASN E 224 -35.97 -21.80 -37.67
C ASN E 224 -34.45 -21.66 -37.87
N PRO E 225 -33.99 -21.44 -39.11
CA PRO E 225 -32.53 -21.49 -39.37
C PRO E 225 -31.75 -20.38 -38.69
N ASP E 226 -32.41 -19.32 -38.24
CA ASP E 226 -31.77 -18.34 -37.41
C ASP E 226 -31.63 -18.89 -35.99
N GLY E 227 -30.96 -18.14 -35.12
CA GLY E 227 -30.88 -18.55 -33.72
C GLY E 227 -32.11 -18.18 -32.93
N ALA E 228 -33.26 -18.79 -33.24
CA ALA E 228 -34.51 -18.43 -32.57
C ALA E 228 -35.43 -19.64 -32.54
N ILE E 229 -36.17 -19.76 -31.44
CA ILE E 229 -37.33 -20.65 -31.38
C ILE E 229 -38.60 -19.82 -31.32
N LEU E 230 -39.56 -20.18 -32.15
CA LEU E 230 -40.94 -19.75 -32.01
C LEU E 230 -41.68 -20.83 -31.26
N VAL E 231 -42.32 -20.47 -30.14
CA VAL E 231 -43.00 -21.43 -29.29
C VAL E 231 -44.48 -21.44 -29.62
N LYS E 232 -45.05 -22.64 -29.76
CA LYS E 232 -46.44 -22.83 -30.14
C LYS E 232 -47.13 -23.68 -29.08
N GLY E 233 -48.31 -23.26 -28.65
CA GLY E 233 -49.01 -23.95 -27.58
C GLY E 233 -50.30 -24.59 -28.01
N TYR E 234 -50.80 -25.52 -27.21
CA TYR E 234 -52.00 -26.27 -27.59
C TYR E 234 -52.94 -26.30 -26.40
N VAL E 235 -54.23 -26.44 -26.70
CA VAL E 235 -55.27 -26.50 -25.69
C VAL E 235 -56.23 -27.62 -26.09
N PHE E 236 -56.66 -28.41 -25.11
CA PHE E 236 -57.45 -29.62 -25.36
C PHE E 236 -58.81 -29.54 -24.69
N PRO E 237 -59.87 -29.27 -25.44
CA PRO E 237 -61.18 -28.96 -24.83
C PRO E 237 -61.98 -30.15 -24.39
N TYR E 238 -61.65 -31.37 -24.84
CA TYR E 238 -62.51 -32.53 -24.56
C TYR E 238 -62.83 -32.62 -23.08
N LEU E 239 -61.85 -32.36 -22.22
CA LEU E 239 -62.06 -32.60 -20.80
C LEU E 239 -62.96 -31.51 -20.20
N LYS E 240 -62.76 -30.25 -20.57
CA LYS E 240 -63.62 -29.19 -20.05
C LYS E 240 -65.07 -29.35 -20.51
N ALA E 241 -65.28 -29.72 -21.77
CA ALA E 241 -66.63 -29.93 -22.27
C ALA E 241 -67.26 -31.19 -21.69
N LYS E 242 -66.45 -32.23 -21.47
CA LYS E 242 -66.97 -33.47 -20.86
C LYS E 242 -67.54 -33.20 -19.46
N ALA E 243 -66.88 -32.33 -18.70
CA ALA E 243 -67.35 -32.07 -17.34
C ALA E 243 -68.59 -31.21 -17.37
N ALA E 244 -68.60 -30.15 -18.19
CA ALA E 244 -69.73 -29.23 -18.22
C ALA E 244 -70.96 -29.79 -18.90
N ASP E 245 -70.87 -30.98 -19.52
CA ASP E 245 -71.98 -31.53 -20.29
C ASP E 245 -72.41 -30.54 -21.36
N VAL E 246 -71.43 -29.93 -22.01
CA VAL E 246 -71.64 -28.87 -22.98
C VAL E 246 -70.97 -29.33 -24.28
N PRO E 247 -71.58 -29.10 -25.44
CA PRO E 247 -70.94 -29.52 -26.69
C PRO E 247 -69.57 -28.90 -26.84
N VAL E 248 -68.64 -29.70 -27.37
CA VAL E 248 -67.22 -29.34 -27.35
C VAL E 248 -66.99 -28.02 -28.07
N GLY E 249 -67.76 -27.74 -29.12
CA GLY E 249 -67.49 -26.56 -29.92
C GLY E 249 -68.09 -25.29 -29.37
N THR E 250 -69.19 -25.41 -28.60
CA THR E 250 -69.88 -24.23 -28.10
C THR E 250 -69.00 -23.41 -27.16
N LEU E 251 -68.19 -24.07 -26.33
CA LEU E 251 -67.27 -23.34 -25.48
C LEU E 251 -65.97 -22.99 -26.18
N ILE E 252 -65.69 -23.61 -27.33
CA ILE E 252 -64.62 -23.10 -28.18
C ILE E 252 -64.99 -21.71 -28.69
N ALA E 253 -66.27 -21.53 -29.03
CA ALA E 253 -66.72 -20.27 -29.58
C ALA E 253 -66.65 -19.15 -28.55
N GLU E 254 -67.08 -19.42 -27.31
CA GLU E 254 -66.95 -18.42 -26.28
C GLU E 254 -65.48 -18.12 -26.02
N ALA E 255 -64.63 -19.13 -26.09
CA ALA E 255 -63.20 -18.92 -25.93
C ALA E 255 -62.69 -17.90 -26.93
N VAL E 256 -63.15 -17.96 -28.17
CA VAL E 256 -62.76 -16.96 -29.16
C VAL E 256 -63.50 -15.65 -28.89
N ARG E 257 -64.75 -15.72 -28.44
CA ARG E 257 -65.49 -14.48 -28.22
C ARG E 257 -64.93 -13.71 -27.03
N THR E 258 -64.45 -14.41 -25.99
CA THR E 258 -63.86 -13.72 -24.85
C THR E 258 -62.63 -12.90 -25.24
N ILE E 259 -61.84 -13.38 -26.20
CA ILE E 259 -60.77 -12.54 -26.71
C ILE E 259 -61.30 -11.55 -27.75
N ASP E 260 -62.47 -11.83 -28.35
CA ASP E 260 -63.04 -10.92 -29.35
C ASP E 260 -63.37 -9.56 -28.75
N VAL E 261 -63.91 -9.52 -27.53
CA VAL E 261 -64.14 -8.23 -26.89
C VAL E 261 -62.80 -7.57 -26.55
N GLU E 262 -61.76 -8.37 -26.30
CA GLU E 262 -60.41 -7.82 -26.16
C GLU E 262 -59.91 -7.28 -27.49
N ARG E 263 -59.95 -8.11 -28.55
CA ARG E 263 -59.68 -7.63 -29.89
C ARG E 263 -60.46 -8.49 -30.88
N ASN E 264 -61.08 -7.85 -31.86
CA ASN E 264 -62.16 -8.45 -32.64
C ASN E 264 -61.73 -8.56 -34.10
N GLN E 265 -60.72 -9.40 -34.35
CA GLN E 265 -60.26 -9.66 -35.69
C GLN E 265 -60.32 -11.13 -36.09
N PHE E 266 -60.74 -12.01 -35.19
CA PHE E 266 -60.88 -13.41 -35.51
C PHE E 266 -62.31 -13.81 -35.78
N THR E 267 -63.25 -12.91 -35.51
CA THR E 267 -64.68 -13.23 -35.55
C THR E 267 -65.10 -13.73 -36.92
N HIS E 268 -64.76 -12.99 -37.97
CA HIS E 268 -65.22 -13.31 -39.33
C HIS E 268 -64.67 -14.65 -39.79
N ALA E 269 -63.37 -14.82 -39.68
CA ALA E 269 -62.74 -16.06 -40.08
C ALA E 269 -63.27 -17.22 -39.25
N PHE E 270 -63.34 -17.04 -37.92
CA PHE E 270 -63.73 -18.15 -37.06
C PHE E 270 -65.21 -18.50 -37.22
N GLY E 271 -66.08 -17.47 -37.23
CA GLY E 271 -67.50 -17.74 -37.44
C GLY E 271 -67.78 -18.48 -38.73
N LEU E 272 -66.94 -18.27 -39.73
CA LEU E 272 -67.07 -19.02 -40.97
C LEU E 272 -66.73 -20.49 -40.77
N ILE E 273 -65.82 -20.81 -39.85
CA ILE E 273 -65.49 -22.22 -39.59
C ILE E 273 -66.62 -22.91 -38.85
N ASN E 274 -67.16 -22.27 -37.80
CA ASN E 274 -68.24 -22.86 -37.01
C ASN E 274 -69.42 -23.22 -37.88
N ASP E 275 -69.76 -22.33 -38.82
CA ASP E 275 -70.92 -22.53 -39.67
C ASP E 275 -70.78 -23.83 -40.43
N TYR E 276 -69.61 -24.06 -41.03
CA TYR E 276 -69.39 -25.35 -41.69
C TYR E 276 -69.45 -26.50 -40.70
N MET E 277 -68.82 -26.35 -39.53
CA MET E 277 -68.77 -27.48 -38.62
C MET E 277 -70.14 -27.78 -38.01
N GLN E 278 -70.99 -26.78 -37.79
CA GLN E 278 -72.35 -27.09 -37.34
C GLN E 278 -73.12 -27.80 -38.45
N GLU E 279 -73.03 -27.29 -39.70
CA GLU E 279 -73.68 -27.93 -40.83
C GLU E 279 -73.21 -29.38 -40.98
N SER E 280 -71.91 -29.60 -40.81
CA SER E 280 -71.30 -30.91 -41.01
C SER E 280 -71.72 -31.85 -39.90
N THR E 281 -71.18 -33.07 -39.96
CA THR E 281 -71.33 -34.02 -38.87
C THR E 281 -70.93 -33.41 -37.53
N GLY E 282 -70.16 -32.35 -37.57
CA GLY E 282 -69.70 -31.60 -36.41
C GLY E 282 -68.28 -31.97 -36.02
N TYR E 283 -67.58 -30.99 -35.48
CA TYR E 283 -66.29 -31.18 -34.86
C TYR E 283 -66.50 -31.75 -33.46
N ASN E 284 -65.84 -32.87 -33.19
CA ASN E 284 -66.25 -33.85 -32.21
C ASN E 284 -65.31 -33.88 -31.02
N GLU E 285 -65.21 -35.05 -30.39
CA GLU E 285 -64.44 -35.20 -29.15
C GLU E 285 -62.97 -34.89 -29.37
N TYR E 286 -62.45 -35.28 -30.52
CA TYR E 286 -61.05 -35.16 -30.92
C TYR E 286 -60.64 -33.75 -31.30
N THR E 287 -61.60 -32.83 -31.48
CA THR E 287 -61.26 -31.48 -31.87
C THR E 287 -60.52 -30.76 -30.74
N PHE E 288 -59.68 -29.80 -31.14
CA PHE E 288 -58.83 -29.08 -30.20
C PHE E 288 -58.23 -27.86 -30.91
N LEU E 289 -57.43 -27.11 -30.17
CA LEU E 289 -57.15 -25.73 -30.50
C LEU E 289 -55.64 -25.49 -30.46
N SER E 290 -55.18 -24.47 -31.18
CA SER E 290 -53.76 -24.18 -31.32
C SER E 290 -53.52 -22.68 -31.17
N CYS E 291 -52.28 -22.32 -30.91
CA CYS E 291 -51.97 -20.96 -30.51
C CYS E 291 -50.49 -20.69 -30.71
N ASP E 292 -50.13 -19.41 -30.86
CA ASP E 292 -48.72 -19.03 -30.90
C ASP E 292 -48.39 -18.14 -29.70
N PHE E 293 -47.16 -18.28 -29.20
CA PHE E 293 -46.68 -17.50 -28.05
C PHE E 293 -46.11 -16.16 -28.44
N VAL E 294 -46.52 -15.64 -29.59
CA VAL E 294 -46.18 -14.29 -30.01
C VAL E 294 -47.29 -13.31 -29.60
N GLU E 295 -47.00 -12.03 -29.78
CA GLU E 295 -47.95 -10.93 -29.60
C GLU E 295 -49.25 -11.16 -30.39
N THR E 296 -50.35 -10.58 -29.87
CA THR E 296 -51.70 -10.81 -30.43
C THR E 296 -51.84 -10.34 -31.89
N SER E 297 -51.26 -9.18 -32.23
CA SER E 297 -51.42 -8.66 -33.58
C SER E 297 -50.81 -9.61 -34.64
N GLU E 298 -49.63 -10.17 -34.37
CA GLU E 298 -49.00 -11.15 -35.25
C GLU E 298 -49.48 -12.58 -35.03
N GLN E 299 -50.46 -12.78 -34.19
CA GLN E 299 -50.79 -14.14 -33.81
C GLN E 299 -51.58 -14.88 -34.88
N ARG E 300 -51.35 -16.19 -34.94
CA ARG E 300 -51.90 -17.10 -35.93
C ARG E 300 -52.52 -18.28 -35.17
N LEU E 301 -53.82 -18.21 -34.84
CA LEU E 301 -54.44 -19.31 -34.11
C LEU E 301 -55.14 -20.28 -35.07
N LYS E 302 -55.20 -21.53 -34.65
CA LYS E 302 -55.61 -22.63 -35.52
C LYS E 302 -56.65 -23.46 -34.79
N ILE E 303 -57.49 -24.15 -35.55
CA ILE E 303 -58.48 -25.09 -35.00
C ILE E 303 -58.28 -26.43 -35.66
N TYR E 304 -57.97 -27.46 -34.86
CA TYR E 304 -57.74 -28.79 -35.39
C TYR E 304 -58.97 -29.68 -35.11
N GLY E 305 -58.95 -30.88 -35.67
CA GLY E 305 -60.03 -31.83 -35.46
C GLY E 305 -59.72 -33.10 -36.20
N ALA E 306 -60.52 -34.13 -35.94
CA ALA E 306 -60.29 -35.44 -36.53
C ALA E 306 -61.58 -36.01 -37.07
N HIS E 307 -61.47 -36.81 -38.14
CA HIS E 307 -62.57 -37.55 -38.70
C HIS E 307 -62.08 -38.92 -39.12
N THR E 308 -62.96 -39.91 -39.04
CA THR E 308 -62.70 -41.20 -39.65
C THR E 308 -63.36 -41.35 -41.01
N GLU E 309 -64.20 -40.40 -41.41
CA GLU E 309 -64.84 -40.40 -42.72
C GLU E 309 -63.79 -40.13 -43.80
N VAL E 310 -63.49 -41.13 -44.62
CA VAL E 310 -62.48 -40.99 -45.67
C VAL E 310 -63.15 -41.27 -47.02
N THR E 311 -63.64 -40.22 -47.64
CA THR E 311 -63.90 -40.20 -49.07
C THR E 311 -63.20 -38.99 -49.63
N TRP E 312 -62.71 -39.10 -50.86
CA TRP E 312 -62.20 -37.90 -51.50
C TRP E 312 -63.26 -36.80 -51.51
N ALA E 313 -64.54 -37.19 -51.67
CA ALA E 313 -65.60 -36.20 -51.64
C ALA E 313 -65.63 -35.46 -50.32
N LYS E 314 -65.46 -36.18 -49.20
CA LYS E 314 -65.48 -35.51 -47.90
C LYS E 314 -64.25 -34.62 -47.72
N ILE E 315 -63.11 -35.03 -48.25
CA ILE E 315 -61.94 -34.14 -48.22
C ILE E 315 -62.24 -32.85 -48.96
N ALA E 316 -62.92 -32.96 -50.11
CA ALA E 316 -63.32 -31.77 -50.84
C ALA E 316 -64.38 -30.96 -50.08
N GLU E 317 -65.32 -31.63 -49.40
CA GLU E 317 -66.32 -30.89 -48.63
C GLU E 317 -65.65 -30.06 -47.56
N MET E 318 -64.60 -30.59 -46.93
CA MET E 318 -63.96 -29.89 -45.83
C MET E 318 -63.03 -28.80 -46.33
N TRP E 319 -62.19 -29.12 -47.31
CA TRP E 319 -61.27 -28.11 -47.81
C TRP E 319 -62.04 -26.92 -48.36
N THR E 320 -63.01 -27.17 -49.24
CA THR E 320 -63.78 -26.09 -49.87
C THR E 320 -64.84 -25.55 -48.91
N LEU E 321 -65.67 -26.44 -48.36
CA LEU E 321 -66.90 -26.17 -47.58
C LEU E 321 -67.84 -25.36 -48.47
N GLY E 322 -68.30 -24.20 -48.06
CA GLY E 322 -69.04 -23.40 -49.00
C GLY E 322 -68.30 -22.11 -49.27
N GLY E 323 -68.14 -21.32 -48.21
CA GLY E 323 -67.74 -19.94 -48.40
C GLY E 323 -66.38 -19.79 -49.04
N ARG E 324 -65.38 -20.54 -48.58
CA ARG E 324 -64.02 -20.20 -48.98
C ARG E 324 -63.69 -20.64 -50.41
N LEU E 325 -64.56 -21.44 -51.03
CA LEU E 325 -64.36 -21.86 -52.42
C LEU E 325 -64.31 -20.68 -53.38
N ILE E 326 -65.41 -19.94 -53.48
CA ILE E 326 -65.52 -18.90 -54.51
C ILE E 326 -64.54 -17.77 -54.24
N GLU E 327 -64.46 -17.31 -52.98
CA GLU E 327 -63.90 -15.99 -52.72
C GLU E 327 -62.39 -15.94 -52.97
N GLU E 328 -61.69 -17.08 -52.87
CA GLU E 328 -60.26 -17.08 -53.11
C GLU E 328 -59.83 -18.27 -53.97
N PRO E 329 -58.78 -18.08 -54.78
CA PRO E 329 -58.30 -19.17 -55.65
C PRO E 329 -57.35 -20.17 -54.99
N GLU E 330 -56.63 -19.78 -53.94
CA GLU E 330 -55.68 -20.71 -53.32
C GLU E 330 -56.37 -22.01 -52.95
N ILE E 331 -57.52 -21.89 -52.26
CA ILE E 331 -58.33 -23.05 -51.90
C ILE E 331 -58.53 -23.97 -53.09
N ILE E 332 -58.84 -23.40 -54.26
CA ILE E 332 -59.02 -24.24 -55.44
C ILE E 332 -57.68 -24.76 -55.94
N ALA E 333 -56.64 -23.91 -55.94
CA ALA E 333 -55.34 -24.32 -56.44
C ALA E 333 -54.74 -25.43 -55.59
N GLY E 334 -54.66 -25.23 -54.28
CA GLY E 334 -54.05 -26.21 -53.40
C GLY E 334 -54.76 -27.54 -53.38
N LEU E 335 -56.10 -27.52 -53.45
CA LEU E 335 -56.83 -28.77 -53.44
C LEU E 335 -56.47 -29.62 -54.64
N ALA E 336 -56.23 -28.97 -55.79
CA ALA E 336 -55.83 -29.69 -56.99
C ALA E 336 -54.55 -30.47 -56.74
N ARG E 337 -53.51 -29.79 -56.23
CA ARG E 337 -52.27 -30.47 -55.89
C ARG E 337 -52.49 -31.53 -54.82
N LEU E 338 -53.46 -31.33 -53.93
CA LEU E 338 -53.73 -32.31 -52.89
C LEU E 338 -54.34 -33.59 -53.47
N LYS E 339 -55.00 -33.49 -54.63
CA LYS E 339 -55.60 -34.67 -55.24
C LYS E 339 -54.54 -35.66 -55.72
N GLN E 340 -53.36 -35.20 -56.16
CA GLN E 340 -52.39 -36.13 -56.71
C GLN E 340 -51.65 -36.89 -55.63
N ILE E 341 -51.35 -36.25 -54.50
CA ILE E 341 -50.77 -37.00 -53.39
C ILE E 341 -51.78 -37.96 -52.79
N TRP E 342 -53.07 -37.61 -52.79
CA TRP E 342 -54.07 -38.56 -52.31
C TRP E 342 -54.04 -39.83 -53.15
N SER E 343 -53.88 -39.68 -54.46
CA SER E 343 -53.80 -40.84 -55.35
C SER E 343 -52.41 -41.46 -55.37
N LEU E 344 -51.34 -40.67 -55.21
CA LEU E 344 -50.02 -41.27 -55.08
C LEU E 344 -49.95 -42.20 -53.87
N LEU E 345 -50.60 -41.82 -52.79
CA LEU E 345 -50.52 -42.58 -51.57
C LEU E 345 -51.77 -43.44 -51.45
N GLN E 346 -51.80 -44.50 -52.26
CA GLN E 346 -52.91 -45.45 -52.20
C GLN E 346 -52.95 -46.09 -50.82
N ILE E 347 -54.00 -45.81 -50.04
CA ILE E 347 -54.06 -46.22 -48.64
C ILE E 347 -54.37 -47.72 -48.55
N GLY E 348 -54.38 -48.40 -49.69
CA GLY E 348 -54.43 -49.85 -49.70
C GLY E 348 -55.77 -50.48 -49.46
N GLU E 349 -56.83 -49.68 -49.26
CA GLU E 349 -58.18 -50.19 -49.10
C GLU E 349 -58.96 -50.13 -50.41
N GLY E 350 -58.32 -49.68 -51.49
CA GLY E 350 -58.92 -49.62 -52.81
C GLY E 350 -57.90 -49.83 -53.94
N SER E 371 -59.38 -44.60 -43.55
CA SER E 371 -58.24 -43.69 -43.59
C SER E 371 -58.55 -42.44 -42.75
N PRO E 372 -58.55 -42.57 -41.41
CA PRO E 372 -58.89 -41.43 -40.55
C PRO E 372 -57.88 -40.30 -40.67
N ILE E 373 -58.37 -39.07 -40.77
CA ILE E 373 -57.53 -37.92 -41.06
C ILE E 373 -57.73 -36.83 -40.03
N ILE E 374 -56.74 -35.96 -39.93
CA ILE E 374 -56.80 -34.77 -39.09
C ILE E 374 -56.93 -33.56 -40.00
N TRP E 375 -57.62 -32.53 -39.50
CA TRP E 375 -57.78 -31.28 -40.23
C TRP E 375 -57.39 -30.10 -39.36
N ASN E 376 -57.23 -28.94 -39.99
CA ASN E 376 -56.70 -27.73 -39.39
C ASN E 376 -57.14 -26.53 -40.23
N TYR E 377 -57.55 -25.46 -39.55
CA TYR E 377 -57.87 -24.20 -40.20
C TYR E 377 -57.13 -23.09 -39.47
N GLU E 378 -56.30 -22.37 -40.19
CA GLU E 378 -55.38 -21.39 -39.63
C GLU E 378 -55.95 -19.99 -39.76
N ILE E 379 -56.34 -19.38 -38.65
CA ILE E 379 -56.95 -18.06 -38.66
C ILE E 379 -55.88 -17.01 -38.40
N HIS E 380 -55.74 -16.06 -39.33
CA HIS E 380 -54.81 -14.97 -39.21
C HIS E 380 -55.61 -13.67 -39.18
N PRO E 381 -55.26 -12.73 -38.30
CA PRO E 381 -56.06 -11.50 -38.22
C PRO E 381 -55.92 -10.59 -39.44
N GLY E 382 -54.72 -10.52 -40.03
CA GLY E 382 -54.45 -9.72 -41.21
C GLY E 382 -55.18 -10.14 -42.47
N SER E 383 -56.03 -11.16 -42.34
CA SER E 383 -56.88 -11.62 -43.43
C SER E 383 -58.22 -12.04 -42.85
N ARG E 384 -59.15 -12.39 -43.73
CA ARG E 384 -60.42 -13.00 -43.32
C ARG E 384 -60.61 -14.34 -44.01
N PHE E 385 -59.52 -14.96 -44.41
CA PHE E 385 -59.51 -16.26 -45.09
C PHE E 385 -58.61 -17.22 -44.32
N PRO E 386 -59.19 -18.12 -43.53
CA PRO E 386 -58.39 -19.15 -42.84
C PRO E 386 -57.75 -20.21 -43.79
N VAL E 387 -56.45 -20.53 -43.60
CA VAL E 387 -55.72 -21.43 -44.49
C VAL E 387 -55.98 -22.86 -44.02
N PRO E 388 -56.57 -23.74 -44.83
CA PRO E 388 -56.77 -25.12 -44.37
C PRO E 388 -55.49 -25.93 -44.43
N LYS E 389 -55.46 -26.99 -43.63
CA LYS E 389 -54.30 -27.88 -43.59
C LYS E 389 -54.77 -29.27 -43.17
N PHE E 390 -54.41 -30.28 -43.95
CA PHE E 390 -54.80 -31.65 -43.62
C PHE E 390 -53.58 -32.51 -43.30
N TYR E 391 -53.81 -33.54 -42.51
CA TYR E 391 -52.80 -34.50 -42.09
C TYR E 391 -53.22 -35.89 -42.55
N LEU E 392 -52.28 -36.71 -43.02
CA LEU E 392 -52.66 -37.95 -43.69
C LEU E 392 -52.01 -39.17 -43.04
N PRO E 393 -52.74 -40.29 -42.93
CA PRO E 393 -52.16 -41.49 -42.30
C PRO E 393 -51.00 -42.05 -43.12
N VAL E 394 -49.85 -42.28 -42.47
CA VAL E 394 -48.75 -42.98 -43.12
C VAL E 394 -48.34 -44.20 -42.30
N HIS E 395 -48.60 -44.17 -40.99
CA HIS E 395 -48.52 -45.38 -40.20
C HIS E 395 -49.52 -46.39 -40.76
N GLY E 396 -49.03 -47.56 -41.11
CA GLY E 396 -49.79 -48.52 -41.90
C GLY E 396 -49.39 -48.56 -43.35
N GLU E 397 -48.82 -47.47 -43.87
CA GLU E 397 -48.26 -47.43 -45.22
C GLU E 397 -46.75 -47.64 -45.18
N ASN E 398 -46.26 -48.43 -46.13
CA ASN E 398 -44.83 -48.68 -46.24
C ASN E 398 -44.07 -47.38 -46.34
N ASP E 399 -43.08 -47.22 -45.47
CA ASP E 399 -42.29 -45.99 -45.46
C ASP E 399 -41.51 -45.82 -46.75
N LEU E 400 -41.16 -46.90 -47.43
CA LEU E 400 -40.49 -46.77 -48.72
C LEU E 400 -41.46 -46.32 -49.80
N HIS E 401 -42.60 -47.01 -49.94
CA HIS E 401 -43.66 -46.57 -50.83
C HIS E 401 -44.00 -45.11 -50.64
N VAL E 402 -44.06 -44.66 -49.38
CA VAL E 402 -44.32 -43.26 -49.10
C VAL E 402 -43.11 -42.42 -49.45
N ALA E 403 -41.91 -42.90 -49.11
CA ALA E 403 -40.70 -42.16 -49.48
C ALA E 403 -40.62 -42.00 -50.99
N ARG E 404 -40.87 -43.08 -51.74
CA ARG E 404 -40.83 -43.04 -53.21
C ARG E 404 -41.89 -42.10 -53.76
N ALA E 405 -43.16 -42.32 -53.37
CA ALA E 405 -44.27 -41.54 -53.88
C ALA E 405 -44.21 -40.10 -53.40
N LEU E 406 -43.74 -39.86 -52.18
CA LEU E 406 -43.56 -38.49 -51.72
C LEU E 406 -42.42 -37.82 -52.46
N ALA E 407 -41.47 -38.61 -52.98
CA ALA E 407 -40.38 -38.07 -53.78
C ALA E 407 -40.84 -37.72 -55.19
N GLN E 408 -41.75 -38.50 -55.78
CA GLN E 408 -42.30 -38.13 -57.09
C GLN E 408 -43.06 -36.81 -57.01
N PHE E 409 -43.85 -36.62 -55.95
CA PHE E 409 -44.67 -35.41 -55.82
C PHE E 409 -43.84 -34.13 -55.76
N TRP E 410 -42.56 -34.23 -55.40
CA TRP E 410 -41.78 -33.00 -55.43
C TRP E 410 -41.39 -32.66 -56.86
N ASP E 411 -41.11 -33.68 -57.69
CA ASP E 411 -40.84 -33.43 -59.11
C ASP E 411 -42.07 -32.87 -59.80
N SER E 412 -43.27 -33.31 -59.43
CA SER E 412 -44.47 -32.73 -60.01
C SER E 412 -44.54 -31.25 -59.68
N LEU E 413 -44.11 -30.87 -58.47
CA LEU E 413 -44.04 -29.45 -58.13
C LEU E 413 -42.75 -28.81 -58.58
N GLY E 414 -41.80 -29.60 -59.05
CA GLY E 414 -40.51 -29.03 -59.39
C GLY E 414 -39.76 -28.53 -58.17
N TRP E 415 -39.44 -29.43 -57.26
CA TRP E 415 -38.56 -29.10 -56.14
C TRP E 415 -37.19 -29.68 -56.41
N PRO E 416 -36.17 -28.87 -56.36
CA PRO E 416 -34.87 -29.27 -56.91
C PRO E 416 -34.20 -30.45 -56.21
N GLU E 417 -33.96 -30.35 -54.91
CA GLU E 417 -33.14 -31.36 -54.24
C GLU E 417 -33.92 -32.26 -53.29
N HIS E 418 -34.92 -31.70 -52.62
CA HIS E 418 -35.72 -32.46 -51.68
C HIS E 418 -36.21 -33.78 -52.28
N ALA E 419 -36.52 -33.78 -53.58
CA ALA E 419 -37.04 -34.98 -54.22
C ALA E 419 -35.99 -36.09 -54.27
N CYS E 420 -34.77 -35.75 -54.68
CA CYS E 420 -33.76 -36.76 -54.91
C CYS E 420 -33.16 -37.28 -53.60
N ALA E 421 -32.93 -36.40 -52.62
CA ALA E 421 -32.20 -36.76 -51.42
C ALA E 421 -33.10 -37.13 -50.25
N TYR E 422 -34.44 -37.13 -50.42
CA TYR E 422 -35.30 -37.47 -49.29
C TYR E 422 -35.14 -38.92 -48.87
N PRO E 423 -35.34 -39.91 -49.72
CA PRO E 423 -35.20 -41.30 -49.25
C PRO E 423 -33.79 -41.62 -48.78
N ASP E 424 -32.77 -40.92 -49.27
CA ASP E 424 -31.43 -41.08 -48.70
C ASP E 424 -31.25 -40.32 -47.40
N THR E 425 -32.11 -39.33 -47.13
CA THR E 425 -32.14 -38.69 -45.82
C THR E 425 -33.07 -39.42 -44.88
N LEU E 426 -33.72 -40.48 -45.35
CA LEU E 426 -34.60 -41.26 -44.49
C LEU E 426 -33.90 -42.47 -43.91
N GLN E 427 -33.14 -43.19 -44.72
CA GLN E 427 -32.29 -44.26 -44.19
C GLN E 427 -31.18 -43.69 -43.32
N GLN E 428 -30.71 -42.48 -43.64
CA GLN E 428 -29.71 -41.84 -42.81
C GLN E 428 -30.28 -41.51 -41.43
N LEU E 429 -31.55 -41.15 -41.37
CA LEU E 429 -32.16 -40.86 -40.08
C LEU E 429 -32.43 -42.12 -39.27
N TYR E 430 -32.64 -43.26 -39.92
CA TYR E 430 -32.90 -44.53 -39.24
C TYR E 430 -31.96 -45.61 -39.79
N PRO E 431 -30.65 -45.46 -39.58
CA PRO E 431 -29.73 -46.47 -40.12
C PRO E 431 -29.93 -47.82 -39.49
N ASP E 432 -30.33 -47.87 -38.22
CA ASP E 432 -30.61 -49.14 -37.57
C ASP E 432 -31.71 -49.91 -38.30
N GLN E 433 -32.80 -49.23 -38.65
CA GLN E 433 -33.96 -49.88 -39.23
C GLN E 433 -33.85 -50.05 -40.75
N ASP E 434 -34.77 -50.86 -41.28
CA ASP E 434 -34.78 -51.27 -42.69
C ASP E 434 -35.96 -50.60 -43.35
N ILE E 435 -35.71 -49.65 -44.25
CA ILE E 435 -36.84 -49.03 -44.94
C ILE E 435 -37.59 -50.07 -45.77
N SER E 436 -36.95 -51.19 -46.07
CA SER E 436 -37.62 -52.24 -46.82
C SER E 436 -38.91 -52.66 -46.15
N GLN E 437 -38.90 -52.79 -44.82
CA GLN E 437 -40.02 -53.40 -44.11
C GLN E 437 -40.75 -52.47 -43.15
N THR E 438 -40.27 -51.26 -42.92
CA THR E 438 -40.84 -50.40 -41.90
C THR E 438 -42.10 -49.69 -42.35
N THR E 439 -43.07 -49.56 -41.43
CA THR E 439 -44.29 -48.79 -41.64
C THR E 439 -44.48 -47.64 -40.66
N ARG E 440 -44.04 -47.80 -39.42
CA ARG E 440 -44.27 -46.82 -38.37
C ARG E 440 -43.22 -45.71 -38.29
N LEU E 441 -42.17 -45.72 -39.14
CA LEU E 441 -41.20 -44.61 -39.13
C LEU E 441 -41.76 -43.29 -39.64
N GLN E 442 -42.81 -43.33 -40.46
CA GLN E 442 -43.46 -42.13 -40.97
C GLN E 442 -44.94 -42.25 -40.64
N SER E 443 -45.45 -41.28 -39.88
CA SER E 443 -46.76 -41.37 -39.24
C SER E 443 -47.83 -40.54 -39.92
N TRP E 444 -47.55 -39.26 -40.16
CA TRP E 444 -48.52 -38.32 -40.75
C TRP E 444 -47.79 -37.42 -41.74
N ILE E 445 -48.55 -36.83 -42.68
CA ILE E 445 -48.05 -35.81 -43.61
C ILE E 445 -49.07 -34.69 -43.73
N SER E 446 -48.62 -33.44 -43.59
CA SER E 446 -49.52 -32.28 -43.61
C SER E 446 -49.38 -31.53 -44.93
N TYR E 447 -50.48 -30.94 -45.39
CA TYR E 447 -50.53 -30.19 -46.63
C TYR E 447 -51.15 -28.82 -46.40
N SER E 448 -50.50 -27.78 -46.92
CA SER E 448 -51.02 -26.43 -46.85
C SER E 448 -50.63 -25.69 -48.11
N TYR E 449 -51.47 -24.77 -48.55
CA TYR E 449 -51.17 -23.97 -49.73
C TYR E 449 -51.53 -22.51 -49.49
N THR E 450 -50.57 -21.63 -49.77
CA THR E 450 -50.77 -20.20 -49.71
C THR E 450 -50.32 -19.62 -51.03
N ALA E 451 -50.87 -18.46 -51.38
CA ALA E 451 -50.37 -17.74 -52.53
C ALA E 451 -48.91 -17.37 -52.33
N LYS E 452 -48.59 -16.75 -51.19
CA LYS E 452 -47.23 -16.29 -50.95
C LYS E 452 -46.28 -17.46 -50.70
N ARG E 453 -46.65 -18.39 -49.82
CA ARG E 453 -45.74 -19.46 -49.42
C ARG E 453 -45.64 -20.59 -50.44
N GLY E 454 -46.64 -20.76 -51.28
CA GLY E 454 -46.67 -21.94 -52.12
C GLY E 454 -47.18 -23.12 -51.33
N VAL E 455 -46.45 -24.23 -51.37
CA VAL E 455 -46.90 -25.46 -50.73
C VAL E 455 -46.11 -25.67 -49.44
N TYR E 456 -46.82 -25.67 -48.32
CA TYR E 456 -46.33 -26.19 -47.06
C TYR E 456 -46.57 -27.68 -47.05
N MET E 457 -45.61 -28.42 -46.52
CA MET E 457 -45.83 -29.84 -46.33
C MET E 457 -44.80 -30.32 -45.30
N SER E 458 -45.27 -31.02 -44.27
CA SER E 458 -44.42 -31.50 -43.18
C SER E 458 -44.67 -32.99 -42.95
N VAL E 459 -43.62 -33.68 -42.49
CA VAL E 459 -43.63 -35.12 -42.24
C VAL E 459 -43.38 -35.39 -40.76
N TYR E 460 -44.25 -36.18 -40.13
CA TYR E 460 -44.12 -36.51 -38.71
C TYR E 460 -43.56 -37.93 -38.59
N TYR E 461 -42.55 -38.10 -37.74
CA TYR E 461 -41.77 -39.32 -37.73
C TYR E 461 -41.90 -40.08 -36.41
N HIS E 462 -41.42 -41.33 -36.43
CA HIS E 462 -41.32 -42.13 -35.23
C HIS E 462 -40.21 -41.57 -34.36
N SER E 463 -40.56 -41.07 -33.19
CA SER E 463 -39.70 -40.12 -32.52
C SER E 463 -38.91 -40.71 -31.34
N GLN E 464 -38.91 -42.04 -31.17
CA GLN E 464 -38.17 -42.75 -30.14
C GLN E 464 -37.28 -43.83 -30.77
N SER E 465 -36.23 -44.22 -30.05
CA SER E 465 -35.27 -45.19 -30.59
C SER E 465 -35.79 -46.62 -30.59
N THR E 466 -36.46 -47.03 -29.52
CA THR E 466 -36.86 -48.42 -29.39
C THR E 466 -38.02 -48.84 -30.30
N SER F 51 26.06 35.91 42.85
CA SER F 51 26.37 37.35 42.74
C SER F 51 26.46 37.92 41.30
N PRO F 52 26.86 37.10 40.28
CA PRO F 52 26.86 37.63 38.91
C PRO F 52 25.59 37.29 38.15
N SER F 53 25.39 37.90 36.98
CA SER F 53 24.28 37.52 36.11
C SER F 53 24.51 36.09 35.60
N PRO F 54 23.47 35.25 35.59
CA PRO F 54 23.69 33.81 35.48
C PRO F 54 23.81 33.27 34.06
N ALA F 55 22.93 33.72 33.17
CA ALA F 55 22.66 33.05 31.91
C ALA F 55 23.79 33.16 30.90
N GLN F 56 24.84 33.91 31.20
CA GLN F 56 25.92 34.18 30.26
C GLN F 56 27.07 33.19 30.40
N ALA F 57 26.85 32.08 31.10
CA ALA F 57 27.89 31.09 31.27
C ALA F 57 27.95 30.07 30.13
N LEU F 58 27.06 30.17 29.13
CA LEU F 58 27.21 29.35 27.94
C LEU F 58 28.45 29.73 27.15
N ALA F 59 28.77 31.02 27.12
CA ALA F 59 29.88 31.53 26.30
C ALA F 59 31.25 31.00 26.72
N SER F 60 31.37 30.41 27.90
CA SER F 60 32.66 29.95 28.40
C SER F 60 33.36 29.01 27.43
N TYR F 61 32.60 28.07 26.85
CA TYR F 61 33.15 27.08 25.93
C TYR F 61 32.74 27.36 24.48
N HIS F 62 32.66 28.64 24.13
CA HIS F 62 32.34 29.04 22.78
C HIS F 62 33.41 30.02 22.36
N HIS F 63 33.92 29.84 21.15
CA HIS F 63 34.86 30.76 20.52
C HIS F 63 34.11 31.48 19.42
N PHE F 64 33.97 32.79 19.57
CA PHE F 64 33.24 33.54 18.56
C PHE F 64 34.13 33.71 17.33
N PRO F 65 33.68 33.24 16.15
CA PRO F 65 34.60 33.11 15.01
C PRO F 65 35.27 34.39 14.56
N THR F 66 34.60 35.53 14.66
CA THR F 66 35.13 36.78 14.16
C THR F 66 35.40 37.74 15.31
N ASN F 67 36.33 38.67 15.11
CA ASN F 67 36.50 39.76 16.06
C ASN F 67 35.21 40.53 16.21
N ASP F 68 34.44 40.66 15.14
CA ASP F 68 33.19 41.40 15.23
C ASP F 68 32.28 40.78 16.27
N GLN F 69 32.18 39.45 16.30
CA GLN F 69 31.17 38.88 17.18
C GLN F 69 31.62 38.96 18.63
N GLU F 70 32.81 38.44 18.95
CA GLU F 70 33.30 38.45 20.32
C GLU F 70 33.24 39.85 20.89
N ARG F 71 33.61 40.81 20.04
CA ARG F 71 33.62 42.21 20.39
C ARG F 71 32.20 42.77 20.61
N TRP F 72 31.19 42.34 19.82
CA TRP F 72 29.77 42.66 20.14
C TRP F 72 29.29 41.99 21.43
N TRP F 73 29.60 40.70 21.62
CA TRP F 73 29.33 40.01 22.90
C TRP F 73 29.76 40.82 24.10
N GLU F 74 31.03 41.26 24.10
CA GLU F 74 31.56 42.09 25.18
C GLU F 74 30.70 43.33 25.43
N GLU F 75 29.93 43.77 24.44
CA GLU F 75 29.09 44.96 24.50
C GLU F 75 27.68 44.67 25.01
N THR F 76 27.08 43.52 24.62
CA THR F 76 25.68 43.26 24.89
C THR F 76 25.38 41.95 25.60
N GLY F 77 26.33 41.02 25.68
CA GLY F 77 26.04 39.72 26.29
C GLY F 77 25.74 39.81 27.77
N SER F 78 26.47 40.67 28.49
CA SER F 78 26.21 40.85 29.93
C SER F 78 24.80 41.39 30.14
N LEU F 79 24.39 42.33 29.29
CA LEU F 79 23.10 43.01 29.47
C LEU F 79 21.94 42.07 29.17
N PHE F 80 22.05 41.28 28.09
CA PHE F 80 20.97 40.37 27.72
C PHE F 80 20.75 39.32 28.79
N SER F 81 21.82 38.84 29.45
CA SER F 81 21.62 37.89 30.54
C SER F 81 20.86 38.52 31.68
N ARG F 82 21.03 39.83 31.90
CA ARG F 82 20.35 40.48 33.01
C ARG F 82 18.87 40.66 32.72
N PHE F 83 18.48 40.80 31.46
CA PHE F 83 17.04 40.92 31.18
C PHE F 83 16.34 39.59 31.33
N LEU F 84 16.99 38.48 30.97
CA LEU F 84 16.37 37.18 31.19
C LEU F 84 16.10 36.97 32.67
N GLU F 85 17.03 37.42 33.53
CA GLU F 85 16.80 37.37 34.96
C GLU F 85 15.64 38.28 35.37
N ALA F 86 15.55 39.46 34.74
CA ALA F 86 14.47 40.39 35.06
C ALA F 86 13.10 39.83 34.66
N GLY F 87 13.01 39.32 33.43
CA GLY F 87 11.78 38.74 32.93
C GLY F 87 11.35 37.49 33.65
N GLN F 88 12.18 36.99 34.58
CA GLN F 88 11.82 35.85 35.43
C GLN F 88 11.49 34.60 34.60
N TYR F 89 12.22 34.41 33.50
CA TYR F 89 12.07 33.21 32.71
C TYR F 89 12.65 32.00 33.45
N GLY F 90 12.18 30.82 33.09
CA GLY F 90 12.77 29.61 33.64
C GLY F 90 14.24 29.54 33.32
N LEU F 91 15.02 29.00 34.25
CA LEU F 91 16.46 28.87 33.98
C LEU F 91 16.69 28.05 32.71
N PRO F 92 16.04 26.89 32.52
CA PRO F 92 16.15 26.22 31.21
C PRO F 92 15.62 27.08 30.09
N GLN F 93 14.65 27.93 30.37
CA GLN F 93 14.16 28.84 29.34
C GLN F 93 15.26 29.83 28.98
N GLN F 94 15.92 30.41 29.99
CA GLN F 94 16.89 31.47 29.74
C GLN F 94 18.02 30.99 28.85
N TYR F 95 18.47 29.74 29.03
CA TYR F 95 19.58 29.23 28.25
C TYR F 95 19.17 28.94 26.80
N GLN F 96 17.93 28.52 26.58
CA GLN F 96 17.44 28.37 25.21
C GLN F 96 17.45 29.71 24.48
N PHE F 97 16.95 30.76 25.13
CA PHE F 97 16.95 32.07 24.49
C PHE F 97 18.35 32.65 24.40
N MET F 98 19.23 32.34 25.37
CA MET F 98 20.63 32.77 25.26
C MET F 98 21.28 32.12 24.08
N PHE F 99 21.11 30.81 23.97
CA PHE F 99 21.68 30.03 22.89
C PHE F 99 21.29 30.60 21.54
N PHE F 100 20.01 30.92 21.39
CA PHE F 100 19.53 31.57 20.17
C PHE F 100 20.20 32.92 19.95
N PHE F 101 20.30 33.73 21.01
CA PHE F 101 20.87 35.06 20.89
C PHE F 101 22.32 35.01 20.42
N MET F 102 23.08 34.01 20.90
CA MET F 102 24.48 33.87 20.53
C MET F 102 24.64 33.46 19.07
N HIS F 103 23.82 32.53 18.58
CA HIS F 103 24.06 31.92 17.29
C HIS F 103 23.43 32.66 16.14
N HIS F 104 22.36 33.40 16.40
CA HIS F 104 21.65 34.07 15.32
C HIS F 104 21.68 35.57 15.42
N LEU F 105 21.78 36.14 16.62
CA LEU F 105 21.72 37.59 16.75
C LEU F 105 23.08 38.26 16.82
N ILE F 106 24.04 37.65 17.51
CA ILE F 106 25.40 38.22 17.53
C ILE F 106 26.02 38.20 16.14
N PRO F 107 26.01 37.09 15.38
CA PRO F 107 26.54 37.15 14.02
C PRO F 107 25.86 38.16 13.13
N ALA F 108 24.56 38.38 13.32
CA ALA F 108 23.80 39.28 12.46
C ALA F 108 24.05 40.76 12.74
N LEU F 109 24.73 41.13 13.83
CA LEU F 109 25.03 42.54 14.05
C LEU F 109 26.08 43.10 13.10
N GLY F 110 26.91 42.23 12.51
CA GLY F 110 27.97 42.62 11.60
C GLY F 110 29.16 43.29 12.26
N PRO F 111 29.78 44.23 11.54
CA PRO F 111 31.00 44.92 12.05
C PRO F 111 30.74 45.65 13.36
N TYR F 112 31.63 45.44 14.36
CA TYR F 112 31.35 46.08 15.65
C TYR F 112 31.46 47.59 15.59
N PRO F 113 32.55 48.19 15.17
CA PRO F 113 32.49 49.64 15.03
C PRO F 113 31.48 49.87 13.92
N GLN F 114 30.22 50.06 14.28
CA GLN F 114 29.18 49.92 13.27
C GLN F 114 29.24 51.10 12.31
N LYS F 115 28.58 50.93 11.18
CA LYS F 115 28.57 51.90 10.10
C LYS F 115 27.13 52.13 9.71
N TRP F 116 26.31 51.11 9.93
CA TRP F 116 24.90 51.24 9.62
C TRP F 116 24.17 51.95 10.76
N ARG F 117 23.43 52.97 10.41
CA ARG F 117 22.55 53.58 11.38
C ARG F 117 21.20 52.92 11.20
N SER F 118 20.79 52.19 12.21
CA SER F 118 19.54 51.49 12.04
C SER F 118 18.37 52.45 12.30
N THR F 119 17.20 52.04 11.87
CA THR F 119 16.02 52.88 12.06
C THR F 119 15.34 52.61 13.39
N ILE F 120 15.31 51.33 13.79
CA ILE F 120 14.49 50.89 14.91
C ILE F 120 14.98 51.40 16.27
N SER F 121 16.20 51.89 16.36
CA SER F 121 16.69 52.36 17.65
C SER F 121 16.87 53.87 17.62
N ARG F 122 16.55 54.49 18.76
CA ARG F 122 16.75 55.92 18.95
C ARG F 122 18.18 56.34 18.57
N SER F 123 19.18 55.70 19.18
CA SER F 123 20.57 56.08 18.91
C SER F 123 20.97 55.70 17.49
N GLY F 124 20.56 54.53 17.02
CA GLY F 124 20.89 54.07 15.70
C GLY F 124 21.43 52.64 15.68
N LEU F 125 21.91 52.17 16.83
CA LEU F 125 22.50 50.83 16.87
C LEU F 125 21.41 49.79 16.62
N PRO F 126 21.74 48.68 15.98
CA PRO F 126 20.68 47.87 15.36
C PRO F 126 20.00 46.89 16.31
N ILE F 127 19.89 47.19 17.60
CA ILE F 127 19.20 46.31 18.53
C ILE F 127 18.61 47.16 19.66
N GLU F 128 17.43 46.75 20.15
CA GLU F 128 16.87 47.34 21.35
C GLU F 128 16.12 46.27 22.13
N PHE F 129 16.21 46.34 23.45
CA PHE F 129 15.49 45.43 24.31
C PHE F 129 14.30 46.12 24.97
N SER F 130 13.23 45.33 25.20
CA SER F 130 12.00 45.89 25.73
C SER F 130 11.32 44.89 26.64
N LEU F 131 10.65 45.41 27.66
CA LEU F 131 9.90 44.61 28.63
C LEU F 131 8.40 44.88 28.52
N ASN F 132 7.62 43.80 28.40
CA ASN F 132 6.16 43.87 28.28
C ASN F 132 5.52 43.68 29.66
N PHE F 133 5.04 44.77 30.25
CA PHE F 133 4.37 44.71 31.55
C PHE F 133 2.88 44.47 31.35
N GLN F 134 2.33 43.51 32.11
CA GLN F 134 0.99 42.99 31.91
C GLN F 134 0.30 42.86 33.26
N LYS F 135 -1.02 43.00 33.25
CA LYS F 135 -1.83 42.96 34.48
C LYS F 135 -1.57 41.70 35.30
N GLY F 136 -1.09 41.90 36.53
CA GLY F 136 -0.87 40.83 37.48
C GLY F 136 -0.22 39.57 36.94
N SER F 137 0.84 39.70 36.14
CA SER F 137 1.47 38.52 35.56
C SER F 137 2.94 38.79 35.27
N HIS F 138 3.68 37.70 35.07
CA HIS F 138 5.09 37.73 34.73
C HIS F 138 5.36 38.64 33.53
N ARG F 139 6.39 39.46 33.67
CA ARG F 139 6.83 40.34 32.62
C ARG F 139 7.54 39.55 31.51
N LEU F 140 7.49 40.07 30.28
CA LEU F 140 8.08 39.42 29.12
C LEU F 140 9.18 40.30 28.53
N LEU F 141 9.96 39.72 27.61
CA LEU F 141 11.13 40.37 27.03
C LEU F 141 11.01 40.44 25.51
N ARG F 142 11.15 41.65 24.96
CA ARG F 142 11.07 41.91 23.54
C ARG F 142 12.44 42.24 22.97
N ILE F 143 12.79 41.65 21.83
CA ILE F 143 13.97 42.04 21.06
C ILE F 143 13.52 42.43 19.67
N GLY F 144 13.85 43.65 19.27
CA GLY F 144 13.70 44.06 17.89
C GLY F 144 15.06 44.47 17.37
N PHE F 145 15.53 43.89 16.28
CA PHE F 145 16.85 44.28 15.83
C PHE F 145 16.91 44.14 14.31
N GLU F 146 17.91 44.80 13.70
CA GLU F 146 18.11 44.79 12.25
C GLU F 146 19.42 44.11 11.88
N PRO F 147 19.37 43.11 10.98
CA PRO F 147 20.62 42.45 10.53
C PRO F 147 21.53 43.40 9.76
N VAL F 148 22.83 43.21 9.95
CA VAL F 148 23.89 44.05 9.36
C VAL F 148 25.08 43.18 8.95
N SER F 149 25.74 43.55 7.86
CA SER F 149 27.03 43.01 7.46
C SER F 149 27.95 44.15 7.06
N PHE F 150 29.17 43.82 6.71
CA PHE F 150 30.08 44.85 6.21
C PHE F 150 29.65 45.39 4.85
N LEU F 151 28.80 44.64 4.10
CA LEU F 151 28.23 45.12 2.85
C LEU F 151 27.11 46.13 3.02
N SER F 152 26.56 46.26 4.23
CA SER F 152 25.46 47.15 4.46
C SER F 152 25.90 48.59 4.20
N GLY F 153 25.24 49.27 3.26
CA GLY F 153 25.64 50.61 2.92
C GLY F 153 26.72 50.73 1.88
N SER F 154 27.15 49.62 1.28
CA SER F 154 28.15 49.64 0.23
C SER F 154 27.47 49.80 -1.12
N SER F 155 28.25 49.73 -2.19
CA SER F 155 27.67 49.76 -3.52
C SER F 155 26.75 48.56 -3.73
N GLN F 156 27.10 47.42 -3.16
CA GLN F 156 26.40 46.19 -3.47
C GLN F 156 25.05 46.14 -2.77
N ASP F 157 24.99 46.68 -1.56
CA ASP F 157 23.76 46.69 -0.76
C ASP F 157 23.67 47.99 0.02
N PRO F 158 23.30 49.08 -0.64
CA PRO F 158 23.30 50.39 0.04
C PRO F 158 22.15 50.58 1.00
N PHE F 159 21.22 49.62 1.11
CA PHE F 159 20.03 49.79 1.93
C PHE F 159 19.63 48.50 2.62
N ASN F 160 20.60 47.74 3.12
CA ASN F 160 20.39 46.57 3.97
C ASN F 160 19.26 45.67 3.52
N ARG F 161 19.26 45.28 2.25
CA ARG F 161 18.25 44.26 1.95
C ARG F 161 18.79 42.85 2.14
N ILE F 162 20.08 42.64 1.90
CA ILE F 162 20.67 41.29 1.89
C ILE F 162 20.69 40.69 3.29
N PRO F 163 21.09 41.41 4.34
CA PRO F 163 21.05 40.79 5.69
C PRO F 163 19.63 40.44 6.14
N ILE F 164 18.62 41.09 5.58
CA ILE F 164 17.24 40.75 5.92
C ILE F 164 16.92 39.34 5.46
N THR F 165 17.19 39.04 4.19
CA THR F 165 16.90 37.69 3.71
C THR F 165 17.92 36.66 4.21
N ASP F 166 19.13 37.09 4.56
CA ASP F 166 20.05 36.17 5.23
C ASP F 166 19.49 35.74 6.59
N LEU F 167 19.02 36.69 7.38
CA LEU F 167 18.48 36.27 8.67
C LEU F 167 17.21 35.46 8.47
N LEU F 168 16.43 35.77 7.45
CA LEU F 168 15.17 35.05 7.27
C LEU F 168 15.39 33.60 6.86
N ASN F 169 16.48 33.30 6.12
CA ASN F 169 16.71 31.91 5.75
C ASN F 169 17.06 31.06 6.95
N ARG F 170 17.88 31.57 7.86
CA ARG F 170 18.21 30.81 9.06
C ARG F 170 16.98 30.57 9.93
N LEU F 171 16.12 31.59 10.05
CA LEU F 171 14.93 31.45 10.86
C LEU F 171 14.05 30.31 10.36
N SER F 172 13.93 30.18 9.05
CA SER F 172 13.13 29.09 8.51
C SER F 172 13.83 27.76 8.73
N LYS F 173 15.16 27.76 8.80
CA LYS F 173 15.88 26.52 9.12
C LYS F 173 15.57 26.06 10.53
N LEU F 174 15.59 26.98 11.50
CA LEU F 174 15.16 26.67 12.86
C LEU F 174 13.72 26.20 12.85
N GLN F 175 13.49 24.97 13.28
CA GLN F 175 12.13 24.47 13.22
C GLN F 175 11.35 25.19 14.31
N LEU F 176 10.65 26.24 13.89
CA LEU F 176 9.90 27.11 14.77
C LEU F 176 8.43 26.80 14.65
N SER F 177 7.77 26.70 15.80
CA SER F 177 6.36 26.37 15.85
C SER F 177 5.55 27.45 15.16
N ASN F 178 4.79 27.04 14.14
CA ASN F 178 3.85 27.88 13.40
C ASN F 178 4.56 29.11 12.80
N PHE F 179 5.60 28.83 12.03
CA PHE F 179 6.39 29.86 11.37
C PHE F 179 6.05 29.82 9.88
N ASP F 180 5.28 30.81 9.44
CA ASP F 180 4.91 30.98 8.03
C ASP F 180 5.23 32.39 7.59
N THR F 181 6.10 32.49 6.58
CA THR F 181 6.61 33.73 6.03
C THR F 181 5.81 34.31 4.86
N PRO F 182 4.84 33.60 4.23
CA PRO F 182 4.22 34.15 3.01
C PRO F 182 3.69 35.56 3.14
N PHE F 183 3.26 35.97 4.32
CA PHE F 183 2.62 37.28 4.41
C PHE F 183 3.66 38.39 4.36
N PHE F 184 4.70 38.28 5.19
CA PHE F 184 5.80 39.24 5.15
C PHE F 184 6.49 39.26 3.79
N GLN F 185 6.64 38.09 3.15
CA GLN F 185 7.20 38.05 1.80
C GLN F 185 6.38 38.91 0.85
N HIS F 186 5.05 38.89 1.03
CA HIS F 186 4.19 39.72 0.22
C HIS F 186 4.51 41.20 0.40
N LEU F 187 4.78 41.63 1.63
CA LEU F 187 5.05 43.03 1.86
C LEU F 187 6.41 43.46 1.32
N LEU F 188 7.41 42.56 1.35
CA LEU F 188 8.71 42.88 0.75
C LEU F 188 8.63 43.03 -0.77
N SER F 189 7.92 42.13 -1.45
CA SER F 189 7.82 42.24 -2.91
C SER F 189 7.24 43.59 -3.31
N LYS F 190 6.24 44.07 -2.55
CA LYS F 190 5.61 45.36 -2.87
C LYS F 190 6.56 46.53 -2.63
N PHE F 191 7.41 46.44 -1.62
CA PHE F 191 8.26 47.56 -1.24
C PHE F 191 9.70 47.39 -1.71
N GLN F 192 9.96 46.39 -2.55
CA GLN F 192 11.29 46.29 -3.15
C GLN F 192 11.51 47.44 -4.11
N LEU F 193 12.78 47.60 -4.47
CA LEU F 193 13.19 48.68 -5.33
C LEU F 193 14.29 48.19 -6.27
N SER F 194 14.06 48.35 -7.58
CA SER F 194 14.99 47.96 -8.63
C SER F 194 15.42 49.22 -9.38
N LEU F 195 16.69 49.58 -9.27
CA LEU F 195 17.29 50.75 -9.91
C LEU F 195 16.52 52.02 -9.58
N SER F 196 15.53 51.90 -8.70
CA SER F 196 15.18 53.00 -7.84
C SER F 196 16.37 53.31 -6.96
N GLU F 197 17.19 52.30 -6.71
CA GLU F 197 18.45 52.44 -6.03
C GLU F 197 19.30 53.52 -6.67
N VAL F 198 19.24 53.64 -7.99
CA VAL F 198 20.02 54.67 -8.66
C VAL F 198 19.54 56.05 -8.23
N ARG F 199 18.21 56.26 -8.24
CA ARG F 199 17.67 57.52 -7.74
C ARG F 199 17.94 57.69 -6.26
N GLN F 200 17.94 56.58 -5.51
CA GLN F 200 18.32 56.63 -4.12
C GLN F 200 19.80 56.96 -3.96
N LEU F 201 20.68 56.33 -4.76
CA LEU F 201 22.07 56.74 -4.78
C LEU F 201 22.20 58.22 -5.07
N GLN F 202 21.34 58.73 -5.96
CA GLN F 202 21.37 60.13 -6.37
C GLN F 202 20.84 61.07 -5.30
N LYS F 203 20.03 60.59 -4.35
CA LYS F 203 19.37 61.49 -3.41
C LYS F 203 20.33 62.09 -2.38
N GLN F 204 21.53 61.54 -2.25
CA GLN F 204 22.42 61.87 -1.13
C GLN F 204 22.96 63.28 -1.40
N GLY F 205 22.12 64.27 -1.09
CA GLY F 205 22.49 65.67 -1.23
C GLY F 205 22.51 66.33 0.14
N SER F 206 23.61 67.02 0.42
CA SER F 206 23.72 67.76 1.68
C SER F 206 22.79 68.98 1.69
N GLY F 207 22.64 69.64 0.55
CA GLY F 207 21.78 70.80 0.43
C GLY F 207 20.31 70.47 0.65
N PRO F 208 19.75 69.59 -0.19
CA PRO F 208 18.42 69.06 0.09
C PRO F 208 18.49 67.84 1.01
N ASP F 209 18.18 68.02 2.30
CA ASP F 209 18.29 66.94 3.28
C ASP F 209 17.53 65.70 2.83
N ALA F 210 18.25 64.60 2.63
CA ALA F 210 17.66 63.37 2.14
C ALA F 210 18.37 62.17 2.78
N HIS F 211 18.43 62.18 4.11
CA HIS F 211 19.02 61.09 4.87
C HIS F 211 18.30 60.85 6.20
N PRO F 212 16.94 60.77 6.23
CA PRO F 212 16.27 60.52 7.52
C PRO F 212 16.45 59.09 7.98
N LEU F 213 16.17 58.15 7.09
CA LEU F 213 16.22 56.72 7.40
C LEU F 213 16.66 55.98 6.14
N LYS F 214 17.48 54.95 6.31
CA LYS F 214 17.95 54.17 5.19
C LYS F 214 17.57 52.70 5.25
N SER F 215 16.97 52.24 6.34
CA SER F 215 16.62 50.84 6.44
C SER F 215 15.45 50.51 5.53
N GLN F 216 15.34 49.23 5.17
CA GLN F 216 14.26 48.77 4.30
C GLN F 216 13.36 47.74 4.97
N ALA F 217 13.81 47.11 6.06
CA ALA F 217 13.02 46.18 6.87
C ALA F 217 13.85 45.83 8.11
N ALA F 218 13.19 45.26 9.10
CA ALA F 218 13.87 44.84 10.32
C ALA F 218 13.03 43.75 10.98
N PHE F 219 13.59 43.16 12.03
CA PHE F 219 12.94 42.06 12.72
C PHE F 219 12.69 42.40 14.18
N GLY F 220 11.77 41.63 14.77
CA GLY F 220 11.49 41.70 16.19
C GLY F 220 11.19 40.32 16.75
N PHE F 221 11.68 40.04 17.97
CA PHE F 221 11.60 38.73 18.57
C PHE F 221 10.95 38.82 19.94
N ASP F 222 9.89 38.06 20.14
CA ASP F 222 9.20 38.01 21.43
C ASP F 222 9.47 36.66 22.07
N PHE F 223 10.00 36.69 23.29
CA PHE F 223 10.36 35.49 24.06
C PHE F 223 9.29 35.28 25.11
N ASN F 224 8.33 34.42 24.83
CA ASN F 224 7.26 34.17 25.79
C ASN F 224 7.76 33.20 26.86
N PRO F 225 7.03 33.08 27.99
CA PRO F 225 7.54 32.24 29.09
C PRO F 225 7.62 30.76 28.75
N ASP F 226 6.93 30.32 27.71
CA ASP F 226 7.07 28.98 27.16
C ASP F 226 8.34 28.89 26.32
N GLY F 227 8.66 27.68 25.87
CA GLY F 227 9.79 27.52 24.98
C GLY F 227 9.44 27.86 23.55
N ALA F 228 9.14 29.13 23.28
CA ALA F 228 8.74 29.53 21.94
C ALA F 228 9.12 30.98 21.68
N ILE F 229 9.56 31.24 20.45
CA ILE F 229 9.70 32.60 19.93
C ILE F 229 8.61 32.85 18.92
N LEU F 230 7.92 33.99 19.07
CA LEU F 230 7.10 34.58 18.04
C LEU F 230 7.96 35.62 17.31
N VAL F 231 8.08 35.48 16.00
CA VAL F 231 8.90 36.38 15.20
C VAL F 231 8.00 37.44 14.59
N LYS F 232 8.45 38.70 14.65
CA LYS F 232 7.69 39.83 14.15
C LYS F 232 8.58 40.61 13.18
N GLY F 233 8.02 40.97 12.03
CA GLY F 233 8.77 41.64 10.99
C GLY F 233 8.28 43.05 10.73
N TYR F 234 9.13 43.84 10.10
CA TYR F 234 8.87 45.26 9.87
C TYR F 234 9.21 45.59 8.42
N VAL F 235 8.55 46.63 7.91
CA VAL F 235 8.76 47.10 6.54
C VAL F 235 8.85 48.62 6.62
N PHE F 236 9.72 49.22 5.82
CA PHE F 236 9.91 50.66 5.87
C PHE F 236 9.69 51.31 4.51
N PRO F 237 8.51 51.92 4.29
CA PRO F 237 8.12 52.37 2.96
C PRO F 237 8.78 53.66 2.51
N TYR F 238 9.46 54.37 3.41
CA TYR F 238 10.00 55.67 3.05
C TYR F 238 10.81 55.62 1.76
N LEU F 239 11.64 54.59 1.60
CA LEU F 239 12.55 54.57 0.46
C LEU F 239 11.80 54.24 -0.83
N LYS F 240 10.90 53.26 -0.79
CA LYS F 240 10.12 52.93 -1.97
C LYS F 240 9.24 54.09 -2.42
N ALA F 241 8.61 54.78 -1.47
CA ALA F 241 7.75 55.91 -1.81
C ALA F 241 8.57 57.11 -2.28
N LYS F 242 9.73 57.34 -1.66
CA LYS F 242 10.61 58.43 -2.08
C LYS F 242 11.06 58.24 -3.51
N ALA F 243 11.32 57.01 -3.93
CA ALA F 243 11.82 56.75 -5.28
C ALA F 243 10.72 56.93 -6.31
N ALA F 244 9.53 56.41 -6.04
CA ALA F 244 8.47 56.50 -7.03
C ALA F 244 7.87 57.90 -7.15
N ASP F 245 8.21 58.83 -6.24
CA ASP F 245 7.59 60.16 -6.13
C ASP F 245 6.08 60.05 -5.92
N VAL F 246 5.69 59.13 -5.04
CA VAL F 246 4.29 58.80 -4.76
C VAL F 246 4.07 58.93 -3.24
N PRO F 247 2.93 59.44 -2.79
CA PRO F 247 2.69 59.61 -1.35
C PRO F 247 2.80 58.32 -0.53
N VAL F 248 3.43 58.44 0.66
CA VAL F 248 3.86 57.26 1.42
C VAL F 248 2.70 56.34 1.75
N GLY F 249 1.51 56.90 1.98
CA GLY F 249 0.39 56.09 2.40
C GLY F 249 -0.35 55.43 1.26
N THR F 250 -0.29 56.04 0.07
CA THR F 250 -1.07 55.52 -1.06
C THR F 250 -0.64 54.10 -1.43
N LEU F 251 0.67 53.83 -1.38
CA LEU F 251 1.11 52.47 -1.64
C LEU F 251 1.03 51.58 -0.41
N ILE F 252 0.85 52.15 0.78
CA ILE F 252 0.46 51.32 1.92
C ILE F 252 -0.92 50.72 1.68
N ALA F 253 -1.82 51.49 1.08
CA ALA F 253 -3.16 50.99 0.80
C ALA F 253 -3.14 49.85 -0.21
N GLU F 254 -2.32 49.98 -1.26
CA GLU F 254 -2.19 48.93 -2.26
C GLU F 254 -1.55 47.67 -1.68
N ALA F 255 -0.57 47.84 -0.79
CA ALA F 255 0.04 46.68 -0.13
C ALA F 255 -1.01 45.89 0.62
N VAL F 256 -1.94 46.58 1.28
CA VAL F 256 -3.04 45.91 1.97
C VAL F 256 -4.08 45.43 0.98
N ARG F 257 -4.32 46.18 -0.11
CA ARG F 257 -5.31 45.74 -1.09
C ARG F 257 -4.83 44.53 -1.89
N THR F 258 -3.52 44.45 -2.19
CA THR F 258 -3.00 43.30 -2.93
C THR F 258 -3.18 42.00 -2.16
N ILE F 259 -3.06 42.04 -0.83
CA ILE F 259 -3.41 40.86 -0.05
C ILE F 259 -4.91 40.76 0.17
N ASP F 260 -5.67 41.87 0.01
CA ASP F 260 -7.12 41.84 0.17
C ASP F 260 -7.79 40.91 -0.85
N VAL F 261 -7.31 40.92 -2.10
CA VAL F 261 -7.84 39.97 -3.08
C VAL F 261 -7.46 38.54 -2.69
N GLU F 262 -6.32 38.37 -2.02
CA GLU F 262 -5.95 37.06 -1.45
C GLU F 262 -6.88 36.70 -0.29
N ARG F 263 -7.00 37.59 0.70
CA ARG F 263 -8.02 37.43 1.74
C ARG F 263 -8.41 38.81 2.26
N ASN F 264 -9.70 39.03 2.43
CA ASN F 264 -10.27 40.38 2.56
C ASN F 264 -10.91 40.54 3.95
N GLN F 265 -10.06 40.51 4.96
CA GLN F 265 -10.49 40.72 6.34
C GLN F 265 -9.81 41.91 7.01
N PHE F 266 -8.92 42.60 6.32
CA PHE F 266 -8.31 43.78 6.87
C PHE F 266 -8.88 45.06 6.28
N THR F 267 -9.74 44.95 5.27
CA THR F 267 -10.22 46.13 4.54
C THR F 267 -10.93 47.11 5.47
N HIS F 268 -11.90 46.61 6.26
CA HIS F 268 -12.72 47.49 7.09
C HIS F 268 -11.89 48.18 8.16
N ALA F 269 -11.16 47.42 8.93
CA ALA F 269 -10.34 47.99 9.98
C ALA F 269 -9.32 48.97 9.39
N PHE F 270 -8.68 48.58 8.29
CA PHE F 270 -7.65 49.43 7.71
C PHE F 270 -8.24 50.66 7.03
N GLY F 271 -9.27 50.49 6.21
CA GLY F 271 -9.89 51.63 5.56
C GLY F 271 -10.34 52.69 6.56
N LEU F 272 -10.71 52.26 7.76
CA LEU F 272 -10.99 53.19 8.83
C LEU F 272 -9.73 53.94 9.26
N ILE F 273 -8.56 53.29 9.16
CA ILE F 273 -7.29 53.94 9.48
C ILE F 273 -6.91 54.95 8.41
N ASN F 274 -7.05 54.59 7.13
CA ASN F 274 -6.76 55.55 6.06
C ASN F 274 -7.60 56.80 6.18
N ASP F 275 -8.90 56.62 6.47
CA ASP F 275 -9.82 57.74 6.49
C ASP F 275 -9.41 58.77 7.53
N TYR F 276 -9.08 58.33 8.75
CA TYR F 276 -8.58 59.30 9.72
C TYR F 276 -7.26 59.93 9.27
N MET F 277 -6.34 59.12 8.75
CA MET F 277 -5.03 59.67 8.39
C MET F 277 -5.10 60.63 7.20
N GLN F 278 -6.05 60.42 6.28
CA GLN F 278 -6.27 61.41 5.24
C GLN F 278 -6.84 62.71 5.82
N GLU F 279 -7.83 62.60 6.72
CA GLU F 279 -8.37 63.79 7.37
C GLU F 279 -7.30 64.53 8.17
N SER F 280 -6.41 63.80 8.82
CA SER F 280 -5.37 64.35 9.68
C SER F 280 -4.27 65.02 8.88
N THR F 281 -3.30 65.58 9.63
CA THR F 281 -2.08 66.08 9.03
C THR F 281 -1.46 65.03 8.11
N GLY F 282 -1.82 63.79 8.31
CA GLY F 282 -1.40 62.69 7.48
C GLY F 282 -0.23 61.94 8.09
N TYR F 283 -0.19 60.66 7.78
CA TYR F 283 0.94 59.81 8.08
C TYR F 283 2.02 60.09 7.05
N ASN F 284 3.21 60.38 7.55
CA ASN F 284 4.22 61.12 6.85
C ASN F 284 5.40 60.22 6.47
N GLU F 285 6.60 60.81 6.38
CA GLU F 285 7.77 60.07 5.97
C GLU F 285 8.07 58.94 6.95
N TYR F 286 7.87 59.21 8.23
CA TYR F 286 8.17 58.30 9.32
C TYR F 286 7.14 57.17 9.44
N THR F 287 6.02 57.24 8.74
CA THR F 287 5.04 56.15 8.85
C THR F 287 5.64 54.88 8.26
N PHE F 288 5.24 53.74 8.82
CA PHE F 288 5.82 52.45 8.45
C PHE F 288 4.93 51.33 8.99
N LEU F 289 5.36 50.09 8.73
CA LEU F 289 4.46 48.96 8.77
C LEU F 289 5.09 47.81 9.57
N SER F 290 4.24 46.90 10.05
CA SER F 290 4.67 45.79 10.88
C SER F 290 3.91 44.54 10.50
N CYS F 291 4.42 43.39 10.93
CA CYS F 291 3.88 42.13 10.46
C CYS F 291 4.33 41.02 11.37
N ASP F 292 3.53 39.95 11.42
CA ASP F 292 3.91 38.75 12.15
C ASP F 292 4.13 37.60 11.17
N PHE F 293 5.08 36.73 11.53
CA PHE F 293 5.41 35.57 10.71
C PHE F 293 4.53 34.37 11.00
N VAL F 294 3.36 34.57 11.56
CA VAL F 294 2.48 33.44 11.77
C VAL F 294 1.60 33.33 10.54
N GLU F 295 0.88 32.22 10.45
CA GLU F 295 -0.15 31.99 9.43
C GLU F 295 -1.12 33.17 9.35
N THR F 296 -1.67 33.41 8.15
CA THR F 296 -2.47 34.61 7.88
C THR F 296 -3.71 34.72 8.78
N SER F 297 -4.40 33.60 9.04
CA SER F 297 -5.61 33.66 9.84
C SER F 297 -5.34 34.21 11.24
N GLU F 298 -4.23 33.79 11.86
CA GLU F 298 -3.81 34.32 13.14
C GLU F 298 -2.96 35.58 13.03
N GLN F 299 -2.84 36.17 11.86
CA GLN F 299 -1.94 37.29 11.74
C GLN F 299 -2.54 38.59 12.27
N ARG F 300 -1.67 39.39 12.89
CA ARG F 300 -2.00 40.63 13.58
C ARG F 300 -1.08 41.71 13.01
N LEU F 301 -1.55 42.42 11.99
CA LEU F 301 -0.74 43.45 11.37
C LEU F 301 -1.00 44.82 11.97
N LYS F 302 -0.02 45.70 11.85
CA LYS F 302 0.00 46.96 12.57
C LYS F 302 0.40 48.06 11.59
N ILE F 303 0.02 49.29 11.90
CA ILE F 303 0.49 50.47 11.15
C ILE F 303 1.05 51.46 12.15
N TYR F 304 2.34 51.79 12.02
CA TYR F 304 2.95 52.73 12.94
C TYR F 304 3.06 54.09 12.24
N GLY F 305 3.52 55.09 12.99
CA GLY F 305 3.73 56.43 12.45
C GLY F 305 4.25 57.33 13.54
N ALA F 306 4.65 58.54 13.14
CA ALA F 306 5.22 59.49 14.07
C ALA F 306 4.63 60.88 13.86
N HIS F 307 4.56 61.64 14.95
CA HIS F 307 4.18 63.04 14.94
C HIS F 307 5.05 63.79 15.93
N THR F 308 5.31 65.06 15.62
CA THR F 308 5.88 65.96 16.62
C THR F 308 4.83 66.84 17.27
N GLU F 309 3.59 66.81 16.77
CA GLU F 309 2.49 67.55 17.39
C GLU F 309 2.15 66.93 18.73
N VAL F 310 2.43 67.64 19.82
CA VAL F 310 2.16 67.14 21.17
C VAL F 310 1.21 68.12 21.84
N THR F 311 -0.08 67.88 21.67
CA THR F 311 -1.11 68.43 22.53
C THR F 311 -1.96 67.26 23.01
N TRP F 312 -2.46 67.36 24.25
CA TRP F 312 -3.40 66.35 24.71
C TRP F 312 -4.60 66.23 23.79
N ALA F 313 -5.04 67.34 23.20
CA ALA F 313 -6.14 67.28 22.25
C ALA F 313 -5.79 66.42 21.05
N LYS F 314 -4.56 66.57 20.54
CA LYS F 314 -4.11 65.78 19.38
C LYS F 314 -3.91 64.32 19.74
N ILE F 315 -3.41 64.02 20.94
CA ILE F 315 -3.36 62.63 21.39
C ILE F 315 -4.76 62.05 21.41
N ALA F 316 -5.73 62.84 21.89
CA ALA F 316 -7.12 62.43 21.87
C ALA F 316 -7.67 62.34 20.45
N GLU F 317 -7.27 63.25 19.56
CA GLU F 317 -7.77 63.19 18.20
C GLU F 317 -7.38 61.89 17.53
N MET F 318 -6.17 61.41 17.79
CA MET F 318 -5.71 60.20 17.11
C MET F 318 -6.31 58.95 17.73
N TRP F 319 -6.26 58.87 19.07
CA TRP F 319 -6.79 57.70 19.76
C TRP F 319 -8.26 57.50 19.44
N THR F 320 -9.05 58.56 19.59
CA THR F 320 -10.48 58.48 19.32
C THR F 320 -10.76 58.49 17.84
N LEU F 321 -10.26 59.52 17.14
CA LEU F 321 -10.57 59.89 15.76
C LEU F 321 -12.08 60.11 15.72
N GLY F 322 -12.81 59.48 14.80
CA GLY F 322 -14.25 59.57 14.85
C GLY F 322 -14.91 58.24 15.08
N GLY F 323 -14.69 57.31 14.16
CA GLY F 323 -15.49 56.08 14.15
C GLY F 323 -15.33 55.26 15.42
N ARG F 324 -14.09 55.04 15.86
CA ARG F 324 -13.86 54.05 16.91
C ARG F 324 -14.24 54.55 18.31
N LEU F 325 -14.50 55.86 18.45
CA LEU F 325 -14.98 56.41 19.72
C LEU F 325 -16.31 55.79 20.12
N ILE F 326 -17.33 55.98 19.27
CA ILE F 326 -18.69 55.58 19.62
C ILE F 326 -18.79 54.07 19.73
N GLU F 327 -18.23 53.35 18.76
CA GLU F 327 -18.62 51.97 18.53
C GLU F 327 -18.11 51.02 19.62
N GLU F 328 -17.04 51.37 20.32
CA GLU F 328 -16.55 50.53 21.41
C GLU F 328 -16.17 51.36 22.62
N PRO F 329 -16.37 50.83 23.83
CA PRO F 329 -16.03 51.59 25.04
C PRO F 329 -14.56 51.49 25.44
N GLU F 330 -13.83 50.44 25.02
CA GLU F 330 -12.44 50.27 25.40
C GLU F 330 -11.62 51.49 25.04
N ILE F 331 -11.79 51.99 23.81
CA ILE F 331 -11.18 53.25 23.39
C ILE F 331 -11.43 54.33 24.44
N ILE F 332 -12.67 54.39 24.93
CA ILE F 332 -13.01 55.39 25.94
C ILE F 332 -12.37 55.02 27.29
N ALA F 333 -12.44 53.74 27.66
CA ALA F 333 -11.82 53.30 28.91
C ALA F 333 -10.30 53.46 28.87
N GLY F 334 -9.68 53.00 27.79
CA GLY F 334 -8.23 53.05 27.69
C GLY F 334 -7.69 54.47 27.67
N LEU F 335 -8.39 55.38 27.00
CA LEU F 335 -7.88 56.75 26.90
C LEU F 335 -7.80 57.42 28.27
N ALA F 336 -8.77 57.12 29.13
CA ALA F 336 -8.79 57.71 30.47
C ALA F 336 -7.54 57.35 31.24
N ARG F 337 -7.25 56.05 31.34
CA ARG F 337 -6.04 55.63 32.03
C ARG F 337 -4.80 56.23 31.37
N LEU F 338 -4.87 56.51 30.07
CA LEU F 338 -3.74 57.11 29.37
C LEU F 338 -3.52 58.57 29.78
N LYS F 339 -4.57 59.26 30.21
CA LYS F 339 -4.43 60.67 30.60
C LYS F 339 -3.58 60.83 31.86
N GLN F 340 -3.62 59.86 32.77
CA GLN F 340 -2.91 60.06 34.02
C GLN F 340 -1.40 59.82 33.85
N ILE F 341 -1.00 58.87 33.00
CA ILE F 341 0.42 58.70 32.73
C ILE F 341 1.02 59.89 31.98
N TRP F 342 0.24 60.54 31.10
CA TRP F 342 0.72 61.76 30.45
C TRP F 342 1.01 62.85 31.49
N SER F 343 0.15 62.96 32.50
CA SER F 343 0.30 63.94 33.57
C SER F 343 1.27 63.46 34.66
N LEU F 344 1.32 62.16 34.93
CA LEU F 344 2.37 61.66 35.81
C LEU F 344 3.74 61.96 35.22
N LEU F 345 3.84 61.91 33.89
CA LEU F 345 5.11 62.10 33.19
C LEU F 345 5.16 63.52 32.63
N GLN F 346 5.39 64.47 33.53
CA GLN F 346 5.58 65.85 33.11
C GLN F 346 6.81 65.93 32.21
N ILE F 347 6.59 66.26 30.93
CA ILE F 347 7.66 66.22 29.93
C ILE F 347 8.54 67.45 30.13
N GLY F 348 8.27 68.24 31.17
CA GLY F 348 9.15 69.32 31.57
C GLY F 348 9.04 70.59 30.77
N GLU F 349 8.16 70.64 29.76
CA GLU F 349 7.93 71.84 28.97
C GLU F 349 6.68 72.60 29.43
N GLY F 350 6.00 72.14 30.47
CA GLY F 350 4.83 72.82 30.98
C GLY F 350 4.68 72.67 32.48
N SER F 371 7.26 67.32 22.44
CA SER F 371 7.16 65.93 22.90
C SER F 371 6.71 64.99 21.76
N PRO F 372 7.60 64.73 20.80
CA PRO F 372 7.23 63.88 19.66
C PRO F 372 6.93 62.44 20.07
N ILE F 373 5.84 61.88 19.54
CA ILE F 373 5.35 60.57 19.97
C ILE F 373 5.13 59.70 18.75
N ILE F 374 5.15 58.39 18.99
CA ILE F 374 4.86 57.41 17.96
C ILE F 374 3.49 56.80 18.25
N TRP F 375 2.80 56.40 17.19
CA TRP F 375 1.50 55.78 17.28
C TRP F 375 1.47 54.47 16.51
N ASN F 376 0.42 53.71 16.73
CA ASN F 376 0.32 52.35 16.24
C ASN F 376 -1.14 51.94 16.24
N TYR F 377 -1.57 51.28 15.17
CA TYR F 377 -2.91 50.72 15.10
C TYR F 377 -2.82 49.26 14.68
N GLU F 378 -3.27 48.38 15.57
CA GLU F 378 -3.15 46.93 15.44
C GLU F 378 -4.45 46.34 14.88
N ILE F 379 -4.42 45.90 13.63
CA ILE F 379 -5.60 45.40 12.94
C ILE F 379 -5.66 43.89 13.10
N HIS F 380 -6.76 43.40 13.63
CA HIS F 380 -6.86 41.97 13.75
C HIS F 380 -8.00 41.48 12.88
N PRO F 381 -7.82 40.40 12.12
CA PRO F 381 -8.89 39.97 11.21
C PRO F 381 -10.13 39.50 11.94
N GLY F 382 -9.97 38.86 13.12
CA GLY F 382 -11.07 38.43 13.95
C GLY F 382 -11.93 39.54 14.55
N SER F 383 -11.63 40.81 14.24
CA SER F 383 -12.43 41.95 14.65
C SER F 383 -12.42 43.01 13.55
N ARG F 384 -13.20 44.08 13.74
CA ARG F 384 -13.17 45.24 12.87
C ARG F 384 -12.85 46.51 13.66
N PHE F 385 -12.20 46.35 14.79
CA PHE F 385 -11.79 47.47 15.66
C PHE F 385 -10.30 47.38 15.89
N PRO F 386 -9.51 48.18 15.20
CA PRO F 386 -8.06 48.21 15.45
C PRO F 386 -7.67 48.78 16.84
N VAL F 387 -6.78 48.07 17.57
CA VAL F 387 -6.41 48.47 18.95
C VAL F 387 -5.26 49.45 18.82
N PRO F 388 -5.41 50.70 19.29
CA PRO F 388 -4.31 51.66 19.18
C PRO F 388 -3.23 51.46 20.24
N LYS F 389 -2.05 52.01 19.94
CA LYS F 389 -0.92 51.97 20.85
C LYS F 389 -0.04 53.18 20.59
N PHE F 390 0.32 53.91 21.63
CA PHE F 390 1.19 55.07 21.48
C PHE F 390 2.50 54.86 22.23
N TYR F 391 3.54 55.56 21.77
CA TYR F 391 4.88 55.50 22.34
C TYR F 391 5.26 56.87 22.87
N LEU F 392 5.91 56.90 24.04
CA LEU F 392 6.11 58.18 24.73
C LEU F 392 7.58 58.44 25.03
N PRO F 393 8.05 59.66 24.80
CA PRO F 393 9.48 59.97 25.06
C PRO F 393 9.83 59.89 26.53
N VAL F 394 10.87 59.12 26.84
CA VAL F 394 11.43 59.07 28.17
C VAL F 394 12.92 59.43 28.19
N HIS F 395 13.62 59.24 27.07
CA HIS F 395 14.92 59.86 26.87
C HIS F 395 14.78 61.37 26.96
N GLY F 396 15.53 62.00 27.86
CA GLY F 396 15.31 63.38 28.24
C GLY F 396 14.59 63.53 29.57
N GLU F 397 13.81 62.53 29.96
CA GLU F 397 13.19 62.50 31.27
C GLU F 397 14.02 61.64 32.21
N ASN F 398 14.19 62.13 33.43
CA ASN F 398 14.96 61.40 34.43
C ASN F 398 14.40 60.00 34.61
N ASP F 399 15.28 59.01 34.48
CA ASP F 399 14.87 57.62 34.57
C ASP F 399 14.34 57.28 35.96
N LEU F 400 14.83 57.98 37.00
CA LEU F 400 14.26 57.78 38.33
C LEU F 400 12.86 58.41 38.42
N HIS F 401 12.72 59.67 37.97
CA HIS F 401 11.40 60.29 37.83
C HIS F 401 10.45 59.39 37.07
N VAL F 402 10.94 58.75 36.00
CA VAL F 402 10.08 57.82 35.27
C VAL F 402 9.88 56.55 36.07
N ALA F 403 10.92 56.06 36.74
CA ALA F 403 10.76 54.88 37.59
C ALA F 403 9.75 55.11 38.69
N ARG F 404 9.83 56.26 39.39
CA ARG F 404 8.88 56.58 40.47
C ARG F 404 7.46 56.72 39.94
N ALA F 405 7.27 57.59 38.92
CA ALA F 405 5.96 57.87 38.38
C ALA F 405 5.35 56.67 37.66
N LEU F 406 6.18 55.85 37.01
CA LEU F 406 5.67 54.63 36.39
C LEU F 406 5.27 53.61 37.46
N ALA F 407 5.90 53.67 38.63
CA ALA F 407 5.55 52.78 39.73
C ALA F 407 4.24 53.20 40.39
N GLN F 408 3.99 54.51 40.48
CA GLN F 408 2.71 55.00 41.02
C GLN F 408 1.54 54.54 40.16
N PHE F 409 1.68 54.64 38.83
CA PHE F 409 0.60 54.26 37.91
C PHE F 409 0.24 52.79 38.02
N TRP F 410 1.13 51.97 38.59
CA TRP F 410 0.72 50.58 38.76
C TRP F 410 -0.19 50.42 39.96
N ASP F 411 0.05 51.20 41.03
CA ASP F 411 -0.88 51.21 42.16
C ASP F 411 -2.25 51.75 41.77
N SER F 412 -2.29 52.73 40.85
CA SER F 412 -3.56 53.23 40.37
C SER F 412 -4.38 52.14 39.68
N LEU F 413 -3.71 51.23 38.98
CA LEU F 413 -4.38 50.08 38.39
C LEU F 413 -4.47 48.92 39.38
N GLY F 414 -3.78 49.01 40.50
CA GLY F 414 -3.71 47.89 41.42
C GLY F 414 -2.94 46.70 40.88
N TRP F 415 -1.64 46.90 40.62
CA TRP F 415 -0.77 45.80 40.23
C TRP F 415 0.09 45.40 41.41
N PRO F 416 0.07 44.13 41.80
CA PRO F 416 0.63 43.75 43.11
C PRO F 416 2.14 43.97 43.26
N GLU F 417 2.97 43.41 42.39
CA GLU F 417 4.41 43.45 42.66
C GLU F 417 5.18 44.36 41.73
N HIS F 418 4.80 44.43 40.45
CA HIS F 418 5.51 45.27 39.48
C HIS F 418 5.73 46.69 39.99
N ALA F 419 4.78 47.23 40.75
CA ALA F 419 4.90 48.60 41.24
C ALA F 419 6.06 48.72 42.23
N CYS F 420 6.15 47.79 43.19
CA CYS F 420 7.13 47.89 44.27
C CYS F 420 8.54 47.55 43.80
N ALA F 421 8.69 46.56 42.93
CA ALA F 421 10.00 46.05 42.56
C ALA F 421 10.54 46.63 41.26
N TYR F 422 9.83 47.57 40.61
CA TYR F 422 10.33 48.12 39.35
C TYR F 422 11.59 48.95 39.53
N PRO F 423 11.62 50.03 40.33
CA PRO F 423 12.85 50.80 40.45
C PRO F 423 14.01 50.01 41.05
N ASP F 424 13.74 48.94 41.81
CA ASP F 424 14.81 48.04 42.25
C ASP F 424 15.17 47.03 41.17
N THR F 425 14.29 46.77 40.20
CA THR F 425 14.64 45.99 39.03
C THR F 425 15.21 46.87 37.94
N LEU F 426 15.31 48.17 38.19
CA LEU F 426 15.95 49.10 37.28
C LEU F 426 17.40 49.35 37.66
N GLN F 427 17.68 49.53 38.95
CA GLN F 427 19.07 49.61 39.40
C GLN F 427 19.78 48.28 39.19
N GLN F 428 19.03 47.17 39.28
CA GLN F 428 19.63 45.85 39.05
C GLN F 428 20.06 45.67 37.60
N LEU F 429 19.29 46.22 36.65
CA LEU F 429 19.61 46.08 35.24
C LEU F 429 20.79 46.94 34.81
N TYR F 430 21.05 48.04 35.49
CA TYR F 430 22.19 48.90 35.18
C TYR F 430 22.97 49.21 36.45
N PRO F 431 23.59 48.20 37.06
CA PRO F 431 24.32 48.45 38.32
C PRO F 431 25.53 49.35 38.14
N ASP F 432 26.17 49.32 36.97
CA ASP F 432 27.29 50.22 36.70
C ASP F 432 26.88 51.69 36.78
N GLN F 433 25.70 52.04 36.23
CA GLN F 433 25.21 53.41 36.15
C GLN F 433 24.40 53.83 37.39
N ASP F 434 24.12 55.14 37.47
CA ASP F 434 23.46 55.80 38.60
C ASP F 434 22.07 56.26 38.16
N ILE F 435 21.01 55.66 38.71
CA ILE F 435 19.66 56.11 38.38
C ILE F 435 19.42 57.56 38.79
N SER F 436 20.21 58.06 39.75
CA SER F 436 20.06 59.44 40.20
C SER F 436 20.16 60.42 39.04
N GLN F 437 21.09 60.17 38.11
CA GLN F 437 21.41 61.13 37.07
C GLN F 437 21.11 60.67 35.65
N THR F 438 20.70 59.42 35.44
CA THR F 438 20.53 58.89 34.10
C THR F 438 19.19 59.29 33.47
N THR F 439 19.22 59.59 32.18
CA THR F 439 18.01 59.87 31.40
C THR F 439 17.79 58.95 30.20
N ARG F 440 18.87 58.53 29.53
CA ARG F 440 18.76 57.78 28.29
C ARG F 440 18.59 56.27 28.49
N LEU F 441 18.65 55.79 29.75
CA LEU F 441 18.44 54.36 30.01
C LEU F 441 17.02 53.90 29.72
N GLN F 442 16.05 54.81 29.70
CA GLN F 442 14.68 54.48 29.35
C GLN F 442 14.27 55.44 28.24
N SER F 443 13.92 54.88 27.08
CA SER F 443 13.73 55.70 25.89
C SER F 443 12.26 55.92 25.56
N TRP F 444 11.48 54.85 25.54
CA TRP F 444 10.09 54.94 25.13
C TRP F 444 9.24 54.07 26.06
N ILE F 445 7.94 54.39 26.12
CA ILE F 445 6.95 53.61 26.83
C ILE F 445 5.69 53.53 25.97
N SER F 446 5.17 52.31 25.81
CA SER F 446 4.00 52.07 24.97
C SER F 446 2.76 51.82 25.82
N TYR F 447 1.60 52.23 25.31
CA TYR F 447 0.34 52.03 26.00
C TYR F 447 -0.67 51.38 25.07
N SER F 448 -1.34 50.35 25.59
CA SER F 448 -2.41 49.71 24.87
C SER F 448 -3.45 49.25 25.88
N TYR F 449 -4.71 49.23 25.46
CA TYR F 449 -5.78 48.76 26.32
C TYR F 449 -6.73 47.87 25.53
N THR F 450 -6.98 46.67 26.05
CA THR F 450 -7.93 45.73 25.49
C THR F 450 -8.93 45.35 26.58
N ALA F 451 -10.13 44.96 26.16
CA ALA F 451 -11.09 44.42 27.11
C ALA F 451 -10.54 43.16 27.78
N LYS F 452 -10.08 42.21 26.96
CA LYS F 452 -9.60 40.93 27.48
C LYS F 452 -8.28 41.08 28.23
N ARG F 453 -7.32 41.78 27.64
CA ARG F 453 -5.98 41.88 28.21
C ARG F 453 -5.89 42.91 29.34
N GLY F 454 -6.78 43.88 29.37
CA GLY F 454 -6.61 44.99 30.29
C GLY F 454 -5.58 45.96 29.75
N VAL F 455 -4.56 46.26 30.54
CA VAL F 455 -3.59 47.28 30.20
C VAL F 455 -2.30 46.61 29.70
N TYR F 456 -1.99 46.84 28.42
CA TYR F 456 -0.68 46.59 27.82
C TYR F 456 0.22 47.79 28.05
N MET F 457 1.47 47.53 28.37
CA MET F 457 2.42 48.62 28.45
C MET F 457 3.85 48.06 28.43
N SER F 458 4.71 48.58 27.53
CA SER F 458 6.09 48.12 27.39
C SER F 458 7.06 49.28 27.45
N VAL F 459 8.25 49.00 27.99
CA VAL F 459 9.28 50.02 28.21
C VAL F 459 10.51 49.64 27.38
N TYR F 460 10.99 50.58 26.57
CA TYR F 460 12.16 50.35 25.72
C TYR F 460 13.38 50.96 26.40
N TYR F 461 14.48 50.21 26.38
CA TYR F 461 15.65 50.54 27.19
C TYR F 461 16.85 50.85 26.31
N HIS F 462 17.88 51.38 26.98
CA HIS F 462 19.20 51.57 26.38
C HIS F 462 19.92 50.24 26.26
N SER F 463 20.24 49.83 25.04
CA SER F 463 20.47 48.42 24.76
C SER F 463 21.96 48.03 24.58
N GLN F 464 22.89 48.95 24.86
CA GLN F 464 24.33 48.67 24.80
C GLN F 464 24.97 49.03 26.14
N SER F 465 26.10 48.42 26.43
CA SER F 465 26.75 48.67 27.72
C SER F 465 27.43 50.03 27.77
N THR F 466 28.09 50.43 26.69
CA THR F 466 28.86 51.68 26.63
C THR F 466 28.04 52.99 26.55
N SER G 51 45.97 16.78 -24.38
CA SER G 51 45.10 15.61 -24.51
C SER G 51 43.91 15.53 -23.53
N PRO G 52 44.01 16.12 -22.32
CA PRO G 52 42.85 16.09 -21.43
C PRO G 52 42.01 17.35 -21.54
N SER G 53 40.80 17.33 -20.97
CA SER G 53 39.97 18.53 -20.90
C SER G 53 40.61 19.58 -20.00
N PRO G 54 40.58 20.86 -20.38
CA PRO G 54 41.50 21.84 -19.80
C PRO G 54 41.03 22.54 -18.53
N ALA G 55 39.78 23.01 -18.53
CA ALA G 55 39.35 24.01 -17.56
C ALA G 55 39.22 23.47 -16.14
N GLN G 56 39.37 22.18 -15.93
CA GLN G 56 39.15 21.55 -14.64
C GLN G 56 40.41 21.51 -13.78
N ALA G 57 41.44 22.23 -14.17
CA ALA G 57 42.69 22.24 -13.42
C ALA G 57 42.67 23.22 -12.27
N LEU G 58 41.57 23.97 -12.09
CA LEU G 58 41.43 24.79 -10.90
C LEU G 58 41.31 23.92 -9.65
N ALA G 59 40.59 22.79 -9.77
CA ALA G 59 40.33 21.90 -8.65
C ALA G 59 41.59 21.29 -8.05
N SER G 60 42.71 21.38 -8.76
CA SER G 60 43.94 20.77 -8.28
C SER G 60 44.28 21.27 -6.89
N TYR G 61 44.12 22.57 -6.64
CA TYR G 61 44.42 23.16 -5.35
C TYR G 61 43.16 23.56 -4.60
N HIS G 62 42.12 22.76 -4.74
CA HIS G 62 40.90 23.02 -4.02
C HIS G 62 40.49 21.76 -3.30
N HIS G 63 40.09 21.95 -2.06
CA HIS G 63 39.57 20.87 -1.26
C HIS G 63 38.08 21.09 -1.10
N PHE G 64 37.28 20.15 -1.62
CA PHE G 64 35.83 20.29 -1.48
C PHE G 64 35.43 19.93 -0.06
N PRO G 65 34.83 20.86 0.71
CA PRO G 65 34.72 20.65 2.15
C PRO G 65 33.97 19.40 2.56
N THR G 66 32.96 18.99 1.82
CA THR G 66 32.11 17.87 2.21
C THR G 66 32.27 16.70 1.23
N ASN G 67 31.99 15.49 1.74
CA ASN G 67 31.90 14.33 0.87
C ASN G 67 30.83 14.53 -0.20
N ASP G 68 29.77 15.28 0.13
CA ASP G 68 28.74 15.50 -0.87
C ASP G 68 29.29 16.24 -2.09
N GLN G 69 30.14 17.24 -1.87
CA GLN G 69 30.58 18.06 -2.99
C GLN G 69 31.58 17.33 -3.86
N GLU G 70 32.64 16.80 -3.23
CA GLU G 70 33.68 16.04 -3.93
C GLU G 70 33.06 14.97 -4.81
N ARG G 71 32.04 14.30 -4.27
CA ARG G 71 31.33 13.31 -5.05
C ARG G 71 30.58 13.90 -6.24
N TRP G 72 29.98 15.10 -6.09
CA TRP G 72 29.34 15.75 -7.26
C TRP G 72 30.37 16.19 -8.28
N TRP G 73 31.46 16.81 -7.83
CA TRP G 73 32.58 17.13 -8.71
C TRP G 73 32.97 15.94 -9.56
N GLU G 74 33.23 14.81 -8.90
CA GLU G 74 33.58 13.57 -9.55
C GLU G 74 32.52 13.16 -10.57
N GLU G 75 31.28 13.62 -10.41
CA GLU G 75 30.16 13.25 -11.26
C GLU G 75 29.96 14.19 -12.44
N THR G 76 30.21 15.50 -12.25
CA THR G 76 29.96 16.47 -13.29
C THR G 76 31.13 17.39 -13.61
N GLY G 77 32.19 17.41 -12.80
CA GLY G 77 33.28 18.36 -13.03
C GLY G 77 33.99 18.13 -14.35
N SER G 78 34.17 16.87 -14.74
CA SER G 78 34.77 16.58 -16.04
C SER G 78 33.88 17.07 -17.16
N LEU G 79 32.57 16.84 -17.03
CA LEU G 79 31.64 17.08 -18.12
C LEU G 79 31.45 18.57 -18.37
N PHE G 80 31.37 19.38 -17.32
CA PHE G 80 31.20 20.82 -17.50
C PHE G 80 32.40 21.44 -18.18
N SER G 81 33.62 21.00 -17.83
CA SER G 81 34.83 21.55 -18.46
C SER G 81 34.89 21.18 -19.93
N ARG G 82 34.29 20.06 -20.31
CA ARG G 82 34.23 19.71 -21.73
C ARG G 82 33.22 20.57 -22.46
N PHE G 83 32.17 21.04 -21.78
CA PHE G 83 31.24 21.94 -22.49
C PHE G 83 31.84 23.32 -22.68
N LEU G 84 32.64 23.79 -21.72
CA LEU G 84 33.33 25.06 -21.93
C LEU G 84 34.28 24.99 -23.14
N GLU G 85 34.96 23.87 -23.32
CA GLU G 85 35.78 23.70 -24.52
C GLU G 85 34.90 23.67 -25.77
N ALA G 86 33.72 23.05 -25.66
CA ALA G 86 32.80 23.01 -26.78
C ALA G 86 32.31 24.40 -27.16
N GLY G 87 31.91 25.19 -26.17
CA GLY G 87 31.43 26.53 -26.41
C GLY G 87 32.47 27.48 -26.98
N GLN G 88 33.73 27.05 -27.09
CA GLN G 88 34.77 27.88 -27.68
C GLN G 88 34.92 29.20 -26.92
N TYR G 89 34.72 29.16 -25.61
CA TYR G 89 34.92 30.33 -24.78
C TYR G 89 36.40 30.66 -24.69
N GLY G 90 36.69 31.93 -24.39
CA GLY G 90 38.06 32.30 -24.08
C GLY G 90 38.56 31.53 -22.88
N LEU G 91 39.84 31.18 -22.90
CA LEU G 91 40.42 30.45 -21.78
C LEU G 91 40.25 31.18 -20.46
N PRO G 92 40.54 32.49 -20.34
CA PRO G 92 40.22 33.18 -19.09
C PRO G 92 38.75 33.17 -18.77
N GLN G 93 37.88 33.15 -19.80
CA GLN G 93 36.46 33.06 -19.52
C GLN G 93 36.16 31.72 -18.88
N GLN G 94 36.68 30.63 -19.48
CA GLN G 94 36.35 29.30 -19.00
C GLN G 94 36.74 29.11 -17.54
N TYR G 95 37.83 29.74 -17.12
CA TYR G 95 38.22 29.64 -15.72
C TYR G 95 37.29 30.46 -14.82
N GLN G 96 36.76 31.58 -15.32
CA GLN G 96 35.76 32.33 -14.55
C GLN G 96 34.51 31.50 -14.33
N PHE G 97 33.98 30.90 -15.41
CA PHE G 97 32.78 30.09 -15.29
C PHE G 97 33.03 28.80 -14.50
N MET G 98 34.24 28.23 -14.56
CA MET G 98 34.55 27.11 -13.67
C MET G 98 34.56 27.57 -12.24
N PHE G 99 35.24 28.68 -11.98
CA PHE G 99 35.33 29.20 -10.63
C PHE G 99 33.93 29.36 -10.02
N PHE G 100 33.02 29.95 -10.77
CA PHE G 100 31.64 30.03 -10.35
C PHE G 100 31.04 28.65 -10.15
N PHE G 101 31.31 27.75 -11.09
CA PHE G 101 30.70 26.43 -11.02
C PHE G 101 31.11 25.68 -9.76
N MET G 102 32.38 25.81 -9.36
CA MET G 102 32.84 25.08 -8.19
C MET G 102 32.20 25.60 -6.92
N HIS G 103 32.10 26.92 -6.77
CA HIS G 103 31.75 27.55 -5.50
C HIS G 103 30.26 27.72 -5.25
N HIS G 104 29.45 27.75 -6.29
CA HIS G 104 28.05 28.01 -6.08
C HIS G 104 27.15 26.87 -6.50
N LEU G 105 27.53 26.09 -7.50
CA LEU G 105 26.63 25.07 -7.98
C LEU G 105 26.92 23.69 -7.37
N ILE G 106 28.20 23.38 -7.14
CA ILE G 106 28.54 22.11 -6.47
C ILE G 106 27.99 22.05 -5.07
N PRO G 107 28.20 23.04 -4.18
CA PRO G 107 27.53 23.00 -2.90
C PRO G 107 26.01 22.99 -3.01
N ALA G 108 25.45 23.62 -4.05
CA ALA G 108 24.00 23.74 -4.19
C ALA G 108 23.32 22.44 -4.61
N LEU G 109 24.07 21.43 -5.07
CA LEU G 109 23.45 20.15 -5.42
C LEU G 109 23.04 19.33 -4.19
N GLY G 110 23.64 19.58 -3.03
CA GLY G 110 23.34 18.85 -1.82
C GLY G 110 23.88 17.43 -1.77
N PRO G 111 23.12 16.53 -1.16
CA PRO G 111 23.56 15.13 -0.96
C PRO G 111 23.85 14.40 -2.26
N TYR G 112 25.02 13.70 -2.33
CA TYR G 112 25.33 13.06 -3.61
C TYR G 112 24.40 11.91 -3.97
N PRO G 113 24.25 10.91 -3.18
CA PRO G 113 23.21 9.95 -3.55
C PRO G 113 21.96 10.74 -3.34
N GLN G 114 21.41 11.32 -4.41
CA GLN G 114 20.41 12.36 -4.24
C GLN G 114 19.10 11.75 -3.76
N LYS G 115 18.22 12.63 -3.31
CA LYS G 115 16.95 12.23 -2.74
C LYS G 115 15.83 13.03 -3.40
N TRP G 116 16.14 14.25 -3.84
CA TRP G 116 15.16 15.07 -4.52
C TRP G 116 15.07 14.69 -5.99
N ARG G 117 13.86 14.51 -6.47
CA ARG G 117 13.64 14.38 -7.90
C ARG G 117 13.26 15.75 -8.41
N SER G 118 14.13 16.32 -9.22
CA SER G 118 13.86 17.66 -9.68
C SER G 118 12.90 17.66 -10.85
N THR G 119 12.38 18.84 -11.15
CA THR G 119 11.43 18.94 -12.23
C THR G 119 12.12 19.23 -13.55
N ILE G 120 13.17 20.06 -13.52
CA ILE G 120 13.74 20.61 -14.74
C ILE G 120 14.39 19.55 -15.61
N SER G 121 14.67 18.38 -15.06
CA SER G 121 15.38 17.35 -15.80
C SER G 121 14.47 16.18 -16.11
N ARG G 122 14.61 15.66 -17.33
CA ARG G 122 13.90 14.44 -17.72
C ARG G 122 14.05 13.37 -16.65
N SER G 123 15.31 13.06 -16.30
CA SER G 123 15.57 12.00 -15.32
C SER G 123 15.17 12.44 -13.92
N GLY G 124 15.52 13.66 -13.55
CA GLY G 124 15.24 14.11 -12.21
C GLY G 124 16.46 14.73 -11.55
N LEU G 125 17.64 14.44 -12.07
CA LEU G 125 18.81 15.00 -11.42
C LEU G 125 18.79 16.51 -11.59
N PRO G 126 19.27 17.25 -10.61
CA PRO G 126 18.93 18.66 -10.54
C PRO G 126 19.81 19.55 -11.39
N ILE G 127 20.33 19.07 -12.52
CA ILE G 127 21.12 19.93 -13.41
C ILE G 127 21.03 19.40 -14.83
N GLU G 128 21.00 20.31 -15.79
CA GLU G 128 21.10 19.95 -17.20
C GLU G 128 21.86 21.03 -17.94
N PHE G 129 22.72 20.59 -18.85
CA PHE G 129 23.52 21.48 -19.68
C PHE G 129 22.94 21.53 -21.09
N SER G 130 23.06 22.71 -21.72
CA SER G 130 22.47 22.96 -23.02
C SER G 130 23.39 23.87 -23.81
N LEU G 131 23.40 23.67 -25.13
CA LEU G 131 24.18 24.49 -26.05
C LEU G 131 23.24 25.28 -26.96
N ASN G 132 23.48 26.58 -27.06
CA ASN G 132 22.69 27.48 -27.88
C ASN G 132 23.39 27.66 -29.23
N PHE G 133 22.84 27.05 -30.28
CA PHE G 133 23.34 27.21 -31.64
C PHE G 133 22.65 28.39 -32.33
N GLN G 134 23.45 29.24 -32.96
CA GLN G 134 23.00 30.51 -33.51
C GLN G 134 23.56 30.66 -34.91
N LYS G 135 22.83 31.37 -35.78
CA LYS G 135 23.24 31.53 -37.16
C LYS G 135 24.66 32.05 -37.26
N GLY G 136 25.52 31.25 -37.90
CA GLY G 136 26.91 31.58 -38.21
C GLY G 136 27.71 32.27 -37.13
N SER G 137 27.60 31.77 -35.90
CA SER G 137 28.29 32.41 -34.79
C SER G 137 28.59 31.38 -33.71
N HIS G 138 29.48 31.78 -32.81
CA HIS G 138 29.87 30.95 -31.68
C HIS G 138 28.66 30.44 -30.91
N ARG G 139 28.71 29.15 -30.57
CA ARG G 139 27.71 28.49 -29.76
C ARG G 139 27.85 28.90 -28.29
N LEU G 140 26.73 28.87 -27.55
CA LEU G 140 26.70 29.27 -26.15
C LEU G 140 26.34 28.10 -25.24
N LEU G 141 26.51 28.31 -23.93
CA LEU G 141 26.31 27.24 -22.96
C LEU G 141 25.22 27.65 -21.97
N ARG G 142 24.21 26.79 -21.86
CA ARG G 142 23.09 26.99 -20.95
C ARG G 142 23.19 25.99 -19.81
N ILE G 143 23.03 26.47 -18.57
CA ILE G 143 22.90 25.62 -17.37
C ILE G 143 21.58 25.95 -16.71
N GLY G 144 20.73 24.95 -16.55
CA GLY G 144 19.57 25.16 -15.70
C GLY G 144 19.57 24.18 -14.54
N PHE G 145 19.51 24.65 -13.30
CA PHE G 145 19.60 23.67 -12.22
C PHE G 145 18.83 24.18 -11.00
N GLU G 146 18.42 23.25 -10.14
CA GLU G 146 17.64 23.54 -8.95
C GLU G 146 18.48 23.26 -7.70
N PRO G 147 18.70 24.25 -6.82
CA PRO G 147 19.43 23.99 -5.59
C PRO G 147 18.66 23.04 -4.70
N VAL G 148 19.39 22.20 -3.98
CA VAL G 148 18.83 21.18 -3.10
C VAL G 148 19.72 21.11 -1.87
N SER G 149 19.14 20.69 -0.75
CA SER G 149 19.91 20.36 0.45
C SER G 149 19.40 19.04 1.00
N PHE G 150 19.97 18.62 2.12
CA PHE G 150 19.45 17.43 2.79
C PHE G 150 18.09 17.68 3.43
N LEU G 151 17.69 18.94 3.64
CA LEU G 151 16.34 19.25 4.13
C LEU G 151 15.29 19.12 3.04
N SER G 152 15.70 19.07 1.77
CA SER G 152 14.75 19.03 0.67
C SER G 152 13.91 17.76 0.70
N GLY G 153 12.58 17.94 0.72
CA GLY G 153 11.65 16.83 0.79
C GLY G 153 11.37 16.34 2.21
N SER G 154 11.96 16.97 3.21
CA SER G 154 11.80 16.56 4.59
C SER G 154 10.61 17.24 5.22
N SER G 155 10.42 17.00 6.51
CA SER G 155 9.39 17.70 7.25
C SER G 155 9.63 19.19 7.21
N GLN G 156 10.91 19.60 7.24
CA GLN G 156 11.21 21.02 7.39
C GLN G 156 10.98 21.77 6.08
N ASP G 157 11.29 21.15 4.94
CA ASP G 157 11.10 21.78 3.62
C ASP G 157 10.68 20.73 2.61
N PRO G 158 9.41 20.35 2.61
CA PRO G 158 8.97 19.26 1.72
C PRO G 158 8.87 19.65 0.26
N PHE G 159 9.11 20.90 -0.10
CA PHE G 159 8.90 21.33 -1.47
C PHE G 159 9.96 22.34 -1.90
N ASN G 160 11.21 22.12 -1.49
CA ASN G 160 12.38 22.88 -1.96
C ASN G 160 12.17 24.38 -2.05
N ARG G 161 11.74 24.99 -0.95
CA ARG G 161 11.76 26.44 -1.00
C ARG G 161 13.02 27.03 -0.41
N ILE G 162 13.61 26.41 0.61
CA ILE G 162 14.71 27.03 1.36
C ILE G 162 15.96 27.13 0.47
N PRO G 163 16.33 26.11 -0.31
CA PRO G 163 17.52 26.25 -1.17
C PRO G 163 17.40 27.31 -2.26
N ILE G 164 16.18 27.62 -2.73
CA ILE G 164 16.00 28.65 -3.75
C ILE G 164 16.45 30.00 -3.23
N THR G 165 15.97 30.37 -2.03
CA THR G 165 16.37 31.66 -1.47
C THR G 165 17.82 31.64 -0.99
N ASP G 166 18.36 30.46 -0.64
CA ASP G 166 19.77 30.37 -0.27
C ASP G 166 20.67 30.75 -1.43
N LEU G 167 20.45 30.15 -2.60
CA LEU G 167 21.30 30.46 -3.73
C LEU G 167 21.10 31.90 -4.19
N LEU G 168 19.86 32.40 -4.08
CA LEU G 168 19.53 33.73 -4.55
C LEU G 168 20.22 34.81 -3.73
N ASN G 169 20.46 34.56 -2.44
CA ASN G 169 21.22 35.52 -1.65
C ASN G 169 22.68 35.56 -2.09
N ARG G 170 23.29 34.40 -2.33
CA ARG G 170 24.67 34.42 -2.78
C ARG G 170 24.79 35.11 -4.13
N LEU G 171 23.88 34.82 -5.06
CA LEU G 171 23.98 35.43 -6.38
C LEU G 171 23.95 36.95 -6.29
N SER G 172 23.16 37.50 -5.37
CA SER G 172 23.17 38.95 -5.20
C SER G 172 24.46 39.41 -4.53
N LYS G 173 25.07 38.57 -3.70
CA LYS G 173 26.34 38.96 -3.09
C LYS G 173 27.41 39.15 -4.16
N LEU G 174 27.50 38.20 -5.08
CA LEU G 174 28.32 38.34 -6.27
C LEU G 174 27.85 39.54 -7.06
N GLN G 175 28.73 40.53 -7.23
CA GLN G 175 28.33 41.75 -7.93
C GLN G 175 28.21 41.46 -9.42
N LEU G 176 26.97 41.24 -9.86
CA LEU G 176 26.62 40.87 -11.22
C LEU G 176 26.01 42.06 -11.95
N SER G 177 26.45 42.25 -13.18
CA SER G 177 25.98 43.38 -13.96
C SER G 177 24.47 43.29 -14.23
N ASN G 178 23.74 44.32 -13.81
CA ASN G 178 22.30 44.49 -14.05
C ASN G 178 21.50 43.30 -13.54
N PHE G 179 21.69 43.01 -12.26
CA PHE G 179 21.05 41.91 -11.56
C PHE G 179 20.01 42.53 -10.62
N ASP G 180 18.73 42.37 -10.99
CA ASP G 180 17.61 42.86 -10.20
C ASP G 180 16.60 41.74 -9.96
N THR G 181 16.32 41.47 -8.68
CA THR G 181 15.41 40.42 -8.27
C THR G 181 13.93 40.80 -8.07
N PRO G 182 13.53 42.10 -8.04
CA PRO G 182 12.14 42.39 -7.66
C PRO G 182 11.10 41.65 -8.45
N PHE G 183 11.37 41.37 -9.71
CA PHE G 183 10.34 40.79 -10.56
C PHE G 183 10.15 39.31 -10.22
N PHE G 184 11.25 38.57 -10.11
CA PHE G 184 11.16 37.17 -9.66
C PHE G 184 10.57 37.07 -8.26
N GLN G 185 10.98 37.96 -7.34
CA GLN G 185 10.44 37.95 -5.98
C GLN G 185 8.91 38.09 -6.01
N HIS G 186 8.40 38.90 -6.92
CA HIS G 186 6.95 39.02 -7.06
C HIS G 186 6.32 37.67 -7.39
N LEU G 187 6.92 36.93 -8.33
CA LEU G 187 6.32 35.67 -8.77
C LEU G 187 6.41 34.60 -7.68
N LEU G 188 7.47 34.61 -6.89
CA LEU G 188 7.53 33.70 -5.75
C LEU G 188 6.46 34.04 -4.73
N SER G 189 6.32 35.32 -4.39
CA SER G 189 5.33 35.70 -3.40
C SER G 189 3.94 35.27 -3.82
N LYS G 190 3.63 35.36 -5.12
CA LYS G 190 2.33 34.93 -5.61
C LYS G 190 2.14 33.43 -5.53
N PHE G 191 3.19 32.66 -5.70
CA PHE G 191 3.04 31.21 -5.72
C PHE G 191 3.51 30.54 -4.45
N GLN G 192 3.76 31.30 -3.39
CA GLN G 192 4.06 30.67 -2.11
C GLN G 192 2.86 29.97 -1.54
N LEU G 193 3.12 29.15 -0.53
CA LEU G 193 2.10 28.35 0.11
C LEU G 193 2.38 28.23 1.61
N SER G 194 1.37 28.56 2.43
CA SER G 194 1.41 28.45 3.89
C SER G 194 0.34 27.44 4.30
N LEU G 195 0.77 26.32 4.86
CA LEU G 195 -0.11 25.26 5.39
C LEU G 195 -1.11 24.80 4.35
N SER G 196 -0.95 25.31 3.12
CA SER G 196 -1.29 24.51 1.96
C SER G 196 -0.41 23.28 1.95
N GLU G 197 0.79 23.41 2.53
CA GLU G 197 1.69 22.27 2.75
C GLU G 197 0.97 21.13 3.45
N VAL G 198 0.09 21.45 4.38
CA VAL G 198 -0.62 20.41 5.13
C VAL G 198 -1.47 19.58 4.18
N ARG G 199 -2.23 20.25 3.31
CA ARG G 199 -2.98 19.51 2.30
C ARG G 199 -2.03 18.83 1.32
N GLN G 200 -0.90 19.47 1.03
CA GLN G 200 0.11 18.87 0.18
C GLN G 200 0.74 17.64 0.83
N LEU G 201 1.10 17.74 2.12
CA LEU G 201 1.51 16.53 2.83
C LEU G 201 0.43 15.46 2.73
N GLN G 202 -0.85 15.88 2.78
CA GLN G 202 -1.98 14.97 2.74
C GLN G 202 -2.21 14.35 1.36
N LYS G 203 -1.70 14.98 0.29
CA LYS G 203 -1.99 14.49 -1.05
C LYS G 203 -1.26 13.19 -1.37
N GLN G 204 -0.26 12.81 -0.58
CA GLN G 204 0.63 11.71 -0.97
C GLN G 204 -0.15 10.41 -0.82
N GLY G 205 -0.96 10.14 -1.83
CA GLY G 205 -1.73 8.92 -1.89
C GLY G 205 -1.30 8.04 -3.04
N SER G 206 -1.05 6.75 -2.77
CA SER G 206 -0.68 5.84 -3.83
C SER G 206 -1.86 5.56 -4.76
N GLY G 207 -3.06 5.46 -4.21
CA GLY G 207 -4.27 5.21 -4.97
C GLY G 207 -4.61 6.34 -5.91
N PRO G 208 -4.83 7.54 -5.37
CA PRO G 208 -4.94 8.72 -6.24
C PRO G 208 -3.57 9.32 -6.53
N ASP G 209 -3.04 9.04 -7.72
CA ASP G 209 -1.69 9.50 -8.08
C ASP G 209 -1.56 11.01 -7.91
N ALA G 210 -0.67 11.41 -7.01
CA ALA G 210 -0.48 12.83 -6.70
C ALA G 210 1.00 13.07 -6.39
N HIS G 211 1.86 12.66 -7.30
CA HIS G 211 3.29 12.92 -7.18
C HIS G 211 3.93 13.17 -8.55
N PRO G 212 3.35 14.04 -9.40
CA PRO G 212 3.96 14.28 -10.71
C PRO G 212 5.24 15.09 -10.59
N LEU G 213 5.14 16.20 -9.86
CA LEU G 213 6.24 17.12 -9.69
C LEU G 213 6.10 17.70 -8.30
N LYS G 214 7.22 17.92 -7.64
CA LYS G 214 7.21 18.49 -6.31
C LYS G 214 7.99 19.78 -6.21
N SER G 215 8.69 20.18 -7.26
CA SER G 215 9.49 21.40 -7.19
C SER G 215 8.59 22.63 -7.20
N GLN G 216 9.13 23.73 -6.65
CA GLN G 216 8.41 24.98 -6.56
C GLN G 216 9.11 26.13 -7.26
N ALA G 217 10.40 26.02 -7.54
CA ALA G 217 11.16 27.02 -8.29
C ALA G 217 12.51 26.43 -8.68
N ALA G 218 13.16 27.08 -9.64
CA ALA G 218 14.46 26.64 -10.14
C ALA G 218 15.15 27.83 -10.77
N PHE G 219 16.41 27.64 -11.15
CA PHE G 219 17.22 28.68 -11.76
C PHE G 219 17.75 28.22 -13.11
N GLY G 220 18.28 29.19 -13.88
CA GLY G 220 18.98 28.97 -15.13
C GLY G 220 20.16 29.93 -15.26
N PHE G 221 21.28 29.45 -15.81
CA PHE G 221 22.51 30.25 -15.91
C PHE G 221 22.97 30.25 -17.36
N ASP G 222 23.09 31.44 -17.95
CA ASP G 222 23.52 31.62 -19.33
C ASP G 222 24.92 32.20 -19.33
N PHE G 223 25.83 31.53 -20.05
CA PHE G 223 27.24 31.93 -20.15
C PHE G 223 27.47 32.54 -21.53
N ASN G 224 27.38 33.86 -21.63
CA ASN G 224 27.62 34.52 -22.90
C ASN G 224 29.14 34.68 -23.09
N PRO G 225 29.61 34.95 -24.32
CA PRO G 225 31.06 34.92 -24.56
C PRO G 225 31.84 36.00 -23.83
N ASP G 226 31.16 37.02 -23.34
CA ASP G 226 31.77 38.00 -22.48
C ASP G 226 31.91 37.43 -21.06
N GLY G 227 32.54 38.18 -20.17
CA GLY G 227 32.58 37.77 -18.78
C GLY G 227 31.32 38.13 -18.02
N ALA G 228 30.19 37.50 -18.35
CA ALA G 228 28.92 37.85 -17.71
C ALA G 228 28.00 36.63 -17.69
N ILE G 229 27.24 36.48 -16.61
CA ILE G 229 26.12 35.56 -16.56
C ILE G 229 24.81 36.33 -16.53
N LEU G 230 23.89 35.92 -17.39
CA LEU G 230 22.49 36.30 -17.25
C LEU G 230 21.81 35.19 -16.47
N VAL G 231 21.19 35.55 -15.38
CA VAL G 231 20.55 34.57 -14.52
C VAL G 231 19.09 34.50 -14.89
N LYS G 232 18.56 33.30 -14.98
CA LYS G 232 17.18 33.08 -15.40
C LYS G 232 16.50 32.26 -14.31
N GLY G 233 15.29 32.67 -13.91
CA GLY G 233 14.59 31.99 -12.83
C GLY G 233 13.30 31.33 -13.25
N TYR G 234 12.80 30.40 -12.45
CA TYR G 234 11.65 29.61 -12.83
C TYR G 234 10.68 29.55 -11.68
N VAL G 235 9.41 29.32 -12.00
CA VAL G 235 8.34 29.19 -11.01
C VAL G 235 7.44 28.04 -11.47
N PHE G 236 6.97 27.24 -10.51
CA PHE G 236 6.18 26.03 -10.81
C PHE G 236 4.79 26.07 -10.17
N PRO G 237 3.74 26.35 -10.93
CA PRO G 237 2.43 26.61 -10.32
C PRO G 237 1.67 25.37 -9.90
N TYR G 238 2.05 24.16 -10.35
CA TYR G 238 1.24 22.98 -10.09
C TYR G 238 0.90 22.85 -8.62
N LEU G 239 1.86 23.11 -7.75
CA LEU G 239 1.66 22.82 -6.34
C LEU G 239 0.71 23.83 -5.72
N LYS G 240 0.93 25.12 -5.99
CA LYS G 240 0.03 26.14 -5.47
C LYS G 240 -1.38 25.96 -6.01
N ALA G 241 -1.51 25.61 -7.29
CA ALA G 241 -2.84 25.38 -7.87
C ALA G 241 -3.48 24.10 -7.34
N LYS G 242 -2.67 23.05 -7.12
CA LYS G 242 -3.21 21.82 -6.55
C LYS G 242 -3.83 22.07 -5.19
N ALA G 243 -3.21 22.95 -4.39
CA ALA G 243 -3.69 23.24 -3.05
C ALA G 243 -4.95 24.09 -3.08
N ALA G 244 -4.94 25.14 -3.89
CA ALA G 244 -6.07 26.05 -3.92
C ALA G 244 -7.29 25.46 -4.63
N ASP G 245 -7.16 24.28 -5.25
CA ASP G 245 -8.23 23.69 -6.05
C ASP G 245 -8.70 24.70 -7.09
N VAL G 246 -7.75 25.38 -7.70
CA VAL G 246 -8.02 26.45 -8.66
C VAL G 246 -7.31 26.04 -9.94
N PRO G 247 -7.91 26.23 -11.12
CA PRO G 247 -7.22 25.83 -12.37
C PRO G 247 -5.87 26.48 -12.50
N VAL G 248 -4.91 25.72 -13.02
CA VAL G 248 -3.49 26.10 -12.98
C VAL G 248 -3.27 27.43 -13.67
N GLY G 249 -4.02 27.69 -14.75
CA GLY G 249 -3.76 28.89 -15.53
C GLY G 249 -4.41 30.14 -15.01
N THR G 250 -5.54 30.01 -14.28
CA THR G 250 -6.26 31.20 -13.82
C THR G 250 -5.40 32.05 -12.89
N LEU G 251 -4.62 31.42 -12.01
CA LEU G 251 -3.72 32.18 -11.14
C LEU G 251 -2.40 32.51 -11.81
N ILE G 252 -2.08 31.88 -12.94
CA ILE G 252 -1.00 32.42 -13.77
C ILE G 252 -1.42 33.80 -14.27
N ALA G 253 -2.69 33.96 -14.60
CA ALA G 253 -3.19 35.24 -15.10
C ALA G 253 -3.18 36.32 -14.02
N GLU G 254 -3.64 36.00 -12.81
CA GLU G 254 -3.57 37.00 -11.73
C GLU G 254 -2.12 37.36 -11.42
N ALA G 255 -1.23 36.37 -11.51
CA ALA G 255 0.19 36.64 -11.32
C ALA G 255 0.69 37.70 -12.30
N VAL G 256 0.23 37.62 -13.56
CA VAL G 256 0.63 38.64 -14.53
C VAL G 256 -0.13 39.94 -14.27
N ARG G 257 -1.39 39.84 -13.84
CA ARG G 257 -2.16 41.07 -13.61
C ARG G 257 -1.66 41.84 -12.40
N THR G 258 -1.18 41.15 -11.36
CA THR G 258 -0.63 41.84 -10.19
C THR G 258 0.59 42.67 -10.56
N ILE G 259 1.41 42.21 -11.51
CA ILE G 259 2.48 43.07 -12.02
C ILE G 259 1.94 44.05 -13.05
N ASP G 260 0.77 43.77 -13.65
CA ASP G 260 0.20 44.69 -14.63
C ASP G 260 -0.16 46.03 -14.02
N VAL G 261 -0.73 46.04 -12.80
CA VAL G 261 -0.97 47.32 -12.14
C VAL G 261 0.34 47.99 -11.79
N GLU G 262 1.40 47.21 -11.54
CA GLU G 262 2.74 47.78 -11.38
C GLU G 262 3.26 48.33 -12.70
N ARG G 263 3.24 47.51 -13.76
CA ARG G 263 3.53 48.01 -15.11
C ARG G 263 2.79 47.13 -16.11
N ASN G 264 2.17 47.75 -17.10
CA ASN G 264 1.13 47.13 -17.94
C ASN G 264 1.57 47.07 -19.39
N GLN G 265 2.61 46.28 -19.67
CA GLN G 265 3.07 46.06 -21.03
C GLN G 265 3.03 44.60 -21.43
N PHE G 266 2.64 43.72 -20.53
CA PHE G 266 2.53 42.31 -20.83
C PHE G 266 1.10 41.89 -21.14
N THR G 267 0.13 42.78 -20.89
CA THR G 267 -1.29 42.42 -20.96
C THR G 267 -1.66 41.93 -22.35
N HIS G 268 -1.32 42.69 -23.39
CA HIS G 268 -1.76 42.36 -24.73
C HIS G 268 -1.22 41.02 -25.17
N ALA G 269 0.10 40.86 -25.09
CA ALA G 269 0.74 39.63 -25.51
C ALA G 269 0.22 38.45 -24.68
N PHE G 270 0.14 38.64 -23.36
CA PHE G 270 -0.26 37.51 -22.51
C PHE G 270 -1.73 37.18 -22.69
N GLY G 271 -2.61 38.18 -22.68
CA GLY G 271 -4.02 37.92 -22.90
C GLY G 271 -4.28 37.17 -24.20
N LEU G 272 -3.43 37.40 -25.21
CA LEU G 272 -3.54 36.66 -26.44
C LEU G 272 -3.18 35.19 -26.26
N ILE G 273 -2.26 34.88 -25.35
CA ILE G 273 -1.89 33.48 -25.11
C ILE G 273 -3.02 32.75 -24.39
N ASN G 274 -3.57 33.35 -23.33
CA ASN G 274 -4.66 32.73 -22.58
C ASN G 274 -5.82 32.37 -23.49
N ASP G 275 -6.15 33.28 -24.41
CA ASP G 275 -7.29 33.06 -25.27
C ASP G 275 -7.10 31.81 -26.10
N TYR G 276 -5.89 31.60 -26.66
CA TYR G 276 -5.62 30.33 -27.32
C TYR G 276 -5.67 29.17 -26.33
N MET G 277 -5.09 29.32 -25.15
CA MET G 277 -5.07 28.18 -24.23
C MET G 277 -6.45 27.85 -23.68
N GLN G 278 -7.32 28.86 -23.48
CA GLN G 278 -8.70 28.54 -23.09
C GLN G 278 -9.44 27.84 -24.22
N GLU G 279 -9.28 28.32 -25.45
CA GLU G 279 -9.89 27.63 -26.60
C GLU G 279 -9.40 26.19 -26.69
N SER G 280 -8.09 25.98 -26.47
CA SER G 280 -7.43 24.70 -26.66
C SER G 280 -7.80 23.71 -25.58
N THR G 281 -7.22 22.52 -25.70
CA THR G 281 -7.31 21.52 -24.63
C THR G 281 -6.94 22.13 -23.29
N GLY G 282 -6.20 23.22 -23.32
CA GLY G 282 -5.81 23.95 -22.14
C GLY G 282 -4.39 23.59 -21.72
N TYR G 283 -3.75 24.56 -21.11
CA TYR G 283 -2.47 24.38 -20.44
C TYR G 283 -2.72 23.77 -19.07
N ASN G 284 -2.00 22.67 -18.78
CA ASN G 284 -2.39 21.69 -17.80
C ASN G 284 -1.44 21.70 -16.60
N GLU G 285 -1.30 20.53 -15.96
CA GLU G 285 -0.50 20.38 -14.74
C GLU G 285 0.97 20.69 -14.98
N TYR G 286 1.46 20.32 -16.15
CA TYR G 286 2.87 20.48 -16.52
C TYR G 286 3.22 21.92 -16.86
N THR G 287 2.23 22.79 -17.06
CA THR G 287 2.53 24.17 -17.42
C THR G 287 3.24 24.88 -16.28
N PHE G 288 4.05 25.87 -16.65
CA PHE G 288 4.84 26.60 -15.67
C PHE G 288 5.39 27.85 -16.34
N LEU G 289 6.15 28.62 -15.56
CA LEU G 289 6.42 30.00 -15.89
C LEU G 289 7.91 30.27 -15.78
N SER G 290 8.37 31.29 -16.50
CA SER G 290 9.80 31.61 -16.61
C SER G 290 10.00 33.12 -16.53
N CYS G 291 11.22 33.51 -16.21
CA CYS G 291 11.49 34.89 -15.86
C CYS G 291 12.98 35.18 -15.98
N ASP G 292 13.32 36.46 -16.15
CA ASP G 292 14.72 36.90 -16.14
C ASP G 292 14.98 37.78 -14.93
N PHE G 293 16.20 37.68 -14.37
CA PHE G 293 16.66 38.43 -13.20
C PHE G 293 17.22 39.80 -13.54
N VAL G 294 16.81 40.33 -14.69
CA VAL G 294 17.14 41.68 -15.14
C VAL G 294 16.04 42.66 -14.75
N GLU G 295 16.31 43.95 -14.99
CA GLU G 295 15.33 45.03 -14.86
C GLU G 295 14.06 44.77 -15.68
N THR G 296 12.93 45.31 -15.17
CA THR G 296 11.60 45.06 -15.74
C THR G 296 11.48 45.53 -17.19
N SER G 297 12.07 46.69 -17.51
CA SER G 297 11.96 47.22 -18.87
C SER G 297 12.59 46.29 -19.90
N GLU G 298 13.76 45.73 -19.61
CA GLU G 298 14.39 44.76 -20.50
C GLU G 298 13.92 43.33 -20.29
N GLN G 299 12.94 43.11 -19.42
CA GLN G 299 12.64 41.76 -19.02
C GLN G 299 11.84 41.00 -20.08
N ARG G 300 12.11 39.71 -20.16
CA ARG G 300 11.56 38.80 -21.15
C ARG G 300 10.99 37.59 -20.41
N LEU G 301 9.70 37.61 -20.07
CA LEU G 301 9.15 36.49 -19.34
C LEU G 301 8.52 35.48 -20.31
N LYS G 302 8.48 34.22 -19.88
CA LYS G 302 8.11 33.13 -20.76
C LYS G 302 7.11 32.24 -20.05
N ILE G 303 6.27 31.57 -20.83
CA ILE G 303 5.30 30.62 -20.33
C ILE G 303 5.53 29.30 -21.04
N TYR G 304 5.86 28.27 -20.29
CA TYR G 304 6.09 26.96 -20.88
C TYR G 304 4.90 26.05 -20.61
N GLY G 305 4.93 24.87 -21.20
CA GLY G 305 3.87 23.90 -20.98
C GLY G 305 4.17 22.65 -21.78
N ALA G 306 3.37 21.63 -21.53
CA ALA G 306 3.59 20.32 -22.15
C ALA G 306 2.30 19.76 -22.72
N HIS G 307 2.43 18.98 -23.80
CA HIS G 307 1.33 18.22 -24.38
C HIS G 307 1.85 16.86 -24.82
N THR G 308 0.99 15.85 -24.75
CA THR G 308 1.26 14.57 -25.37
C THR G 308 0.61 14.40 -26.73
N GLU G 309 -0.25 15.34 -27.12
CA GLU G 309 -0.87 15.32 -28.43
C GLU G 309 0.20 15.63 -29.48
N VAL G 310 0.55 14.66 -30.30
CA VAL G 310 1.57 14.83 -31.34
C VAL G 310 0.91 14.55 -32.69
N THR G 311 0.40 15.61 -33.30
CA THR G 311 0.11 15.63 -34.72
C THR G 311 0.79 16.87 -35.29
N TRP G 312 1.24 16.78 -36.54
CA TRP G 312 1.77 17.99 -37.15
C TRP G 312 0.72 19.10 -37.13
N ALA G 313 -0.56 18.74 -37.32
CA ALA G 313 -1.62 19.74 -37.29
C ALA G 313 -1.66 20.45 -35.94
N LYS G 314 -1.51 19.70 -34.84
CA LYS G 314 -1.55 20.32 -33.52
C LYS G 314 -0.34 21.22 -33.29
N ILE G 315 0.84 20.82 -33.80
CA ILE G 315 2.00 21.70 -33.73
C ILE G 315 1.74 22.97 -34.52
N ALA G 316 1.11 22.83 -35.69
CA ALA G 316 0.72 24.02 -36.43
C ALA G 316 -0.35 24.82 -35.69
N GLU G 317 -1.29 24.14 -35.01
CA GLU G 317 -2.31 24.86 -34.25
C GLU G 317 -1.66 25.70 -33.15
N MET G 318 -0.61 25.17 -32.52
CA MET G 318 -0.01 25.86 -31.38
C MET G 318 0.89 27.00 -31.84
N TRP G 319 1.70 26.75 -32.85
CA TRP G 319 2.58 27.82 -33.33
C TRP G 319 1.75 29.00 -33.85
N THR G 320 0.78 28.74 -34.73
CA THR G 320 -0.03 29.78 -35.34
C THR G 320 -1.10 30.29 -34.38
N LEU G 321 -1.93 29.37 -33.87
CA LEU G 321 -3.17 29.61 -33.11
C LEU G 321 -4.10 30.40 -34.03
N GLY G 322 -4.59 31.56 -33.64
CA GLY G 322 -5.33 32.35 -34.60
C GLY G 322 -4.60 33.65 -34.79
N GLY G 323 -4.47 34.41 -33.70
CA GLY G 323 -4.09 35.80 -33.81
C GLY G 323 -2.72 36.01 -34.44
N ARG G 324 -1.72 35.27 -33.98
CA ARG G 324 -0.37 35.64 -34.38
C ARG G 324 -0.03 35.22 -35.81
N LEU G 325 -0.89 34.41 -36.44
CA LEU G 325 -0.70 33.99 -37.83
C LEU G 325 -0.65 35.19 -38.79
N ILE G 326 -1.76 35.92 -38.87
CA ILE G 326 -1.88 36.98 -39.87
C ILE G 326 -0.89 38.10 -39.59
N GLU G 327 -0.80 38.53 -38.34
CA GLU G 327 -0.28 39.87 -38.06
C GLU G 327 1.24 39.97 -38.29
N GLU G 328 1.97 38.86 -38.21
CA GLU G 328 3.41 38.91 -38.43
C GLU G 328 3.88 37.75 -39.29
N PRO G 329 4.95 37.95 -40.07
CA PRO G 329 5.45 36.87 -40.94
C PRO G 329 6.39 35.87 -40.27
N GLU G 330 7.09 36.24 -39.20
CA GLU G 330 8.05 35.33 -38.59
C GLU G 330 7.38 34.01 -38.22
N ILE G 331 6.22 34.09 -37.57
CA ILE G 331 5.44 32.90 -37.22
C ILE G 331 5.28 31.97 -38.43
N ILE G 332 4.93 32.54 -39.59
CA ILE G 332 4.76 31.71 -40.78
C ILE G 332 6.12 31.23 -41.29
N ALA G 333 7.12 32.12 -41.29
CA ALA G 333 8.46 31.75 -41.74
C ALA G 333 9.07 30.67 -40.85
N GLY G 334 9.07 30.92 -39.53
CA GLY G 334 9.68 29.98 -38.62
C GLY G 334 9.01 28.62 -38.66
N LEU G 335 7.69 28.60 -38.82
CA LEU G 335 7.00 27.33 -38.85
C LEU G 335 7.42 26.50 -40.05
N ALA G 336 7.72 27.16 -41.17
CA ALA G 336 8.17 26.46 -42.37
C ALA G 336 9.48 25.71 -42.13
N ARG G 337 10.50 26.41 -41.61
CA ARG G 337 11.75 25.73 -41.26
C ARG G 337 11.53 24.65 -40.21
N LEU G 338 10.54 24.83 -39.35
CA LEU G 338 10.27 23.83 -38.32
C LEU G 338 9.71 22.55 -38.92
N LYS G 339 9.05 22.63 -40.08
CA LYS G 339 8.49 21.42 -40.66
C LYS G 339 9.57 20.46 -41.15
N GLN G 340 10.72 20.97 -41.64
CA GLN G 340 11.70 20.05 -42.21
C GLN G 340 12.47 19.30 -41.14
N ILE G 341 12.77 19.94 -40.02
CA ILE G 341 13.36 19.18 -38.92
C ILE G 341 12.35 18.19 -38.34
N TRP G 342 11.05 18.52 -38.33
CA TRP G 342 10.06 17.55 -37.88
C TRP G 342 10.13 16.29 -38.75
N SER G 343 10.32 16.47 -40.05
CA SER G 343 10.44 15.32 -40.94
C SER G 343 11.84 14.71 -40.93
N LEU G 344 12.90 15.52 -40.73
CA LEU G 344 14.23 14.92 -40.60
C LEU G 344 14.29 13.96 -39.42
N LEU G 345 13.65 14.31 -38.32
CA LEU G 345 13.72 13.53 -37.09
C LEU G 345 12.49 12.63 -37.00
N GLN G 346 12.52 11.59 -37.82
CA GLN G 346 11.46 10.59 -37.81
C GLN G 346 11.38 9.95 -36.43
N ILE G 347 10.29 10.19 -35.70
CA ILE G 347 10.22 9.77 -34.31
C ILE G 347 9.96 8.27 -34.26
N GLY G 348 9.97 7.62 -35.42
CA GLY G 348 9.97 6.17 -35.51
C GLY G 348 8.65 5.50 -35.27
N GLU G 349 7.58 6.26 -35.00
CA GLU G 349 6.24 5.71 -34.83
C GLU G 349 5.46 5.77 -36.13
N GLY G 350 6.07 6.26 -37.20
CA GLY G 350 5.44 6.32 -38.51
C GLY G 350 6.48 6.14 -39.60
N SER G 371 4.82 11.25 -29.27
CA SER G 371 5.91 12.22 -29.30
C SER G 371 5.56 13.44 -28.45
N PRO G 372 5.56 13.31 -27.13
CA PRO G 372 5.17 14.44 -26.26
C PRO G 372 6.15 15.60 -26.37
N ILE G 373 5.61 16.82 -26.47
CA ILE G 373 6.43 17.99 -26.75
C ILE G 373 6.19 19.09 -25.71
N ILE G 374 7.20 19.93 -25.55
CA ILE G 374 7.11 21.10 -24.68
C ILE G 374 7.01 22.34 -25.54
N TRP G 375 6.30 23.35 -25.04
CA TRP G 375 6.12 24.61 -25.74
C TRP G 375 6.45 25.80 -24.84
N ASN G 376 6.56 26.95 -25.48
CA ASN G 376 7.04 28.17 -24.85
C ASN G 376 6.60 29.36 -25.70
N TYR G 377 6.12 30.42 -25.04
CA TYR G 377 5.78 31.68 -25.73
C TYR G 377 6.46 32.82 -24.97
N GLU G 378 7.30 33.56 -25.68
CA GLU G 378 8.20 34.52 -25.06
C GLU G 378 7.61 35.93 -25.14
N ILE G 379 7.22 36.48 -24.01
CA ILE G 379 6.59 37.78 -23.98
C ILE G 379 7.64 38.85 -23.69
N HIS G 380 7.76 39.81 -24.61
CA HIS G 380 8.66 40.93 -24.50
C HIS G 380 7.83 42.20 -24.45
N PRO G 381 8.14 43.15 -23.56
CA PRO G 381 7.29 44.35 -23.47
C PRO G 381 7.41 45.26 -24.67
N GLY G 382 8.61 45.39 -25.24
CA GLY G 382 8.86 46.22 -26.40
C GLY G 382 8.14 45.79 -27.66
N SER G 383 7.32 44.75 -27.54
CA SER G 383 6.49 44.26 -28.63
C SER G 383 5.17 43.78 -28.07
N ARG G 384 4.25 43.42 -28.96
CA ARG G 384 3.00 42.76 -28.61
C ARG G 384 2.87 41.43 -29.31
N PHE G 385 4.01 40.87 -29.72
CA PHE G 385 4.09 39.59 -30.42
C PHE G 385 5.02 38.64 -29.66
N PRO G 386 4.47 37.71 -28.90
CA PRO G 386 5.28 36.68 -28.23
C PRO G 386 5.96 35.69 -29.21
N VAL G 387 7.26 35.40 -29.01
CA VAL G 387 8.03 34.54 -29.91
C VAL G 387 7.82 33.08 -29.47
N PRO G 388 7.23 32.22 -30.30
CA PRO G 388 7.05 30.83 -29.86
C PRO G 388 8.35 30.04 -29.90
N LYS G 389 8.38 28.98 -29.10
CA LYS G 389 9.53 28.07 -29.00
C LYS G 389 9.06 26.70 -28.59
N PHE G 390 9.45 25.69 -29.35
CA PHE G 390 9.07 24.32 -29.08
C PHE G 390 10.29 23.46 -28.73
N TYR G 391 10.04 22.39 -28.01
CA TYR G 391 11.06 21.45 -27.61
C TYR G 391 10.71 20.06 -28.17
N LEU G 392 11.72 19.31 -28.61
CA LEU G 392 11.44 18.08 -29.32
C LEU G 392 12.11 16.85 -28.68
N PRO G 393 11.41 15.73 -28.59
CA PRO G 393 12.00 14.54 -27.97
C PRO G 393 13.14 13.99 -28.81
N VAL G 394 14.29 13.79 -28.16
CA VAL G 394 15.42 13.13 -28.81
C VAL G 394 15.85 11.92 -27.98
N HIS G 395 15.58 11.95 -26.66
CA HIS G 395 15.68 10.74 -25.87
C HIS G 395 14.73 9.71 -26.45
N GLY G 396 15.25 8.55 -26.79
CA GLY G 396 14.50 7.59 -27.56
C GLY G 396 14.87 7.58 -29.03
N GLU G 397 15.40 8.68 -29.55
CA GLU G 397 15.94 8.73 -30.90
C GLU G 397 17.45 8.57 -30.87
N ASN G 398 17.97 7.79 -31.81
CA ASN G 398 19.41 7.54 -31.89
C ASN G 398 20.19 8.84 -31.94
N ASP G 399 21.16 8.97 -31.05
CA ASP G 399 21.95 10.20 -30.99
C ASP G 399 22.76 10.41 -32.26
N LEU G 400 23.11 9.32 -32.95
CA LEU G 400 23.80 9.48 -34.23
C LEU G 400 22.83 9.94 -35.32
N HIS G 401 21.73 9.21 -35.51
CA HIS G 401 20.67 9.62 -36.42
C HIS G 401 20.27 11.08 -36.21
N VAL G 402 20.18 11.52 -34.95
CA VAL G 402 19.85 12.90 -34.68
C VAL G 402 21.04 13.80 -35.00
N ALA G 403 22.25 13.38 -34.64
CA ALA G 403 23.42 14.20 -34.96
C ALA G 403 23.54 14.41 -36.47
N ARG G 404 23.33 13.35 -37.25
CA ARG G 404 23.36 13.47 -38.72
C ARG G 404 22.24 14.37 -39.21
N ALA G 405 21.00 14.06 -38.84
CA ALA G 405 19.84 14.80 -39.33
C ALA G 405 19.85 16.24 -38.85
N LEU G 406 20.34 16.49 -37.63
CA LEU G 406 20.49 17.86 -37.17
C LEU G 406 21.60 18.58 -37.92
N ALA G 407 22.58 17.83 -38.42
CA ALA G 407 23.68 18.40 -39.20
C ALA G 407 23.24 18.76 -40.61
N GLN G 408 22.38 17.95 -41.22
CA GLN G 408 21.84 18.30 -42.54
C GLN G 408 21.06 19.61 -42.47
N PHE G 409 20.24 19.78 -41.43
CA PHE G 409 19.42 20.97 -41.30
C PHE G 409 20.25 22.24 -41.21
N TRP G 410 21.52 22.14 -40.82
CA TRP G 410 22.31 23.37 -40.83
C TRP G 410 22.75 23.74 -42.24
N ASP G 411 23.02 22.74 -43.08
CA ASP G 411 23.31 23.04 -44.49
C ASP G 411 22.10 23.64 -45.18
N SER G 412 20.91 23.15 -44.85
CA SER G 412 19.69 23.70 -45.43
C SER G 412 19.53 25.16 -45.04
N LEU G 413 19.94 25.53 -43.83
CA LEU G 413 19.96 26.94 -43.47
C LEU G 413 21.24 27.61 -43.92
N GLY G 414 22.21 26.84 -44.38
CA GLY G 414 23.50 27.38 -44.72
C GLY G 414 24.25 27.86 -43.50
N TRP G 415 24.55 26.95 -42.58
CA TRP G 415 25.39 27.30 -41.44
C TRP G 415 26.78 26.78 -41.68
N PRO G 416 27.75 27.64 -41.61
CA PRO G 416 29.07 27.33 -42.14
C PRO G 416 29.80 26.19 -41.44
N GLU G 417 29.99 26.28 -40.14
CA GLU G 417 30.84 25.28 -39.47
C GLU G 417 30.07 24.34 -38.59
N HIS G 418 29.02 24.84 -37.93
CA HIS G 418 28.20 24.04 -37.03
C HIS G 418 27.77 22.74 -37.68
N ALA G 419 27.49 22.74 -38.98
CA ALA G 419 27.01 21.54 -39.64
C ALA G 419 28.08 20.44 -39.66
N CYS G 420 29.30 20.80 -40.05
CA CYS G 420 30.34 19.77 -40.24
C CYS G 420 30.92 19.27 -38.92
N ALA G 421 31.12 20.15 -37.96
CA ALA G 421 31.85 19.81 -36.75
C ALA G 421 30.95 19.40 -35.59
N TYR G 422 29.62 19.33 -35.80
CA TYR G 422 28.75 18.94 -34.69
C TYR G 422 28.96 17.48 -34.29
N PRO G 423 28.79 16.49 -35.18
CA PRO G 423 28.97 15.10 -34.72
C PRO G 423 30.37 14.82 -34.22
N ASP G 424 31.38 15.56 -34.69
CA ASP G 424 32.71 15.41 -34.10
C ASP G 424 32.84 16.18 -32.80
N THR G 425 31.98 17.15 -32.54
CA THR G 425 31.95 17.77 -31.23
C THR G 425 31.00 17.04 -30.28
N LEU G 426 30.35 15.98 -30.74
CA LEU G 426 29.48 15.18 -29.88
C LEU G 426 30.20 13.96 -29.33
N GLN G 427 30.99 13.27 -30.16
CA GLN G 427 31.86 12.22 -29.64
C GLN G 427 32.95 12.80 -28.74
N GLN G 428 33.36 14.05 -29.00
CA GLN G 428 34.34 14.70 -28.15
C GLN G 428 33.79 14.97 -26.75
N LEU G 429 32.50 15.30 -26.65
CA LEU G 429 31.89 15.55 -25.35
C LEU G 429 31.65 14.27 -24.57
N TYR G 430 31.45 13.15 -25.25
CA TYR G 430 31.22 11.86 -24.61
C TYR G 430 32.16 10.81 -25.20
N PRO G 431 33.48 10.97 -25.02
CA PRO G 431 34.39 9.97 -25.60
C PRO G 431 34.26 8.61 -24.97
N ASP G 432 33.87 8.54 -23.69
CA ASP G 432 33.64 7.26 -23.02
C ASP G 432 32.58 6.44 -23.75
N GLN G 433 31.47 7.07 -24.14
CA GLN G 433 30.35 6.38 -24.77
C GLN G 433 30.50 6.28 -26.29
N ASP G 434 29.64 5.45 -26.88
CA ASP G 434 29.67 5.10 -28.30
C ASP G 434 28.46 5.74 -28.98
N ILE G 435 28.70 6.72 -29.85
CA ILE G 435 27.55 7.34 -30.54
C ILE G 435 26.78 6.34 -31.37
N SER G 436 27.41 5.22 -31.73
CA SER G 436 26.73 4.21 -32.51
C SER G 436 25.43 3.77 -31.86
N GLN G 437 25.41 3.59 -30.53
CA GLN G 437 24.31 2.95 -29.83
C GLN G 437 23.57 3.85 -28.85
N THR G 438 24.05 5.07 -28.61
CA THR G 438 23.49 5.91 -27.57
C THR G 438 22.22 6.62 -28.03
N THR G 439 21.25 6.69 -27.12
CA THR G 439 20.02 7.45 -27.32
C THR G 439 19.82 8.55 -26.30
N ARG G 440 20.27 8.36 -25.07
CA ARG G 440 20.00 9.29 -23.99
C ARG G 440 21.01 10.43 -23.88
N LEU G 441 22.07 10.48 -24.71
CA LEU G 441 23.00 11.60 -24.64
C LEU G 441 22.37 12.91 -25.10
N GLN G 442 21.32 12.84 -25.92
CA GLN G 442 20.61 14.01 -26.44
C GLN G 442 19.14 13.85 -26.15
N SER G 443 18.58 14.80 -25.40
CA SER G 443 17.27 14.70 -24.80
C SER G 443 16.20 15.56 -25.47
N TRP G 444 16.47 16.84 -25.67
CA TRP G 444 15.49 17.76 -26.22
C TRP G 444 16.19 18.67 -27.21
N ILE G 445 15.40 19.26 -28.12
CA ILE G 445 15.88 20.29 -29.04
C ILE G 445 14.84 21.38 -29.12
N SER G 446 15.27 22.63 -28.96
CA SER G 446 14.38 23.78 -28.99
C SER G 446 14.50 24.53 -30.30
N TYR G 447 13.38 25.11 -30.76
CA TYR G 447 13.32 25.88 -32.00
C TYR G 447 12.68 27.24 -31.77
N SER G 448 13.32 28.28 -32.28
CA SER G 448 12.78 29.63 -32.22
C SER G 448 13.19 30.36 -33.48
N TYR G 449 12.36 31.28 -33.93
CA TYR G 449 12.66 32.08 -35.11
C TYR G 449 12.27 33.54 -34.88
N THR G 450 13.22 34.44 -35.11
CA THR G 450 12.99 35.87 -35.01
C THR G 450 13.43 36.48 -36.33
N ALA G 451 12.86 37.63 -36.65
CA ALA G 451 13.33 38.38 -37.80
C ALA G 451 14.80 38.78 -37.61
N LYS G 452 15.12 39.37 -36.46
CA LYS G 452 16.48 39.86 -36.21
C LYS G 452 17.46 38.72 -36.01
N ARG G 453 17.14 37.76 -35.14
CA ARG G 453 18.07 36.72 -34.77
C ARG G 453 18.19 35.60 -35.79
N GLY G 454 17.22 35.45 -36.68
CA GLY G 454 17.19 34.29 -37.54
C GLY G 454 16.67 33.10 -36.77
N VAL G 455 17.39 31.99 -36.81
CA VAL G 455 16.94 30.76 -36.18
C VAL G 455 17.72 30.54 -34.89
N TYR G 456 16.99 30.51 -33.77
CA TYR G 456 17.48 30.00 -32.49
C TYR G 456 17.29 28.50 -32.45
N MET G 457 18.27 27.79 -31.88
CA MET G 457 18.09 26.37 -31.67
C MET G 457 19.08 25.89 -30.63
N SER G 458 18.57 25.17 -29.61
CA SER G 458 19.40 24.65 -28.52
C SER G 458 19.16 23.17 -28.32
N VAL G 459 20.20 22.48 -27.86
CA VAL G 459 20.18 21.05 -27.63
C VAL G 459 20.46 20.78 -26.15
N TYR G 460 19.59 20.02 -25.49
CA TYR G 460 19.76 19.70 -24.09
C TYR G 460 20.29 18.27 -23.99
N TYR G 461 21.33 18.08 -23.17
CA TYR G 461 22.14 16.85 -23.18
C TYR G 461 22.03 16.08 -21.87
N HIS G 462 22.56 14.87 -21.90
CA HIS G 462 22.70 14.05 -20.71
C HIS G 462 23.81 14.63 -19.83
N SER G 463 23.43 15.11 -18.64
CA SER G 463 24.28 16.04 -17.93
C SER G 463 25.01 15.42 -16.73
N GLN G 464 24.99 14.10 -16.58
CA GLN G 464 25.72 13.39 -15.54
C GLN G 464 26.65 12.37 -16.17
N SER G 465 27.74 12.04 -15.47
CA SER G 465 28.73 11.12 -16.05
C SER G 465 28.28 9.67 -16.02
N THR G 466 27.63 9.25 -14.93
CA THR G 466 27.24 7.85 -14.77
C THR G 466 26.08 7.39 -15.63
N SER H 51 -36.78 -19.51 28.03
CA SER H 51 -36.44 -18.10 27.89
C SER H 51 -36.29 -17.58 26.43
N PRO H 52 -35.90 -18.44 25.44
CA PRO H 52 -35.87 -17.94 24.06
C PRO H 52 -37.15 -18.29 23.31
N SER H 53 -37.35 -17.69 22.13
CA SER H 53 -38.47 -18.07 21.27
C SER H 53 -38.27 -19.50 20.77
N PRO H 54 -39.34 -20.31 20.75
CA PRO H 54 -39.16 -21.77 20.66
C PRO H 54 -39.11 -22.33 19.24
N ALA H 55 -40.01 -21.88 18.38
CA ALA H 55 -40.30 -22.58 17.14
C ALA H 55 -39.18 -22.50 16.11
N GLN H 56 -38.12 -21.76 16.40
CA GLN H 56 -37.03 -21.55 15.45
C GLN H 56 -35.93 -22.58 15.58
N ALA H 57 -36.20 -23.68 16.28
CA ALA H 57 -35.21 -24.74 16.46
C ALA H 57 -35.19 -25.74 15.32
N LEU H 58 -36.06 -25.59 14.31
CA LEU H 58 -35.93 -26.41 13.10
C LEU H 58 -34.67 -26.06 12.33
N ALA H 59 -34.31 -24.78 12.31
CA ALA H 59 -33.19 -24.30 11.51
C ALA H 59 -31.84 -24.90 11.89
N SER H 60 -31.74 -25.52 13.07
CA SER H 60 -30.45 -26.01 13.55
C SER H 60 -29.80 -26.97 12.55
N TYR H 61 -30.57 -27.91 12.01
CA TYR H 61 -30.05 -28.92 11.09
C TYR H 61 -30.48 -28.64 9.66
N HIS H 62 -30.54 -27.37 9.31
CA HIS H 62 -30.88 -26.95 7.96
C HIS H 62 -29.79 -25.99 7.52
N HIS H 63 -29.34 -26.18 6.29
CA HIS H 63 -28.40 -25.29 5.65
C HIS H 63 -29.12 -24.56 4.54
N PHE H 64 -29.23 -23.23 4.67
CA PHE H 64 -29.91 -22.47 3.64
C PHE H 64 -29.00 -22.37 2.41
N PRO H 65 -29.42 -22.87 1.26
CA PRO H 65 -28.48 -23.05 0.15
C PRO H 65 -27.80 -21.78 -0.31
N THR H 66 -28.45 -20.63 -0.24
CA THR H 66 -27.85 -19.43 -0.79
C THR H 66 -27.53 -18.44 0.32
N ASN H 67 -26.60 -17.53 0.03
CA ASN H 67 -26.42 -16.41 0.94
C ASN H 67 -27.68 -15.57 1.05
N ASP H 68 -28.46 -15.45 -0.03
CA ASP H 68 -29.67 -14.64 0.03
C ASP H 68 -30.62 -15.13 1.12
N GLN H 69 -30.74 -16.46 1.30
CA GLN H 69 -31.80 -17.02 2.14
C GLN H 69 -31.44 -17.00 3.61
N GLU H 70 -30.32 -17.66 3.93
CA GLU H 70 -29.76 -17.58 5.29
C GLU H 70 -29.74 -16.17 5.80
N ARG H 71 -29.36 -15.24 4.95
CA ARG H 71 -29.35 -13.89 5.44
C ARG H 71 -30.78 -13.28 5.68
N TRP H 72 -31.83 -13.70 4.90
CA TRP H 72 -33.20 -13.26 5.24
C TRP H 72 -33.67 -13.89 6.51
N TRP H 73 -33.46 -15.21 6.69
CA TRP H 73 -33.75 -15.89 7.94
C TRP H 73 -33.26 -15.09 9.14
N GLU H 74 -31.97 -14.74 9.09
CA GLU H 74 -31.35 -13.95 10.14
C GLU H 74 -32.15 -12.67 10.41
N GLU H 75 -32.87 -12.19 9.40
CA GLU H 75 -33.65 -10.96 9.46
C GLU H 75 -35.07 -11.19 9.97
N THR H 76 -35.71 -12.31 9.59
CA THR H 76 -37.12 -12.53 9.92
C THR H 76 -37.41 -13.85 10.61
N GLY H 77 -36.48 -14.80 10.67
CA GLY H 77 -36.80 -16.07 11.29
C GLY H 77 -37.12 -15.94 12.77
N SER H 78 -36.39 -15.07 13.47
CA SER H 78 -36.63 -14.87 14.89
C SER H 78 -38.03 -14.30 15.14
N LEU H 79 -38.44 -13.34 14.30
CA LEU H 79 -39.69 -12.63 14.52
C LEU H 79 -40.91 -13.50 14.22
N PHE H 80 -40.86 -14.30 13.16
CA PHE H 80 -42.00 -15.16 12.83
C PHE H 80 -42.21 -16.20 13.93
N SER H 81 -41.12 -16.72 14.51
CA SER H 81 -41.28 -17.64 15.62
C SER H 81 -41.97 -16.98 16.81
N ARG H 82 -41.76 -15.67 16.99
CA ARG H 82 -42.38 -14.98 18.10
C ARG H 82 -43.86 -14.74 17.87
N PHE H 83 -44.30 -14.57 16.63
CA PHE H 83 -45.73 -14.41 16.40
C PHE H 83 -46.48 -15.72 16.58
N LEU H 84 -45.87 -16.83 16.19
CA LEU H 84 -46.52 -18.11 16.40
C LEU H 84 -46.79 -18.35 17.88
N GLU H 85 -45.85 -17.95 18.74
CA GLU H 85 -46.06 -18.02 20.18
C GLU H 85 -47.18 -17.08 20.61
N ALA H 86 -47.23 -15.87 20.01
CA ALA H 86 -48.28 -14.93 20.34
C ALA H 86 -49.66 -15.47 19.98
N GLY H 87 -49.78 -16.03 18.77
CA GLY H 87 -51.05 -16.59 18.34
C GLY H 87 -51.50 -17.80 19.12
N GLN H 88 -50.65 -18.33 20.01
CA GLN H 88 -51.04 -19.45 20.87
C GLN H 88 -51.45 -20.66 20.06
N TYR H 89 -50.76 -20.89 18.95
CA TYR H 89 -50.97 -22.09 18.16
C TYR H 89 -50.43 -23.32 18.91
N GLY H 90 -50.97 -24.48 18.56
CA GLY H 90 -50.42 -25.71 19.09
C GLY H 90 -48.95 -25.83 18.74
N LEU H 91 -48.17 -26.42 19.64
CA LEU H 91 -46.75 -26.60 19.34
C LEU H 91 -46.52 -27.42 18.08
N PRO H 92 -47.20 -28.57 17.87
CA PRO H 92 -47.05 -29.24 16.57
C PRO H 92 -47.55 -28.38 15.44
N GLN H 93 -48.51 -27.51 15.71
CA GLN H 93 -48.99 -26.58 14.69
C GLN H 93 -47.87 -25.63 14.30
N GLN H 94 -47.15 -25.07 15.28
CA GLN H 94 -46.13 -24.06 15.02
C GLN H 94 -45.00 -24.60 14.14
N TYR H 95 -44.59 -25.86 14.35
CA TYR H 95 -43.51 -26.41 13.55
C TYR H 95 -43.94 -26.67 12.11
N GLN H 96 -45.18 -27.08 11.91
CA GLN H 96 -45.68 -27.23 10.54
C GLN H 96 -45.64 -25.90 9.80
N PHE H 97 -46.13 -24.83 10.44
CA PHE H 97 -46.12 -23.53 9.79
C PHE H 97 -44.71 -22.97 9.62
N MET H 98 -43.80 -23.27 10.55
CA MET H 98 -42.40 -22.85 10.41
C MET H 98 -41.77 -23.54 9.20
N PHE H 99 -41.95 -24.84 9.12
CA PHE H 99 -41.42 -25.63 8.03
C PHE H 99 -41.84 -25.03 6.70
N PHE H 100 -43.13 -24.68 6.59
CA PHE H 100 -43.63 -24.03 5.39
C PHE H 100 -42.92 -22.70 5.14
N PHE H 101 -42.74 -21.90 6.19
CA PHE H 101 -42.12 -20.59 6.04
C PHE H 101 -40.69 -20.70 5.56
N MET H 102 -39.95 -21.68 6.08
CA MET H 102 -38.55 -21.83 5.68
C MET H 102 -38.43 -22.28 4.24
N HIS H 103 -39.31 -23.19 3.81
CA HIS H 103 -39.11 -23.84 2.53
C HIS H 103 -39.73 -23.12 1.36
N HIS H 104 -40.78 -22.33 1.63
CA HIS H 104 -41.52 -21.69 0.56
C HIS H 104 -41.44 -20.17 0.61
N LEU H 105 -41.28 -19.56 1.79
CA LEU H 105 -41.28 -18.11 1.85
C LEU H 105 -39.87 -17.52 1.88
N ILE H 106 -38.92 -18.15 2.58
CA ILE H 106 -37.54 -17.66 2.56
C ILE H 106 -36.94 -17.75 1.16
N PRO H 107 -37.02 -18.87 0.44
CA PRO H 107 -36.56 -18.86 -0.95
C PRO H 107 -37.26 -17.82 -1.81
N ALA H 108 -38.53 -17.54 -1.57
CA ALA H 108 -39.24 -16.59 -2.42
C ALA H 108 -38.87 -15.14 -2.11
N LEU H 109 -38.17 -14.84 -1.01
CA LEU H 109 -37.80 -13.45 -0.76
C LEU H 109 -36.73 -12.94 -1.71
N GLY H 110 -35.95 -13.82 -2.33
CA GLY H 110 -34.95 -13.40 -3.28
C GLY H 110 -33.72 -12.71 -2.68
N PRO H 111 -33.21 -11.73 -3.41
CA PRO H 111 -31.96 -11.04 -3.02
C PRO H 111 -32.08 -10.40 -1.66
N TYR H 112 -31.11 -10.62 -0.76
CA TYR H 112 -31.30 -9.99 0.54
C TYR H 112 -31.20 -8.47 0.50
N PRO H 113 -30.12 -7.90 0.07
CA PRO H 113 -30.19 -6.44 -0.03
C PRO H 113 -31.19 -6.21 -1.13
N GLN H 114 -32.46 -5.97 -0.79
CA GLN H 114 -33.49 -6.11 -1.81
C GLN H 114 -33.40 -4.99 -2.84
N LYS H 115 -34.13 -5.18 -3.92
CA LYS H 115 -34.12 -4.23 -5.03
C LYS H 115 -35.55 -3.93 -5.40
N TRP H 116 -36.46 -4.89 -5.14
CA TRP H 116 -37.86 -4.70 -5.44
C TRP H 116 -38.52 -3.95 -4.30
N ARG H 117 -39.27 -2.92 -4.66
CA ARG H 117 -40.14 -2.24 -3.72
C ARG H 117 -41.50 -2.88 -3.86
N SER H 118 -41.93 -3.56 -2.81
CA SER H 118 -43.19 -4.24 -2.91
C SER H 118 -44.34 -3.26 -2.69
N THR H 119 -45.53 -3.68 -3.11
CA THR H 119 -46.70 -2.82 -2.95
C THR H 119 -47.38 -3.05 -1.63
N ILE H 120 -47.43 -4.30 -1.22
CA ILE H 120 -48.23 -4.71 -0.09
C ILE H 120 -47.73 -4.14 1.22
N SER H 121 -46.48 -3.68 1.27
CA SER H 121 -45.95 -3.20 2.52
C SER H 121 -45.67 -1.71 2.44
N ARG H 122 -45.98 -1.02 3.56
CA ARG H 122 -45.73 0.40 3.72
C ARG H 122 -44.30 0.77 3.33
N SER H 123 -43.30 0.12 3.94
CA SER H 123 -41.91 0.46 3.64
C SER H 123 -41.53 0.03 2.24
N GLY H 124 -41.98 -1.16 1.83
CA GLY H 124 -41.64 -1.71 0.54
C GLY H 124 -41.15 -3.14 0.62
N LEU H 125 -40.71 -3.58 1.81
CA LEU H 125 -40.16 -4.93 1.92
C LEU H 125 -41.28 -5.95 1.73
N PRO H 126 -40.99 -7.08 1.11
CA PRO H 126 -42.05 -7.87 0.50
C PRO H 126 -42.77 -8.80 1.43
N ILE H 127 -42.89 -8.48 2.72
CA ILE H 127 -43.63 -9.33 3.65
C ILE H 127 -44.20 -8.46 4.75
N GLU H 128 -45.38 -8.83 5.22
CA GLU H 128 -45.95 -8.23 6.42
C GLU H 128 -46.73 -9.29 7.19
N PHE H 129 -46.61 -9.23 8.51
CA PHE H 129 -47.33 -10.14 9.39
C PHE H 129 -48.45 -9.39 10.11
N SER H 130 -49.55 -10.11 10.38
CA SER H 130 -50.74 -9.49 10.97
C SER H 130 -51.40 -10.47 11.92
N LEU H 131 -52.03 -9.93 12.97
CA LEU H 131 -52.76 -10.72 13.95
C LEU H 131 -54.26 -10.42 13.88
N ASN H 132 -55.07 -11.47 13.72
CA ASN H 132 -56.53 -11.31 13.62
C ASN H 132 -57.16 -11.49 14.99
N PHE H 133 -57.60 -10.38 15.59
CA PHE H 133 -58.28 -10.43 16.87
C PHE H 133 -59.78 -10.62 16.66
N GLN H 134 -60.35 -11.56 17.39
CA GLN H 134 -61.71 -12.05 17.21
C GLN H 134 -62.37 -12.14 18.57
N LYS H 135 -63.70 -11.96 18.59
CA LYS H 135 -64.45 -11.96 19.85
C LYS H 135 -64.20 -13.21 20.68
N GLY H 136 -63.69 -13.00 21.89
CA GLY H 136 -63.50 -14.05 22.87
C GLY H 136 -62.94 -15.34 22.34
N SER H 137 -61.89 -15.25 21.53
CA SER H 137 -61.31 -16.44 20.93
C SER H 137 -59.83 -16.20 20.63
N HIS H 138 -59.13 -17.31 20.41
CA HIS H 138 -57.72 -17.30 20.05
C HIS H 138 -57.43 -16.41 18.85
N ARG H 139 -56.37 -15.61 18.97
CA ARG H 139 -55.90 -14.74 17.91
C ARG H 139 -55.21 -15.58 16.82
N LEU H 140 -55.23 -15.07 15.58
CA LEU H 140 -54.66 -15.75 14.42
C LEU H 140 -53.50 -14.95 13.84
N LEU H 141 -52.77 -15.58 12.91
CA LEU H 141 -51.60 -14.97 12.28
C LEU H 141 -51.75 -14.94 10.76
N ARG H 142 -51.63 -13.75 10.19
CA ARG H 142 -51.75 -13.51 8.76
C ARG H 142 -50.36 -13.21 8.18
N ILE H 143 -50.04 -13.83 7.04
CA ILE H 143 -48.85 -13.48 6.28
C ILE H 143 -49.28 -13.06 4.89
N GLY H 144 -48.94 -11.83 4.52
CA GLY H 144 -49.08 -11.39 3.14
C GLY H 144 -47.71 -11.02 2.63
N PHE H 145 -47.32 -11.60 1.50
CA PHE H 145 -46.01 -11.29 0.99
C PHE H 145 -46.05 -11.47 -0.53
N GLU H 146 -45.06 -10.87 -1.22
CA GLU H 146 -44.88 -10.90 -2.68
C GLU H 146 -43.62 -11.67 -3.07
N PRO H 147 -43.70 -12.67 -3.95
CA PRO H 147 -42.49 -13.37 -4.40
C PRO H 147 -41.57 -12.45 -5.19
N VAL H 148 -40.25 -12.65 -5.01
CA VAL H 148 -39.22 -11.84 -5.64
C VAL H 148 -38.05 -12.74 -6.07
N SER H 149 -37.41 -12.37 -7.18
CA SER H 149 -36.14 -12.95 -7.61
C SER H 149 -35.20 -11.83 -8.03
N PHE H 150 -33.98 -12.20 -8.40
CA PHE H 150 -33.04 -11.22 -8.95
C PHE H 150 -33.47 -10.76 -10.34
N LEU H 151 -34.35 -11.51 -11.01
CA LEU H 151 -34.91 -11.05 -12.29
C LEU H 151 -35.95 -9.96 -12.09
N SER H 152 -36.44 -9.78 -10.87
CA SER H 152 -37.46 -8.77 -10.61
C SER H 152 -36.93 -7.37 -10.89
N GLY H 153 -37.59 -6.66 -11.79
CA GLY H 153 -37.15 -5.33 -12.15
C GLY H 153 -36.12 -5.29 -13.25
N SER H 154 -35.80 -6.43 -13.85
CA SER H 154 -34.86 -6.50 -14.95
C SER H 154 -35.58 -6.28 -16.28
N SER H 155 -34.83 -6.42 -17.37
CA SER H 155 -35.43 -6.43 -18.69
C SER H 155 -36.38 -7.62 -18.84
N GLN H 156 -36.04 -8.77 -18.23
CA GLN H 156 -36.78 -10.00 -18.48
C GLN H 156 -38.12 -10.00 -17.77
N ASP H 157 -38.17 -9.43 -16.56
CA ASP H 157 -39.41 -9.36 -15.79
C ASP H 157 -39.46 -8.05 -15.01
N PRO H 158 -39.79 -6.95 -15.68
CA PRO H 158 -39.74 -5.64 -15.01
C PRO H 158 -40.86 -5.40 -14.02
N PHE H 159 -41.80 -6.34 -13.89
CA PHE H 159 -42.97 -6.13 -13.05
C PHE H 159 -43.36 -7.42 -12.34
N ASN H 160 -42.38 -8.20 -11.90
CA ASN H 160 -42.58 -9.37 -11.05
C ASN H 160 -43.75 -10.24 -11.46
N ARG H 161 -43.78 -10.67 -12.72
CA ARG H 161 -44.78 -11.68 -13.03
C ARG H 161 -44.25 -13.09 -12.87
N ILE H 162 -42.96 -13.30 -13.06
CA ILE H 162 -42.38 -14.64 -13.04
C ILE H 162 -42.45 -15.21 -11.63
N PRO H 163 -42.06 -14.47 -10.57
CA PRO H 163 -42.13 -15.06 -9.22
C PRO H 163 -43.53 -15.39 -8.76
N ILE H 164 -44.55 -14.73 -9.30
CA ILE H 164 -45.92 -15.05 -8.93
C ILE H 164 -46.25 -16.47 -9.34
N THR H 165 -45.96 -16.82 -10.60
CA THR H 165 -46.23 -18.17 -11.08
C THR H 165 -45.23 -19.21 -10.60
N ASP H 166 -44.03 -18.79 -10.22
CA ASP H 166 -43.12 -19.74 -9.57
C ASP H 166 -43.70 -20.23 -8.26
N LEU H 167 -44.20 -19.31 -7.43
CA LEU H 167 -44.77 -19.71 -6.14
C LEU H 167 -46.09 -20.46 -6.28
N LEU H 168 -46.90 -20.11 -7.28
CA LEU H 168 -48.21 -20.73 -7.46
C LEU H 168 -48.07 -22.19 -7.90
N ASN H 169 -47.03 -22.53 -8.67
CA ASN H 169 -46.82 -23.93 -9.01
C ASN H 169 -46.40 -24.73 -7.78
N ARG H 170 -45.53 -24.17 -6.94
CA ARG H 170 -45.15 -24.90 -5.74
C ARG H 170 -46.37 -25.09 -4.85
N LEU H 171 -47.21 -24.06 -4.70
CA LEU H 171 -48.39 -24.18 -3.85
C LEU H 171 -49.34 -25.26 -4.35
N SER H 172 -49.48 -25.41 -5.66
CA SER H 172 -50.36 -26.46 -6.15
C SER H 172 -49.75 -27.84 -5.92
N LYS H 173 -48.41 -27.95 -5.91
CA LYS H 173 -47.76 -29.22 -5.61
C LYS H 173 -48.01 -29.65 -4.17
N LEU H 174 -47.92 -28.71 -3.23
CA LEU H 174 -48.33 -28.98 -1.85
C LEU H 174 -49.78 -29.41 -1.83
N GLN H 175 -50.03 -30.61 -1.35
CA GLN H 175 -51.40 -31.09 -1.35
C GLN H 175 -52.12 -30.31 -0.25
N LEU H 176 -52.81 -29.27 -0.69
CA LEU H 176 -53.50 -28.33 0.19
C LEU H 176 -54.97 -28.62 0.09
N SER H 177 -55.63 -28.65 1.25
CA SER H 177 -57.04 -28.96 1.29
C SER H 177 -57.82 -27.88 0.57
N ASN H 178 -58.60 -28.29 -0.43
CA ASN H 178 -59.52 -27.40 -1.14
C ASN H 178 -58.77 -26.20 -1.71
N PHE H 179 -57.74 -26.51 -2.49
CA PHE H 179 -56.91 -25.50 -3.14
C PHE H 179 -57.24 -25.56 -4.62
N ASP H 180 -58.00 -24.57 -5.09
CA ASP H 180 -58.37 -24.43 -6.50
C ASP H 180 -58.01 -23.03 -6.98
N THR H 181 -57.16 -22.99 -8.01
CA THR H 181 -56.63 -21.78 -8.60
C THR H 181 -57.47 -21.19 -9.74
N PRO H 182 -58.47 -21.89 -10.33
CA PRO H 182 -59.12 -21.33 -11.52
C PRO H 182 -59.61 -19.89 -11.39
N PHE H 183 -60.01 -19.46 -10.20
CA PHE H 183 -60.60 -18.14 -10.12
C PHE H 183 -59.53 -17.06 -10.18
N PHE H 184 -58.45 -17.22 -9.39
CA PHE H 184 -57.32 -16.30 -9.46
C PHE H 184 -56.68 -16.29 -10.86
N GLN H 185 -56.57 -17.45 -11.51
CA GLN H 185 -56.05 -17.49 -12.88
C GLN H 185 -56.85 -16.60 -13.80
N HIS H 186 -58.18 -16.58 -13.60
CA HIS H 186 -59.02 -15.72 -14.41
C HIS H 186 -58.65 -14.25 -14.24
N LEU H 187 -58.38 -13.82 -13.02
CA LEU H 187 -58.05 -12.40 -12.81
C LEU H 187 -56.68 -12.06 -13.35
N LEU H 188 -55.71 -12.98 -13.31
CA LEU H 188 -54.43 -12.71 -13.94
C LEU H 188 -54.58 -12.57 -15.46
N SER H 189 -55.34 -13.46 -16.09
CA SER H 189 -55.49 -13.37 -17.55
C SER H 189 -56.06 -12.03 -17.97
N LYS H 190 -56.99 -11.48 -17.19
CA LYS H 190 -57.55 -10.17 -17.52
C LYS H 190 -56.53 -9.06 -17.32
N PHE H 191 -55.66 -9.18 -16.32
CA PHE H 191 -54.74 -8.12 -15.96
C PHE H 191 -53.31 -8.37 -16.42
N GLN H 192 -53.09 -9.36 -17.28
CA GLN H 192 -51.80 -9.48 -17.91
C GLN H 192 -51.59 -8.35 -18.91
N LEU H 193 -50.34 -8.21 -19.33
CA LEU H 193 -49.92 -7.14 -20.21
C LEU H 193 -48.87 -7.65 -21.18
N SER H 194 -49.14 -7.48 -22.49
CA SER H 194 -48.26 -7.90 -23.58
C SER H 194 -47.79 -6.67 -24.34
N LEU H 195 -46.48 -6.38 -24.25
CA LEU H 195 -45.82 -5.25 -24.92
C LEU H 195 -46.51 -3.94 -24.56
N SER H 196 -47.49 -4.02 -23.67
CA SER H 196 -47.80 -2.90 -22.81
C SER H 196 -46.61 -2.60 -21.94
N GLU H 197 -45.79 -3.63 -21.68
CA GLU H 197 -44.51 -3.47 -21.00
C GLU H 197 -43.66 -2.42 -21.70
N VAL H 198 -43.73 -2.36 -23.04
CA VAL H 198 -42.92 -1.37 -23.76
C VAL H 198 -43.33 0.03 -23.34
N ARG H 199 -44.64 0.30 -23.34
CA ARG H 199 -45.09 1.58 -22.83
C ARG H 199 -44.79 1.74 -21.36
N GLN H 200 -44.85 0.64 -20.60
CA GLN H 200 -44.46 0.67 -19.19
C GLN H 200 -42.97 0.96 -19.04
N LEU H 201 -42.13 0.29 -19.84
CA LEU H 201 -40.72 0.66 -19.86
C LEU H 201 -40.55 2.14 -20.21
N GLN H 202 -41.40 2.65 -21.11
CA GLN H 202 -41.33 4.04 -21.54
C GLN H 202 -41.85 5.03 -20.50
N LYS H 203 -42.66 4.58 -19.54
CA LYS H 203 -43.27 5.51 -18.60
C LYS H 203 -42.27 6.11 -17.63
N GLN H 204 -41.06 5.53 -17.53
CA GLN H 204 -40.13 5.87 -16.46
C GLN H 204 -39.57 7.26 -16.75
N GLY H 205 -40.36 8.27 -16.41
CA GLY H 205 -39.96 9.65 -16.54
C GLY H 205 -39.86 10.33 -15.20
N SER H 206 -38.74 11.02 -14.94
CA SER H 206 -38.60 11.74 -13.69
C SER H 206 -39.52 12.95 -13.64
N GLY H 207 -39.69 13.63 -14.78
CA GLY H 207 -40.55 14.79 -14.87
C GLY H 207 -42.01 14.47 -14.63
N PRO H 208 -42.59 13.59 -15.45
CA PRO H 208 -43.95 13.10 -15.14
C PRO H 208 -43.91 11.90 -14.20
N ASP H 209 -44.20 12.12 -12.92
CA ASP H 209 -44.12 11.06 -11.92
C ASP H 209 -44.94 9.84 -12.35
N ALA H 210 -44.26 8.73 -12.57
CA ALA H 210 -44.89 7.51 -13.03
C ALA H 210 -44.18 6.32 -12.41
N HIS H 211 -44.06 6.35 -11.09
CA HIS H 211 -43.48 5.25 -10.35
C HIS H 211 -44.16 5.04 -9.00
N PRO H 212 -45.53 4.99 -8.95
CA PRO H 212 -46.18 4.77 -7.65
C PRO H 212 -46.04 3.32 -7.17
N LEU H 213 -46.36 2.38 -8.05
CA LEU H 213 -46.36 0.95 -7.73
C LEU H 213 -45.97 0.20 -8.99
N LYS H 214 -45.20 -0.88 -8.82
CA LYS H 214 -44.78 -1.68 -9.96
C LYS H 214 -45.24 -3.12 -9.89
N SER H 215 -45.80 -3.54 -8.77
CA SER H 215 -46.23 -4.93 -8.64
C SER H 215 -47.45 -5.20 -9.50
N GLN H 216 -47.63 -6.47 -9.84
CA GLN H 216 -48.74 -6.90 -10.66
C GLN H 216 -49.66 -7.91 -9.96
N ALA H 217 -49.20 -8.54 -8.87
CA ALA H 217 -49.96 -9.47 -8.03
C ALA H 217 -49.12 -9.76 -6.78
N ALA H 218 -49.77 -10.32 -5.76
CA ALA H 218 -49.09 -10.72 -4.52
C ALA H 218 -49.95 -11.75 -3.81
N PHE H 219 -49.40 -12.32 -2.74
CA PHE H 219 -50.08 -13.40 -2.02
C PHE H 219 -50.35 -13.03 -0.56
N GLY H 220 -51.30 -13.77 0.04
CA GLY H 220 -51.58 -13.71 1.46
C GLY H 220 -51.90 -15.08 2.03
N PHE H 221 -51.36 -15.38 3.21
CA PHE H 221 -51.46 -16.70 3.83
C PHE H 221 -52.01 -16.58 5.24
N ASP H 222 -53.11 -17.29 5.50
CA ASP H 222 -53.76 -17.30 6.80
C ASP H 222 -53.50 -18.64 7.46
N PHE H 223 -52.96 -18.61 8.68
CA PHE H 223 -52.60 -19.81 9.45
C PHE H 223 -53.66 -19.99 10.52
N ASN H 224 -54.66 -20.84 10.27
CA ASN H 224 -55.70 -21.02 11.27
C ASN H 224 -55.21 -22.01 12.33
N PRO H 225 -55.89 -22.10 13.49
CA PRO H 225 -55.37 -22.95 14.57
C PRO H 225 -55.38 -24.43 14.25
N ASP H 226 -56.13 -24.85 13.23
CA ASP H 226 -56.03 -26.21 12.72
C ASP H 226 -54.78 -26.32 11.85
N GLY H 227 -54.49 -27.55 11.42
CA GLY H 227 -53.36 -27.74 10.53
C GLY H 227 -53.70 -27.42 9.10
N ALA H 228 -53.96 -26.14 8.79
CA ALA H 228 -54.35 -25.80 7.43
C ALA H 228 -53.93 -24.37 7.12
N ILE H 229 -53.48 -24.17 5.88
CA ILE H 229 -53.31 -22.83 5.31
C ILE H 229 -54.41 -22.58 4.30
N LEU H 230 -55.05 -21.43 4.43
CA LEU H 230 -55.86 -20.82 3.39
C LEU H 230 -55.00 -19.81 2.65
N VAL H 231 -54.92 -19.96 1.33
CA VAL H 231 -54.11 -19.07 0.52
C VAL H 231 -55.02 -18.00 -0.06
N LYS H 232 -54.54 -16.75 -0.03
CA LYS H 232 -55.28 -15.60 -0.50
C LYS H 232 -54.40 -14.85 -1.50
N GLY H 233 -54.98 -14.48 -2.65
CA GLY H 233 -54.25 -13.82 -3.71
C GLY H 233 -54.71 -12.42 -4.06
N TYR H 234 -53.86 -11.64 -4.73
CA TYR H 234 -54.09 -10.23 -4.99
C TYR H 234 -53.76 -9.94 -6.45
N VAL H 235 -54.35 -8.86 -6.97
CA VAL H 235 -54.16 -8.42 -8.35
C VAL H 235 -53.96 -6.91 -8.30
N PHE H 236 -53.06 -6.38 -9.13
CA PHE H 236 -52.80 -4.93 -9.07
C PHE H 236 -53.09 -4.28 -10.42
N PRO H 237 -54.25 -3.64 -10.57
CA PRO H 237 -54.71 -3.15 -11.88
C PRO H 237 -54.09 -1.84 -12.33
N TYR H 238 -53.40 -1.11 -11.45
CA TYR H 238 -52.85 0.17 -11.86
C TYR H 238 -52.05 0.05 -13.15
N LEU H 239 -51.25 -1.00 -13.26
CA LEU H 239 -50.35 -1.09 -14.41
C LEU H 239 -51.13 -1.42 -15.67
N LYS H 240 -52.05 -2.38 -15.60
CA LYS H 240 -52.82 -2.73 -16.79
C LYS H 240 -53.66 -1.56 -17.29
N ALA H 241 -54.26 -0.78 -16.36
CA ALA H 241 -55.05 0.36 -16.78
C ALA H 241 -54.19 1.51 -17.30
N LYS H 242 -53.02 1.72 -16.69
CA LYS H 242 -52.11 2.78 -17.12
C LYS H 242 -51.71 2.60 -18.58
N ALA H 243 -51.47 1.35 -18.99
CA ALA H 243 -51.05 1.08 -20.36
C ALA H 243 -52.22 1.23 -21.33
N ALA H 244 -53.39 0.71 -20.95
CA ALA H 244 -54.54 0.77 -21.85
C ALA H 244 -55.12 2.17 -21.97
N ASP H 245 -54.67 3.11 -21.14
CA ASP H 245 -55.22 4.47 -21.08
C ASP H 245 -56.73 4.42 -20.81
N VAL H 246 -57.12 3.52 -19.92
CA VAL H 246 -58.52 3.22 -19.60
C VAL H 246 -58.69 3.40 -18.10
N PRO H 247 -59.80 3.98 -17.64
CA PRO H 247 -59.99 4.20 -16.19
C PRO H 247 -59.88 2.91 -15.40
N VAL H 248 -59.23 3.01 -14.23
CA VAL H 248 -58.83 1.82 -13.46
C VAL H 248 -60.03 0.93 -13.15
N GLY H 249 -61.20 1.54 -12.93
CA GLY H 249 -62.37 0.79 -12.53
C GLY H 249 -63.14 0.15 -13.67
N THR H 250 -63.05 0.72 -14.87
CA THR H 250 -63.81 0.22 -16.00
C THR H 250 -63.44 -1.23 -16.32
N LEU H 251 -62.16 -1.57 -16.22
CA LEU H 251 -61.73 -2.95 -16.46
C LEU H 251 -61.82 -3.83 -15.21
N ILE H 252 -61.97 -3.25 -14.01
CA ILE H 252 -62.33 -4.07 -12.85
C ILE H 252 -63.72 -4.65 -13.03
N ALA H 253 -64.63 -3.88 -13.60
CA ALA H 253 -65.99 -4.34 -13.83
C ALA H 253 -66.01 -5.47 -14.85
N GLU H 254 -65.23 -5.33 -15.92
CA GLU H 254 -65.12 -6.39 -16.91
C GLU H 254 -64.49 -7.64 -16.32
N ALA H 255 -63.53 -7.46 -15.40
CA ALA H 255 -62.97 -8.60 -14.69
C ALA H 255 -64.07 -9.38 -13.96
N VAL H 256 -64.98 -8.67 -13.31
CA VAL H 256 -66.08 -9.35 -12.62
C VAL H 256 -67.12 -9.83 -13.63
N ARG H 257 -67.37 -9.09 -14.71
CA ARG H 257 -68.38 -9.53 -15.67
C ARG H 257 -67.93 -10.76 -16.47
N THR H 258 -66.64 -10.88 -16.79
CA THR H 258 -66.16 -12.05 -17.52
C THR H 258 -66.35 -13.34 -16.72
N ILE H 259 -66.22 -13.27 -15.39
CA ILE H 259 -66.60 -14.42 -14.57
C ILE H 259 -68.11 -14.46 -14.35
N ASP H 260 -68.81 -13.33 -14.53
CA ASP H 260 -70.28 -13.31 -14.37
C ASP H 260 -70.98 -14.22 -15.36
N VAL H 261 -70.50 -14.26 -16.62
CA VAL H 261 -71.08 -15.20 -17.57
C VAL H 261 -70.74 -16.64 -17.18
N GLU H 262 -69.60 -16.83 -16.50
CA GLU H 262 -69.27 -18.14 -15.92
C GLU H 262 -70.18 -18.47 -14.74
N ARG H 263 -70.27 -17.57 -13.75
CA ARG H 263 -71.26 -17.70 -12.69
C ARG H 263 -71.60 -16.31 -12.18
N ASN H 264 -72.89 -16.04 -11.97
CA ASN H 264 -73.43 -14.68 -11.85
C ASN H 264 -74.06 -14.50 -10.47
N GLN H 265 -73.20 -14.51 -9.44
CA GLN H 265 -73.62 -14.24 -8.08
C GLN H 265 -72.92 -13.06 -7.45
N PHE H 266 -72.01 -12.43 -8.17
CA PHE H 266 -71.34 -11.24 -7.68
C PHE H 266 -71.91 -9.96 -8.29
N THR H 267 -72.80 -10.07 -9.28
CA THR H 267 -73.24 -8.89 -10.02
C THR H 267 -73.90 -7.87 -9.09
N HIS H 268 -74.88 -8.32 -8.30
CA HIS H 268 -75.66 -7.39 -7.47
C HIS H 268 -74.80 -6.71 -6.43
N ALA H 269 -74.08 -7.50 -5.64
CA ALA H 269 -73.22 -6.94 -4.62
C ALA H 269 -72.17 -6.02 -5.23
N PHE H 270 -71.55 -6.47 -6.34
CA PHE H 270 -70.51 -5.65 -6.95
C PHE H 270 -71.07 -4.41 -7.62
N GLY H 271 -72.12 -4.57 -8.44
CA GLY H 271 -72.71 -3.41 -9.08
C GLY H 271 -73.09 -2.33 -8.09
N LEU H 272 -73.44 -2.74 -6.87
CA LEU H 272 -73.68 -1.79 -5.80
C LEU H 272 -72.40 -1.07 -5.40
N ILE H 273 -71.25 -1.74 -5.50
CA ILE H 273 -69.99 -1.07 -5.15
C ILE H 273 -69.63 -0.04 -6.20
N ASN H 274 -69.71 -0.41 -7.48
CA ASN H 274 -69.38 0.53 -8.56
C ASN H 274 -70.22 1.79 -8.45
N ASP H 275 -71.52 1.65 -8.17
CA ASP H 275 -72.40 2.79 -8.19
C ASP H 275 -71.94 3.84 -7.20
N TYR H 276 -71.58 3.41 -5.99
CA TYR H 276 -71.02 4.37 -5.03
C TYR H 276 -69.70 4.93 -5.52
N MET H 277 -68.83 4.08 -6.07
CA MET H 277 -67.51 4.57 -6.47
C MET H 277 -67.59 5.52 -7.67
N GLN H 278 -68.55 5.32 -8.58
CA GLN H 278 -68.75 6.31 -9.63
C GLN H 278 -69.28 7.62 -9.06
N GLU H 279 -70.29 7.53 -8.18
CA GLU H 279 -70.80 8.73 -7.53
C GLU H 279 -69.70 9.45 -6.75
N SER H 280 -68.83 8.68 -6.09
CA SER H 280 -67.78 9.24 -5.26
C SER H 280 -66.69 9.88 -6.10
N THR H 281 -65.70 10.44 -5.39
CA THR H 281 -64.46 10.89 -6.02
C THR H 281 -63.89 9.80 -6.90
N GLY H 282 -64.27 8.57 -6.65
CA GLY H 282 -63.88 7.43 -7.45
C GLY H 282 -62.70 6.69 -6.88
N TYR H 283 -62.70 5.39 -7.12
CA TYR H 283 -61.58 4.54 -6.82
C TYR H 283 -60.51 4.78 -7.87
N ASN H 284 -59.30 5.04 -7.40
CA ASN H 284 -58.26 5.74 -8.13
C ASN H 284 -57.12 4.78 -8.48
N GLU H 285 -55.91 5.32 -8.59
CA GLU H 285 -54.74 4.54 -8.97
C GLU H 285 -54.45 3.45 -7.95
N TYR H 286 -54.68 3.76 -6.67
CA TYR H 286 -54.39 2.89 -5.53
C TYR H 286 -55.37 1.73 -5.40
N THR H 287 -56.50 1.76 -6.10
CA THR H 287 -57.48 0.68 -5.99
C THR H 287 -56.89 -0.61 -6.56
N PHE H 288 -57.34 -1.73 -5.99
CA PHE H 288 -56.81 -3.03 -6.37
C PHE H 288 -57.72 -4.08 -5.79
N LEU H 289 -57.37 -5.32 -6.04
CA LEU H 289 -58.33 -6.40 -5.97
C LEU H 289 -57.77 -7.54 -5.14
N SER H 290 -58.66 -8.40 -4.65
CA SER H 290 -58.30 -9.50 -3.76
C SER H 290 -59.09 -10.74 -4.17
N CYS H 291 -58.67 -11.90 -3.66
CA CYS H 291 -59.22 -13.17 -4.13
C CYS H 291 -58.87 -14.27 -3.13
N ASP H 292 -59.68 -15.32 -3.12
CA ASP H 292 -59.33 -16.52 -2.37
C ASP H 292 -59.11 -17.67 -3.34
N PHE H 293 -58.15 -18.54 -3.00
CA PHE H 293 -57.81 -19.70 -3.82
C PHE H 293 -58.69 -20.89 -3.54
N VAL H 294 -59.87 -20.67 -2.96
CA VAL H 294 -60.78 -21.78 -2.75
C VAL H 294 -61.70 -21.85 -3.96
N GLU H 295 -62.47 -22.94 -4.01
CA GLU H 295 -63.53 -23.14 -5.00
C GLU H 295 -64.43 -21.91 -5.10
N THR H 296 -65.03 -21.72 -6.29
CA THR H 296 -65.80 -20.50 -6.57
C THR H 296 -67.01 -20.32 -5.66
N SER H 297 -67.73 -21.39 -5.36
CA SER H 297 -68.94 -21.25 -4.55
C SER H 297 -68.63 -20.71 -3.15
N GLU H 298 -67.55 -21.18 -2.52
CA GLU H 298 -67.10 -20.66 -1.23
C GLU H 298 -66.22 -19.44 -1.35
N GLN H 299 -66.11 -18.87 -2.53
CA GLN H 299 -65.15 -17.81 -2.72
C GLN H 299 -65.65 -16.49 -2.16
N ARG H 300 -64.71 -15.72 -1.60
CA ARG H 300 -64.95 -14.45 -0.94
C ARG H 300 -63.98 -13.44 -1.56
N LEU H 301 -64.42 -12.75 -2.62
CA LEU H 301 -63.55 -11.80 -3.28
C LEU H 301 -63.78 -10.40 -2.72
N LYS H 302 -62.76 -9.56 -2.84
CA LYS H 302 -62.74 -8.28 -2.16
C LYS H 302 -62.32 -7.22 -3.17
N ILE H 303 -62.67 -5.96 -2.89
CA ILE H 303 -62.20 -4.80 -3.67
C ILE H 303 -61.60 -3.77 -2.70
N TYR H 304 -60.31 -3.49 -2.85
CA TYR H 304 -59.67 -2.55 -1.96
C TYR H 304 -59.48 -1.21 -2.70
N GLY H 305 -59.01 -0.21 -1.96
CA GLY H 305 -58.75 1.09 -2.56
C GLY H 305 -58.24 2.02 -1.48
N ALA H 306 -57.81 3.20 -1.90
CA ALA H 306 -57.22 4.15 -0.98
C ALA H 306 -57.80 5.54 -1.19
N HIS H 307 -57.82 6.31 -0.09
CA HIS H 307 -58.18 7.72 -0.11
C HIS H 307 -57.29 8.48 0.84
N THR H 308 -57.00 9.74 0.48
CA THR H 308 -56.37 10.68 1.41
C THR H 308 -57.38 11.60 2.09
N GLU H 309 -58.65 11.58 1.66
CA GLU H 309 -59.73 12.34 2.27
C GLU H 309 -60.09 11.77 3.64
N VAL H 310 -59.79 12.51 4.71
CA VAL H 310 -60.04 12.03 6.08
C VAL H 310 -60.93 13.04 6.79
N THR H 311 -62.25 12.83 6.69
CA THR H 311 -63.20 13.40 7.63
C THR H 311 -64.08 12.26 8.12
N TRP H 312 -64.54 12.38 9.37
CA TRP H 312 -65.51 11.40 9.85
C TRP H 312 -66.72 11.32 8.94
N ALA H 313 -67.13 12.44 8.36
CA ALA H 313 -68.25 12.41 7.43
C ALA H 313 -67.94 11.53 6.22
N LYS H 314 -66.75 11.66 5.65
CA LYS H 314 -66.42 10.86 4.47
C LYS H 314 -66.29 9.38 4.84
N ILE H 315 -65.74 9.08 6.03
CA ILE H 315 -65.70 7.70 6.50
C ILE H 315 -67.10 7.14 6.59
N ALA H 316 -68.03 7.94 7.09
CA ALA H 316 -69.44 7.54 7.09
C ALA H 316 -69.97 7.45 5.68
N GLU H 317 -69.53 8.34 4.79
CA GLU H 317 -70.02 8.30 3.41
C GLU H 317 -69.68 6.97 2.74
N MET H 318 -68.48 6.45 2.97
CA MET H 318 -68.05 5.23 2.28
C MET H 318 -68.66 3.99 2.92
N TRP H 319 -68.60 3.90 4.26
CA TRP H 319 -69.15 2.74 4.96
C TRP H 319 -70.64 2.58 4.64
N THR H 320 -71.39 3.68 4.79
CA THR H 320 -72.83 3.70 4.55
C THR H 320 -73.16 3.75 3.06
N LEU H 321 -72.62 4.75 2.35
CA LEU H 321 -72.96 5.11 0.96
C LEU H 321 -74.46 5.40 0.93
N GLY H 322 -75.22 4.77 0.06
CA GLY H 322 -76.66 4.90 0.12
C GLY H 322 -77.31 3.57 0.40
N GLY H 323 -77.12 2.62 -0.52
CA GLY H 323 -77.94 1.41 -0.52
C GLY H 323 -77.84 0.60 0.75
N ARG H 324 -76.62 0.33 1.22
CA ARG H 324 -76.46 -0.66 2.27
C ARG H 324 -76.84 -0.13 3.67
N LEU H 325 -77.05 1.19 3.80
CA LEU H 325 -77.49 1.78 5.07
C LEU H 325 -78.83 1.20 5.53
N ILE H 326 -79.86 1.41 4.72
CA ILE H 326 -81.21 1.06 5.13
C ILE H 326 -81.35 -0.45 5.25
N GLU H 327 -80.84 -1.20 4.27
CA GLU H 327 -81.27 -2.58 4.07
C GLU H 327 -80.76 -3.52 5.16
N GLU H 328 -79.64 -3.19 5.80
CA GLU H 328 -79.10 -4.05 6.86
C GLU H 328 -78.63 -3.23 8.06
N PRO H 329 -78.79 -3.77 9.28
CA PRO H 329 -78.36 -3.03 10.48
C PRO H 329 -76.89 -3.15 10.83
N GLU H 330 -76.20 -4.20 10.39
CA GLU H 330 -74.79 -4.39 10.74
C GLU H 330 -73.97 -3.17 10.38
N ILE H 331 -74.12 -2.70 9.14
CA ILE H 331 -73.49 -1.47 8.69
C ILE H 331 -73.74 -0.37 9.69
N ILE H 332 -74.98 -0.25 10.17
CA ILE H 332 -75.27 0.80 11.13
C ILE H 332 -74.63 0.46 12.47
N ALA H 333 -74.79 -0.79 12.90
CA ALA H 333 -74.23 -1.21 14.18
C ALA H 333 -72.71 -1.11 14.15
N GLY H 334 -72.10 -1.65 13.09
CA GLY H 334 -70.65 -1.65 13.02
C GLY H 334 -70.07 -0.25 12.97
N LEU H 335 -70.73 0.66 12.26
CA LEU H 335 -70.19 2.01 12.13
C LEU H 335 -70.09 2.68 13.49
N ALA H 336 -71.03 2.36 14.38
CA ALA H 336 -71.02 2.93 15.72
C ALA H 336 -69.74 2.56 16.45
N ARG H 337 -69.43 1.27 16.53
CA ARG H 337 -68.19 0.83 17.18
C ARG H 337 -66.96 1.42 16.50
N LEU H 338 -67.06 1.70 15.20
CA LEU H 338 -65.94 2.29 14.48
C LEU H 338 -65.70 3.73 14.90
N LYS H 339 -66.74 4.43 15.34
CA LYS H 339 -66.59 5.83 15.73
C LYS H 339 -65.73 5.98 16.98
N GLN H 340 -65.81 5.03 17.91
CA GLN H 340 -65.07 5.21 19.15
C GLN H 340 -63.59 4.90 18.98
N ILE H 341 -63.24 3.92 18.14
CA ILE H 341 -61.82 3.74 17.86
C ILE H 341 -61.23 4.91 17.06
N TRP H 342 -62.03 5.56 16.20
CA TRP H 342 -61.55 6.73 15.47
C TRP H 342 -61.16 7.83 16.45
N SER H 343 -61.97 8.04 17.50
CA SER H 343 -61.70 9.05 18.51
C SER H 343 -60.68 8.59 19.56
N LEU H 344 -60.65 7.29 19.87
CA LEU H 344 -59.61 6.75 20.76
C LEU H 344 -58.22 6.97 20.18
N LEU H 345 -58.08 6.84 18.87
CA LEU H 345 -56.80 6.98 18.20
C LEU H 345 -56.74 8.39 17.62
N GLN H 346 -56.52 9.36 18.51
CA GLN H 346 -56.35 10.73 18.06
C GLN H 346 -55.14 10.80 17.14
N ILE H 347 -55.38 11.11 15.86
CA ILE H 347 -54.32 11.05 14.85
C ILE H 347 -53.42 12.27 14.99
N GLY H 348 -53.64 13.08 16.03
CA GLY H 348 -52.74 14.16 16.40
C GLY H 348 -52.84 15.42 15.57
N GLU H 349 -53.72 15.46 14.57
CA GLU H 349 -53.93 16.66 13.76
C GLU H 349 -55.12 17.48 14.23
N GLY H 350 -55.78 17.06 15.31
CA GLY H 350 -56.89 17.78 15.88
C GLY H 350 -56.94 17.62 17.38
N SER H 371 -54.84 11.93 7.49
CA SER H 371 -54.95 10.54 7.92
C SER H 371 -55.47 9.66 6.77
N PRO H 372 -54.61 9.40 5.76
CA PRO H 372 -55.07 8.62 4.60
C PRO H 372 -55.40 7.19 4.97
N ILE H 373 -56.52 6.68 4.44
CA ILE H 373 -57.04 5.37 4.84
C ILE H 373 -57.28 4.48 3.64
N ILE H 374 -57.23 3.17 3.88
CA ILE H 374 -57.53 2.17 2.86
C ILE H 374 -58.86 1.53 3.22
N TRP H 375 -59.61 1.16 2.18
CA TRP H 375 -60.93 0.57 2.33
C TRP H 375 -61.04 -0.75 1.58
N ASN H 376 -62.14 -1.44 1.86
CA ASN H 376 -62.33 -2.81 1.41
C ASN H 376 -63.82 -3.13 1.41
N TYR H 377 -64.27 -3.81 0.36
CA TYR H 377 -65.63 -4.32 0.32
C TYR H 377 -65.58 -5.79 -0.08
N GLU H 378 -66.08 -6.65 0.81
CA GLU H 378 -66.00 -8.10 0.69
C GLU H 378 -67.32 -8.65 0.14
N ILE H 379 -67.31 -9.10 -1.11
CA ILE H 379 -68.51 -9.59 -1.78
C ILE H 379 -68.59 -11.09 -1.59
N HIS H 380 -69.67 -11.56 -1.00
CA HIS H 380 -69.83 -12.98 -0.82
C HIS H 380 -71.01 -13.46 -1.65
N PRO H 381 -70.89 -14.56 -2.41
CA PRO H 381 -72.00 -14.96 -3.28
C PRO H 381 -73.24 -15.39 -2.50
N GLY H 382 -73.06 -16.04 -1.33
CA GLY H 382 -74.17 -16.42 -0.47
C GLY H 382 -74.94 -15.26 0.15
N SER H 383 -74.59 -14.01 -0.20
CA SER H 383 -75.28 -12.82 0.24
C SER H 383 -75.31 -11.80 -0.91
N ARG H 384 -76.06 -10.71 -0.71
CA ARG H 384 -76.05 -9.56 -1.62
C ARG H 384 -75.68 -8.29 -0.88
N PHE H 385 -74.97 -8.47 0.23
CA PHE H 385 -74.50 -7.38 1.09
C PHE H 385 -73.00 -7.53 1.31
N PRO H 386 -72.20 -6.76 0.60
CA PRO H 386 -70.74 -6.74 0.84
C PRO H 386 -70.36 -6.14 2.22
N VAL H 387 -69.51 -6.85 2.99
CA VAL H 387 -69.16 -6.44 4.34
C VAL H 387 -67.98 -5.46 4.22
N PRO H 388 -68.11 -4.22 4.68
CA PRO H 388 -66.99 -3.28 4.54
C PRO H 388 -65.92 -3.52 5.60
N LYS H 389 -64.70 -3.04 5.27
CA LYS H 389 -63.55 -3.17 6.15
C LYS H 389 -62.61 -2.00 5.88
N PHE H 390 -62.27 -1.23 6.92
CA PHE H 390 -61.40 -0.07 6.74
C PHE H 390 -60.08 -0.28 7.46
N TYR H 391 -59.02 0.37 6.92
CA TYR H 391 -57.66 0.31 7.44
C TYR H 391 -57.20 1.69 7.89
N LEU H 392 -56.52 1.76 9.04
CA LEU H 392 -56.26 3.03 9.70
C LEU H 392 -54.77 3.25 9.97
N PRO H 393 -54.27 4.47 9.75
CA PRO H 393 -52.83 4.73 9.97
C PRO H 393 -52.45 4.63 11.44
N VAL H 394 -51.40 3.86 11.72
CA VAL H 394 -50.79 3.83 13.03
C VAL H 394 -49.30 4.15 12.99
N HIS H 395 -48.63 3.93 11.86
CA HIS H 395 -47.31 4.49 11.62
C HIS H 395 -47.38 6.01 11.72
N GLY H 396 -46.55 6.59 12.58
CA GLY H 396 -46.67 7.98 12.96
C GLY H 396 -47.32 8.20 14.31
N GLU H 397 -48.14 7.24 14.76
CA GLU H 397 -48.75 7.26 16.08
C GLU H 397 -47.95 6.40 17.05
N ASN H 398 -47.82 6.89 18.30
CA ASN H 398 -47.13 6.14 19.33
C ASN H 398 -47.75 4.76 19.49
N ASP H 399 -46.92 3.73 19.37
CA ASP H 399 -47.39 2.36 19.49
C ASP H 399 -47.88 2.07 20.90
N LEU H 400 -47.38 2.79 21.90
CA LEU H 400 -47.92 2.67 23.25
C LEU H 400 -49.30 3.34 23.35
N HIS H 401 -49.41 4.59 22.90
CA HIS H 401 -50.72 5.24 22.80
C HIS H 401 -51.71 4.34 22.07
N VAL H 402 -51.25 3.66 21.01
CA VAL H 402 -52.12 2.75 20.29
C VAL H 402 -52.35 1.47 21.09
N ALA H 403 -51.31 0.94 21.73
CA ALA H 403 -51.51 -0.23 22.58
C ALA H 403 -52.49 0.05 23.70
N ARG H 404 -52.35 1.20 24.37
CA ARG H 404 -53.26 1.57 25.46
C ARG H 404 -54.68 1.76 24.93
N ALA H 405 -54.85 2.63 23.93
CA ALA H 405 -56.18 2.97 23.44
C ALA H 405 -56.83 1.76 22.77
N LEU H 406 -56.04 0.94 22.07
CA LEU H 406 -56.61 -0.27 21.48
C LEU H 406 -56.98 -1.29 22.55
N ALA H 407 -56.31 -1.24 23.71
CA ALA H 407 -56.67 -2.15 24.80
C ALA H 407 -57.97 -1.71 25.46
N GLN H 408 -58.19 -0.39 25.56
CA GLN H 408 -59.44 0.12 26.12
C GLN H 408 -60.64 -0.33 25.28
N PHE H 409 -60.51 -0.28 23.95
CA PHE H 409 -61.62 -0.66 23.07
C PHE H 409 -62.03 -2.12 23.25
N TRP H 410 -61.16 -2.96 23.80
CA TRP H 410 -61.59 -4.33 24.04
C TRP H 410 -62.45 -4.42 25.29
N ASP H 411 -62.16 -3.61 26.32
CA ASP H 411 -63.04 -3.53 27.48
C ASP H 411 -64.40 -2.94 27.10
N SER H 412 -64.42 -2.00 26.15
CA SER H 412 -65.68 -1.44 25.64
C SER H 412 -66.53 -2.51 24.96
N LEU H 413 -65.91 -3.46 24.27
CA LEU H 413 -66.64 -4.59 23.71
C LEU H 413 -66.78 -5.74 24.69
N GLY H 414 -66.10 -5.68 25.83
CA GLY H 414 -66.08 -6.79 26.76
C GLY H 414 -65.34 -7.99 26.22
N TRP H 415 -64.05 -7.82 25.95
CA TRP H 415 -63.22 -8.95 25.59
C TRP H 415 -62.36 -9.35 26.77
N PRO H 416 -62.43 -10.61 27.20
CA PRO H 416 -61.89 -10.97 28.53
C PRO H 416 -60.37 -10.80 28.67
N GLU H 417 -59.58 -11.41 27.82
CA GLU H 417 -58.14 -11.43 28.05
C GLU H 417 -57.35 -10.56 27.09
N HIS H 418 -57.77 -10.49 25.82
CA HIS H 418 -57.06 -9.71 24.81
C HIS H 418 -56.75 -8.29 25.30
N ALA H 419 -57.67 -7.71 26.08
CA ALA H 419 -57.48 -6.34 26.56
C ALA H 419 -56.28 -6.24 27.50
N CYS H 420 -56.19 -7.17 28.46
CA CYS H 420 -55.17 -7.08 29.50
C CYS H 420 -53.79 -7.47 29.00
N ALA H 421 -53.69 -8.51 28.15
CA ALA H 421 -52.40 -9.06 27.77
C ALA H 421 -51.87 -8.55 26.45
N TYR H 422 -52.57 -7.62 25.77
CA TYR H 422 -52.04 -7.12 24.49
C TYR H 422 -50.78 -6.30 24.66
N PRO H 423 -50.75 -5.23 25.46
CA PRO H 423 -49.50 -4.45 25.57
C PRO H 423 -48.35 -5.26 26.15
N ASP H 424 -48.63 -6.31 26.93
CA ASP H 424 -47.58 -7.23 27.35
C ASP H 424 -47.26 -8.26 26.28
N THR H 425 -48.16 -8.48 25.32
CA THR H 425 -47.88 -9.28 24.15
C THR H 425 -47.29 -8.43 23.03
N LEU H 426 -47.11 -7.13 23.26
CA LEU H 426 -46.49 -6.26 22.27
C LEU H 426 -45.01 -6.01 22.57
N GLN H 427 -44.67 -5.77 23.84
CA GLN H 427 -43.26 -5.70 24.22
C GLN H 427 -42.60 -7.07 24.08
N GLN H 428 -43.38 -8.14 24.24
CA GLN H 428 -42.84 -9.49 24.06
C GLN H 428 -42.44 -9.72 22.60
N LEU H 429 -43.22 -9.18 21.66
CA LEU H 429 -42.92 -9.34 20.25
C LEU H 429 -41.74 -8.50 19.80
N TYR H 430 -41.46 -7.39 20.49
CA TYR H 430 -40.31 -6.54 20.18
C TYR H 430 -39.51 -6.24 21.45
N PRO H 431 -38.93 -7.26 22.10
CA PRO H 431 -38.19 -6.99 23.34
C PRO H 431 -36.94 -6.15 23.13
N ASP H 432 -36.32 -6.23 21.95
CA ASP H 432 -35.19 -5.36 21.64
C ASP H 432 -35.59 -3.89 21.65
N GLN H 433 -36.74 -3.55 21.07
CA GLN H 433 -37.18 -2.15 20.95
C GLN H 433 -37.95 -1.68 22.19
N ASP H 434 -38.14 -0.36 22.24
CA ASP H 434 -38.72 0.33 23.39
C ASP H 434 -40.11 0.82 23.00
N ILE H 435 -41.16 0.23 23.59
CA ILE H 435 -42.51 0.70 23.29
C ILE H 435 -42.69 2.15 23.71
N SER H 436 -41.86 2.63 24.65
CA SER H 436 -41.94 4.01 25.08
C SER H 436 -41.86 4.98 23.91
N GLN H 437 -40.98 4.69 22.93
CA GLN H 437 -40.64 5.64 21.88
C GLN H 437 -41.00 5.18 20.47
N THR H 438 -41.47 3.95 20.28
CA THR H 438 -41.67 3.42 18.94
C THR H 438 -42.97 3.90 18.31
N THR H 439 -42.91 4.19 17.03
CA THR H 439 -44.11 4.52 16.26
C THR H 439 -44.36 3.59 15.09
N ARG H 440 -43.31 3.09 14.45
CA ARG H 440 -43.44 2.29 13.24
C ARG H 440 -43.67 0.81 13.51
N LEU H 441 -43.65 0.34 14.77
CA LEU H 441 -43.91 -1.07 15.04
C LEU H 441 -45.35 -1.49 14.72
N GLN H 442 -46.27 -0.55 14.67
CA GLN H 442 -47.66 -0.83 14.31
C GLN H 442 -48.05 0.15 13.20
N SER H 443 -48.45 -0.39 12.05
CA SER H 443 -48.64 0.39 10.83
C SER H 443 -50.10 0.66 10.50
N TRP H 444 -50.94 -0.38 10.52
CA TRP H 444 -52.33 -0.29 10.11
C TRP H 444 -53.19 -1.11 11.06
N ILE H 445 -54.49 -0.79 11.12
CA ILE H 445 -55.48 -1.57 11.87
C ILE H 445 -56.75 -1.67 11.03
N SER H 446 -57.33 -2.86 10.93
CA SER H 446 -58.52 -3.11 10.13
C SER H 446 -59.75 -3.27 11.00
N TYR H 447 -60.91 -2.82 10.49
CA TYR H 447 -62.18 -2.94 11.21
C TYR H 447 -63.23 -3.56 10.30
N SER H 448 -63.96 -4.54 10.83
CA SER H 448 -65.07 -5.15 10.10
C SER H 448 -66.14 -5.57 11.12
N TYR H 449 -67.40 -5.60 10.67
CA TYR H 449 -68.47 -6.07 11.54
C TYR H 449 -69.46 -6.94 10.78
N THR H 450 -69.75 -8.11 11.32
CA THR H 450 -70.77 -9.00 10.78
C THR H 450 -71.70 -9.38 11.92
N ALA H 451 -72.92 -9.75 11.57
CA ALA H 451 -73.85 -10.27 12.57
C ALA H 451 -73.28 -11.54 13.21
N LYS H 452 -72.88 -12.51 12.38
CA LYS H 452 -72.43 -13.79 12.92
C LYS H 452 -71.09 -13.64 13.64
N ARG H 453 -70.13 -12.97 13.02
CA ARG H 453 -68.79 -12.90 13.58
C ARG H 453 -68.65 -11.88 14.72
N GLY H 454 -69.51 -10.87 14.76
CA GLY H 454 -69.29 -9.78 15.68
C GLY H 454 -68.24 -8.85 15.12
N VAL H 455 -67.22 -8.55 15.91
CA VAL H 455 -66.21 -7.57 15.51
C VAL H 455 -64.93 -8.28 15.08
N TYR H 456 -64.57 -8.12 13.79
CA TYR H 456 -63.25 -8.43 13.23
C TYR H 456 -62.30 -7.26 13.45
N MET H 457 -61.06 -7.57 13.78
CA MET H 457 -60.08 -6.50 13.82
C MET H 457 -58.67 -7.10 13.74
N SER H 458 -57.85 -6.58 12.84
CA SER H 458 -56.51 -7.10 12.61
C SER H 458 -55.51 -5.96 12.70
N VAL H 459 -54.31 -6.28 13.18
CA VAL H 459 -53.23 -5.31 13.40
C VAL H 459 -52.03 -5.72 12.54
N TYR H 460 -51.56 -4.81 11.70
CA TYR H 460 -50.43 -5.07 10.81
C TYR H 460 -49.18 -4.45 11.44
N TYR H 461 -48.08 -5.21 11.42
CA TYR H 461 -46.90 -4.86 12.20
C TYR H 461 -45.72 -4.55 11.29
N HIS H 462 -44.66 -4.03 11.92
CA HIS H 462 -43.36 -3.86 11.27
C HIS H 462 -42.68 -5.21 11.15
N SER H 463 -42.43 -5.64 9.92
CA SER H 463 -42.20 -7.06 9.66
C SER H 463 -40.73 -7.44 9.41
N GLN H 464 -39.76 -6.55 9.67
CA GLN H 464 -38.34 -6.83 9.55
C GLN H 464 -37.62 -6.53 10.87
N SER H 465 -36.46 -7.17 11.09
CA SER H 465 -35.74 -6.98 12.35
C SER H 465 -34.98 -5.66 12.39
N THR H 466 -34.36 -5.27 11.29
CA THR H 466 -33.57 -4.04 11.23
C THR H 466 -34.45 -2.79 11.18
#